data_1UP4
#
_entry.id   1UP4
#
_cell.length_a   99.048
_cell.length_b   188.315
_cell.length_c   125.628
_cell.angle_alpha   90.00
_cell.angle_beta   104.52
_cell.angle_gamma   90.00
#
_symmetry.space_group_name_H-M   'P 1 21 1'
#
loop_
_entity.id
_entity.type
_entity.pdbx_description
1 polymer 6-PHOSPHO-BETA-GLUCOSIDASE
2 water water
#
_entity_poly.entity_id   1
_entity_poly.type   'polypeptide(L)'
_entity_poly.pdbx_seq_one_letter_code
;(MSE)RIAVIGGGSSYTPELVKGLLDISEDVRIDEVIFYDIDEEKQKIVVDFVKRLVKDRFKVLISDTFEGAVVDAKYVI
FQFRPGGLKGRENDEGIPLKYGLIGQETTGVGGFSAALRAFPIVEEYVDTVRKTSNATIVNFTNPSGHITEFVRNYLEYE
KFIGLCNVPINFIREIAE(MSE)FSARLEDVFLKYYGLNHLSFIEKVFVKGEDVTEKVFENLKLKLSNIPDEDFPTWFYD
SVRLIVNPYLRYYL(MSE)EKK(MSE)FKKISTHELRAREV(MSE)KIEKELFEKYRTAVEIPEELTKRGGS(MSE)YST
AAAHLIRDLETDEGKIHIVNTRNNGSIENLPDDYVLEIPCYVRSGRVHTLSQGKGDHFALSFIHAVK(MSE)YERLTIEA
YLKRSKKLALKALLSHPLGPDVEDAKDLLEEILEANREYVKLG
;
_entity_poly.pdbx_strand_id   A,B,C,D,E,F,G,H
#
# COMPACT_ATOMS: atom_id res chain seq x y z
N ARG A 2 55.13 19.87 22.56
CA ARG A 2 56.57 19.75 22.61
C ARG A 2 57.12 18.60 21.73
N ILE A 3 58.24 18.85 21.03
CA ILE A 3 58.89 17.84 20.19
C ILE A 3 60.19 17.36 20.84
N ALA A 4 60.37 16.04 20.94
CA ALA A 4 61.65 15.51 21.47
C ALA A 4 62.54 15.07 20.29
N VAL A 5 63.84 15.37 20.38
CA VAL A 5 64.79 14.98 19.35
C VAL A 5 65.82 14.05 19.99
N ILE A 6 65.78 12.77 19.63
CA ILE A 6 66.69 11.75 20.17
C ILE A 6 67.92 11.58 19.28
N GLY A 7 69.09 11.95 19.81
CA GLY A 7 70.34 12.03 19.06
C GLY A 7 70.61 13.48 18.65
N GLY A 8 70.46 14.39 19.63
CA GLY A 8 70.65 15.83 19.42
C GLY A 8 71.97 16.22 18.81
N GLY A 9 73.03 15.46 19.11
CA GLY A 9 74.34 15.74 18.55
C GLY A 9 74.53 15.40 17.07
N SER A 10 73.51 14.88 16.39
CA SER A 10 73.67 14.58 14.97
C SER A 10 74.07 15.86 14.27
N SER A 11 74.97 15.75 13.30
CA SER A 11 75.37 16.89 12.52
C SER A 11 74.24 17.38 11.59
N TYR A 12 73.12 16.64 11.60
CA TYR A 12 71.94 17.00 10.81
C TYR A 12 71.02 17.89 11.61
N THR A 13 71.20 17.90 12.92
CA THR A 13 70.31 18.69 13.80
C THR A 13 69.98 20.12 13.31
N PRO A 14 70.98 20.95 13.00
CA PRO A 14 70.72 22.29 12.48
C PRO A 14 69.64 22.30 11.38
N GLU A 15 69.74 21.40 10.40
CA GLU A 15 68.77 21.39 9.29
C GLU A 15 67.38 21.02 9.80
N LEU A 16 67.32 20.03 10.70
CA LEU A 16 66.08 19.62 11.30
C LEU A 16 65.41 20.85 11.92
N VAL A 17 66.20 21.61 12.70
CA VAL A 17 65.67 22.78 13.39
C VAL A 17 65.25 23.89 12.41
N LYS A 18 66.01 24.08 11.34
CA LYS A 18 65.55 25.04 10.34
C LYS A 18 64.14 24.65 9.90
N GLY A 19 63.95 23.34 9.60
CA GLY A 19 62.66 22.80 9.19
C GLY A 19 61.59 23.13 10.22
N LEU A 20 61.87 22.84 11.50
CA LEU A 20 60.88 23.09 12.55
C LEU A 20 60.56 24.58 12.63
N LEU A 21 61.59 25.42 12.37
CA LEU A 21 61.32 26.87 12.33
C LEU A 21 60.37 27.19 11.19
N ASP A 22 60.60 26.61 10.01
CA ASP A 22 59.78 26.94 8.85
C ASP A 22 58.30 26.65 9.10
N ILE A 23 58.01 25.52 9.75
CA ILE A 23 56.62 25.13 10.03
C ILE A 23 56.03 25.79 11.28
N SER A 24 56.87 26.41 12.11
CA SER A 24 56.38 26.98 13.37
C SER A 24 55.50 28.20 13.15
N GLU A 25 55.30 28.53 11.87
CA GLU A 25 54.39 29.59 11.45
C GLU A 25 52.96 29.09 11.21
N ASP A 26 52.81 27.85 10.76
CA ASP A 26 51.49 27.27 10.55
C ASP A 26 51.03 26.38 11.70
N VAL A 27 51.97 25.92 12.52
CA VAL A 27 51.61 25.15 13.71
C VAL A 27 52.39 25.61 14.92
N ARG A 28 51.77 25.41 16.09
CA ARG A 28 52.34 25.88 17.35
C ARG A 28 53.37 24.90 17.89
N ILE A 29 54.56 25.40 18.19
CA ILE A 29 55.62 24.60 18.79
C ILE A 29 56.12 25.37 19.99
N ASP A 30 55.97 24.80 21.18
CA ASP A 30 56.31 25.49 22.43
C ASP A 30 57.76 25.25 22.80
N GLU A 31 58.20 24.01 22.64
CA GLU A 31 59.55 23.63 23.02
C GLU A 31 60.05 22.43 22.26
N VAL A 32 61.35 22.45 21.95
CA VAL A 32 62.05 21.32 21.38
C VAL A 32 63.12 20.89 22.37
N ILE A 33 63.05 19.63 22.81
CA ILE A 33 63.98 19.13 23.80
C ILE A 33 64.89 18.05 23.18
N PHE A 34 66.17 18.14 23.49
CA PHE A 34 67.16 17.27 22.85
C PHE A 34 67.77 16.30 23.83
N TYR A 35 68.12 15.12 23.34
CA TYR A 35 68.83 14.12 24.12
C TYR A 35 69.88 13.40 23.27
N ASP A 36 71.03 13.13 23.88
CA ASP A 36 72.11 12.39 23.25
C ASP A 36 72.93 11.69 24.31
N ILE A 37 73.45 10.51 23.98
CA ILE A 37 74.39 9.84 24.90
C ILE A 37 75.77 10.49 24.92
N ASP A 38 76.03 11.41 23.98
CA ASP A 38 77.24 12.20 23.96
C ASP A 38 76.93 13.65 24.32
N GLU A 39 76.88 13.92 25.62
CA GLU A 39 76.60 15.24 26.19
C GLU A 39 77.37 16.38 25.51
N GLU A 40 78.67 16.15 25.32
CA GLU A 40 79.61 17.14 24.83
C GLU A 40 79.39 17.48 23.36
N LYS A 41 79.18 16.46 22.54
CA LYS A 41 78.84 16.67 21.12
C LYS A 41 77.56 17.53 21.01
N GLN A 42 76.53 17.17 21.77
CA GLN A 42 75.23 17.83 21.72
C GLN A 42 75.30 19.29 22.16
N LYS A 43 76.05 19.57 23.21
CA LYS A 43 76.28 20.93 23.70
C LYS A 43 76.65 21.88 22.57
N ILE A 44 77.57 21.46 21.72
CA ILE A 44 78.06 22.30 20.62
C ILE A 44 76.95 22.55 19.61
N VAL A 45 76.26 21.49 19.24
CA VAL A 45 75.19 21.55 18.26
C VAL A 45 74.01 22.38 18.76
N VAL A 46 73.58 22.12 20.00
CA VAL A 46 72.41 22.81 20.56
C VAL A 46 72.72 24.28 20.85
N ASP A 47 73.98 24.59 21.14
CA ASP A 47 74.41 25.97 21.28
C ASP A 47 74.23 26.71 19.96
N PHE A 48 74.47 26.00 18.86
CA PHE A 48 74.33 26.55 17.52
C PHE A 48 72.86 26.73 17.20
N VAL A 49 72.06 25.72 17.56
CA VAL A 49 70.61 25.73 17.40
C VAL A 49 69.98 26.96 18.06
N LYS A 50 70.44 27.27 19.27
CA LYS A 50 69.91 28.39 20.06
C LYS A 50 70.08 29.71 19.33
N ARG A 51 71.20 29.82 18.60
CA ARG A 51 71.52 31.01 17.80
C ARG A 51 70.62 31.12 16.56
N LEU A 52 70.23 29.99 16.00
CA LEU A 52 69.31 29.97 14.86
C LEU A 52 67.88 30.22 15.27
N VAL A 53 67.46 29.61 16.38
CA VAL A 53 66.07 29.68 16.83
C VAL A 53 65.67 31.09 17.27
N LYS A 54 66.56 31.77 17.99
CA LYS A 54 66.33 33.13 18.47
C LYS A 54 65.01 33.27 19.25
N ASP A 55 64.81 32.36 20.21
CA ASP A 55 63.68 32.39 21.14
C ASP A 55 62.29 32.20 20.49
N ARG A 56 62.25 31.65 19.27
CA ARG A 56 60.97 31.44 18.58
C ARG A 56 60.24 30.23 19.17
N PHE A 57 60.99 29.30 19.73
CA PHE A 57 60.49 28.34 20.70
C PHE A 57 61.58 28.03 21.73
N LYS A 58 61.25 27.34 22.81
CA LYS A 58 62.23 27.00 23.84
C LYS A 58 63.09 25.82 23.43
N VAL A 59 64.40 25.96 23.59
CA VAL A 59 65.34 24.90 23.28
C VAL A 59 65.84 24.30 24.58
N LEU A 60 65.57 23.02 24.81
CA LEU A 60 65.87 22.36 26.07
C LEU A 60 66.74 21.13 25.90
N ILE A 61 67.54 20.82 26.92
CA ILE A 61 68.29 19.57 26.95
C ILE A 61 67.84 18.70 28.11
N SER A 62 67.67 17.41 27.84
CA SER A 62 67.32 16.43 28.86
C SER A 62 68.52 15.54 29.14
N ASP A 63 68.79 15.30 30.42
CA ASP A 63 69.83 14.37 30.85
C ASP A 63 69.52 12.90 30.57
N THR A 64 68.23 12.55 30.48
CA THR A 64 67.81 11.16 30.27
C THR A 64 66.84 11.05 29.09
N PHE A 65 66.70 9.85 28.54
CA PHE A 65 65.73 9.60 27.49
C PHE A 65 64.31 9.89 27.97
N GLU A 66 63.96 9.32 29.11
CA GLU A 66 62.62 9.47 29.68
C GLU A 66 62.24 10.96 29.84
N GLY A 67 63.16 11.75 30.39
CA GLY A 67 62.95 13.18 30.54
C GLY A 67 62.64 13.93 29.25
N ALA A 68 63.18 13.45 28.14
CA ALA A 68 62.97 14.07 26.85
C ALA A 68 61.58 13.74 26.30
N VAL A 69 61.19 12.46 26.36
CA VAL A 69 59.96 12.00 25.73
C VAL A 69 58.68 12.15 26.61
N VAL A 70 58.87 12.33 27.91
CA VAL A 70 57.77 12.32 28.88
C VAL A 70 56.57 13.16 28.47
N ASP A 71 56.81 14.39 28.04
CA ASP A 71 55.70 15.28 27.68
C ASP A 71 55.64 15.61 26.18
N ALA A 72 56.20 14.74 25.37
CA ALA A 72 56.34 14.99 23.94
C ALA A 72 55.15 14.51 23.17
N LYS A 73 54.74 15.28 22.17
CA LYS A 73 53.72 14.84 21.22
C LYS A 73 54.39 14.11 20.03
N TYR A 74 55.61 14.52 19.70
CA TYR A 74 56.39 13.93 18.61
C TYR A 74 57.78 13.63 19.12
N VAL A 75 58.28 12.44 18.76
CA VAL A 75 59.61 12.03 19.15
C VAL A 75 60.37 11.68 17.88
N ILE A 76 61.50 12.34 17.61
CA ILE A 76 62.27 12.01 16.42
C ILE A 76 63.49 11.16 16.78
N PHE A 77 63.55 9.95 16.21
CA PHE A 77 64.70 9.07 16.36
C PHE A 77 65.67 9.43 15.27
N GLN A 78 66.87 9.83 15.68
CA GLN A 78 67.84 10.39 14.75
C GLN A 78 69.27 10.00 15.20
N PHE A 79 69.36 8.92 15.98
CA PHE A 79 70.62 8.48 16.59
C PHE A 79 71.22 7.37 15.75
N ARG A 80 72.50 7.10 15.96
CA ARG A 80 73.21 6.11 15.19
C ARG A 80 73.92 5.17 16.16
N PRO A 81 73.29 4.03 16.43
CA PRO A 81 73.81 3.06 17.41
C PRO A 81 75.17 2.53 16.97
N GLY A 82 76.16 2.67 17.84
CA GLY A 82 77.51 2.25 17.52
C GLY A 82 78.33 3.33 16.83
N GLY A 83 77.66 4.42 16.46
CA GLY A 83 78.30 5.56 15.84
C GLY A 83 78.90 5.24 14.50
N LEU A 84 79.86 6.08 14.09
CA LEU A 84 80.51 5.93 12.80
C LEU A 84 81.49 4.76 12.77
N LYS A 85 82.08 4.44 13.92
CA LYS A 85 82.89 3.22 14.03
C LYS A 85 82.04 1.97 13.71
N GLY A 86 80.77 1.97 14.12
CA GLY A 86 79.87 0.90 13.79
C GLY A 86 79.57 0.83 12.29
N ARG A 87 79.33 1.98 11.70
CA ARG A 87 79.18 2.06 10.27
C ARG A 87 80.41 1.56 9.54
N GLU A 88 81.59 1.90 10.05
CA GLU A 88 82.84 1.48 9.45
C GLU A 88 82.98 -0.04 9.44
N ASN A 89 82.56 -0.69 10.52
CA ASN A 89 82.57 -2.14 10.62
C ASN A 89 81.58 -2.73 9.62
N ASP A 90 80.40 -2.13 9.56
CA ASP A 90 79.36 -2.55 8.63
C ASP A 90 79.81 -2.55 7.17
N GLU A 91 80.54 -1.52 6.80
CA GLU A 91 80.99 -1.38 5.43
C GLU A 91 82.23 -2.23 5.18
N GLY A 92 83.09 -2.34 6.19
CA GLY A 92 84.38 -2.97 6.05
C GLY A 92 84.42 -4.48 6.14
N ILE A 93 83.70 -5.05 7.11
CA ILE A 93 83.77 -6.49 7.36
C ILE A 93 83.36 -7.40 6.17
N PRO A 94 82.24 -7.13 5.50
CA PRO A 94 81.76 -8.03 4.45
C PRO A 94 82.70 -8.06 3.28
N LEU A 95 83.44 -6.99 3.10
CA LEU A 95 84.36 -6.85 1.96
C LEU A 95 85.31 -8.04 1.78
N LYS A 96 85.93 -8.52 2.87
CA LYS A 96 86.85 -9.66 2.74
C LYS A 96 86.21 -10.94 2.17
N TYR A 97 84.89 -11.09 2.24
CA TYR A 97 84.22 -12.30 1.76
C TYR A 97 83.73 -12.15 0.32
N GLY A 98 84.00 -11.01 -0.29
CA GLY A 98 83.49 -10.70 -1.62
C GLY A 98 82.03 -10.28 -1.59
N LEU A 99 81.61 -9.70 -0.47
CA LEU A 99 80.25 -9.30 -0.22
C LEU A 99 80.16 -7.76 -0.20
N ILE A 100 79.01 -7.22 -0.63
CA ILE A 100 78.79 -5.77 -0.62
C ILE A 100 78.83 -5.30 0.81
N GLY A 101 79.70 -4.33 1.11
CA GLY A 101 79.71 -3.65 2.38
C GLY A 101 79.09 -2.27 2.27
N GLN A 102 77.92 -2.09 2.87
CA GLN A 102 77.16 -0.84 2.75
C GLN A 102 76.31 -0.55 3.99
N GLU A 103 76.32 0.69 4.43
CA GLU A 103 75.58 1.15 5.60
C GLU A 103 74.21 0.53 5.84
N THR A 104 73.35 0.42 4.83
CA THR A 104 71.98 -0.03 5.08
C THR A 104 71.51 -1.16 4.19
N THR A 105 72.37 -1.67 3.32
CA THR A 105 71.99 -2.67 2.33
C THR A 105 72.88 -3.89 2.47
N GLY A 106 72.25 -5.05 2.54
CA GLY A 106 72.97 -6.31 2.65
C GLY A 106 73.49 -6.54 4.05
N VAL A 107 74.59 -7.29 4.14
CA VAL A 107 75.13 -7.68 5.44
C VAL A 107 75.37 -6.46 6.34
N GLY A 108 75.77 -5.35 5.76
CA GLY A 108 76.01 -4.15 6.53
C GLY A 108 74.78 -3.67 7.27
N GLY A 109 73.62 -3.74 6.61
CA GLY A 109 72.36 -3.40 7.23
C GLY A 109 71.88 -4.38 8.28
N PHE A 110 72.30 -5.64 8.14
CA PHE A 110 72.03 -6.72 9.09
C PHE A 110 72.65 -6.36 10.45
N SER A 111 73.96 -6.05 10.43
CA SER A 111 74.63 -5.68 11.68
C SER A 111 74.13 -4.37 12.25
N ALA A 112 73.82 -3.41 11.39
CA ALA A 112 73.22 -2.17 11.86
C ALA A 112 71.92 -2.45 12.59
N ALA A 113 71.09 -3.37 12.05
CA ALA A 113 69.81 -3.67 12.66
C ALA A 113 69.97 -4.34 14.02
N LEU A 114 70.88 -5.31 14.11
CA LEU A 114 71.15 -5.99 15.35
C LEU A 114 71.64 -5.01 16.42
N ARG A 115 72.41 -4.01 16.02
CA ARG A 115 72.81 -2.93 16.93
C ARG A 115 71.66 -2.03 17.37
N ALA A 116 70.67 -1.82 16.53
CA ALA A 116 69.57 -0.90 16.80
C ALA A 116 68.46 -1.50 17.67
N PHE A 117 68.04 -2.71 17.35
CA PHE A 117 66.89 -3.34 17.99
C PHE A 117 66.83 -3.20 19.52
N PRO A 118 67.88 -3.57 20.26
CA PRO A 118 67.84 -3.42 21.72
C PRO A 118 67.54 -2.00 22.16
N ILE A 119 68.16 -1.03 21.51
CA ILE A 119 67.95 0.37 21.85
C ILE A 119 66.52 0.79 21.52
N VAL A 120 66.03 0.47 20.32
CA VAL A 120 64.69 0.90 19.98
C VAL A 120 63.64 0.23 20.85
N GLU A 121 63.86 -1.04 21.21
CA GLU A 121 62.99 -1.76 22.15
C GLU A 121 62.83 -0.95 23.43
N GLU A 122 63.96 -0.60 24.03
CA GLU A 122 64.00 0.15 25.27
C GLU A 122 63.28 1.50 25.10
N TYR A 123 63.60 2.19 24.01
CA TYR A 123 63.08 3.51 23.73
C TYR A 123 61.59 3.52 23.48
N VAL A 124 61.15 2.64 22.61
CA VAL A 124 59.73 2.50 22.30
C VAL A 124 58.93 2.13 23.56
N ASP A 125 59.49 1.25 24.38
CA ASP A 125 58.85 0.89 25.61
C ASP A 125 58.61 2.10 26.51
N THR A 126 59.65 2.92 26.68
CA THR A 126 59.56 4.09 27.55
C THR A 126 58.54 5.09 27.02
N VAL A 127 58.56 5.30 25.70
CA VAL A 127 57.61 6.22 25.07
C VAL A 127 56.19 5.75 25.39
N ARG A 128 55.97 4.45 25.17
CA ARG A 128 54.69 3.80 25.36
C ARG A 128 54.18 3.89 26.80
N LYS A 129 55.10 3.83 27.76
CA LYS A 129 54.73 3.89 29.17
C LYS A 129 54.56 5.32 29.67
N THR A 130 54.80 6.32 28.80
CA THR A 130 54.70 7.70 29.24
C THR A 130 53.81 8.53 28.31
N SER A 131 54.40 9.15 27.30
CA SER A 131 53.70 10.13 26.48
C SER A 131 52.79 9.57 25.41
N ASN A 132 53.02 8.31 25.05
CA ASN A 132 52.42 7.74 23.85
C ASN A 132 52.56 8.61 22.59
N ALA A 133 53.73 9.19 22.40
CA ALA A 133 53.97 10.10 21.28
C ALA A 133 54.04 9.37 19.96
N THR A 134 53.82 10.09 18.87
CA THR A 134 54.16 9.59 17.55
C THR A 134 55.66 9.67 17.40
N ILE A 135 56.26 8.53 17.05
CA ILE A 135 57.71 8.44 16.79
C ILE A 135 57.97 8.51 15.30
N VAL A 136 58.72 9.53 14.90
CA VAL A 136 59.21 9.69 13.52
C VAL A 136 60.67 9.21 13.46
N ASN A 137 60.92 8.17 12.68
CA ASN A 137 62.23 7.51 12.68
C ASN A 137 63.12 7.74 11.45
N PHE A 138 64.36 8.19 11.70
CA PHE A 138 65.42 8.22 10.68
C PHE A 138 66.51 7.18 10.92
N THR A 139 66.67 6.75 12.17
CA THR A 139 67.66 5.77 12.54
C THR A 139 67.65 4.62 11.55
N ASN A 140 68.82 4.34 10.96
CA ASN A 140 68.92 3.27 9.99
C ASN A 140 69.22 1.92 10.64
N PRO A 141 68.71 0.81 10.08
CA PRO A 141 67.91 0.80 8.84
C PRO A 141 66.44 1.11 9.11
N SER A 142 65.99 2.26 8.60
CA SER A 142 64.70 2.82 8.94
C SER A 142 63.53 1.93 8.65
N GLY A 143 63.46 1.39 7.45
CA GLY A 143 62.36 0.51 7.10
C GLY A 143 62.31 -0.77 7.93
N HIS A 144 63.45 -1.43 8.06
CA HIS A 144 63.57 -2.65 8.85
C HIS A 144 63.21 -2.39 10.33
N ILE A 145 63.66 -1.27 10.90
CA ILE A 145 63.25 -0.93 12.24
C ILE A 145 61.74 -0.69 12.32
N THR A 146 61.16 -0.05 11.31
CA THR A 146 59.71 0.14 11.25
C THR A 146 58.97 -1.19 11.25
N GLU A 147 59.47 -2.15 10.47
CA GLU A 147 58.86 -3.46 10.41
C GLU A 147 58.88 -4.07 11.81
N PHE A 148 60.01 -3.89 12.50
CA PHE A 148 60.17 -4.44 13.83
C PHE A 148 59.19 -3.81 14.86
N VAL A 149 59.14 -2.47 14.90
CA VAL A 149 58.25 -1.78 15.82
C VAL A 149 56.77 -2.03 15.48
N ARG A 150 56.43 -2.02 14.19
CA ARG A 150 55.02 -2.12 13.80
C ARG A 150 54.43 -3.51 13.98
N ASN A 151 55.23 -4.52 13.64
CA ASN A 151 54.75 -5.88 13.62
C ASN A 151 55.18 -6.79 14.76
N TYR A 152 56.12 -6.33 15.60
CA TYR A 152 56.62 -7.16 16.67
C TYR A 152 56.52 -6.50 18.04
N LEU A 153 56.91 -5.23 18.13
CA LEU A 153 56.70 -4.47 19.36
C LEU A 153 55.27 -4.00 19.43
N GLU A 154 54.62 -4.00 18.27
CA GLU A 154 53.24 -3.62 18.11
C GLU A 154 52.92 -2.22 18.65
N TYR A 155 53.77 -1.24 18.34
CA TYR A 155 53.52 0.16 18.65
C TYR A 155 53.06 0.86 17.39
N GLU A 156 51.79 1.27 17.37
CA GLU A 156 51.18 1.73 16.14
C GLU A 156 51.73 3.04 15.61
N LYS A 157 51.95 4.00 16.51
CA LYS A 157 52.37 5.34 16.08
C LYS A 157 53.87 5.44 15.84
N PHE A 158 54.38 4.66 14.90
CA PHE A 158 55.81 4.67 14.60
C PHE A 158 55.97 4.76 13.08
N ILE A 159 56.47 5.90 12.62
CA ILE A 159 56.51 6.16 11.19
C ILE A 159 57.92 6.29 10.72
N GLY A 160 58.31 5.37 9.84
CA GLY A 160 59.64 5.36 9.26
C GLY A 160 59.75 6.37 8.14
N LEU A 161 60.85 7.11 8.17
CA LEU A 161 61.11 8.11 7.17
C LEU A 161 62.44 7.84 6.50
N CYS A 162 62.57 8.32 5.27
CA CYS A 162 63.83 8.26 4.53
C CYS A 162 63.93 9.48 3.64
N ASN A 163 65.13 9.74 3.15
CA ASN A 163 65.38 10.98 2.40
C ASN A 163 65.15 10.85 0.88
N VAL A 164 65.00 9.62 0.39
CA VAL A 164 64.97 9.42 -1.05
C VAL A 164 63.66 9.84 -1.73
N PRO A 165 62.51 9.49 -1.13
CA PRO A 165 61.21 9.95 -1.67
C PRO A 165 61.19 11.49 -1.90
N ILE A 166 61.54 12.27 -0.88
CA ILE A 166 61.54 13.72 -0.99
C ILE A 166 62.59 14.25 -1.97
N ASN A 167 63.69 13.54 -2.09
CA ASN A 167 64.73 13.92 -3.03
C ASN A 167 64.27 13.76 -4.48
N PHE A 168 63.55 12.67 -4.69
CA PHE A 168 62.93 12.40 -5.99
C PHE A 168 61.87 13.43 -6.38
N ILE A 169 60.91 13.65 -5.48
CA ILE A 169 59.86 14.63 -5.69
C ILE A 169 60.43 16.03 -6.04
N ARG A 170 61.41 16.50 -5.27
CA ARG A 170 62.01 17.82 -5.50
C ARG A 170 62.63 17.90 -6.87
N GLU A 171 63.24 16.79 -7.29
CA GLU A 171 63.85 16.64 -8.59
C GLU A 171 62.82 16.86 -9.70
N ILE A 172 61.69 16.15 -9.60
CA ILE A 172 60.57 16.28 -10.56
C ILE A 172 59.96 17.66 -10.55
N ALA A 173 59.74 18.19 -9.36
CA ALA A 173 59.21 19.55 -9.21
C ALA A 173 60.04 20.60 -9.96
N GLU A 174 61.38 20.57 -9.83
CA GLU A 174 62.28 21.49 -10.55
C GLU A 174 62.23 21.29 -12.05
N PHE A 176 59.81 20.40 -13.79
CA PHE A 176 58.50 20.74 -14.33
C PHE A 176 57.97 22.05 -13.80
N SER A 177 58.80 22.71 -12.98
CA SER A 177 58.55 24.06 -12.48
C SER A 177 57.23 24.11 -11.72
N ALA A 178 57.12 23.21 -10.76
CA ALA A 178 55.93 22.96 -9.96
C ALA A 178 56.29 22.87 -8.49
N ARG A 179 55.29 22.99 -7.62
CA ARG A 179 55.51 22.85 -6.18
C ARG A 179 55.63 21.39 -5.82
N LEU A 180 56.16 21.09 -4.65
CA LEU A 180 56.31 19.71 -4.19
C LEU A 180 54.99 18.95 -4.23
N GLU A 181 53.91 19.59 -3.79
CA GLU A 181 52.63 18.90 -3.67
C GLU A 181 51.94 18.70 -5.01
N ASP A 182 52.41 19.40 -6.04
CA ASP A 182 51.95 19.15 -7.42
C ASP A 182 52.41 17.79 -7.98
N VAL A 183 53.28 17.11 -7.25
CA VAL A 183 53.86 15.88 -7.73
C VAL A 183 53.20 14.73 -7.01
N PHE A 184 52.66 13.79 -7.79
CA PHE A 184 52.00 12.61 -7.25
C PHE A 184 52.54 11.37 -7.90
N LEU A 185 52.96 10.41 -7.08
CA LEU A 185 53.64 9.22 -7.55
C LEU A 185 52.83 7.91 -7.36
N LYS A 186 53.04 6.93 -8.23
CA LYS A 186 52.82 5.54 -7.83
C LYS A 186 54.17 4.99 -7.40
N TYR A 187 54.30 4.73 -6.10
CA TYR A 187 55.58 4.50 -5.46
C TYR A 187 55.36 3.39 -4.47
N TYR A 188 56.25 2.40 -4.48
CA TYR A 188 56.20 1.33 -3.51
C TYR A 188 57.51 0.58 -3.44
N GLY A 189 57.65 -0.16 -2.35
CA GLY A 189 58.83 -0.94 -2.11
C GLY A 189 59.19 -0.85 -0.65
N LEU A 190 60.41 -1.25 -0.34
CA LEU A 190 60.94 -1.19 1.01
C LEU A 190 61.87 0.00 1.01
N ASN A 191 62.25 0.44 2.20
CA ASN A 191 63.19 1.52 2.36
C ASN A 191 64.50 1.18 1.67
N HIS A 192 64.96 2.03 0.77
CA HIS A 192 66.16 1.74 -0.02
C HIS A 192 65.97 0.58 -1.00
N LEU A 193 64.73 0.29 -1.33
CA LEU A 193 64.46 -0.82 -2.22
C LEU A 193 63.12 -0.49 -2.85
N SER A 194 63.04 0.66 -3.49
CA SER A 194 61.76 1.18 -3.89
C SER A 194 61.70 1.46 -5.41
N PHE A 195 60.49 1.64 -5.93
CA PHE A 195 60.21 1.66 -7.36
C PHE A 195 59.14 2.70 -7.62
N ILE A 196 59.30 3.48 -8.69
CA ILE A 196 58.28 4.40 -9.13
C ILE A 196 57.79 3.89 -10.47
N GLU A 197 56.47 3.75 -10.57
CA GLU A 197 55.82 3.22 -11.78
C GLU A 197 55.13 4.32 -12.58
N LYS A 198 54.68 5.37 -11.90
CA LYS A 198 53.90 6.43 -12.55
C LYS A 198 54.27 7.75 -11.92
N VAL A 199 54.44 8.77 -12.76
CA VAL A 199 54.68 10.13 -12.29
C VAL A 199 53.60 11.09 -12.79
N PHE A 200 52.98 11.81 -11.87
CA PHE A 200 51.98 12.81 -12.18
C PHE A 200 52.42 14.17 -11.70
N VAL A 201 52.32 15.15 -12.58
CA VAL A 201 52.60 16.53 -12.20
C VAL A 201 51.40 17.42 -12.60
N LYS A 202 50.83 18.08 -11.60
CA LYS A 202 49.59 18.85 -11.73
C LYS A 202 48.48 18.05 -12.42
N GLY A 203 48.42 16.75 -12.12
CA GLY A 203 47.42 15.88 -12.69
C GLY A 203 47.79 15.19 -13.98
N GLU A 204 48.76 15.73 -14.71
CA GLU A 204 49.17 15.14 -15.98
C GLU A 204 50.14 13.95 -15.79
N ASP A 205 49.93 12.88 -16.55
CA ASP A 205 50.84 11.75 -16.61
C ASP A 205 52.09 12.13 -17.39
N VAL A 206 53.20 12.26 -16.67
CA VAL A 206 54.47 12.69 -17.27
C VAL A 206 55.54 11.59 -17.18
N THR A 207 55.10 10.38 -16.90
CA THR A 207 55.98 9.23 -16.80
C THR A 207 56.90 9.08 -18.03
N GLU A 208 56.32 9.11 -19.23
CA GLU A 208 57.11 9.01 -20.45
C GLU A 208 58.18 10.09 -20.52
N LYS A 209 57.81 11.31 -20.15
CA LYS A 209 58.71 12.46 -20.20
C LYS A 209 59.83 12.32 -19.19
N VAL A 210 59.55 11.70 -18.05
CA VAL A 210 60.55 11.49 -17.02
C VAL A 210 61.57 10.44 -17.45
N PHE A 211 61.10 9.39 -18.12
CA PHE A 211 61.99 8.35 -18.63
C PHE A 211 62.92 8.91 -19.71
N GLU A 212 62.37 9.71 -20.62
CA GLU A 212 63.16 10.30 -21.72
C GLU A 212 64.23 11.24 -21.17
N ASN A 213 63.89 11.90 -20.09
CA ASN A 213 64.76 12.82 -19.39
C ASN A 213 65.87 12.14 -18.63
N LEU A 214 65.57 10.96 -18.11
CA LEU A 214 66.55 10.23 -17.32
C LEU A 214 67.68 9.73 -18.23
N LYS A 215 67.44 9.69 -19.54
CA LYS A 215 68.44 9.20 -20.46
C LYS A 215 69.41 10.31 -20.92
N LEU A 216 69.18 11.55 -20.48
CA LEU A 216 70.09 12.65 -20.82
C LEU A 216 70.64 13.34 -19.56
N LYS A 217 71.63 12.72 -18.93
CA LYS A 217 72.20 13.24 -17.69
C LYS A 217 73.65 12.76 -17.50
N ASP A 223 78.69 5.45 -16.01
CA ASP A 223 79.00 4.01 -16.06
C ASP A 223 78.49 3.34 -14.81
N GLU A 224 78.34 4.15 -13.76
CA GLU A 224 77.79 3.74 -12.47
C GLU A 224 76.25 3.84 -12.42
N ASP A 225 75.62 4.25 -13.51
CA ASP A 225 74.16 4.21 -13.54
C ASP A 225 73.61 3.33 -14.67
N PHE A 226 72.32 2.97 -14.55
CA PHE A 226 71.66 2.05 -15.46
C PHE A 226 71.66 2.55 -16.90
N PRO A 227 71.86 1.66 -17.86
CA PRO A 227 71.84 2.02 -19.28
C PRO A 227 70.42 2.27 -19.77
N THR A 228 70.30 2.88 -20.94
CA THR A 228 69.00 3.21 -21.47
C THR A 228 68.11 2.00 -21.60
N TRP A 229 68.65 0.91 -22.14
CA TRP A 229 67.84 -0.28 -22.37
C TRP A 229 67.16 -0.78 -21.10
N PHE A 230 67.82 -0.58 -19.95
CA PHE A 230 67.26 -0.99 -18.67
C PHE A 230 65.90 -0.36 -18.41
N TYR A 231 65.81 0.93 -18.63
CA TYR A 231 64.58 1.64 -18.42
C TYR A 231 63.54 1.26 -19.45
N ASP A 232 63.96 1.07 -20.69
CA ASP A 232 63.08 0.53 -21.74
C ASP A 232 62.44 -0.84 -21.38
N SER A 233 63.21 -1.70 -20.71
CA SER A 233 62.79 -3.07 -20.44
C SER A 233 62.04 -3.21 -19.14
N VAL A 234 62.63 -2.69 -18.07
CA VAL A 234 62.08 -2.82 -16.77
C VAL A 234 60.87 -1.91 -16.59
N ARG A 235 60.91 -0.75 -17.25
CA ARG A 235 59.88 0.29 -17.15
C ARG A 235 59.50 0.68 -15.73
N LEU A 236 60.51 0.76 -14.87
CA LEU A 236 60.32 1.30 -13.53
C LEU A 236 61.44 2.28 -13.27
N ILE A 237 61.13 3.37 -12.56
CA ILE A 237 62.18 4.22 -12.00
C ILE A 237 62.57 3.58 -10.70
N VAL A 238 63.86 3.35 -10.59
CA VAL A 238 64.42 2.45 -9.61
C VAL A 238 65.27 3.25 -8.61
N ASN A 239 65.09 2.95 -7.34
CA ASN A 239 65.91 3.48 -6.28
C ASN A 239 67.39 3.21 -6.55
N PRO A 240 68.27 4.20 -6.35
CA PRO A 240 69.70 4.05 -6.71
C PRO A 240 70.38 2.91 -5.95
N TYR A 241 69.86 2.58 -4.77
CA TYR A 241 70.40 1.49 -3.97
C TYR A 241 70.27 0.12 -4.65
N LEU A 242 69.31 -0.01 -5.58
CA LEU A 242 69.16 -1.25 -6.32
C LEU A 242 70.36 -1.52 -7.21
N ARG A 243 71.25 -0.55 -7.37
CA ARG A 243 72.53 -0.83 -8.04
C ARG A 243 73.30 -1.94 -7.33
N TYR A 244 73.13 -2.06 -6.02
CA TYR A 244 73.90 -3.04 -5.24
C TYR A 244 73.44 -4.46 -5.56
N TYR A 245 72.17 -4.57 -5.93
CA TYR A 245 71.55 -5.84 -6.30
C TYR A 245 71.76 -6.16 -7.75
N LEU A 246 71.49 -5.20 -8.62
CA LEU A 246 71.54 -5.41 -10.06
C LEU A 246 72.90 -5.22 -10.69
N GLU A 248 75.97 -5.70 -8.77
CA GLU A 248 76.80 -6.14 -7.67
C GLU A 248 78.31 -6.18 -7.99
N LYS A 249 78.71 -6.79 -9.11
CA LYS A 249 80.11 -6.86 -9.46
C LYS A 249 80.69 -5.47 -9.55
N LYS A 250 80.01 -4.57 -10.25
CA LYS A 250 80.47 -3.19 -10.38
C LYS A 250 80.51 -2.47 -9.04
N PHE A 252 80.68 -3.85 -5.95
CA PHE A 252 81.77 -4.41 -5.17
C PHE A 252 83.17 -3.88 -5.52
N LYS A 253 83.48 -3.74 -6.81
CA LYS A 253 84.80 -3.28 -7.23
C LYS A 253 84.96 -1.86 -6.83
N LYS A 254 83.86 -1.13 -6.77
CA LYS A 254 83.88 0.28 -6.46
C LYS A 254 84.18 0.46 -5.00
N ILE A 255 83.38 -0.19 -4.16
CA ILE A 255 83.51 -0.04 -2.71
C ILE A 255 84.84 -0.55 -2.19
N SER A 256 85.33 -1.64 -2.77
CA SER A 256 86.52 -2.29 -2.27
C SER A 256 87.83 -1.59 -2.67
N THR A 257 87.75 -0.66 -3.61
CA THR A 257 88.93 0.03 -4.17
C THR A 257 89.01 1.51 -3.84
N HIS A 258 88.23 1.95 -2.87
CA HIS A 258 88.20 3.32 -2.39
C HIS A 258 88.07 3.30 -0.89
N GLU A 259 88.45 4.40 -0.28
CA GLU A 259 88.21 4.64 1.13
C GLU A 259 86.77 4.25 1.50
N LEU A 260 86.60 3.60 2.64
CA LEU A 260 85.28 3.30 3.16
C LEU A 260 84.50 4.60 3.42
N ARG A 261 83.23 4.59 3.06
CA ARG A 261 82.42 5.79 3.10
C ARG A 261 82.41 6.42 4.50
N ALA A 262 82.24 5.60 5.52
CA ALA A 262 82.16 6.09 6.90
C ALA A 262 83.36 6.95 7.28
N ARG A 263 84.53 6.60 6.76
CA ARG A 263 85.73 7.34 7.10
C ARG A 263 85.67 8.73 6.49
N GLU A 264 85.00 8.86 5.35
CA GLU A 264 84.89 10.15 4.73
C GLU A 264 83.87 11.02 5.46
N VAL A 265 82.76 10.41 5.91
CA VAL A 265 81.79 11.18 6.70
C VAL A 265 82.36 11.60 8.06
N LYS A 267 85.37 12.64 8.56
CA LYS A 267 86.10 13.88 8.25
C LYS A 267 85.15 15.04 7.95
N ILE A 268 84.02 14.76 7.29
CA ILE A 268 83.03 15.80 7.02
C ILE A 268 82.41 16.30 8.32
N GLU A 269 82.03 15.37 9.19
CA GLU A 269 81.41 15.69 10.48
C GLU A 269 82.36 16.46 11.39
N LYS A 270 83.61 16.04 11.44
CA LYS A 270 84.58 16.76 12.26
C LYS A 270 84.74 18.21 11.77
N GLU A 271 84.59 18.42 10.46
CA GLU A 271 84.73 19.76 9.88
C GLU A 271 83.49 20.61 10.18
N LEU A 272 82.31 19.98 10.10
CA LEU A 272 81.06 20.64 10.40
C LEU A 272 80.99 21.05 11.87
N PHE A 273 81.53 20.21 12.75
CA PHE A 273 81.51 20.49 14.18
C PHE A 273 82.37 21.67 14.55
N GLU A 274 83.53 21.78 13.91
CA GLU A 274 84.38 22.93 14.12
C GLU A 274 83.66 24.19 13.62
N LYS A 275 82.94 24.08 12.52
CA LYS A 275 82.20 25.21 11.98
C LYS A 275 81.10 25.67 12.95
N TYR A 276 80.48 24.70 13.61
CA TYR A 276 79.34 24.91 14.51
C TYR A 276 79.64 25.70 15.78
N ARG A 277 80.92 25.73 16.18
CA ARG A 277 81.32 26.48 17.37
C ARG A 277 81.11 27.98 17.22
N THR A 278 81.10 28.47 15.98
CA THR A 278 81.00 29.90 15.71
C THR A 278 79.93 30.27 14.66
N ALA A 279 79.61 29.33 13.78
CA ALA A 279 78.58 29.55 12.75
C ALA A 279 77.35 30.33 13.23
N VAL A 280 77.04 31.43 12.53
CA VAL A 280 75.80 32.19 12.77
C VAL A 280 74.67 31.81 11.79
N GLU A 281 75.05 31.17 10.68
CA GLU A 281 74.08 30.65 9.72
C GLU A 281 74.49 29.25 9.23
N ILE A 282 73.50 28.44 8.87
CA ILE A 282 73.80 27.08 8.42
C ILE A 282 74.87 27.09 7.31
N PRO A 283 75.95 26.32 7.48
CA PRO A 283 77.01 26.25 6.46
C PRO A 283 76.60 25.48 5.21
N GLU A 284 77.29 25.78 4.11
CA GLU A 284 77.06 25.12 2.82
C GLU A 284 77.39 23.63 2.95
N GLU A 285 78.58 23.34 3.47
CA GLU A 285 79.10 21.98 3.66
C GLU A 285 78.03 20.93 4.05
N LEU A 286 77.14 21.31 4.96
CA LEU A 286 76.03 20.43 5.33
C LEU A 286 75.14 20.17 4.13
N THR A 287 74.63 21.28 3.58
CA THR A 287 73.51 21.32 2.64
C THR A 287 73.68 20.41 1.41
N LYS A 288 74.87 20.39 0.83
CA LYS A 288 75.14 19.49 -0.30
C LYS A 288 75.89 18.23 0.17
N ARG A 289 75.17 17.35 0.89
CA ARG A 289 75.73 16.07 1.34
C ARG A 289 74.68 15.05 1.89
N GLY A 290 75.15 13.82 2.15
CA GLY A 290 74.34 12.73 2.66
C GLY A 290 72.87 12.66 2.25
N GLY A 291 72.01 13.11 3.15
CA GLY A 291 70.59 13.32 2.88
C GLY A 291 70.07 14.60 3.53
N SER A 292 70.79 15.71 3.32
CA SER A 292 70.53 17.01 3.98
C SER A 292 69.04 17.40 4.11
N TYR A 294 66.38 15.27 4.60
CA TYR A 294 65.63 14.49 5.59
C TYR A 294 64.86 15.45 6.55
N SER A 295 65.43 16.63 6.74
CA SER A 295 64.89 17.64 7.64
C SER A 295 63.50 18.09 7.24
N THR A 296 63.39 18.46 5.97
CA THR A 296 62.15 18.88 5.37
C THR A 296 61.11 17.78 5.50
N ALA A 297 61.50 16.53 5.26
CA ALA A 297 60.55 15.43 5.38
C ALA A 297 59.97 15.37 6.79
N ALA A 298 60.83 15.47 7.80
CA ALA A 298 60.38 15.32 9.18
C ALA A 298 59.41 16.43 9.51
N ALA A 299 59.82 17.65 9.21
CA ALA A 299 59.09 18.83 9.64
C ALA A 299 57.75 18.92 8.92
N HIS A 300 57.75 18.56 7.63
CA HIS A 300 56.52 18.55 6.82
C HIS A 300 55.54 17.49 7.29
N LEU A 301 56.06 16.34 7.71
CA LEU A 301 55.24 15.27 8.20
C LEU A 301 54.59 15.71 9.51
N ILE A 302 55.37 16.31 10.40
CA ILE A 302 54.82 16.71 11.68
C ILE A 302 53.79 17.83 11.51
N ARG A 303 54.07 18.76 10.58
CA ARG A 303 53.14 19.82 10.21
C ARG A 303 51.77 19.24 9.86
N ASP A 304 51.79 18.16 9.09
CA ASP A 304 50.58 17.67 8.48
C ASP A 304 49.83 16.68 9.34
N LEU A 305 50.57 16.05 10.24
CA LEU A 305 50.02 15.33 11.37
C LEU A 305 49.28 16.29 12.32
N GLU A 306 49.73 17.55 12.39
CA GLU A 306 49.14 18.53 13.30
C GLU A 306 47.90 19.22 12.75
N THR A 307 47.92 19.60 11.47
CA THR A 307 46.77 20.24 10.86
C THR A 307 45.74 19.22 10.38
N ASP A 308 44.54 19.69 10.04
CA ASP A 308 43.49 18.83 9.52
C ASP A 308 43.35 19.01 7.99
N GLU A 309 44.37 19.60 7.38
CA GLU A 309 44.41 19.84 5.93
C GLU A 309 44.31 18.55 5.10
N GLY A 310 45.19 17.60 5.36
CA GLY A 310 45.20 16.36 4.60
C GLY A 310 46.18 16.46 3.44
N LYS A 311 47.35 15.84 3.60
CA LYS A 311 48.41 15.90 2.59
C LYS A 311 49.06 14.52 2.36
N ILE A 312 49.70 14.37 1.21
CA ILE A 312 50.32 13.11 0.84
C ILE A 312 51.77 13.11 1.26
N HIS A 313 52.18 12.06 1.99
CA HIS A 313 53.59 11.85 2.35
C HIS A 313 53.99 10.42 2.09
N ILE A 314 55.15 10.23 1.48
CA ILE A 314 55.67 8.89 1.29
C ILE A 314 56.41 8.51 2.55
N VAL A 315 55.96 7.43 3.15
CA VAL A 315 56.28 7.11 4.51
C VAL A 315 56.35 5.57 4.66
N ASN A 316 57.06 5.09 5.68
CA ASN A 316 57.17 3.66 5.93
C ASN A 316 56.12 3.21 6.91
N THR A 317 55.23 2.34 6.47
CA THR A 317 54.11 1.90 7.28
C THR A 317 53.53 0.61 6.69
N ARG A 318 52.58 -0.01 7.40
CA ARG A 318 51.93 -1.22 6.88
C ARG A 318 51.22 -0.96 5.54
N ASN A 319 51.44 -1.86 4.60
CA ASN A 319 50.77 -1.87 3.30
C ASN A 319 49.28 -1.51 3.36
N ASN A 320 48.51 -2.32 4.08
CA ASN A 320 47.07 -2.14 4.23
C ASN A 320 46.34 -1.87 2.91
N GLY A 321 46.65 -2.66 1.89
CA GLY A 321 45.93 -2.50 0.66
C GLY A 321 46.45 -1.46 -0.32
N SER A 322 47.49 -0.72 0.05
CA SER A 322 48.19 0.14 -0.89
C SER A 322 48.59 -0.62 -2.16
N ILE A 323 49.28 -1.75 -2.00
CA ILE A 323 49.55 -2.62 -3.11
C ILE A 323 48.77 -3.92 -2.92
N GLU A 324 47.79 -4.16 -3.79
CA GLU A 324 46.91 -5.32 -3.59
C GLU A 324 47.63 -6.64 -3.82
N ASN A 325 48.81 -6.51 -4.45
CA ASN A 325 49.67 -7.62 -4.81
C ASN A 325 50.44 -8.19 -3.60
N LEU A 326 50.36 -7.51 -2.45
CA LEU A 326 51.30 -7.78 -1.37
C LEU A 326 50.55 -7.93 -0.05
N PRO A 327 51.03 -8.73 0.90
CA PRO A 327 50.33 -8.90 2.18
C PRO A 327 50.02 -7.57 2.91
N ASP A 328 48.91 -7.49 3.62
CA ASP A 328 48.56 -6.22 4.30
C ASP A 328 49.57 -5.79 5.32
N ASP A 329 50.29 -6.75 5.90
CA ASP A 329 51.15 -6.44 7.04
C ASP A 329 52.60 -6.15 6.70
N TYR A 330 53.01 -6.30 5.42
CA TYR A 330 54.34 -5.83 5.01
C TYR A 330 54.46 -4.36 5.30
N VAL A 331 55.50 -3.93 6.00
CA VAL A 331 55.79 -2.50 6.08
C VAL A 331 56.40 -2.10 4.74
N LEU A 332 55.81 -1.10 4.09
CA LEU A 332 56.33 -0.64 2.82
C LEU A 332 56.58 0.82 2.90
N GLU A 333 57.33 1.34 1.93
CA GLU A 333 57.48 2.77 1.77
C GLU A 333 56.49 3.16 0.67
N ILE A 334 55.42 3.86 1.07
CA ILE A 334 54.33 4.15 0.17
C ILE A 334 53.68 5.51 0.50
N PRO A 335 53.06 6.17 -0.50
CA PRO A 335 52.37 7.43 -0.25
C PRO A 335 51.10 7.28 0.61
N CYS A 336 50.95 8.14 1.61
CA CYS A 336 49.80 8.09 2.50
C CYS A 336 49.10 9.43 2.64
N TYR A 337 47.84 9.38 3.06
CA TYR A 337 47.02 10.55 3.30
C TYR A 337 47.23 10.85 4.77
N VAL A 338 47.76 12.03 5.07
CA VAL A 338 48.21 12.34 6.41
C VAL A 338 47.36 13.49 6.90
N ARG A 339 46.74 13.31 8.07
CA ARG A 339 45.78 14.28 8.55
C ARG A 339 45.43 14.03 10.02
N SER A 340 45.52 15.07 10.83
CA SER A 340 45.09 15.03 12.24
C SER A 340 45.54 13.78 13.00
N GLY A 341 46.85 13.52 12.99
CA GLY A 341 47.40 12.50 13.84
C GLY A 341 47.29 11.13 13.24
N ARG A 342 46.62 11.00 12.11
CA ARG A 342 46.50 9.68 11.46
C ARG A 342 47.13 9.59 10.08
N VAL A 343 47.50 8.37 9.71
CA VAL A 343 48.18 8.09 8.47
C VAL A 343 47.32 7.09 7.74
N HIS A 344 46.67 7.49 6.66
CA HIS A 344 45.88 6.56 5.84
C HIS A 344 46.58 6.17 4.56
N THR A 345 46.61 4.87 4.30
CA THR A 345 47.14 4.30 3.09
C THR A 345 46.23 4.58 1.87
N LEU A 346 46.79 4.78 0.69
CA LEU A 346 46.02 4.94 -0.54
C LEU A 346 46.09 3.74 -1.49
N SER A 347 44.99 3.43 -2.12
CA SER A 347 44.96 2.49 -3.20
C SER A 347 46.01 2.82 -4.29
N GLN A 348 46.77 1.82 -4.72
CA GLN A 348 47.66 2.02 -5.86
C GLN A 348 47.49 0.96 -6.94
N GLY A 349 46.82 -0.13 -6.62
CA GLY A 349 46.68 -1.23 -7.55
C GLY A 349 47.76 -2.26 -7.34
N LYS A 350 48.21 -2.84 -8.43
CA LYS A 350 49.14 -3.93 -8.38
C LYS A 350 50.58 -3.48 -8.48
N GLY A 351 51.47 -4.19 -7.76
CA GLY A 351 52.90 -4.00 -7.92
C GLY A 351 53.45 -4.88 -9.04
N ASP A 352 54.51 -4.39 -9.69
CA ASP A 352 55.21 -5.10 -10.75
C ASP A 352 55.89 -6.37 -10.24
N HIS A 353 55.82 -7.48 -11.00
CA HIS A 353 56.50 -8.72 -10.55
C HIS A 353 57.99 -8.54 -10.28
N PHE A 354 58.62 -7.67 -11.06
CA PHE A 354 60.03 -7.40 -10.94
C PHE A 354 60.31 -6.84 -9.56
N ALA A 355 59.52 -5.82 -9.17
CA ALA A 355 59.70 -5.14 -7.89
C ALA A 355 59.39 -6.08 -6.74
N LEU A 356 58.33 -6.87 -6.91
CA LEU A 356 57.90 -7.82 -5.90
C LEU A 356 58.97 -8.88 -5.60
N SER A 357 59.75 -9.29 -6.62
CA SER A 357 60.78 -10.28 -6.37
C SER A 357 61.74 -9.76 -5.34
N PHE A 358 62.14 -8.48 -5.42
CA PHE A 358 63.04 -7.90 -4.42
C PHE A 358 62.30 -7.69 -3.10
N ILE A 359 61.12 -7.06 -3.16
CA ILE A 359 60.31 -6.79 -1.96
C ILE A 359 60.11 -8.05 -1.10
N HIS A 360 59.61 -9.14 -1.69
CA HIS A 360 59.42 -10.41 -0.99
C HIS A 360 60.74 -10.98 -0.41
N ALA A 361 61.77 -11.04 -1.24
CA ALA A 361 63.05 -11.58 -0.76
C ALA A 361 63.56 -10.88 0.53
N VAL A 362 63.61 -9.55 0.48
CA VAL A 362 64.19 -8.80 1.57
C VAL A 362 63.24 -8.75 2.77
N LYS A 363 61.94 -8.78 2.52
CA LYS A 363 61.01 -8.82 3.61
C LYS A 363 61.18 -10.07 4.45
N TYR A 365 63.92 -11.83 4.67
CA TYR A 365 65.17 -11.62 5.36
C TYR A 365 64.94 -10.71 6.57
N GLU A 366 64.09 -9.70 6.41
CA GLU A 366 63.91 -8.75 7.49
C GLU A 366 63.32 -9.44 8.72
N ARG A 367 62.30 -10.26 8.49
CA ARG A 367 61.61 -10.93 9.57
C ARG A 367 62.46 -12.06 10.16
N LEU A 368 63.26 -12.71 9.32
CA LEU A 368 64.19 -13.72 9.81
C LEU A 368 65.17 -13.08 10.80
N THR A 369 65.62 -11.86 10.48
CA THR A 369 66.56 -11.15 11.33
C THR A 369 65.93 -10.74 12.66
N ILE A 370 64.69 -10.27 12.62
CA ILE A 370 63.96 -9.91 13.83
C ILE A 370 63.83 -11.15 14.72
N GLU A 371 63.39 -12.25 14.12
CA GLU A 371 63.21 -13.52 14.81
C GLU A 371 64.49 -13.95 15.55
N ALA A 372 65.62 -13.88 14.85
CA ALA A 372 66.91 -14.16 15.44
C ALA A 372 67.18 -13.27 16.64
N TYR A 373 66.92 -11.97 16.51
CA TYR A 373 67.17 -11.05 17.60
C TYR A 373 66.26 -11.37 18.79
N LEU A 374 64.97 -11.54 18.55
CA LEU A 374 64.01 -11.78 19.65
C LEU A 374 64.28 -13.04 20.45
N LYS A 375 64.82 -14.05 19.77
CA LYS A 375 65.18 -15.32 20.38
C LYS A 375 66.65 -15.32 20.82
N ARG A 376 67.37 -14.25 20.49
CA ARG A 376 68.79 -14.10 20.79
C ARG A 376 69.59 -15.28 20.28
N SER A 377 69.29 -15.71 19.06
CA SER A 377 69.79 -16.99 18.59
C SER A 377 70.80 -16.82 17.45
N LYS A 378 71.99 -17.38 17.70
CA LYS A 378 73.08 -17.47 16.70
C LYS A 378 72.63 -18.33 15.50
N LYS A 379 72.03 -19.49 15.75
CA LYS A 379 71.52 -20.37 14.71
C LYS A 379 70.54 -19.63 13.82
N LEU A 380 69.56 -18.95 14.41
CA LEU A 380 68.64 -18.21 13.56
C LEU A 380 69.25 -17.02 12.85
N ALA A 381 70.29 -16.40 13.41
CA ALA A 381 71.00 -15.31 12.72
C ALA A 381 71.68 -15.77 11.42
N LEU A 382 72.30 -16.96 11.49
CA LEU A 382 72.87 -17.62 10.32
C LEU A 382 71.80 -17.84 9.25
N LYS A 383 70.63 -18.29 9.67
CA LYS A 383 69.53 -18.49 8.75
C LYS A 383 69.16 -17.16 8.10
N ALA A 384 69.09 -16.11 8.92
CA ALA A 384 68.77 -14.78 8.43
C ALA A 384 69.83 -14.28 7.41
N LEU A 385 71.10 -14.35 7.80
CA LEU A 385 72.24 -14.05 6.92
C LEU A 385 72.18 -14.76 5.58
N LEU A 386 71.92 -16.08 5.59
CA LEU A 386 71.83 -16.83 4.34
C LEU A 386 70.66 -16.43 3.46
N SER A 387 69.63 -15.84 4.03
CA SER A 387 68.47 -15.54 3.23
C SER A 387 68.55 -14.21 2.47
N HIS A 388 69.50 -13.36 2.80
CA HIS A 388 69.59 -12.09 2.12
C HIS A 388 70.16 -12.27 0.72
N PRO A 389 69.54 -11.66 -0.29
CA PRO A 389 70.04 -11.74 -1.68
C PRO A 389 71.48 -11.31 -1.83
N LEU A 390 71.99 -10.49 -0.95
CA LEU A 390 73.40 -10.13 -0.99
C LEU A 390 74.21 -10.77 0.15
N GLY A 391 73.73 -11.86 0.71
CA GLY A 391 74.36 -12.45 1.87
C GLY A 391 75.47 -13.42 1.50
N PRO A 392 76.05 -14.07 2.50
CA PRO A 392 77.11 -15.03 2.26
C PRO A 392 76.62 -16.37 1.67
N ASP A 393 77.51 -17.06 0.95
CA ASP A 393 77.35 -18.48 0.65
C ASP A 393 77.55 -19.25 1.96
N VAL A 394 77.04 -20.48 1.97
CA VAL A 394 77.19 -21.38 3.08
C VAL A 394 78.64 -21.47 3.59
N GLU A 395 79.62 -21.51 2.68
CA GLU A 395 81.02 -21.63 3.05
C GLU A 395 81.61 -20.43 3.83
N ASP A 396 80.95 -19.28 3.77
CA ASP A 396 81.41 -18.07 4.42
C ASP A 396 80.57 -17.61 5.60
N ALA A 397 79.35 -18.13 5.70
CA ALA A 397 78.35 -17.63 6.64
C ALA A 397 78.80 -17.65 8.09
N LYS A 398 79.29 -18.78 8.58
CA LYS A 398 79.70 -18.95 9.97
C LYS A 398 80.82 -17.99 10.39
N ASP A 399 81.88 -17.94 9.59
CA ASP A 399 82.95 -16.99 9.79
C ASP A 399 82.50 -15.52 9.75
N LEU A 400 81.63 -15.19 8.80
CA LEU A 400 81.13 -13.84 8.70
C LEU A 400 80.35 -13.44 9.96
N LEU A 401 79.43 -14.31 10.39
CA LEU A 401 78.61 -14.02 11.55
C LEU A 401 79.47 -13.85 12.80
N GLU A 402 80.47 -14.70 12.97
CA GLU A 402 81.40 -14.58 14.07
C GLU A 402 82.15 -13.25 14.10
N GLU A 403 82.57 -12.78 12.92
CA GLU A 403 83.22 -11.47 12.83
C GLU A 403 82.27 -10.32 13.21
N ILE A 404 81.02 -10.41 12.74
CA ILE A 404 80.00 -9.43 13.07
C ILE A 404 79.76 -9.33 14.57
N LEU A 405 79.53 -10.47 15.21
CA LEU A 405 79.19 -10.53 16.63
C LEU A 405 80.37 -10.12 17.53
N GLU A 406 81.58 -10.46 17.14
CA GLU A 406 82.71 -9.95 17.90
C GLU A 406 82.84 -8.42 17.76
N ALA A 407 82.62 -7.89 16.57
CA ALA A 407 82.69 -6.45 16.34
C ALA A 407 81.61 -5.71 17.12
N ASN A 408 80.44 -6.32 17.23
CA ASN A 408 79.32 -5.70 17.92
C ASN A 408 79.05 -6.21 19.33
N ARG A 409 80.09 -6.75 19.98
CA ARG A 409 79.89 -7.34 21.31
C ARG A 409 79.30 -6.41 22.37
N GLU A 410 79.58 -5.11 22.31
CA GLU A 410 78.98 -4.18 23.26
C GLU A 410 77.53 -3.83 23.00
N TYR A 411 76.98 -4.26 21.87
CA TYR A 411 75.64 -3.79 21.50
C TYR A 411 74.65 -4.91 21.43
N VAL A 412 75.12 -6.12 21.17
CA VAL A 412 74.25 -7.28 21.08
C VAL A 412 74.96 -8.59 21.39
N LYS A 413 74.25 -9.45 22.11
CA LYS A 413 74.79 -10.76 22.46
C LYS A 413 73.83 -11.85 22.00
N LEU A 414 74.34 -12.72 21.12
CA LEU A 414 73.56 -13.84 20.58
C LEU A 414 74.09 -15.16 21.15
N GLY A 415 73.18 -15.96 21.68
CA GLY A 415 73.54 -17.26 22.20
C GLY A 415 73.12 -18.32 21.17
N ARG B 2 42.85 -45.35 -23.27
CA ARG B 2 44.09 -45.16 -24.01
C ARG B 2 45.01 -44.11 -23.38
N ILE B 3 46.32 -44.40 -23.34
CA ILE B 3 47.37 -43.48 -22.86
C ILE B 3 48.21 -43.04 -24.05
N ALA B 4 48.38 -41.73 -24.21
CA ALA B 4 49.32 -41.23 -25.21
C ALA B 4 50.65 -40.80 -24.57
N VAL B 5 51.76 -41.09 -25.24
CA VAL B 5 53.10 -40.78 -24.75
C VAL B 5 53.76 -39.90 -25.79
N ILE B 6 53.98 -38.63 -25.41
CA ILE B 6 54.55 -37.65 -26.33
C ILE B 6 56.06 -37.52 -26.08
N GLY B 7 56.86 -37.96 -27.05
CA GLY B 7 58.30 -38.09 -26.89
C GLY B 7 58.67 -39.55 -26.72
N GLY B 8 58.10 -40.42 -27.56
CA GLY B 8 58.29 -41.86 -27.44
C GLY B 8 59.72 -42.34 -27.52
N GLY B 9 60.55 -41.57 -28.21
CA GLY B 9 61.96 -41.90 -28.36
C GLY B 9 62.83 -41.57 -27.17
N SER B 10 62.24 -41.13 -26.06
CA SER B 10 63.00 -40.84 -24.87
C SER B 10 63.62 -42.14 -24.39
N SER B 11 64.87 -42.06 -23.94
CA SER B 11 65.57 -43.25 -23.43
C SER B 11 64.96 -43.73 -22.11
N TYR B 12 64.01 -42.95 -21.60
CA TYR B 12 63.31 -43.29 -20.37
C TYR B 12 62.06 -44.14 -20.64
N THR B 13 61.66 -44.22 -21.90
CA THR B 13 60.41 -44.90 -22.26
C THR B 13 60.26 -46.31 -21.71
N PRO B 14 61.26 -47.18 -21.87
CA PRO B 14 61.19 -48.54 -21.31
C PRO B 14 60.78 -48.58 -19.84
N GLU B 15 61.36 -47.74 -18.98
CA GLU B 15 60.94 -47.67 -17.59
C GLU B 15 59.48 -47.21 -17.45
N LEU B 16 59.06 -46.23 -18.25
CA LEU B 16 57.69 -45.77 -18.17
C LEU B 16 56.78 -46.96 -18.45
N VAL B 17 57.09 -47.68 -19.52
CA VAL B 17 56.30 -48.82 -19.90
C VAL B 17 56.31 -49.93 -18.85
N LYS B 18 57.46 -50.18 -18.23
CA LYS B 18 57.50 -51.12 -17.09
C LYS B 18 56.47 -50.71 -16.03
N GLY B 19 56.45 -49.43 -15.69
CA GLY B 19 55.51 -48.89 -14.72
C GLY B 19 54.09 -49.11 -15.17
N LEU B 20 53.82 -48.84 -16.44
CA LEU B 20 52.47 -49.03 -16.98
C LEU B 20 52.04 -50.49 -16.94
N LEU B 21 52.98 -51.41 -17.20
CA LEU B 21 52.69 -52.85 -17.03
C LEU B 21 52.43 -53.19 -15.56
N ASP B 22 53.18 -52.62 -14.62
CA ASP B 22 52.94 -52.94 -13.21
C ASP B 22 51.53 -52.57 -12.75
N ILE B 23 51.03 -51.39 -13.17
CA ILE B 23 49.68 -50.95 -12.77
C ILE B 23 48.55 -51.56 -13.61
N SER B 24 48.89 -52.15 -14.75
CA SER B 24 47.88 -52.70 -15.64
C SER B 24 47.15 -53.89 -15.05
N GLU B 25 47.54 -54.28 -13.85
CA GLU B 25 46.82 -55.33 -13.10
C GLU B 25 45.73 -54.75 -12.19
N ASP B 26 45.90 -53.53 -11.69
CA ASP B 26 44.85 -52.92 -10.88
C ASP B 26 43.93 -52.05 -11.71
N VAL B 27 44.40 -51.65 -12.89
CA VAL B 27 43.66 -50.73 -13.72
C VAL B 27 43.72 -51.13 -15.20
N ARG B 28 42.62 -50.93 -15.92
CA ARG B 28 42.49 -51.35 -17.31
C ARG B 28 43.21 -50.38 -18.29
N ILE B 29 44.14 -50.92 -19.07
CA ILE B 29 44.80 -50.16 -20.13
C ILE B 29 44.65 -50.97 -21.42
N ASP B 30 44.00 -50.38 -22.42
CA ASP B 30 43.78 -51.07 -23.69
C ASP B 30 44.91 -50.82 -24.68
N GLU B 31 45.40 -49.58 -24.74
CA GLU B 31 46.43 -49.21 -25.68
C GLU B 31 47.27 -48.05 -25.21
N VAL B 32 48.55 -48.12 -25.54
CA VAL B 32 49.48 -47.02 -25.32
C VAL B 32 49.99 -46.59 -26.70
N ILE B 33 49.81 -45.33 -27.03
CA ILE B 33 50.20 -44.81 -28.33
C ILE B 33 51.34 -43.81 -28.18
N PHE B 34 52.34 -43.92 -29.05
CA PHE B 34 53.57 -43.13 -28.95
C PHE B 34 53.68 -42.15 -30.08
N TYR B 35 54.19 -40.96 -29.76
CA TYR B 35 54.47 -39.95 -30.74
C TYR B 35 55.84 -39.30 -30.52
N ASP B 36 56.61 -39.11 -31.58
CA ASP B 36 57.88 -38.39 -31.52
C ASP B 36 58.18 -37.68 -32.83
N ILE B 37 58.88 -36.55 -32.77
CA ILE B 37 59.33 -35.87 -33.98
C ILE B 37 60.53 -36.57 -34.61
N ASP B 38 61.16 -37.50 -33.90
CA ASP B 38 62.22 -38.33 -34.45
C ASP B 38 61.72 -39.78 -34.65
N GLU B 39 61.12 -40.03 -35.81
CA GLU B 39 60.50 -41.31 -36.06
C GLU B 39 61.48 -42.49 -35.89
N GLU B 40 62.71 -42.31 -36.36
CA GLU B 40 63.69 -43.40 -36.34
C GLU B 40 64.18 -43.74 -34.94
N LYS B 41 64.38 -42.71 -34.12
CA LYS B 41 64.70 -42.92 -32.72
C LYS B 41 63.62 -43.73 -32.03
N GLN B 42 62.37 -43.32 -32.22
CA GLN B 42 61.23 -43.96 -31.61
C GLN B 42 61.00 -45.41 -32.05
N LYS B 43 61.27 -45.71 -33.33
CA LYS B 43 61.12 -47.07 -33.84
C LYS B 43 61.95 -48.06 -33.02
N ILE B 44 63.16 -47.64 -32.68
CA ILE B 44 64.08 -48.45 -31.90
C ILE B 44 63.53 -48.74 -30.50
N VAL B 45 63.09 -47.68 -29.85
CA VAL B 45 62.57 -47.75 -28.49
C VAL B 45 61.28 -48.56 -28.44
N VAL B 46 60.33 -48.21 -29.29
CA VAL B 46 59.03 -48.90 -29.33
C VAL B 46 59.15 -50.36 -29.75
N ASP B 47 60.10 -50.70 -30.62
CA ASP B 47 60.38 -52.09 -30.92
C ASP B 47 60.74 -52.85 -29.64
N PHE B 48 61.49 -52.18 -28.77
CA PHE B 48 61.96 -52.77 -27.53
C PHE B 48 60.78 -52.90 -26.57
N VAL B 49 59.96 -51.86 -26.54
CA VAL B 49 58.75 -51.82 -25.72
C VAL B 49 57.81 -53.00 -26.02
N LYS B 50 57.61 -53.28 -27.31
CA LYS B 50 56.75 -54.38 -27.73
C LYS B 50 57.20 -55.72 -27.20
N ARG B 51 58.52 -55.91 -27.09
CA ARG B 51 59.10 -57.14 -26.53
C ARG B 51 58.88 -57.28 -25.02
N LEU B 52 58.83 -56.15 -24.32
CA LEU B 52 58.57 -56.11 -22.89
C LEU B 52 57.08 -56.30 -22.60
N VAL B 53 56.24 -55.67 -23.41
CA VAL B 53 54.80 -55.65 -23.18
C VAL B 53 54.18 -57.02 -23.42
N LYS B 54 54.63 -57.71 -24.47
CA LYS B 54 54.15 -59.05 -24.83
C LYS B 54 52.61 -59.12 -24.91
N ASP B 55 52.05 -58.17 -25.64
CA ASP B 55 50.61 -58.16 -25.93
C ASP B 55 49.70 -57.98 -24.72
N ARG B 56 50.23 -57.45 -23.61
CA ARG B 56 49.43 -57.20 -22.43
C ARG B 56 48.52 -56.01 -22.64
N PHE B 57 48.98 -55.07 -23.45
CA PHE B 57 48.10 -54.08 -24.09
C PHE B 57 48.65 -53.75 -25.48
N LYS B 58 47.92 -52.94 -26.26
CA LYS B 58 48.33 -52.62 -27.62
C LYS B 58 49.34 -51.49 -27.65
N VAL B 59 50.42 -51.68 -28.38
CA VAL B 59 51.42 -50.61 -28.53
C VAL B 59 51.32 -50.04 -29.94
N LEU B 60 51.03 -48.76 -30.01
CA LEU B 60 50.76 -48.08 -31.28
C LEU B 60 51.64 -46.86 -31.48
N ILE B 61 51.93 -46.57 -32.74
CA ILE B 61 52.62 -45.33 -33.09
C ILE B 61 51.69 -44.45 -33.91
N SER B 62 51.66 -43.17 -33.58
CA SER B 62 50.94 -42.18 -34.37
C SER B 62 51.93 -41.28 -35.12
N ASP B 63 51.61 -40.96 -36.37
CA ASP B 63 52.45 -40.10 -37.20
C ASP B 63 52.30 -38.61 -36.83
N THR B 64 51.20 -38.25 -36.17
CA THR B 64 50.93 -36.87 -35.77
C THR B 64 50.62 -36.77 -34.30
N PHE B 65 50.82 -35.57 -33.74
CA PHE B 65 50.45 -35.29 -32.36
C PHE B 65 48.97 -35.51 -32.12
N GLU B 66 48.13 -34.90 -32.95
CA GLU B 66 46.68 -35.04 -32.80
C GLU B 66 46.24 -36.51 -32.84
N GLY B 67 46.78 -37.30 -33.76
CA GLY B 67 46.47 -38.71 -33.81
C GLY B 67 46.71 -39.44 -32.51
N ALA B 68 47.71 -38.99 -31.76
CA ALA B 68 48.08 -39.65 -30.53
C ALA B 68 47.12 -39.30 -29.41
N VAL B 69 46.77 -38.03 -29.30
CA VAL B 69 45.98 -37.57 -28.16
C VAL B 69 44.47 -37.61 -28.35
N VAL B 70 44.03 -37.74 -29.60
CA VAL B 70 42.60 -37.66 -29.90
C VAL B 70 41.68 -38.56 -29.04
N ASP B 71 42.05 -39.82 -28.82
CA ASP B 71 41.17 -40.62 -27.97
C ASP B 71 41.78 -40.99 -26.62
N ALA B 72 42.68 -40.14 -26.15
CA ALA B 72 43.49 -40.45 -24.98
C ALA B 72 42.82 -39.97 -23.72
N LYS B 73 42.88 -40.78 -22.67
CA LYS B 73 42.44 -40.30 -21.37
C LYS B 73 43.56 -39.60 -20.59
N TYR B 74 44.80 -40.06 -20.82
CA TYR B 74 46.00 -39.47 -20.23
C TYR B 74 46.99 -39.22 -21.33
N VAL B 75 47.68 -38.10 -21.23
CA VAL B 75 48.72 -37.74 -22.17
C VAL B 75 49.97 -37.43 -21.35
N ILE B 76 51.07 -38.12 -21.63
CA ILE B 76 52.32 -37.88 -20.92
C ILE B 76 53.26 -37.08 -21.80
N PHE B 77 53.62 -35.88 -21.33
CA PHE B 77 54.63 -35.05 -21.99
C PHE B 77 55.98 -35.45 -21.45
N GLN B 78 56.86 -35.94 -22.33
CA GLN B 78 58.19 -36.40 -21.91
C GLN B 78 59.22 -36.09 -23.00
N PHE B 79 58.98 -35.02 -23.73
CA PHE B 79 59.84 -34.64 -24.85
C PHE B 79 60.82 -33.60 -24.37
N ARG B 80 61.89 -33.39 -25.13
CA ARG B 80 62.92 -32.41 -24.79
C ARG B 80 63.07 -31.44 -25.97
N PRO B 81 62.41 -30.28 -25.91
CA PRO B 81 62.50 -29.28 -26.97
C PRO B 81 63.94 -28.80 -27.22
N GLY B 82 64.40 -28.97 -28.45
CA GLY B 82 65.76 -28.61 -28.78
C GLY B 82 66.75 -29.72 -28.51
N GLY B 83 66.27 -30.82 -27.92
CA GLY B 83 67.09 -31.99 -27.65
C GLY B 83 68.29 -31.75 -26.73
N LEU B 84 69.29 -32.63 -26.78
CA LEU B 84 70.46 -32.49 -25.94
C LEU B 84 71.37 -31.35 -26.34
N LYS B 85 71.41 -31.03 -27.64
CA LYS B 85 72.12 -29.84 -28.14
C LYS B 85 71.57 -28.58 -27.47
N GLY B 86 70.25 -28.56 -27.26
CA GLY B 86 69.64 -27.45 -26.55
C GLY B 86 70.10 -27.39 -25.11
N ARG B 87 70.08 -28.54 -24.44
CA ARG B 87 70.60 -28.67 -23.09
C ARG B 87 72.06 -28.22 -22.97
N GLU B 88 72.88 -28.58 -23.95
CA GLU B 88 74.28 -28.20 -23.96
C GLU B 88 74.44 -26.69 -24.01
N ASN B 89 73.65 -26.02 -24.85
CA ASN B 89 73.60 -24.57 -24.88
C ASN B 89 73.18 -23.98 -23.55
N ASP B 90 72.15 -24.55 -22.95
CA ASP B 90 71.69 -24.08 -21.67
C ASP B 90 72.76 -24.14 -20.60
N GLU B 91 73.55 -25.19 -20.61
CA GLU B 91 74.54 -25.38 -19.58
C GLU B 91 75.78 -24.56 -19.91
N GLY B 92 76.08 -24.45 -21.20
CA GLY B 92 77.31 -23.87 -21.68
C GLY B 92 77.37 -22.36 -21.73
N ILE B 93 76.30 -21.75 -22.23
CA ILE B 93 76.29 -20.30 -22.50
C ILE B 93 76.48 -19.41 -21.27
N PRO B 94 75.78 -19.68 -20.16
CA PRO B 94 75.86 -18.80 -18.99
C PRO B 94 77.23 -18.84 -18.34
N LEU B 95 77.97 -19.92 -18.56
CA LEU B 95 79.30 -20.09 -17.96
C LEU B 95 80.26 -18.95 -18.27
N LYS B 96 80.29 -18.49 -19.52
CA LYS B 96 81.17 -17.37 -19.88
C LYS B 96 80.91 -16.07 -19.11
N TYR B 97 79.77 -15.95 -18.46
CA TYR B 97 79.42 -14.72 -17.74
C TYR B 97 79.60 -14.87 -16.24
N GLY B 98 80.10 -16.03 -15.83
CA GLY B 98 80.31 -16.35 -14.43
C GLY B 98 79.00 -16.72 -13.74
N LEU B 99 78.11 -17.27 -14.54
CA LEU B 99 76.77 -17.59 -14.11
C LEU B 99 76.60 -19.10 -14.12
N ILE B 100 75.77 -19.61 -13.23
CA ILE B 100 75.49 -21.03 -13.17
C ILE B 100 74.81 -21.53 -14.45
N GLY B 101 75.42 -22.51 -15.09
CA GLY B 101 74.85 -23.15 -16.24
C GLY B 101 74.29 -24.51 -15.86
N GLN B 102 72.97 -24.63 -15.86
CA GLN B 102 72.34 -25.87 -15.44
C GLN B 102 71.00 -26.10 -16.16
N GLU B 103 70.72 -27.35 -16.49
CA GLU B 103 69.54 -27.74 -17.25
C GLU B 103 68.18 -27.12 -16.86
N THR B 104 67.89 -27.01 -15.55
CA THR B 104 66.58 -26.50 -15.08
C THR B 104 66.64 -25.30 -14.14
N THR B 105 67.83 -24.88 -13.75
CA THR B 105 67.99 -23.88 -12.72
C THR B 105 68.74 -22.65 -13.27
N GLY B 106 68.22 -21.47 -12.97
CA GLY B 106 68.85 -20.26 -13.42
C GLY B 106 68.71 -20.02 -14.91
N VAL B 107 69.67 -19.31 -15.49
CA VAL B 107 69.61 -18.91 -16.89
C VAL B 107 69.32 -20.12 -17.78
N GLY B 108 69.88 -21.26 -17.45
CA GLY B 108 69.68 -22.41 -18.30
C GLY B 108 68.25 -22.84 -18.41
N GLY B 109 67.51 -22.79 -17.30
CA GLY B 109 66.09 -23.08 -17.27
C GLY B 109 65.24 -22.03 -17.96
N PHE B 110 65.73 -20.78 -17.97
CA PHE B 110 65.11 -19.67 -18.70
C PHE B 110 65.05 -20.00 -20.19
N SER B 111 66.19 -20.35 -20.77
CA SER B 111 66.21 -20.68 -22.19
C SER B 111 65.44 -21.95 -22.48
N ALA B 112 65.54 -22.95 -21.60
CA ALA B 112 64.73 -24.16 -21.79
C ALA B 112 63.19 -23.85 -21.84
N ALA B 113 62.73 -22.99 -20.94
CA ALA B 113 61.33 -22.60 -20.89
C ALA B 113 60.90 -21.87 -22.19
N LEU B 114 61.70 -20.92 -22.64
CA LEU B 114 61.44 -20.24 -23.90
C LEU B 114 61.32 -21.22 -25.07
N ARG B 115 62.09 -22.29 -25.04
CA ARG B 115 62.03 -23.34 -26.06
C ARG B 115 60.72 -24.16 -25.95
N ALA B 116 60.24 -24.34 -24.73
CA ALA B 116 59.12 -25.23 -24.47
C ALA B 116 57.78 -24.56 -24.78
N PHE B 117 57.59 -23.35 -24.26
CA PHE B 117 56.34 -22.63 -24.33
C PHE B 117 55.58 -22.71 -25.67
N PRO B 118 56.21 -22.43 -26.81
CA PRO B 118 55.48 -22.50 -28.08
C PRO B 118 54.95 -23.91 -28.32
N ILE B 119 55.75 -24.94 -28.02
CA ILE B 119 55.35 -26.30 -28.30
C ILE B 119 54.20 -26.74 -27.40
N VAL B 120 54.31 -26.43 -26.11
CA VAL B 120 53.26 -26.85 -25.19
C VAL B 120 51.97 -26.05 -25.39
N GLU B 121 52.11 -24.78 -25.82
CA GLU B 121 50.92 -24.05 -26.20
C GLU B 121 50.18 -24.78 -27.33
N GLU B 122 50.85 -25.05 -28.44
CA GLU B 122 50.29 -25.86 -29.51
C GLU B 122 49.71 -27.19 -29.02
N TYR B 123 50.48 -27.94 -28.21
CA TYR B 123 50.03 -29.27 -27.80
C TYR B 123 48.82 -29.21 -26.88
N VAL B 124 48.86 -28.28 -25.93
CA VAL B 124 47.77 -28.13 -24.97
C VAL B 124 46.51 -27.71 -25.72
N ASP B 125 46.65 -26.81 -26.67
CA ASP B 125 45.53 -26.41 -27.50
C ASP B 125 44.85 -27.55 -28.23
N THR B 126 45.65 -28.40 -28.87
CA THR B 126 45.15 -29.56 -29.56
C THR B 126 44.46 -30.51 -28.60
N VAL B 127 45.07 -30.76 -27.43
CA VAL B 127 44.46 -31.69 -26.48
C VAL B 127 43.09 -31.15 -26.07
N ARG B 128 43.05 -29.85 -25.80
CA ARG B 128 41.85 -29.14 -25.38
C ARG B 128 40.73 -29.19 -26.44
N LYS B 129 41.07 -29.18 -27.71
CA LYS B 129 40.07 -29.18 -28.74
C LYS B 129 39.66 -30.61 -29.13
N THR B 130 40.29 -31.60 -28.53
CA THR B 130 39.98 -32.96 -28.88
C THR B 130 39.54 -33.76 -27.67
N SER B 131 40.48 -34.46 -27.01
CA SER B 131 40.12 -35.45 -26.01
C SER B 131 39.87 -34.86 -24.63
N ASN B 132 40.30 -33.63 -24.42
CA ASN B 132 40.34 -33.10 -23.07
C ASN B 132 40.96 -34.03 -22.02
N ALA B 133 42.09 -34.62 -22.36
CA ALA B 133 42.74 -35.59 -21.50
C ALA B 133 43.50 -34.91 -20.36
N THR B 134 43.78 -35.67 -19.31
CA THR B 134 44.71 -35.21 -18.27
C THR B 134 46.11 -35.29 -18.83
N ILE B 135 46.85 -34.19 -18.77
CA ILE B 135 48.25 -34.22 -19.15
C ILE B 135 49.16 -34.33 -17.91
N VAL B 136 49.99 -35.34 -17.92
CA VAL B 136 51.02 -35.51 -16.91
C VAL B 136 52.37 -35.12 -17.52
N ASN B 137 53.01 -34.13 -16.91
CA ASN B 137 54.19 -33.49 -17.52
C ASN B 137 55.53 -33.78 -16.86
N PHE B 138 56.48 -34.25 -17.66
CA PHE B 138 57.90 -34.33 -17.26
C PHE B 138 58.81 -33.35 -17.98
N THR B 139 58.40 -32.88 -19.16
CA THR B 139 59.20 -31.92 -19.91
C THR B 139 59.70 -30.79 -19.03
N ASN B 140 61.02 -30.55 -19.06
CA ASN B 140 61.57 -29.50 -18.22
C ASN B 140 61.56 -28.12 -18.89
N PRO B 141 61.41 -27.04 -18.11
CA PRO B 141 61.26 -27.11 -16.66
C PRO B 141 59.82 -27.35 -16.26
N SER B 142 59.60 -28.45 -15.55
CA SER B 142 58.27 -28.96 -15.31
C SER B 142 57.39 -28.01 -14.51
N GLY B 143 57.91 -27.48 -13.42
CA GLY B 143 57.10 -26.61 -12.61
C GLY B 143 56.72 -25.34 -13.32
N HIS B 144 57.69 -24.75 -14.00
CA HIS B 144 57.53 -23.49 -14.71
C HIS B 144 56.50 -23.65 -15.83
N ILE B 145 56.59 -24.78 -16.54
CA ILE B 145 55.63 -25.11 -17.57
C ILE B 145 54.25 -25.23 -16.93
N THR B 146 54.17 -25.88 -15.78
CA THR B 146 52.90 -26.06 -15.08
C THR B 146 52.30 -24.70 -14.72
N GLU B 147 53.15 -23.80 -14.18
CA GLU B 147 52.73 -22.44 -13.93
C GLU B 147 52.08 -21.81 -15.17
N PHE B 148 52.71 -22.06 -16.32
CA PHE B 148 52.30 -21.50 -17.57
C PHE B 148 50.94 -22.05 -18.00
N VAL B 149 50.79 -23.37 -18.02
CA VAL B 149 49.57 -24.01 -18.45
C VAL B 149 48.42 -23.71 -17.48
N ARG B 150 48.67 -23.77 -16.17
CA ARG B 150 47.58 -23.59 -15.20
C ARG B 150 47.06 -22.16 -15.09
N ASN B 151 47.97 -21.19 -15.20
CA ASN B 151 47.62 -19.82 -14.91
C ASN B 151 47.56 -18.90 -16.12
N TYR B 152 48.07 -19.34 -17.27
CA TYR B 152 48.03 -18.49 -18.47
C TYR B 152 47.27 -19.14 -19.60
N LEU B 153 47.50 -20.41 -19.88
CA LEU B 153 46.73 -21.13 -20.90
C LEU B 153 45.40 -21.55 -20.32
N GLU B 154 45.33 -21.50 -19.00
CA GLU B 154 44.17 -21.90 -18.22
C GLU B 154 43.59 -23.29 -18.57
N TYR B 155 44.44 -24.30 -18.62
CA TYR B 155 44.01 -25.69 -18.80
C TYR B 155 44.15 -26.40 -17.46
N GLU B 156 43.04 -26.74 -16.85
CA GLU B 156 43.05 -27.26 -15.49
C GLU B 156 43.70 -28.65 -15.31
N LYS B 157 43.45 -29.57 -16.24
CA LYS B 157 43.97 -30.90 -16.10
C LYS B 157 45.40 -31.04 -16.60
N PHE B 158 46.30 -30.29 -15.96
CA PHE B 158 47.72 -30.35 -16.29
C PHE B 158 48.50 -30.53 -15.02
N ILE B 159 49.08 -31.70 -14.84
CA ILE B 159 49.79 -31.95 -13.59
C ILE B 159 51.27 -32.11 -13.85
N GLY B 160 52.06 -31.25 -13.21
CA GLY B 160 53.50 -31.30 -13.33
C GLY B 160 54.08 -32.32 -12.41
N LEU B 161 55.04 -33.07 -12.92
CA LEU B 161 55.67 -34.13 -12.20
C LEU B 161 57.16 -33.92 -12.17
N CYS B 162 57.81 -34.55 -11.19
CA CYS B 162 59.27 -34.45 -11.02
C CYS B 162 59.73 -35.67 -10.25
N ASN B 163 61.01 -36.01 -10.37
CA ASN B 163 61.52 -37.29 -9.84
C ASN B 163 62.08 -37.20 -8.41
N VAL B 164 62.20 -35.96 -7.90
CA VAL B 164 62.79 -35.78 -6.56
C VAL B 164 61.89 -36.23 -5.39
N PRO B 165 60.60 -35.87 -5.40
CA PRO B 165 59.70 -36.25 -4.31
C PRO B 165 59.71 -37.77 -4.11
N ILE B 166 59.52 -38.54 -5.19
CA ILE B 166 59.53 -40.02 -5.13
C ILE B 166 60.89 -40.58 -4.70
N ASN B 167 61.96 -39.90 -5.12
CA ASN B 167 63.32 -40.36 -4.77
C ASN B 167 63.55 -40.22 -3.28
N PHE B 168 63.10 -39.10 -2.72
CA PHE B 168 63.20 -38.90 -1.29
C PHE B 168 62.35 -39.90 -0.48
N ILE B 169 61.09 -40.05 -0.87
CA ILE B 169 60.16 -40.93 -0.20
C ILE B 169 60.75 -42.36 -0.14
N ARG B 170 61.24 -42.88 -1.28
CA ARG B 170 61.83 -44.24 -1.29
C ARG B 170 63.03 -44.38 -0.36
N GLU B 171 63.85 -43.31 -0.33
CA GLU B 171 64.99 -43.23 0.57
C GLU B 171 64.57 -43.40 2.04
N ILE B 172 63.55 -42.63 2.45
CA ILE B 172 62.99 -42.69 3.80
C ILE B 172 62.36 -44.08 4.11
N ALA B 173 61.61 -44.57 3.12
CA ALA B 173 60.98 -45.89 3.17
C ALA B 173 61.98 -47.00 3.49
N GLU B 174 63.13 -47.03 2.80
CA GLU B 174 64.12 -48.08 3.08
C GLU B 174 64.92 -47.86 4.37
N PHE B 176 63.56 -46.93 7.01
CA PHE B 176 62.62 -47.25 8.07
C PHE B 176 61.87 -48.55 7.86
N SER B 177 62.23 -49.28 6.79
CA SER B 177 61.65 -50.58 6.47
C SER B 177 60.12 -50.51 6.35
N ALA B 178 59.65 -49.56 5.55
CA ALA B 178 58.23 -49.30 5.40
C ALA B 178 57.91 -49.19 3.92
N ARG B 179 56.63 -49.26 3.58
CA ARG B 179 56.18 -49.04 2.20
C ARG B 179 56.19 -47.55 1.83
N LEU B 180 56.10 -47.26 0.55
CA LEU B 180 56.10 -45.88 0.06
C LEU B 180 54.97 -45.07 0.71
N GLU B 181 53.76 -45.65 0.74
CA GLU B 181 52.60 -44.92 1.27
C GLU B 181 52.60 -44.72 2.79
N ASP B 182 53.51 -45.41 3.49
CA ASP B 182 53.69 -45.22 4.92
C ASP B 182 54.45 -43.95 5.25
N VAL B 183 54.94 -43.28 4.21
CA VAL B 183 55.72 -42.05 4.40
C VAL B 183 54.86 -40.87 4.07
N PHE B 184 54.73 -39.95 5.03
CA PHE B 184 53.96 -38.74 4.84
C PHE B 184 54.79 -37.51 5.19
N LEU B 185 54.83 -36.54 4.29
CA LEU B 185 55.72 -35.38 4.41
C LEU B 185 54.99 -34.03 4.51
N LYS B 186 55.58 -33.09 5.24
CA LYS B 186 55.28 -31.68 5.03
C LYS B 186 56.28 -31.14 4.00
N TYR B 187 55.80 -30.90 2.79
CA TYR B 187 56.67 -30.67 1.65
C TYR B 187 56.08 -29.55 0.85
N TYR B 188 56.89 -28.57 0.50
CA TYR B 188 56.43 -27.46 -0.35
C TYR B 188 57.59 -26.78 -1.01
N GLY B 189 57.29 -26.00 -2.04
CA GLY B 189 58.29 -25.26 -2.75
C GLY B 189 57.95 -25.32 -4.21
N LEU B 190 58.90 -24.91 -5.04
CA LEU B 190 58.74 -24.97 -6.48
C LEU B 190 59.47 -26.21 -6.96
N ASN B 191 59.23 -26.61 -8.21
CA ASN B 191 59.94 -27.75 -8.75
C ASN B 191 61.45 -27.44 -8.72
N HIS B 192 62.26 -28.37 -8.22
CA HIS B 192 63.71 -28.16 -8.02
C HIS B 192 64.03 -27.02 -7.04
N LEU B 193 63.08 -26.68 -6.19
CA LEU B 193 63.26 -25.59 -5.25
C LEU B 193 62.37 -25.89 -4.05
N SER B 194 62.56 -27.06 -3.45
CA SER B 194 61.55 -27.59 -2.55
C SER B 194 62.15 -27.87 -1.19
N PHE B 195 61.28 -27.91 -0.18
CA PHE B 195 61.69 -28.01 1.21
C PHE B 195 60.83 -29.02 1.93
N ILE B 196 61.45 -29.75 2.83
CA ILE B 196 60.74 -30.70 3.67
C ILE B 196 60.91 -30.23 5.10
N GLU B 197 59.78 -30.07 5.78
CA GLU B 197 59.75 -29.54 7.12
C GLU B 197 59.46 -30.60 8.15
N LYS B 198 58.70 -31.62 7.77
CA LYS B 198 58.32 -32.67 8.72
C LYS B 198 58.25 -34.01 8.02
N VAL B 199 58.74 -35.05 8.67
CA VAL B 199 58.72 -36.39 8.08
C VAL B 199 57.99 -37.34 9.04
N PHE B 200 57.00 -38.05 8.48
CA PHE B 200 56.21 -39.02 9.22
C PHE B 200 56.31 -40.41 8.56
N VAL B 201 56.58 -41.41 9.39
CA VAL B 201 56.61 -42.79 8.95
C VAL B 201 55.67 -43.63 9.83
N LYS B 202 54.67 -44.25 9.19
CA LYS B 202 53.61 -44.98 9.89
C LYS B 202 52.98 -44.17 11.02
N GLY B 203 52.83 -42.86 10.80
CA GLY B 203 52.21 -41.97 11.76
C GLY B 203 53.14 -41.35 12.76
N GLU B 204 54.33 -41.92 12.92
CA GLU B 204 55.33 -41.39 13.84
C GLU B 204 56.13 -40.22 13.24
N ASP B 205 56.34 -39.19 14.06
CA ASP B 205 57.17 -38.05 13.71
C ASP B 205 58.63 -38.47 13.80
N VAL B 206 59.28 -38.66 12.65
CA VAL B 206 60.67 -39.11 12.61
C VAL B 206 61.64 -38.03 12.08
N THR B 207 61.17 -36.78 12.01
CA THR B 207 61.96 -35.63 11.56
C THR B 207 63.36 -35.57 12.20
N GLU B 208 63.41 -35.58 13.53
CA GLU B 208 64.67 -35.55 14.23
C GLU B 208 65.60 -36.69 13.83
N LYS B 209 65.07 -37.91 13.71
CA LYS B 209 65.87 -39.07 13.31
C LYS B 209 66.38 -38.91 11.88
N VAL B 210 65.60 -38.26 11.03
CA VAL B 210 66.00 -38.03 9.65
C VAL B 210 67.18 -37.06 9.60
N PHE B 211 67.12 -36.00 10.41
CA PHE B 211 68.18 -35.01 10.45
C PHE B 211 69.46 -35.66 10.95
N GLU B 212 69.36 -36.47 12.01
CA GLU B 212 70.54 -37.07 12.61
C GLU B 212 71.21 -38.03 11.64
N ASN B 213 70.41 -38.67 10.79
CA ASN B 213 70.95 -39.67 9.87
C ASN B 213 71.54 -39.00 8.63
N LEU B 214 71.04 -37.81 8.32
CA LEU B 214 71.55 -37.01 7.20
C LEU B 214 73.00 -36.54 7.44
N LYS B 215 73.39 -36.51 8.73
CA LYS B 215 74.72 -36.10 9.18
C LYS B 215 75.76 -37.23 9.03
N LEU B 216 75.36 -38.39 8.56
CA LEU B 216 76.31 -39.50 8.49
C LEU B 216 76.36 -40.07 7.06
N LYS B 217 76.08 -39.21 6.07
CA LYS B 217 76.11 -39.62 4.66
C LYS B 217 77.54 -39.77 4.09
N GLU B 224 80.62 -31.44 -1.14
CA GLU B 224 79.68 -30.67 -1.95
C GLU B 224 78.21 -30.86 -1.50
N ASP B 225 78.06 -31.28 -0.24
CA ASP B 225 76.78 -31.24 0.46
C ASP B 225 76.87 -30.27 1.62
N PHE B 226 75.70 -29.86 2.10
CA PHE B 226 75.56 -28.94 3.24
C PHE B 226 76.19 -29.47 4.49
N PRO B 227 76.76 -28.58 5.29
CA PRO B 227 77.42 -28.98 6.55
C PRO B 227 76.38 -29.26 7.63
N THR B 228 76.80 -29.91 8.71
CA THR B 228 75.92 -30.18 9.84
C THR B 228 75.20 -28.94 10.37
N TRP B 229 75.95 -27.85 10.62
CA TRP B 229 75.38 -26.62 11.20
C TRP B 229 74.23 -26.08 10.35
N PHE B 230 74.29 -26.28 9.04
CA PHE B 230 73.26 -25.78 8.15
C PHE B 230 71.91 -26.39 8.52
N TYR B 231 71.88 -27.69 8.79
CA TYR B 231 70.65 -28.36 9.11
C TYR B 231 70.18 -27.93 10.50
N ASP B 232 71.14 -27.72 11.41
CA ASP B 232 70.83 -27.22 12.76
C ASP B 232 70.15 -25.85 12.74
N SER B 233 70.55 -25.02 11.79
CA SER B 233 70.14 -23.64 11.76
C SER B 233 68.90 -23.43 10.90
N VAL B 234 68.94 -23.93 9.66
CA VAL B 234 67.80 -23.75 8.77
C VAL B 234 66.60 -24.65 9.19
N ARG B 235 66.90 -25.83 9.73
CA ARG B 235 65.88 -26.83 10.13
C ARG B 235 64.92 -27.22 9.03
N LEU B 236 65.40 -27.31 7.80
CA LEU B 236 64.62 -27.83 6.72
C LEU B 236 65.47 -28.82 5.95
N ILE B 237 64.85 -29.86 5.41
CA ILE B 237 65.54 -30.73 4.48
C ILE B 237 65.31 -30.07 3.16
N VAL B 238 66.39 -29.86 2.45
CA VAL B 238 66.43 -28.95 1.33
C VAL B 238 66.76 -29.76 0.08
N ASN B 239 66.07 -29.44 -0.99
CA ASN B 239 66.27 -30.03 -2.29
C ASN B 239 67.71 -29.80 -2.71
N PRO B 240 68.36 -30.80 -3.33
CA PRO B 240 69.79 -30.69 -3.62
C PRO B 240 70.08 -29.54 -4.61
N TYR B 241 69.10 -29.16 -5.42
CA TYR B 241 69.28 -28.04 -6.36
C TYR B 241 69.49 -26.66 -5.68
N LEU B 242 69.08 -26.54 -4.43
CA LEU B 242 69.37 -25.35 -3.63
C LEU B 242 70.85 -25.12 -3.46
N ARG B 243 71.68 -26.14 -3.73
CA ARG B 243 73.12 -25.96 -3.73
C ARG B 243 73.55 -24.88 -4.72
N TYR B 244 72.83 -24.76 -5.83
CA TYR B 244 73.14 -23.75 -6.84
C TYR B 244 72.88 -22.36 -6.35
N TYR B 245 71.92 -22.20 -5.44
CA TYR B 245 71.66 -20.89 -4.84
C TYR B 245 72.57 -20.60 -3.67
N LEU B 246 72.63 -21.55 -2.74
CA LEU B 246 73.28 -21.33 -1.47
C LEU B 246 74.79 -21.58 -1.54
N GLU B 248 76.73 -21.19 -4.61
CA GLU B 248 76.97 -20.80 -5.98
C GLU B 248 78.44 -20.80 -6.39
N LYS B 249 79.30 -20.17 -5.59
CA LYS B 249 80.72 -20.16 -5.88
C LYS B 249 81.23 -21.58 -6.08
N LYS B 250 80.91 -22.45 -5.14
CA LYS B 250 81.32 -23.87 -5.17
C LYS B 250 80.77 -24.58 -6.41
N PHE B 252 79.67 -23.17 -9.24
CA PHE B 252 80.23 -22.60 -10.45
C PHE B 252 81.61 -23.18 -10.79
N LYS B 253 82.45 -23.29 -9.76
CA LYS B 253 83.77 -23.89 -9.87
C LYS B 253 83.70 -25.33 -10.40
N LYS B 254 82.72 -26.08 -9.91
CA LYS B 254 82.54 -27.46 -10.31
C LYS B 254 82.08 -27.57 -11.75
N ILE B 255 80.98 -26.89 -12.09
CA ILE B 255 80.43 -26.97 -13.44
C ILE B 255 81.41 -26.52 -14.51
N SER B 256 82.16 -25.46 -14.22
CA SER B 256 83.01 -24.85 -15.22
C SER B 256 84.35 -25.54 -15.38
N THR B 257 84.68 -26.51 -14.54
CA THR B 257 85.95 -27.23 -14.69
C THR B 257 85.79 -28.71 -15.05
N HIS B 258 84.60 -29.09 -15.48
CA HIS B 258 84.31 -30.44 -15.91
C HIS B 258 83.51 -30.41 -17.21
N GLU B 259 83.57 -31.49 -17.98
CA GLU B 259 82.72 -31.70 -19.12
C GLU B 259 81.27 -31.30 -18.77
N LEU B 260 80.61 -30.57 -19.68
CA LEU B 260 79.21 -30.24 -19.45
C LEU B 260 78.40 -31.52 -19.34
N ARG B 261 77.42 -31.52 -18.44
CA ARG B 261 76.65 -32.72 -18.15
C ARG B 261 75.93 -33.27 -19.38
N ALA B 262 75.39 -32.38 -20.23
CA ALA B 262 74.63 -32.80 -21.42
C ALA B 262 75.46 -33.70 -22.34
N ARG B 263 76.76 -33.45 -22.37
CA ARG B 263 77.67 -34.18 -23.21
C ARG B 263 77.83 -35.59 -22.67
N GLU B 264 77.73 -35.73 -21.35
CA GLU B 264 77.81 -37.03 -20.69
C GLU B 264 76.56 -37.86 -20.99
N VAL B 265 75.40 -37.21 -20.91
CA VAL B 265 74.11 -37.81 -21.19
C VAL B 265 74.06 -38.31 -22.64
N LYS B 267 76.47 -39.44 -24.46
CA LYS B 267 77.19 -40.71 -24.45
C LYS B 267 76.40 -41.84 -23.77
N ILE B 268 75.71 -41.55 -22.69
CA ILE B 268 74.92 -42.57 -22.00
C ILE B 268 73.77 -43.02 -22.88
N GLU B 269 73.07 -42.07 -23.48
CA GLU B 269 71.94 -42.37 -24.34
C GLU B 269 72.32 -43.11 -25.62
N LYS B 270 73.45 -42.77 -26.21
CA LYS B 270 73.93 -43.47 -27.39
C LYS B 270 74.17 -44.93 -27.06
N GLU B 271 74.58 -45.18 -25.81
CA GLU B 271 74.93 -46.50 -25.31
C GLU B 271 73.67 -47.30 -25.06
N LEU B 272 72.68 -46.64 -24.46
CA LEU B 272 71.40 -47.26 -24.18
C LEU B 272 70.66 -47.63 -25.45
N PHE B 273 70.74 -46.75 -26.45
CA PHE B 273 70.09 -47.01 -27.73
C PHE B 273 70.68 -48.19 -28.49
N GLU B 274 71.99 -48.37 -28.44
CA GLU B 274 72.62 -49.55 -29.01
C GLU B 274 72.16 -50.80 -28.26
N LYS B 275 71.97 -50.67 -26.95
CA LYS B 275 71.49 -51.78 -26.13
C LYS B 275 70.05 -52.13 -26.45
N TYR B 276 69.22 -51.10 -26.69
CA TYR B 276 67.79 -51.22 -27.02
C TYR B 276 67.47 -51.95 -28.33
N ARG B 277 68.38 -51.88 -29.29
CA ARG B 277 68.18 -52.61 -30.53
C ARG B 277 68.20 -54.11 -30.29
N THR B 278 68.88 -54.54 -29.23
CA THR B 278 69.10 -55.96 -28.99
C THR B 278 68.40 -56.54 -27.77
N ALA B 279 67.94 -55.69 -26.85
CA ALA B 279 67.48 -56.16 -25.54
C ALA B 279 66.14 -56.88 -25.54
N VAL B 280 65.98 -57.82 -24.61
CA VAL B 280 64.66 -58.43 -24.35
C VAL B 280 64.19 -58.12 -22.93
N GLU B 281 65.02 -57.40 -22.18
CA GLU B 281 64.72 -56.94 -20.82
C GLU B 281 65.51 -55.66 -20.50
N ILE B 282 65.05 -54.89 -19.51
CA ILE B 282 65.62 -53.56 -19.24
C ILE B 282 67.04 -53.63 -18.69
N PRO B 283 67.98 -52.93 -19.33
CA PRO B 283 69.37 -52.95 -18.87
C PRO B 283 69.61 -52.20 -17.56
N GLU B 284 70.59 -52.69 -16.79
CA GLU B 284 70.97 -52.05 -15.53
C GLU B 284 71.29 -50.55 -15.67
N GLU B 285 71.88 -50.16 -16.80
CA GLU B 285 72.30 -48.75 -17.08
C GLU B 285 71.18 -47.68 -17.14
N SER B 292 65.08 -41.70 -13.69
CA SER B 292 64.85 -43.13 -13.93
C SER B 292 63.61 -43.66 -13.18
N TYR B 294 61.24 -41.56 -12.33
CA TYR B 294 60.11 -40.75 -12.80
C TYR B 294 58.97 -41.65 -13.31
N SER B 295 59.34 -42.83 -13.80
CA SER B 295 58.42 -43.80 -14.36
C SER B 295 57.37 -44.18 -13.35
N THR B 296 57.83 -44.60 -12.18
CA THR B 296 56.95 -45.02 -11.09
C THR B 296 55.99 -43.90 -10.74
N ALA B 297 56.50 -42.66 -10.66
CA ALA B 297 55.66 -41.54 -10.34
C ALA B 297 54.53 -41.42 -11.36
N ALA B 298 54.84 -41.53 -12.65
CA ALA B 298 53.81 -41.29 -13.64
C ALA B 298 52.77 -42.38 -13.57
N ALA B 299 53.22 -43.64 -13.52
CA ALA B 299 52.28 -44.76 -13.52
C ALA B 299 51.44 -44.78 -12.27
N HIS B 300 52.04 -44.48 -11.12
CA HIS B 300 51.28 -44.50 -9.88
C HIS B 300 50.24 -43.39 -9.81
N LEU B 301 50.60 -42.24 -10.39
CA LEU B 301 49.70 -41.11 -10.45
C LEU B 301 48.49 -41.48 -11.33
N ILE B 302 48.75 -42.10 -12.47
CA ILE B 302 47.68 -42.46 -13.40
C ILE B 302 46.81 -43.56 -12.77
N ARG B 303 47.45 -44.49 -12.11
CA ARG B 303 46.74 -45.52 -11.36
C ARG B 303 45.73 -44.91 -10.41
N ASP B 304 46.14 -43.85 -9.73
CA ASP B 304 45.38 -43.33 -8.61
C ASP B 304 44.34 -42.29 -9.02
N LEU B 305 44.58 -41.62 -10.14
CA LEU B 305 43.56 -40.90 -10.88
C LEU B 305 42.43 -41.84 -11.39
N GLU B 306 42.78 -43.10 -11.70
CA GLU B 306 41.84 -44.06 -12.26
C GLU B 306 40.93 -44.64 -11.19
N THR B 307 41.50 -45.10 -10.08
CA THR B 307 40.69 -45.71 -9.04
C THR B 307 40.06 -44.69 -8.11
N ASP B 308 39.14 -45.16 -7.25
CA ASP B 308 38.47 -44.31 -6.26
C ASP B 308 39.03 -44.53 -4.85
N GLU B 309 40.19 -45.17 -4.77
CA GLU B 309 40.88 -45.43 -3.52
C GLU B 309 41.24 -44.15 -2.73
N GLY B 310 41.91 -43.18 -3.35
CA GLY B 310 42.34 -41.98 -2.66
C GLY B 310 43.73 -42.14 -2.09
N LYS B 311 44.71 -41.52 -2.72
CA LYS B 311 46.14 -41.68 -2.39
C LYS B 311 46.89 -40.36 -2.48
N ILE B 312 47.96 -40.23 -1.71
CA ILE B 312 48.75 -39.01 -1.63
C ILE B 312 49.86 -39.02 -2.66
N HIS B 313 49.94 -37.98 -3.50
CA HIS B 313 51.09 -37.81 -4.38
C HIS B 313 51.57 -36.39 -4.35
N ILE B 314 52.88 -36.22 -4.37
CA ILE B 314 53.45 -34.88 -4.43
C ILE B 314 53.51 -34.52 -5.90
N VAL B 315 52.78 -33.48 -6.28
CA VAL B 315 52.70 -33.05 -7.67
C VAL B 315 52.77 -31.53 -7.75
N ASN B 316 52.97 -31.01 -8.95
CA ASN B 316 52.97 -29.58 -9.18
C ASN B 316 51.57 -29.13 -9.56
N THR B 317 50.99 -28.22 -8.79
CA THR B 317 49.62 -27.75 -9.01
C THR B 317 49.41 -26.45 -8.25
N ARG B 318 48.26 -25.80 -8.43
CA ARG B 318 47.96 -24.58 -7.67
C ARG B 318 47.94 -24.86 -6.17
N ASN B 319 48.55 -23.95 -5.41
CA ASN B 319 48.57 -23.96 -3.95
C ASN B 319 47.20 -24.23 -3.31
N ASN B 320 46.24 -23.35 -3.58
CA ASN B 320 44.89 -23.46 -3.04
C ASN B 320 44.89 -23.82 -1.57
N GLY B 321 45.64 -23.07 -0.80
CA GLY B 321 45.53 -23.27 0.63
C GLY B 321 46.37 -24.35 1.27
N SER B 322 47.15 -25.06 0.46
CA SER B 322 48.14 -25.98 0.98
C SER B 322 49.10 -25.25 1.92
N ILE B 323 49.70 -24.15 1.44
CA ILE B 323 50.52 -23.29 2.30
C ILE B 323 49.80 -21.95 2.53
N GLU B 324 49.33 -21.71 3.75
CA GLU B 324 48.47 -20.56 3.96
C GLU B 324 49.22 -19.26 3.84
N ASN B 325 50.54 -19.34 3.91
CA ASN B 325 51.50 -18.27 3.86
C ASN B 325 51.64 -17.75 2.42
N LEU B 326 51.08 -18.45 1.43
CA LEU B 326 51.42 -18.21 0.04
C LEU B 326 50.14 -17.99 -0.79
N PRO B 327 50.17 -17.19 -1.86
CA PRO B 327 48.94 -16.96 -2.63
C PRO B 327 48.35 -18.26 -3.19
N ASP B 328 47.03 -18.35 -3.22
CA ASP B 328 46.35 -19.51 -3.79
C ASP B 328 46.82 -19.96 -5.16
N ASP B 329 47.16 -19.03 -6.03
CA ASP B 329 47.44 -19.38 -7.41
C ASP B 329 48.88 -19.76 -7.75
N TYR B 330 49.82 -19.57 -6.82
CA TYR B 330 51.17 -20.06 -7.03
C TYR B 330 51.12 -21.55 -7.32
N VAL B 331 51.71 -21.98 -8.43
CA VAL B 331 51.86 -23.40 -8.66
C VAL B 331 53.00 -23.87 -7.77
N LEU B 332 52.70 -24.83 -6.90
CA LEU B 332 53.73 -25.38 -6.03
C LEU B 332 53.87 -26.87 -6.20
N GLU B 333 54.97 -27.41 -5.72
CA GLU B 333 55.13 -28.84 -5.63
C GLU B 333 54.71 -29.24 -4.22
N ILE B 334 53.58 -29.93 -4.11
CA ILE B 334 52.96 -30.20 -2.80
C ILE B 334 52.23 -31.55 -2.81
N PRO B 335 52.06 -32.15 -1.62
CA PRO B 335 51.26 -33.38 -1.47
C PRO B 335 49.77 -33.14 -1.74
N CYS B 336 49.15 -33.98 -2.58
CA CYS B 336 47.73 -33.89 -2.84
C CYS B 336 47.02 -35.22 -2.65
N TYR B 337 45.71 -35.14 -2.41
CA TYR B 337 44.88 -36.33 -2.32
C TYR B 337 44.36 -36.54 -3.72
N VAL B 338 44.62 -37.73 -4.25
CA VAL B 338 44.33 -38.02 -5.64
C VAL B 338 43.26 -39.11 -5.71
N ARG B 339 42.23 -38.88 -6.51
CA ARG B 339 41.09 -39.79 -6.49
C ARG B 339 40.13 -39.53 -7.64
N SER B 340 39.84 -40.56 -8.42
CA SER B 340 38.82 -40.50 -9.48
C SER B 340 38.94 -39.24 -10.34
N GLY B 341 40.11 -39.00 -10.94
CA GLY B 341 40.25 -37.94 -11.91
C GLY B 341 40.53 -36.60 -11.32
N ARG B 342 40.51 -36.50 -10.00
CA ARG B 342 40.65 -35.22 -9.33
C ARG B 342 41.85 -35.18 -8.38
N VAL B 343 42.39 -33.98 -8.21
CA VAL B 343 43.58 -33.74 -7.39
C VAL B 343 43.19 -32.71 -6.34
N HIS B 344 43.08 -33.10 -5.08
CA HIS B 344 42.81 -32.12 -4.03
C HIS B 344 44.04 -31.78 -3.22
N THR B 345 44.28 -30.50 -2.99
CA THR B 345 45.37 -30.14 -2.10
C THR B 345 45.00 -30.30 -0.62
N LEU B 346 46.01 -30.50 0.22
CA LEU B 346 45.88 -30.73 1.66
C LEU B 346 46.42 -29.56 2.46
N SER B 347 45.76 -29.26 3.56
CA SER B 347 46.26 -28.31 4.56
C SER B 347 47.66 -28.68 4.99
N GLN B 348 48.55 -27.71 5.05
CA GLN B 348 49.85 -27.96 5.62
C GLN B 348 50.23 -26.92 6.65
N GLY B 349 49.51 -25.81 6.75
CA GLY B 349 49.89 -24.71 7.62
C GLY B 349 50.81 -23.74 6.94
N LYS B 350 51.71 -23.13 7.69
CA LYS B 350 52.56 -22.05 7.19
C LYS B 350 53.85 -22.58 6.67
N GLY B 351 54.37 -21.93 5.63
CA GLY B 351 55.71 -22.19 5.18
C GLY B 351 56.75 -21.33 5.88
N ASP B 352 57.96 -21.85 5.99
CA ASP B 352 59.07 -21.17 6.59
C ASP B 352 59.49 -19.89 5.82
N HIS B 353 59.86 -18.84 6.55
CA HIS B 353 60.28 -17.60 5.91
C HIS B 353 61.47 -17.80 4.98
N PHE B 354 62.40 -18.67 5.37
CA PHE B 354 63.60 -18.96 4.57
C PHE B 354 63.20 -19.60 3.25
N ALA B 355 62.28 -20.58 3.29
CA ALA B 355 61.77 -21.22 2.08
C ALA B 355 61.08 -20.21 1.19
N LEU B 356 60.24 -19.37 1.79
CA LEU B 356 59.40 -18.43 1.05
C LEU B 356 60.26 -17.41 0.29
N SER B 357 61.41 -17.04 0.84
CA SER B 357 62.22 -16.07 0.12
C SER B 357 62.62 -16.62 -1.24
N PHE B 358 62.99 -17.90 -1.29
CA PHE B 358 63.28 -18.51 -2.60
C PHE B 358 62.01 -18.66 -3.43
N ILE B 359 60.96 -19.21 -2.83
CA ILE B 359 59.72 -19.44 -3.58
C ILE B 359 59.16 -18.16 -4.25
N HIS B 360 59.06 -17.06 -3.49
CA HIS B 360 58.61 -15.79 -4.04
C HIS B 360 59.51 -15.25 -5.15
N ALA B 361 60.80 -15.25 -4.91
CA ALA B 361 61.75 -14.66 -5.86
C ALA B 361 61.61 -15.28 -7.25
N VAL B 362 61.68 -16.63 -7.31
CA VAL B 362 61.69 -17.28 -8.61
C VAL B 362 60.29 -17.46 -9.21
N LYS B 363 59.27 -17.45 -8.36
CA LYS B 363 57.92 -17.36 -8.87
C LYS B 363 57.70 -16.05 -9.65
N TYR B 365 60.13 -14.37 -11.13
CA TYR B 365 60.92 -14.65 -12.32
C TYR B 365 60.12 -15.54 -13.32
N GLU B 366 59.43 -16.55 -12.80
CA GLU B 366 58.65 -17.46 -13.63
C GLU B 366 57.60 -16.73 -14.44
N ARG B 367 56.84 -15.86 -13.78
CA ARG B 367 55.77 -15.12 -14.43
C ARG B 367 56.33 -14.04 -15.33
N LEU B 368 57.42 -13.39 -14.94
CA LEU B 368 58.05 -12.40 -15.82
C LEU B 368 58.46 -13.05 -17.12
N THR B 369 58.98 -14.28 -17.04
CA THR B 369 59.41 -15.02 -18.22
C THR B 369 58.27 -15.38 -19.13
N ILE B 370 57.18 -15.90 -18.56
CA ILE B 370 55.97 -16.18 -19.31
C ILE B 370 55.44 -14.90 -20.02
N GLU B 371 55.38 -13.78 -19.28
CA GLU B 371 54.89 -12.55 -19.84
C GLU B 371 55.72 -12.10 -21.04
N ALA B 372 57.05 -12.25 -20.93
CA ALA B 372 57.96 -11.92 -22.02
C ALA B 372 57.63 -12.78 -23.21
N TYR B 373 57.42 -14.08 -22.99
CA TYR B 373 57.07 -14.96 -24.10
C TYR B 373 55.73 -14.61 -24.74
N LEU B 374 54.69 -14.42 -23.94
CA LEU B 374 53.37 -14.13 -24.48
C LEU B 374 53.34 -12.87 -25.30
N LYS B 375 54.13 -11.87 -24.94
CA LYS B 375 54.17 -10.63 -25.70
C LYS B 375 55.30 -10.66 -26.70
N ARG B 376 56.00 -11.79 -26.76
CA ARG B 376 57.17 -11.95 -27.61
C ARG B 376 58.15 -10.77 -27.60
N SER B 377 58.55 -10.37 -26.38
CA SER B 377 59.23 -9.12 -26.15
C SER B 377 60.65 -9.38 -25.65
N LYS B 378 61.63 -8.89 -26.39
CA LYS B 378 63.02 -8.85 -25.91
C LYS B 378 63.19 -7.99 -24.66
N LYS B 379 62.60 -6.80 -24.64
CA LYS B 379 62.63 -5.92 -23.48
C LYS B 379 62.13 -6.65 -22.22
N LEU B 380 61.01 -7.33 -22.34
CA LEU B 380 60.45 -8.03 -21.20
C LEU B 380 61.28 -9.25 -20.79
N ALA B 381 61.97 -9.87 -21.75
CA ALA B 381 62.91 -10.96 -21.49
C ALA B 381 64.13 -10.53 -20.67
N LEU B 382 64.70 -9.37 -20.98
CA LEU B 382 65.74 -8.75 -20.17
C LEU B 382 65.26 -8.55 -18.72
N LYS B 383 64.06 -8.02 -18.59
CA LYS B 383 63.44 -7.84 -17.28
C LYS B 383 63.41 -9.19 -16.52
N ALA B 384 63.00 -10.23 -17.24
CA ALA B 384 62.83 -11.50 -16.61
C ALA B 384 64.22 -12.04 -16.18
N LEU B 385 65.17 -12.00 -17.11
CA LEU B 385 66.53 -12.42 -16.86
C LEU B 385 67.15 -11.69 -15.67
N LEU B 386 66.96 -10.38 -15.55
CA LEU B 386 67.42 -9.62 -14.39
C LEU B 386 66.79 -10.04 -13.07
N SER B 387 65.63 -10.64 -13.13
CA SER B 387 64.92 -10.90 -11.90
C SER B 387 65.30 -12.22 -11.23
N HIS B 388 66.01 -13.10 -11.95
CA HIS B 388 66.40 -14.38 -11.39
C HIS B 388 67.54 -14.25 -10.39
N PRO B 389 67.38 -14.81 -9.18
CA PRO B 389 68.47 -14.76 -8.20
C PRO B 389 69.82 -15.23 -8.78
N LEU B 390 69.81 -16.05 -9.80
CA LEU B 390 71.05 -16.53 -10.39
C LEU B 390 71.30 -15.94 -11.76
N GLY B 391 70.60 -14.84 -12.07
CA GLY B 391 70.70 -14.20 -13.36
C GLY B 391 71.87 -13.24 -13.50
N PRO B 392 71.98 -12.61 -14.66
CA PRO B 392 73.06 -11.66 -14.91
C PRO B 392 72.92 -10.34 -14.19
N ASP B 393 74.06 -9.71 -13.89
CA ASP B 393 74.14 -8.30 -13.58
C ASP B 393 73.80 -7.51 -14.83
N VAL B 394 73.36 -6.27 -14.63
CA VAL B 394 72.98 -5.38 -15.71
C VAL B 394 74.05 -5.32 -16.79
N GLU B 395 75.34 -5.31 -16.43
CA GLU B 395 76.40 -5.21 -17.45
C GLU B 395 76.48 -6.41 -18.40
N ASP B 396 75.90 -7.54 -18.03
CA ASP B 396 76.01 -8.76 -18.83
C ASP B 396 74.68 -9.22 -19.46
N ALA B 397 73.57 -8.66 -18.99
CA ALA B 397 72.25 -9.07 -19.41
C ALA B 397 72.03 -9.03 -20.91
N LYS B 398 72.33 -7.90 -21.54
CA LYS B 398 72.03 -7.70 -22.95
C LYS B 398 72.80 -8.66 -23.84
N ASP B 399 74.10 -8.80 -23.60
CA ASP B 399 74.92 -9.76 -24.30
C ASP B 399 74.44 -11.21 -24.09
N LEU B 400 74.15 -11.58 -22.83
CA LEU B 400 73.69 -12.92 -22.56
C LEU B 400 72.37 -13.26 -23.27
N LEU B 401 71.36 -12.41 -23.17
CA LEU B 401 70.13 -12.64 -23.92
C LEU B 401 70.34 -12.74 -25.44
N GLU B 402 71.15 -11.86 -26.02
CA GLU B 402 71.46 -11.97 -27.47
C GLU B 402 72.07 -13.33 -27.83
N GLU B 403 72.92 -13.86 -26.97
CA GLU B 403 73.51 -15.18 -27.16
C GLU B 403 72.46 -16.29 -27.04
N ILE B 404 71.60 -16.19 -26.03
CA ILE B 404 70.51 -17.17 -25.87
C ILE B 404 69.57 -17.23 -27.09
N LEU B 405 69.12 -16.07 -27.54
CA LEU B 405 68.20 -15.94 -28.67
C LEU B 405 68.82 -16.38 -30.00
N GLU B 406 70.10 -16.11 -30.24
CA GLU B 406 70.74 -16.67 -31.45
C GLU B 406 70.74 -18.18 -31.38
N ALA B 407 71.14 -18.73 -30.25
CA ALA B 407 71.27 -20.18 -30.11
C ALA B 407 69.92 -20.84 -30.29
N ASN B 408 68.88 -20.18 -29.83
CA ASN B 408 67.52 -20.73 -29.89
C ASN B 408 66.64 -20.23 -31.03
N ARG B 409 67.29 -19.65 -32.05
CA ARG B 409 66.69 -19.12 -33.27
C ARG B 409 65.51 -19.91 -33.80
N GLU B 410 65.70 -21.22 -33.88
CA GLU B 410 64.73 -22.12 -34.48
C GLU B 410 63.54 -22.44 -33.61
N TYR B 411 63.56 -21.99 -32.38
CA TYR B 411 62.54 -22.43 -31.45
C TYR B 411 61.71 -21.27 -30.96
N VAL B 412 62.30 -20.08 -30.90
CA VAL B 412 61.59 -18.92 -30.40
C VAL B 412 62.12 -17.68 -31.07
N LYS B 413 61.20 -16.75 -31.35
CA LYS B 413 61.54 -15.47 -31.94
C LYS B 413 61.01 -14.36 -31.06
N LEU B 414 61.90 -13.51 -30.54
CA LEU B 414 61.47 -12.41 -29.70
C LEU B 414 61.76 -11.07 -30.41
N GLY B 415 60.79 -10.17 -30.35
CA GLY B 415 60.81 -8.93 -31.10
C GLY B 415 61.30 -7.71 -30.36
N ARG C 2 43.35 -44.69 26.40
CA ARG C 2 42.12 -44.45 27.15
C ARG C 2 41.20 -43.38 26.50
N ILE C 3 39.90 -43.67 26.43
CA ILE C 3 38.90 -42.71 25.93
C ILE C 3 38.03 -42.26 27.10
N ALA C 4 37.88 -40.95 27.27
CA ALA C 4 36.99 -40.39 28.26
C ALA C 4 35.67 -39.99 27.58
N VAL C 5 34.54 -40.26 28.25
CA VAL C 5 33.23 -39.91 27.70
C VAL C 5 32.58 -38.97 28.69
N ILE C 6 32.42 -37.70 28.32
CA ILE C 6 31.85 -36.72 29.23
C ILE C 6 30.34 -36.57 28.97
N GLY C 7 29.53 -36.90 29.98
CA GLY C 7 28.08 -37.01 29.82
C GLY C 7 27.67 -38.47 29.69
N GLY C 8 28.27 -39.33 30.52
CA GLY C 8 28.01 -40.77 30.45
C GLY C 8 26.55 -41.17 30.51
N GLY C 9 25.76 -40.41 31.29
CA GLY C 9 24.34 -40.67 31.39
C GLY C 9 23.49 -40.39 30.15
N SER C 10 24.12 -40.00 29.04
CA SER C 10 23.33 -39.68 27.85
C SER C 10 22.67 -40.97 27.39
N SER C 11 21.42 -40.89 26.95
CA SER C 11 20.73 -42.07 26.43
C SER C 11 21.34 -42.55 25.11
N TYR C 12 22.29 -41.80 24.58
CA TYR C 12 23.01 -42.21 23.38
C TYR C 12 24.21 -43.10 23.70
N THR C 13 24.67 -43.06 24.95
CA THR C 13 25.85 -43.82 25.36
C THR C 13 25.94 -45.28 24.85
N PRO C 14 24.91 -46.11 25.07
CA PRO C 14 24.94 -47.46 24.50
C PRO C 14 25.40 -47.49 23.05
N GLU C 15 24.82 -46.65 22.18
CA GLU C 15 25.21 -46.65 20.77
C GLU C 15 26.68 -46.27 20.56
N LEU C 16 27.12 -45.25 21.29
CA LEU C 16 28.51 -44.84 21.24
C LEU C 16 29.38 -46.07 21.55
N VAL C 17 29.08 -46.74 22.65
CA VAL C 17 29.82 -47.93 23.07
C VAL C 17 29.80 -49.04 22.02
N LYS C 18 28.65 -49.30 21.43
CA LYS C 18 28.60 -50.27 20.34
C LYS C 18 29.65 -49.88 19.29
N GLY C 19 29.68 -48.59 18.93
CA GLY C 19 30.63 -48.07 17.96
C GLY C 19 32.08 -48.34 18.37
N LEU C 20 32.41 -48.02 19.61
CA LEU C 20 33.75 -48.28 20.13
C LEU C 20 34.08 -49.77 20.13
N LEU C 21 33.10 -50.62 20.42
CA LEU C 21 33.36 -52.05 20.30
C LEU C 21 33.61 -52.43 18.83
N ASP C 22 32.86 -51.90 17.87
CA ASP C 22 33.08 -52.27 16.48
C ASP C 22 34.51 -51.95 16.01
N ILE C 23 35.06 -50.83 16.47
CA ILE C 23 36.40 -50.41 16.02
C ILE C 23 37.54 -50.96 16.89
N SER C 24 37.18 -51.56 18.03
CA SER C 24 38.19 -52.12 18.94
C SER C 24 38.90 -53.35 18.38
N GLU C 25 38.50 -53.76 17.19
CA GLU C 25 39.22 -54.83 16.49
C GLU C 25 40.32 -54.30 15.57
N ASP C 26 40.17 -53.07 15.08
CA ASP C 26 41.18 -52.47 14.22
C ASP C 26 42.13 -51.55 14.99
N VAL C 27 41.69 -51.06 16.15
CA VAL C 27 42.53 -50.24 17.02
C VAL C 27 42.42 -50.66 18.46
N ARG C 28 43.49 -50.43 19.21
CA ARG C 28 43.57 -50.88 20.60
C ARG C 28 42.91 -49.85 21.53
N ILE C 29 41.95 -50.32 22.35
CA ILE C 29 41.35 -49.50 23.40
C ILE C 29 41.45 -50.30 24.69
N ASP C 30 42.10 -49.71 25.69
CA ASP C 30 42.29 -50.39 26.96
C ASP C 30 41.15 -50.11 27.92
N GLU C 31 40.67 -48.87 27.93
CA GLU C 31 39.65 -48.43 28.88
C GLU C 31 38.84 -47.25 28.39
N VAL C 32 37.55 -47.30 28.65
CA VAL C 32 36.65 -46.18 28.44
C VAL C 32 36.17 -45.71 29.82
N ILE C 33 36.39 -44.45 30.12
CA ILE C 33 36.05 -43.85 31.41
C ILE C 33 34.92 -42.82 31.25
N PHE C 34 33.93 -42.91 32.13
CA PHE C 34 32.74 -42.09 32.01
C PHE C 34 32.62 -41.07 33.12
N TYR C 35 32.07 -39.92 32.77
CA TYR C 35 31.79 -38.86 33.72
C TYR C 35 30.45 -38.19 33.42
N ASP C 36 29.68 -37.92 34.48
CA ASP C 36 28.42 -37.17 34.39
C ASP C 36 28.17 -36.44 35.71
N ILE C 37 27.53 -35.27 35.62
CA ILE C 37 27.10 -34.57 36.83
C ILE C 37 25.91 -35.24 37.51
N ASP C 38 25.27 -36.19 36.82
CA ASP C 38 24.18 -36.97 37.41
C ASP C 38 24.60 -38.41 37.61
N GLU C 39 25.21 -38.66 38.76
CA GLU C 39 25.80 -39.96 39.08
C GLU C 39 24.78 -41.10 38.93
N GLU C 40 23.54 -40.84 39.34
CA GLU C 40 22.47 -41.84 39.34
C GLU C 40 22.08 -42.27 37.94
N LYS C 41 21.88 -41.28 37.08
CA LYS C 41 21.55 -41.52 35.68
C LYS C 41 22.64 -42.38 35.02
N GLN C 42 23.89 -41.97 35.19
CA GLN C 42 25.07 -42.65 34.66
C GLN C 42 25.20 -44.11 35.12
N LYS C 43 24.98 -44.37 36.41
CA LYS C 43 25.06 -45.72 36.94
C LYS C 43 24.21 -46.71 36.16
N ILE C 44 23.00 -46.31 35.80
CA ILE C 44 22.09 -47.20 35.09
C ILE C 44 22.57 -47.48 33.67
N VAL C 45 23.01 -46.42 33.00
CA VAL C 45 23.57 -46.51 31.63
C VAL C 45 24.85 -47.35 31.61
N VAL C 46 25.80 -47.01 32.47
CA VAL C 46 27.08 -47.68 32.47
C VAL C 46 26.97 -49.15 32.91
N ASP C 47 26.01 -49.46 33.78
CA ASP C 47 25.67 -50.84 34.13
C ASP C 47 25.25 -51.62 32.89
N PHE C 48 24.51 -50.96 32.01
CA PHE C 48 24.04 -51.55 30.77
C PHE C 48 25.22 -51.73 29.82
N VAL C 49 26.05 -50.70 29.75
CA VAL C 49 27.29 -50.69 28.98
C VAL C 49 28.17 -51.92 29.30
N LYS C 50 28.36 -52.18 30.59
CA LYS C 50 29.20 -53.28 31.06
C LYS C 50 28.72 -54.63 30.51
N ARG C 51 27.41 -54.79 30.39
CA ARG C 51 26.80 -56.02 29.87
C ARG C 51 27.02 -56.16 28.36
N LEU C 52 27.11 -55.03 27.66
CA LEU C 52 27.40 -55.03 26.22
C LEU C 52 28.86 -55.29 25.93
N VAL C 53 29.73 -54.61 26.69
CA VAL C 53 31.18 -54.66 26.49
C VAL C 53 31.76 -56.07 26.73
N LYS C 54 31.31 -56.73 27.79
CA LYS C 54 31.73 -58.10 28.05
C LYS C 54 33.26 -58.18 28.19
N ASP C 55 33.84 -57.25 28.95
CA ASP C 55 35.27 -57.26 29.28
C ASP C 55 36.22 -57.13 28.09
N ARG C 56 35.69 -56.65 26.96
CA ARG C 56 36.49 -56.36 25.76
C ARG C 56 37.44 -55.19 25.99
N PHE C 57 36.98 -54.21 26.78
CA PHE C 57 37.88 -53.23 27.39
C PHE C 57 37.35 -52.91 28.78
N LYS C 58 38.11 -52.18 29.59
CA LYS C 58 37.64 -51.82 30.94
C LYS C 58 36.73 -50.59 30.92
N VAL C 59 35.62 -50.70 31.62
CA VAL C 59 34.66 -49.62 31.74
C VAL C 59 34.78 -49.03 33.14
N LEU C 60 35.12 -47.74 33.20
CA LEU C 60 35.39 -47.07 34.46
C LEU C 60 34.56 -45.82 34.64
N ILE C 61 34.26 -45.48 35.89
CA ILE C 61 33.59 -44.22 36.23
C ILE C 61 34.53 -43.33 37.02
N SER C 62 34.54 -42.05 36.66
CA SER C 62 35.31 -41.07 37.41
C SER C 62 34.36 -40.13 38.13
N ASP C 63 34.72 -39.80 39.36
CA ASP C 63 33.92 -38.89 40.17
C ASP C 63 34.09 -37.43 39.76
N THR C 64 35.21 -37.14 39.11
CA THR C 64 35.55 -35.78 38.73
C THR C 64 35.81 -35.68 37.22
N PHE C 65 35.63 -34.50 36.65
CA PHE C 65 35.98 -34.28 35.25
C PHE C 65 37.47 -34.55 35.03
N GLU C 66 38.30 -33.95 35.87
CA GLU C 66 39.75 -34.09 35.78
C GLU C 66 40.19 -35.56 35.77
N GLY C 67 39.65 -36.35 36.72
CA GLY C 67 39.90 -37.78 36.80
C GLY C 67 39.61 -38.57 35.54
N ALA C 68 38.62 -38.12 34.77
CA ALA C 68 38.27 -38.78 33.52
C ALA C 68 39.25 -38.45 32.40
N VAL C 69 39.61 -37.18 32.27
CA VAL C 69 40.41 -36.72 31.12
C VAL C 69 41.93 -36.82 31.30
N VAL C 70 42.36 -37.00 32.55
CA VAL C 70 43.78 -36.94 32.93
C VAL C 70 44.69 -37.83 32.08
N ASP C 71 44.25 -39.07 31.84
CA ASP C 71 45.03 -40.02 31.08
C ASP C 71 44.48 -40.33 29.69
N ALA C 72 43.60 -39.48 29.19
CA ALA C 72 42.86 -39.84 27.98
C ALA C 72 43.60 -39.38 26.75
N LYS C 73 43.50 -40.15 25.68
CA LYS C 73 43.97 -39.69 24.37
C LYS C 73 42.83 -39.00 23.59
N TYR C 74 41.59 -39.42 23.87
CA TYR C 74 40.37 -38.89 23.25
C TYR C 74 39.37 -38.56 24.34
N VAL C 75 38.74 -37.39 24.24
CA VAL C 75 37.68 -36.99 25.16
C VAL C 75 36.44 -36.63 24.33
N ILE C 76 35.33 -37.29 24.63
CA ILE C 76 34.10 -37.04 23.91
C ILE C 76 33.16 -36.17 24.73
N PHE C 77 32.85 -34.98 24.21
CA PHE C 77 31.86 -34.10 24.84
C PHE C 77 30.48 -34.48 24.32
N GLN C 78 29.60 -34.86 25.24
CA GLN C 78 28.37 -35.56 24.95
C GLN C 78 27.28 -35.09 25.91
N PHE C 79 27.54 -33.99 26.60
CA PHE C 79 26.65 -33.52 27.67
C PHE C 79 25.72 -32.44 27.14
N ARG C 80 24.67 -32.16 27.92
CA ARG C 80 23.65 -31.20 27.54
C ARG C 80 23.49 -30.20 28.68
N PRO C 81 24.22 -29.09 28.61
CA PRO C 81 24.13 -28.03 29.63
C PRO C 81 22.70 -27.55 29.88
N GLY C 82 22.22 -27.68 31.11
CA GLY C 82 20.88 -27.25 31.47
C GLY C 82 19.86 -28.34 31.23
N GLY C 83 20.30 -29.43 30.60
CA GLY C 83 19.46 -30.60 30.40
C GLY C 83 18.28 -30.33 29.49
N LEU C 84 17.25 -31.16 29.63
CA LEU C 84 16.08 -31.09 28.76
C LEU C 84 15.19 -29.91 29.11
N LYS C 85 15.14 -29.54 30.38
CA LYS C 85 14.43 -28.30 30.74
C LYS C 85 15.07 -27.07 30.08
N GLY C 86 16.40 -27.08 29.91
CA GLY C 86 17.08 -26.04 29.17
C GLY C 86 16.63 -25.99 27.71
N ARG C 87 16.64 -27.14 27.05
CA ARG C 87 16.13 -27.29 25.70
C ARG C 87 14.68 -26.80 25.57
N GLU C 88 13.86 -27.14 26.56
CA GLU C 88 12.46 -26.73 26.60
C GLU C 88 12.32 -25.21 26.60
N ASN C 89 13.11 -24.53 27.43
CA ASN C 89 13.16 -23.08 27.43
C ASN C 89 13.56 -22.53 26.08
N ASP C 90 14.61 -23.09 25.51
CA ASP C 90 15.10 -22.68 24.20
C ASP C 90 14.04 -22.77 23.14
N GLU C 91 13.28 -23.87 23.15
CA GLU C 91 12.25 -24.08 22.16
C GLU C 91 11.00 -23.23 22.47
N GLY C 92 10.70 -23.06 23.74
CA GLY C 92 9.46 -22.42 24.14
C GLY C 92 9.43 -20.90 24.18
N ILE C 93 10.49 -20.29 24.69
CA ILE C 93 10.50 -18.83 24.90
C ILE C 93 10.39 -18.00 23.63
N PRO C 94 11.14 -18.29 22.56
CA PRO C 94 11.06 -17.47 21.35
C PRO C 94 9.68 -17.47 20.72
N LEU C 95 8.94 -18.54 20.94
CA LEU C 95 7.62 -18.71 20.36
C LEU C 95 6.67 -17.54 20.62
N LYS C 96 6.65 -17.01 21.84
CA LYS C 96 5.76 -15.87 22.14
C LYS C 96 6.07 -14.57 21.39
N TYR C 97 7.23 -14.50 20.77
CA TYR C 97 7.62 -13.31 20.00
C TYR C 97 7.42 -13.49 18.49
N GLY C 98 6.92 -14.66 18.09
CA GLY C 98 6.72 -14.96 16.68
C GLY C 98 8.03 -15.40 16.06
N LEU C 99 8.93 -15.88 16.90
CA LEU C 99 10.25 -16.34 16.49
C LEU C 99 10.33 -17.86 16.52
N ILE C 100 11.17 -18.43 15.65
CA ILE C 100 11.43 -19.86 15.59
C ILE C 100 12.05 -20.30 16.90
N GLY C 101 11.44 -21.29 17.54
CA GLY C 101 11.97 -21.88 18.75
C GLY C 101 12.50 -23.27 18.43
N GLN C 102 13.82 -23.41 18.39
CA GLN C 102 14.44 -24.68 18.03
C GLN C 102 15.75 -24.93 18.81
N GLU C 103 15.97 -26.18 19.21
CA GLU C 103 17.18 -26.61 19.93
C GLU C 103 18.51 -25.96 19.50
N THR C 104 18.81 -25.88 18.19
CA THR C 104 20.14 -25.42 17.76
C THR C 104 20.13 -24.31 16.72
N THR C 105 18.95 -23.82 16.36
CA THR C 105 18.79 -22.91 15.25
C THR C 105 18.10 -21.64 15.72
N GLY C 106 18.71 -20.50 15.47
CA GLY C 106 18.12 -19.21 15.84
C GLY C 106 18.25 -18.95 17.31
N VAL C 107 17.31 -18.20 17.86
CA VAL C 107 17.36 -17.76 19.23
C VAL C 107 17.54 -18.90 20.23
N GLY C 108 16.93 -20.05 19.97
CA GLY C 108 17.12 -21.25 20.78
C GLY C 108 18.58 -21.70 20.90
N GLY C 109 19.31 -21.65 19.79
CA GLY C 109 20.73 -21.97 19.77
C GLY C 109 21.60 -20.94 20.45
N PHE C 110 21.13 -19.70 20.49
CA PHE C 110 21.82 -18.61 21.16
C PHE C 110 21.88 -18.89 22.66
N SER C 111 20.73 -19.18 23.27
CA SER C 111 20.70 -19.46 24.69
C SER C 111 21.39 -20.78 24.99
N ALA C 112 21.26 -21.77 24.11
CA ALA C 112 22.03 -23.00 24.28
C ALA C 112 23.53 -22.73 24.33
N ALA C 113 24.00 -21.84 23.46
CA ALA C 113 25.42 -21.48 23.38
C ALA C 113 25.89 -20.79 24.66
N LEU C 114 25.14 -19.80 25.13
CA LEU C 114 25.53 -19.10 26.34
C LEU C 114 25.55 -20.04 27.55
N ARG C 115 24.72 -21.08 27.53
CA ARG C 115 24.74 -22.07 28.59
C ARG C 115 25.99 -22.95 28.49
N ALA C 116 26.48 -23.12 27.27
CA ALA C 116 27.55 -24.07 26.99
C ALA C 116 28.91 -23.50 27.32
N PHE C 117 29.16 -22.26 26.85
CA PHE C 117 30.52 -21.68 26.88
C PHE C 117 31.24 -21.76 28.21
N PRO C 118 30.58 -21.40 29.32
CA PRO C 118 31.23 -21.46 30.65
C PRO C 118 31.78 -22.84 30.92
N ILE C 119 30.97 -23.86 30.64
CA ILE C 119 31.33 -25.23 30.91
C ILE C 119 32.45 -25.67 29.98
N VAL C 120 32.35 -25.38 28.70
CA VAL C 120 33.38 -25.87 27.81
C VAL C 120 34.68 -25.15 28.07
N GLU C 121 34.62 -23.87 28.43
CA GLU C 121 35.82 -23.13 28.83
C GLU C 121 36.56 -23.85 29.95
N GLU C 122 35.84 -24.16 31.03
CA GLU C 122 36.38 -24.89 32.16
C GLU C 122 36.96 -26.25 31.73
N TYR C 123 36.19 -26.99 30.94
CA TYR C 123 36.58 -28.34 30.53
C TYR C 123 37.79 -28.35 29.62
N VAL C 124 37.79 -27.47 28.62
CA VAL C 124 38.91 -27.35 27.69
C VAL C 124 40.17 -26.96 28.42
N ASP C 125 40.04 -26.00 29.34
CA ASP C 125 41.16 -25.57 30.16
C ASP C 125 41.80 -26.73 30.97
N THR C 126 40.96 -27.56 31.58
CA THR C 126 41.44 -28.71 32.33
C THR C 126 42.09 -29.76 31.43
N VAL C 127 41.50 -30.01 30.26
CA VAL C 127 42.05 -30.97 29.32
C VAL C 127 43.44 -30.49 28.90
N ARG C 128 43.53 -29.19 28.63
CA ARG C 128 44.73 -28.51 28.17
C ARG C 128 45.85 -28.56 29.21
N LYS C 129 45.50 -28.50 30.49
CA LYS C 129 46.53 -28.52 31.53
C LYS C 129 46.90 -29.93 31.99
N THR C 130 46.30 -30.95 31.38
CA THR C 130 46.61 -32.32 31.78
C THR C 130 46.96 -33.16 30.57
N SER C 131 45.97 -33.81 29.95
CA SER C 131 46.23 -34.83 28.94
C SER C 131 46.55 -34.29 27.56
N ASN C 132 46.14 -33.06 27.29
CA ASN C 132 46.14 -32.53 25.93
C ASN C 132 45.49 -33.47 24.90
N ALA C 133 44.39 -34.10 25.28
CA ALA C 133 43.68 -35.05 24.44
C ALA C 133 43.00 -34.35 23.26
N THR C 134 42.70 -35.09 22.20
CA THR C 134 41.80 -34.60 21.16
C THR C 134 40.40 -34.65 21.71
N ILE C 135 39.71 -33.52 21.63
CA ILE C 135 38.30 -33.48 22.01
C ILE C 135 37.37 -33.63 20.81
N VAL C 136 36.52 -34.64 20.86
CA VAL C 136 35.48 -34.83 19.86
C VAL C 136 34.15 -34.37 20.45
N ASN C 137 33.53 -33.38 19.81
CA ASN C 137 32.37 -32.71 20.39
C ASN C 137 31.02 -32.97 19.72
N PHE C 138 30.04 -33.37 20.55
CA PHE C 138 28.65 -33.48 20.10
C PHE C 138 27.77 -32.42 20.75
N THR C 139 28.21 -31.92 21.90
CA THR C 139 27.46 -30.92 22.65
C THR C 139 26.97 -29.82 21.72
N ASN C 140 25.67 -29.55 21.74
CA ASN C 140 25.12 -28.50 20.92
C ASN C 140 25.16 -27.12 21.57
N PRO C 141 25.33 -26.05 20.77
CA PRO C 141 25.44 -26.14 19.30
C PRO C 141 26.88 -26.43 18.88
N SER C 142 27.07 -27.60 18.28
CA SER C 142 28.40 -28.12 17.99
C SER C 142 29.33 -27.21 17.19
N GLY C 143 28.83 -26.69 16.05
CA GLY C 143 29.64 -25.85 15.20
C GLY C 143 30.04 -24.55 15.88
N HIS C 144 29.06 -23.90 16.53
CA HIS C 144 29.29 -22.68 17.30
C HIS C 144 30.28 -22.90 18.46
N ILE C 145 30.17 -24.02 19.17
CA ILE C 145 31.14 -24.32 20.20
C ILE C 145 32.52 -24.48 19.55
N THR C 146 32.60 -25.19 18.42
CA THR C 146 33.87 -25.37 17.73
C THR C 146 34.49 -24.03 17.34
N GLU C 147 33.69 -23.11 16.82
CA GLU C 147 34.17 -21.75 16.52
C GLU C 147 34.79 -21.11 17.74
N PHE C 148 34.10 -21.24 18.86
CA PHE C 148 34.54 -20.72 20.13
C PHE C 148 35.90 -21.31 20.58
N VAL C 149 36.00 -22.64 20.67
CA VAL C 149 37.23 -23.28 21.10
C VAL C 149 38.38 -23.02 20.10
N ARG C 150 38.10 -23.10 18.81
CA ARG C 150 39.17 -23.01 17.82
C ARG C 150 39.75 -21.61 17.72
N ASN C 151 38.88 -20.61 17.76
CA ASN C 151 39.29 -19.27 17.43
C ASN C 151 39.40 -18.32 18.62
N TYR C 152 38.88 -18.74 19.78
CA TYR C 152 38.92 -17.89 20.97
C TYR C 152 39.65 -18.51 22.16
N LEU C 153 39.37 -19.76 22.46
CA LEU C 153 40.14 -20.46 23.50
C LEU C 153 41.44 -20.97 22.90
N GLU C 154 41.46 -21.07 21.58
CA GLU C 154 42.64 -21.39 20.82
C GLU C 154 43.18 -22.75 21.23
N TYR C 155 42.30 -23.74 21.32
CA TYR C 155 42.72 -25.12 21.55
C TYR C 155 42.56 -25.85 20.21
N GLU C 156 43.67 -26.29 19.64
CA GLU C 156 43.66 -26.79 18.28
C GLU C 156 42.98 -28.15 18.08
N LYS C 157 43.19 -29.06 19.02
CA LYS C 157 42.65 -30.41 18.89
C LYS C 157 41.21 -30.51 19.38
N PHE C 158 40.33 -29.74 18.76
CA PHE C 158 38.92 -29.80 19.10
C PHE C 158 38.13 -29.95 17.81
N ILE C 159 37.44 -31.07 17.68
CA ILE C 159 36.78 -31.39 16.43
C ILE C 159 35.32 -31.49 16.70
N GLY C 160 34.55 -30.62 16.05
CA GLY C 160 33.11 -30.66 16.13
C GLY C 160 32.51 -31.72 15.23
N LEU C 161 31.53 -32.42 15.77
CA LEU C 161 30.88 -33.46 15.01
C LEU C 161 29.38 -33.21 14.97
N CYS C 162 28.75 -33.80 13.96
CA CYS C 162 27.29 -33.73 13.82
C CYS C 162 26.83 -34.98 13.12
N ASN C 163 25.54 -35.29 13.26
CA ASN C 163 25.01 -36.54 12.72
C ASN C 163 24.48 -36.43 11.28
N VAL C 164 24.35 -35.22 10.75
CA VAL C 164 23.72 -35.08 9.41
C VAL C 164 24.60 -35.55 8.23
N PRO C 165 25.89 -35.18 8.23
CA PRO C 165 26.82 -35.66 7.21
C PRO C 165 26.75 -37.16 7.04
N ILE C 166 26.94 -37.93 8.12
CA ILE C 166 26.90 -39.40 8.03
C ILE C 166 25.52 -39.99 7.68
N ASN C 167 24.45 -39.29 8.04
CA ASN C 167 23.10 -39.73 7.67
C ASN C 167 22.88 -39.59 6.20
N PHE C 168 23.45 -38.51 5.65
CA PHE C 168 23.37 -38.30 4.21
C PHE C 168 24.16 -39.32 3.42
N ILE C 169 25.41 -39.51 3.82
CA ILE C 169 26.29 -40.45 3.17
C ILE C 169 25.62 -41.82 3.13
N ARG C 170 25.11 -42.29 4.27
CA ARG C 170 24.47 -43.61 4.36
C ARG C 170 23.25 -43.74 3.44
N GLU C 171 22.49 -42.66 3.32
CA GLU C 171 21.36 -42.60 2.40
C GLU C 171 21.84 -42.86 0.96
N ILE C 172 22.87 -42.12 0.55
CA ILE C 172 23.44 -42.25 -0.80
C ILE C 172 24.00 -43.66 -1.05
N ALA C 173 24.73 -44.15 -0.06
CA ALA C 173 25.31 -45.48 -0.09
C ALA C 173 24.27 -46.55 -0.43
N GLU C 174 23.14 -46.56 0.30
CA GLU C 174 22.04 -47.53 0.06
C GLU C 174 21.37 -47.36 -1.29
N PHE C 176 22.72 -46.54 -3.90
CA PHE C 176 23.65 -46.88 -4.98
C PHE C 176 24.38 -48.19 -4.72
N SER C 177 24.01 -48.85 -3.63
CA SER C 177 24.55 -50.15 -3.24
C SER C 177 26.07 -50.13 -3.14
N ALA C 178 26.57 -49.16 -2.37
CA ALA C 178 27.99 -48.97 -2.20
C ALA C 178 28.32 -48.72 -0.73
N ARG C 179 29.60 -48.86 -0.37
CA ARG C 179 30.03 -48.67 1.01
C ARG C 179 30.08 -47.18 1.32
N LEU C 180 30.13 -46.82 2.61
CA LEU C 180 30.13 -45.42 2.99
C LEU C 180 31.32 -44.66 2.40
N GLU C 181 32.49 -45.30 2.36
CA GLU C 181 33.69 -44.64 1.84
C GLU C 181 33.69 -44.50 0.31
N ASP C 182 32.82 -45.24 -0.37
CA ASP C 182 32.61 -45.07 -1.81
C ASP C 182 31.91 -43.76 -2.17
N VAL C 183 31.45 -43.02 -1.15
CA VAL C 183 30.69 -41.79 -1.35
C VAL C 183 31.56 -40.60 -1.04
N PHE C 184 31.73 -39.73 -2.03
CA PHE C 184 32.52 -38.53 -1.87
C PHE C 184 31.70 -37.29 -2.25
N LEU C 185 31.74 -36.27 -1.40
CA LEU C 185 30.88 -35.09 -1.53
C LEU C 185 31.66 -33.78 -1.73
N LYS C 186 31.07 -32.85 -2.46
CA LYS C 186 31.43 -31.45 -2.27
C LYS C 186 30.42 -30.90 -1.24
N TYR C 187 30.93 -30.63 -0.03
CA TYR C 187 30.08 -30.38 1.14
C TYR C 187 30.69 -29.24 1.94
N TYR C 188 29.87 -28.25 2.30
CA TYR C 188 30.36 -27.13 3.10
C TYR C 188 29.22 -26.34 3.69
N GLY C 189 29.53 -25.57 4.71
CA GLY C 189 28.58 -24.72 5.34
C GLY C 189 28.92 -24.76 6.79
N LEU C 190 27.95 -24.35 7.61
CA LEU C 190 28.06 -24.39 9.05
C LEU C 190 27.30 -25.61 9.57
N ASN C 191 27.54 -25.98 10.83
CA ASN C 191 26.76 -27.01 11.45
C ASN C 191 25.26 -26.67 11.38
N HIS C 192 24.47 -27.59 10.84
CA HIS C 192 23.03 -27.40 10.64
C HIS C 192 22.72 -26.28 9.66
N LEU C 193 23.68 -26.00 8.79
CA LEU C 193 23.56 -24.91 7.85
C LEU C 193 24.47 -25.22 6.67
N SER C 194 24.33 -26.43 6.13
CA SER C 194 25.31 -26.96 5.19
C SER C 194 24.66 -27.26 3.86
N PHE C 195 25.50 -27.34 2.83
CA PHE C 195 25.05 -27.53 1.45
C PHE C 195 25.91 -28.56 0.72
N ILE C 196 25.28 -29.37 -0.12
CA ILE C 196 25.98 -30.33 -0.94
C ILE C 196 25.83 -29.87 -2.38
N GLU C 197 26.96 -29.73 -3.07
CA GLU C 197 27.00 -29.24 -4.44
C GLU C 197 27.26 -30.36 -5.44
N LYS C 198 28.05 -31.34 -5.04
CA LYS C 198 28.40 -32.45 -5.94
C LYS C 198 28.36 -33.75 -5.17
N VAL C 199 27.87 -34.80 -5.82
CA VAL C 199 27.84 -36.14 -5.22
C VAL C 199 28.56 -37.14 -6.11
N PHE C 200 29.56 -37.83 -5.55
CA PHE C 200 30.28 -38.87 -6.27
C PHE C 200 30.13 -40.24 -5.60
N VAL C 201 29.85 -41.25 -6.39
CA VAL C 201 29.81 -42.61 -5.88
C VAL C 201 30.72 -43.46 -6.74
N LYS C 202 31.69 -44.09 -6.08
CA LYS C 202 32.72 -44.90 -6.75
C LYS C 202 33.39 -44.11 -7.89
N GLY C 203 33.55 -42.81 -7.69
CA GLY C 203 34.18 -41.95 -8.68
C GLY C 203 33.26 -41.32 -9.71
N GLU C 204 32.08 -41.90 -9.88
CA GLU C 204 31.11 -41.33 -10.83
C GLU C 204 30.37 -40.12 -10.26
N ASP C 205 30.18 -39.12 -11.11
CA ASP C 205 29.36 -37.96 -10.74
C ASP C 205 27.89 -38.36 -10.86
N VAL C 206 27.23 -38.49 -9.72
CA VAL C 206 25.81 -38.87 -9.72
C VAL C 206 24.89 -37.79 -9.15
N THR C 207 25.38 -36.55 -9.11
CA THR C 207 24.60 -35.42 -8.67
C THR C 207 23.23 -35.32 -9.37
N GLU C 208 23.23 -35.40 -10.70
CA GLU C 208 21.99 -35.35 -11.47
C GLU C 208 21.00 -36.43 -10.98
N LYS C 209 21.49 -37.65 -10.81
CA LYS C 209 20.65 -38.76 -10.39
C LYS C 209 20.12 -38.57 -8.98
N VAL C 210 20.90 -37.91 -8.13
CA VAL C 210 20.48 -37.66 -6.76
C VAL C 210 19.35 -36.62 -6.72
N PHE C 211 19.44 -35.62 -7.59
CA PHE C 211 18.43 -34.59 -7.67
C PHE C 211 17.11 -35.18 -8.19
N GLU C 212 17.22 -36.04 -9.21
CA GLU C 212 16.05 -36.71 -9.80
C GLU C 212 15.37 -37.58 -8.76
N ASN C 213 16.17 -38.22 -7.93
CA ASN C 213 15.67 -39.13 -6.90
C ASN C 213 15.03 -38.40 -5.73
N LEU C 214 15.56 -37.23 -5.41
CA LEU C 214 15.02 -36.42 -4.32
C LEU C 214 13.60 -35.91 -4.60
N LYS C 215 13.17 -35.94 -5.86
CA LYS C 215 11.84 -35.45 -6.19
C LYS C 215 10.78 -36.57 -6.18
N LEU C 216 11.14 -37.72 -5.61
CA LEU C 216 10.22 -38.88 -5.52
C LEU C 216 10.16 -39.44 -4.10
N GLU C 224 5.81 -29.95 3.76
CA GLU C 224 6.84 -29.86 4.79
C GLU C 224 8.28 -29.87 4.24
N ASP C 225 8.45 -30.25 2.96
CA ASP C 225 9.75 -30.33 2.26
C ASP C 225 9.79 -29.42 1.01
N PHE C 226 11.00 -29.06 0.56
CA PHE C 226 11.18 -28.17 -0.58
C PHE C 226 10.54 -28.72 -1.86
N PRO C 227 9.89 -27.86 -2.67
CA PRO C 227 9.28 -28.32 -3.91
C PRO C 227 10.32 -28.59 -4.99
N THR C 228 9.92 -29.25 -6.06
CA THR C 228 10.81 -29.58 -7.15
C THR C 228 11.55 -28.36 -7.69
N TRP C 229 10.81 -27.27 -7.98
CA TRP C 229 11.40 -26.08 -8.58
C TRP C 229 12.58 -25.53 -7.77
N PHE C 230 12.54 -25.73 -6.45
CA PHE C 230 13.57 -25.26 -5.57
C PHE C 230 14.91 -25.88 -5.90
N TYR C 231 14.90 -27.18 -6.17
CA TYR C 231 16.13 -27.89 -6.50
C TYR C 231 16.62 -27.56 -7.90
N ASP C 232 15.70 -27.38 -8.84
CA ASP C 232 16.04 -26.89 -10.17
C ASP C 232 16.65 -25.47 -10.19
N SER C 233 16.23 -24.60 -9.26
CA SER C 233 16.70 -23.23 -9.16
C SER C 233 18.00 -23.08 -8.40
N VAL C 234 18.00 -23.57 -7.17
CA VAL C 234 19.11 -23.36 -6.24
C VAL C 234 20.24 -24.30 -6.58
N ARG C 235 19.90 -25.50 -7.02
CA ARG C 235 20.86 -26.52 -7.47
C ARG C 235 21.88 -26.89 -6.41
N LEU C 236 21.39 -26.94 -5.18
CA LEU C 236 22.17 -27.43 -4.06
C LEU C 236 21.29 -28.36 -3.30
N ILE C 237 21.89 -29.40 -2.74
CA ILE C 237 21.18 -30.22 -1.77
C ILE C 237 21.37 -29.54 -0.43
N VAL C 238 20.27 -29.20 0.19
CA VAL C 238 20.30 -28.31 1.34
C VAL C 238 19.99 -29.10 2.62
N ASN C 239 20.70 -28.80 3.68
CA ASN C 239 20.45 -29.38 4.99
C ASN C 239 19.01 -29.09 5.43
N PRO C 240 18.30 -30.03 6.03
CA PRO C 240 16.86 -29.83 6.29
C PRO C 240 16.55 -28.71 7.30
N TYR C 241 17.53 -28.34 8.12
CA TYR C 241 17.41 -27.20 9.03
C TYR C 241 17.24 -25.87 8.31
N LEU C 242 17.67 -25.80 7.06
CA LEU C 242 17.47 -24.62 6.23
C LEU C 242 15.99 -24.30 6.05
N ARG C 243 15.12 -25.27 6.32
CA ARG C 243 13.69 -25.06 6.29
C ARG C 243 13.29 -23.95 7.26
N TYR C 244 14.02 -23.81 8.37
CA TYR C 244 13.72 -22.77 9.37
C TYR C 244 13.97 -21.35 8.84
N TYR C 245 14.91 -21.24 7.91
CA TYR C 245 15.24 -19.97 7.29
C TYR C 245 14.37 -19.71 6.09
N LEU C 246 14.20 -20.73 5.25
CA LEU C 246 13.61 -20.57 3.95
C LEU C 246 12.12 -20.74 3.99
N GLU C 248 10.15 -20.16 7.00
CA GLU C 248 9.97 -19.73 8.37
C GLU C 248 8.48 -19.70 8.78
N LYS C 249 7.65 -19.11 7.93
CA LYS C 249 6.23 -19.04 8.23
C LYS C 249 5.67 -20.43 8.49
N LYS C 250 5.96 -21.36 7.58
CA LYS C 250 5.49 -22.74 7.69
C LYS C 250 6.05 -23.46 8.93
N PHE C 252 7.22 -21.99 11.75
CA PHE C 252 6.65 -21.39 12.95
C PHE C 252 5.23 -21.93 13.27
N LYS C 253 4.39 -22.03 12.24
CA LYS C 253 3.04 -22.55 12.40
C LYS C 253 3.06 -24.00 12.88
N LYS C 254 4.08 -24.75 12.46
CA LYS C 254 4.23 -26.14 12.87
C LYS C 254 4.66 -26.25 14.33
N ILE C 255 5.77 -25.60 14.68
CA ILE C 255 6.31 -25.69 16.04
C ILE C 255 5.35 -25.15 17.09
N SER C 256 4.64 -24.08 16.74
CA SER C 256 3.83 -23.39 17.71
C SER C 256 2.47 -24.05 17.95
N THR C 257 2.11 -25.06 17.14
CA THR C 257 0.80 -25.71 17.29
C THR C 257 0.91 -27.19 17.65
N HIS C 258 2.08 -27.58 18.11
CA HIS C 258 2.32 -28.93 18.58
C HIS C 258 3.13 -28.90 19.86
N GLU C 259 3.05 -29.99 20.63
CA GLU C 259 3.87 -30.19 21.82
C GLU C 259 5.32 -29.84 21.47
N LEU C 260 6.01 -29.16 22.39
CA LEU C 260 7.41 -28.80 22.22
C LEU C 260 8.22 -30.08 22.09
N ARG C 261 9.19 -30.08 21.18
CA ARG C 261 9.96 -31.29 20.89
C ARG C 261 10.65 -31.87 22.14
N ALA C 262 11.22 -31.00 22.97
CA ALA C 262 11.93 -31.39 24.19
C ALA C 262 11.10 -32.29 25.06
N ARG C 263 9.81 -31.97 25.12
CA ARG C 263 8.87 -32.70 25.95
C ARG C 263 8.64 -34.09 25.42
N GLU C 264 8.73 -34.26 24.10
CA GLU C 264 8.61 -35.59 23.50
C GLU C 264 9.85 -36.42 23.81
N VAL C 265 11.04 -35.82 23.70
CA VAL C 265 12.26 -36.57 24.02
C VAL C 265 12.38 -36.91 25.50
N LYS C 267 9.96 -37.95 27.30
CA LYS C 267 9.21 -39.20 27.42
C LYS C 267 9.90 -40.37 26.70
N ILE C 268 10.60 -40.09 25.60
CA ILE C 268 11.40 -41.11 24.93
C ILE C 268 12.53 -41.60 25.84
N GLU C 269 13.23 -40.65 26.46
CA GLU C 269 14.36 -40.92 27.34
C GLU C 269 13.96 -41.67 28.59
N LYS C 270 12.84 -41.29 29.19
CA LYS C 270 12.34 -41.96 30.38
C LYS C 270 12.04 -43.42 30.06
N GLU C 271 11.58 -43.68 28.85
CA GLU C 271 11.23 -45.03 28.40
C GLU C 271 12.49 -45.85 28.14
N LEU C 272 13.49 -45.23 27.54
CA LEU C 272 14.78 -45.87 27.28
C LEU C 272 15.50 -46.23 28.57
N PHE C 273 15.40 -45.37 29.59
CA PHE C 273 16.07 -45.62 30.86
C PHE C 273 15.47 -46.79 31.60
N GLU C 274 14.15 -46.92 31.54
CA GLU C 274 13.47 -48.06 32.11
C GLU C 274 13.95 -49.34 31.42
N LYS C 275 14.09 -49.27 30.10
CA LYS C 275 14.56 -50.42 29.31
C LYS C 275 15.97 -50.86 29.70
N TYR C 276 16.83 -49.88 29.99
CA TYR C 276 18.26 -50.10 30.29
C TYR C 276 18.54 -50.95 31.52
N ARG C 277 17.57 -51.06 32.41
CA ARG C 277 17.79 -51.75 33.68
C ARG C 277 18.02 -53.25 33.48
N THR C 278 17.35 -53.86 32.51
CA THR C 278 17.48 -55.30 32.27
C THR C 278 17.88 -55.72 30.84
N ALA C 279 18.19 -54.75 29.97
CA ALA C 279 18.48 -55.04 28.56
C ALA C 279 19.81 -55.75 28.33
N VAL C 280 19.78 -56.88 27.62
CA VAL C 280 21.00 -57.57 27.18
C VAL C 280 21.56 -57.02 25.84
N GLU C 281 20.66 -56.49 25.01
CA GLU C 281 20.97 -55.96 23.69
C GLU C 281 20.30 -54.62 23.51
N ILE C 282 20.92 -53.76 22.70
CA ILE C 282 20.43 -52.41 22.43
C ILE C 282 18.99 -52.44 21.90
N PRO C 283 18.10 -51.63 22.50
CA PRO C 283 16.69 -51.59 22.09
C PRO C 283 16.46 -50.94 20.72
N GLU C 284 15.38 -51.34 20.04
CA GLU C 284 14.97 -50.82 18.73
C GLU C 284 14.58 -49.33 18.75
N GLU C 285 14.07 -48.86 19.89
CA GLU C 285 13.66 -47.45 20.05
C GLU C 285 14.87 -46.49 20.08
N LEU C 286 16.03 -47.01 20.47
CA LEU C 286 17.28 -46.25 20.49
C LEU C 286 17.92 -46.23 19.10
N THR C 287 17.88 -47.38 18.41
CA THR C 287 18.36 -47.47 17.02
C THR C 287 17.68 -46.40 16.14
N LYS C 288 16.35 -46.28 16.33
CA LYS C 288 15.46 -45.47 15.48
C LYS C 288 15.31 -43.98 15.82
N ARG C 289 15.85 -43.52 16.96
CA ARG C 289 15.61 -42.12 17.35
C ARG C 289 16.75 -41.08 17.19
N GLY C 290 16.48 -39.89 17.76
CA GLY C 290 17.34 -38.71 17.78
C GLY C 290 18.20 -38.46 16.56
N GLY C 291 19.50 -38.58 16.77
CA GLY C 291 20.50 -38.66 15.71
C GLY C 291 21.45 -39.79 16.07
N SER C 292 20.86 -40.95 16.36
CA SER C 292 21.51 -42.15 16.94
C SER C 292 22.76 -42.67 16.19
N TYR C 294 25.17 -40.70 15.27
CA TYR C 294 26.32 -39.92 15.74
C TYR C 294 27.42 -40.85 16.28
N SER C 295 27.00 -42.01 16.80
CA SER C 295 27.88 -42.99 17.40
C SER C 295 28.94 -43.45 16.41
N THR C 296 28.48 -43.84 15.22
CA THR C 296 29.35 -44.33 14.16
C THR C 296 30.32 -43.22 13.73
N ALA C 297 29.83 -42.00 13.70
CA ALA C 297 30.69 -40.87 13.34
C ALA C 297 31.83 -40.70 14.34
N ALA C 298 31.52 -40.80 15.63
CA ALA C 298 32.51 -40.63 16.68
C ALA C 298 33.57 -41.71 16.59
N ALA C 299 33.10 -42.96 16.56
CA ALA C 299 33.96 -44.12 16.58
C ALA C 299 34.86 -44.17 15.35
N HIS C 300 34.29 -43.90 14.18
CA HIS C 300 35.03 -43.92 12.94
C HIS C 300 36.07 -42.83 12.87
N LEU C 301 35.75 -41.69 13.45
CA LEU C 301 36.70 -40.59 13.51
C LEU C 301 37.89 -40.97 14.36
N ILE C 302 37.62 -41.56 15.53
CA ILE C 302 38.67 -41.92 16.46
C ILE C 302 39.55 -43.02 15.85
N ARG C 303 38.92 -44.00 15.22
CA ARG C 303 39.61 -45.07 14.50
C ARG C 303 40.61 -44.47 13.52
N ASP C 304 40.19 -43.44 12.80
CA ASP C 304 40.99 -42.98 11.68
C ASP C 304 42.06 -41.96 12.07
N LEU C 305 41.87 -41.35 13.23
CA LEU C 305 42.86 -40.54 13.92
C LEU C 305 43.93 -41.50 14.46
N GLU C 306 43.55 -42.72 14.80
CA GLU C 306 44.49 -43.67 15.38
C GLU C 306 45.37 -44.34 14.34
N THR C 307 44.78 -44.81 13.24
CA THR C 307 45.55 -45.49 12.21
C THR C 307 46.20 -44.49 11.25
N ASP C 308 47.10 -45.00 10.42
CA ASP C 308 47.80 -44.20 9.44
C ASP C 308 47.25 -44.44 8.04
N GLU C 309 46.06 -45.03 7.98
CA GLU C 309 45.34 -45.29 6.74
C GLU C 309 45.09 -44.03 5.89
N GLY C 310 44.42 -43.04 6.47
CA GLY C 310 44.02 -41.84 5.75
C GLY C 310 42.63 -41.98 5.17
N LYS C 311 41.65 -41.32 5.79
CA LYS C 311 40.24 -41.46 5.44
C LYS C 311 39.56 -40.12 5.46
N ILE C 312 38.51 -39.97 4.68
CA ILE C 312 37.73 -38.74 4.62
C ILE C 312 36.62 -38.71 5.68
N HIS C 313 36.54 -37.61 6.44
CA HIS C 313 35.44 -37.42 7.35
C HIS C 313 34.98 -36.00 7.28
N ILE C 314 33.66 -35.78 7.23
CA ILE C 314 33.11 -34.45 7.27
C ILE C 314 33.04 -34.05 8.72
N VAL C 315 33.70 -32.96 9.03
CA VAL C 315 33.93 -32.58 10.39
C VAL C 315 33.92 -31.05 10.52
N ASN C 316 33.75 -30.54 11.75
CA ASN C 316 33.75 -29.11 11.98
C ASN C 316 35.14 -28.64 12.35
N THR C 317 35.72 -27.78 11.51
CA THR C 317 37.12 -27.39 11.62
C THR C 317 37.33 -26.07 10.88
N ARG C 318 38.48 -25.43 11.05
CA ARG C 318 38.82 -24.23 10.28
C ARG C 318 38.88 -24.49 8.77
N ASN C 319 38.24 -23.60 8.00
CA ASN C 319 38.26 -23.61 6.53
C ASN C 319 39.61 -23.96 5.90
N ASN C 320 40.64 -23.16 6.18
CA ASN C 320 42.00 -23.37 5.62
C ASN C 320 41.99 -23.70 4.12
N GLY C 321 41.26 -22.90 3.36
CA GLY C 321 41.32 -23.10 1.94
C GLY C 321 40.43 -24.17 1.35
N SER C 322 39.63 -24.85 2.19
CA SER C 322 38.65 -25.81 1.70
C SER C 322 37.69 -25.11 0.74
N ILE C 323 37.16 -23.96 1.14
CA ILE C 323 36.34 -23.12 0.24
C ILE C 323 37.06 -21.80 0.02
N GLU C 324 37.62 -21.63 -1.19
CA GLU C 324 38.49 -20.47 -1.42
C GLU C 324 37.75 -19.15 -1.35
N ASN C 325 36.42 -19.24 -1.39
CA ASN C 325 35.52 -18.11 -1.38
C ASN C 325 35.30 -17.57 0.04
N LEU C 326 35.92 -18.23 1.03
CA LEU C 326 35.55 -18.00 2.42
C LEU C 326 36.82 -17.76 3.25
N PRO C 327 36.79 -16.92 4.27
CA PRO C 327 38.05 -16.67 5.00
C PRO C 327 38.64 -17.94 5.65
N ASP C 328 39.97 -18.01 5.75
CA ASP C 328 40.62 -19.24 6.27
C ASP C 328 40.17 -19.68 7.66
N ASP C 329 39.80 -18.71 8.49
CA ASP C 329 39.50 -19.02 9.88
C ASP C 329 38.05 -19.29 10.23
N TYR C 330 37.14 -19.22 9.26
CA TYR C 330 35.76 -19.65 9.52
C TYR C 330 35.78 -21.13 9.88
N VAL C 331 35.14 -21.48 10.99
CA VAL C 331 34.93 -22.89 11.25
C VAL C 331 33.80 -23.34 10.35
N LEU C 332 34.07 -24.32 9.50
CA LEU C 332 33.05 -24.86 8.63
C LEU C 332 32.88 -26.36 8.85
N GLU C 333 31.76 -26.90 8.39
CA GLU C 333 31.57 -28.34 8.40
C GLU C 333 31.95 -28.80 7.00
N ILE C 334 33.06 -29.54 6.87
CA ILE C 334 33.69 -29.84 5.58
C ILE C 334 34.46 -31.18 5.59
N PRO C 335 34.61 -31.82 4.43
CA PRO C 335 35.34 -33.08 4.32
C PRO C 335 36.83 -32.94 4.58
N CYS C 336 37.41 -33.74 5.46
CA CYS C 336 38.84 -33.66 5.74
C CYS C 336 39.51 -34.99 5.58
N TYR C 337 40.82 -34.95 5.30
CA TYR C 337 41.67 -36.12 5.28
C TYR C 337 42.15 -36.35 6.71
N VAL C 338 41.81 -37.51 7.25
CA VAL C 338 42.10 -37.77 8.63
C VAL C 338 43.13 -38.88 8.70
N ARG C 339 44.18 -38.67 9.49
CA ARG C 339 45.30 -39.61 9.54
C ARG C 339 46.24 -39.34 10.69
N SER C 340 46.60 -40.38 11.45
CA SER C 340 47.58 -40.25 12.55
C SER C 340 47.48 -38.95 13.33
N GLY C 341 46.32 -38.69 13.91
CA GLY C 341 46.18 -37.63 14.88
C GLY C 341 45.98 -36.28 14.25
N ARG C 342 46.00 -36.23 12.92
CA ARG C 342 45.95 -34.96 12.21
C ARG C 342 44.70 -34.91 11.33
N VAL C 343 44.16 -33.69 11.17
CA VAL C 343 43.01 -33.47 10.32
C VAL C 343 43.37 -32.46 9.22
N HIS C 344 43.48 -32.93 7.98
CA HIS C 344 43.83 -32.04 6.86
C HIS C 344 42.62 -31.66 6.02
N THR C 345 42.53 -30.38 5.71
CA THR C 345 41.45 -29.85 4.91
C THR C 345 41.74 -30.10 3.43
N LEU C 346 40.69 -30.32 2.62
CA LEU C 346 40.80 -30.59 1.19
C LEU C 346 40.34 -29.43 0.35
N SER C 347 41.01 -29.19 -0.77
CA SER C 347 40.50 -28.33 -1.83
C SER C 347 39.06 -28.67 -2.23
N GLN C 348 38.19 -27.68 -2.31
CA GLN C 348 36.89 -27.90 -2.96
C GLN C 348 36.56 -26.84 -4.00
N GLY C 349 37.32 -25.75 -4.04
CA GLY C 349 37.02 -24.65 -4.93
C GLY C 349 36.09 -23.62 -4.30
N LYS C 350 35.21 -23.05 -5.12
CA LYS C 350 34.35 -21.96 -4.66
C LYS C 350 33.05 -22.43 -4.09
N GLY C 351 32.52 -21.66 -3.15
CA GLY C 351 31.20 -21.90 -2.61
C GLY C 351 30.16 -21.09 -3.35
N ASP C 352 28.97 -21.62 -3.47
CA ASP C 352 27.84 -20.95 -4.12
C ASP C 352 27.41 -19.67 -3.40
N HIS C 353 27.15 -18.59 -4.14
CA HIS C 353 26.75 -17.32 -3.53
C HIS C 353 25.58 -17.46 -2.57
N PHE C 354 24.64 -18.32 -2.92
CA PHE C 354 23.43 -18.53 -2.15
C PHE C 354 23.81 -19.09 -0.78
N ALA C 355 24.66 -20.11 -0.79
CA ALA C 355 25.11 -20.73 0.43
C ALA C 355 25.91 -19.73 1.28
N LEU C 356 26.72 -18.92 0.61
CA LEU C 356 27.56 -17.97 1.33
C LEU C 356 26.75 -16.93 2.06
N SER C 357 25.60 -16.57 1.54
CA SER C 357 24.84 -15.55 2.21
C SER C 357 24.43 -16.05 3.59
N PHE C 358 24.05 -17.31 3.69
CA PHE C 358 23.73 -17.89 5.00
C PHE C 358 24.99 -18.02 5.86
N ILE C 359 26.03 -18.59 5.29
CA ILE C 359 27.25 -18.85 6.03
C ILE C 359 27.81 -17.58 6.67
N HIS C 360 28.04 -16.55 5.87
CA HIS C 360 28.48 -15.25 6.37
C HIS C 360 27.56 -14.66 7.47
N ALA C 361 26.25 -14.64 7.24
CA ALA C 361 25.34 -14.03 8.21
C ALA C 361 25.42 -14.69 9.58
N VAL C 362 25.35 -16.01 9.59
CA VAL C 362 25.32 -16.78 10.84
C VAL C 362 26.69 -16.79 11.52
N LYS C 363 27.76 -16.81 10.71
CA LYS C 363 29.12 -16.70 11.23
C LYS C 363 29.34 -15.39 11.99
N TYR C 365 26.93 -13.61 13.40
CA TYR C 365 26.16 -13.82 14.62
C TYR C 365 26.93 -14.69 15.64
N GLU C 366 27.65 -15.70 15.15
CA GLU C 366 28.30 -16.63 16.04
C GLU C 366 29.38 -15.89 16.81
N ARG C 367 30.14 -15.07 16.11
CA ARG C 367 31.25 -14.37 16.73
C ARG C 367 30.75 -13.23 17.61
N LEU C 368 29.67 -12.59 17.19
CA LEU C 368 29.03 -11.58 18.04
C LEU C 368 28.59 -12.16 19.38
N THR C 369 28.07 -13.38 19.35
CA THR C 369 27.58 -14.06 20.55
C THR C 369 28.75 -14.39 21.45
N ILE C 370 29.82 -14.88 20.87
CA ILE C 370 31.03 -15.23 21.62
C ILE C 370 31.63 -14.00 22.30
N GLU C 371 31.74 -12.92 21.55
CA GLU C 371 32.23 -11.64 22.06
C GLU C 371 31.36 -11.13 23.26
N ALA C 372 30.04 -11.29 23.16
CA ALA C 372 29.14 -10.96 24.27
C ALA C 372 29.45 -11.78 25.50
N TYR C 373 29.60 -13.08 25.33
CA TYR C 373 29.93 -13.94 26.45
C TYR C 373 31.28 -13.59 27.09
N LEU C 374 32.31 -13.46 26.28
CA LEU C 374 33.64 -13.20 26.78
C LEU C 374 33.74 -11.88 27.55
N LYS C 375 32.94 -10.90 27.16
CA LYS C 375 32.88 -9.62 27.85
C LYS C 375 31.76 -9.59 28.89
N ARG C 376 31.00 -10.69 29.00
CA ARG C 376 29.86 -10.81 29.93
C ARG C 376 28.88 -9.63 29.82
N SER C 377 28.58 -9.25 28.58
CA SER C 377 27.90 -7.99 28.28
C SER C 377 26.48 -8.19 27.77
N LYS C 378 25.51 -7.67 28.53
CA LYS C 378 24.11 -7.58 28.09
C LYS C 378 23.97 -6.77 26.79
N LYS C 379 24.62 -5.62 26.74
CA LYS C 379 24.64 -4.78 25.52
C LYS C 379 25.07 -5.57 24.29
N LEU C 380 26.19 -6.27 24.39
CA LEU C 380 26.70 -7.03 23.25
C LEU C 380 25.81 -8.22 22.93
N ALA C 381 25.11 -8.74 23.93
CA ALA C 381 24.17 -9.85 23.71
C ALA C 381 22.99 -9.42 22.82
N LEU C 382 22.46 -8.22 23.09
CA LEU C 382 21.42 -7.62 22.29
C LEU C 382 21.89 -7.47 20.84
N LYS C 383 23.09 -6.94 20.68
CA LYS C 383 23.72 -6.81 19.37
C LYS C 383 23.78 -8.14 18.65
N ALA C 384 24.19 -9.19 19.35
CA ALA C 384 24.28 -10.53 18.77
C ALA C 384 22.92 -11.07 18.38
N LEU C 385 21.96 -10.93 19.29
CA LEU C 385 20.58 -11.33 19.04
C LEU C 385 20.01 -10.65 17.80
N LEU C 386 20.23 -9.35 17.65
CA LEU C 386 19.72 -8.62 16.50
C LEU C 386 20.35 -9.03 15.18
N SER C 387 21.53 -9.64 15.24
CA SER C 387 22.22 -9.98 14.01
C SER C 387 21.77 -11.30 13.41
N HIS C 388 21.11 -12.15 14.18
CA HIS C 388 20.69 -13.44 13.66
C HIS C 388 19.53 -13.29 12.65
N PRO C 389 19.69 -13.90 11.46
CA PRO C 389 18.63 -13.94 10.45
C PRO C 389 17.28 -14.33 11.02
N LEU C 390 17.27 -15.08 12.12
CA LEU C 390 16.03 -15.54 12.73
C LEU C 390 15.77 -14.87 14.08
N GLY C 391 16.44 -13.74 14.31
CA GLY C 391 16.36 -13.07 15.59
C GLY C 391 15.20 -12.11 15.72
N PRO C 392 15.14 -11.40 16.84
CA PRO C 392 14.05 -10.44 17.08
C PRO C 392 14.22 -9.15 16.31
N ASP C 393 13.12 -8.51 16.03
CA ASP C 393 13.06 -7.10 15.67
C ASP C 393 13.46 -6.28 16.90
N VAL C 394 13.94 -5.06 16.65
CA VAL C 394 14.30 -4.14 17.71
C VAL C 394 13.25 -4.01 18.83
N GLU C 395 11.96 -3.98 18.46
CA GLU C 395 10.88 -3.88 19.43
C GLU C 395 10.76 -5.05 20.43
N ASP C 396 11.30 -6.21 20.05
CA ASP C 396 11.16 -7.43 20.84
C ASP C 396 12.46 -7.85 21.52
N ALA C 397 13.59 -7.33 21.06
CA ALA C 397 14.91 -7.75 21.51
C ALA C 397 15.12 -7.68 23.02
N LYS C 398 14.87 -6.53 23.61
CA LYS C 398 15.14 -6.30 25.03
C LYS C 398 14.34 -7.26 25.92
N ASP C 399 13.04 -7.37 25.69
CA ASP C 399 12.19 -8.30 26.43
C ASP C 399 12.62 -9.75 26.24
N LEU C 400 12.98 -10.12 25.02
CA LEU C 400 13.39 -11.49 24.74
C LEU C 400 14.65 -11.83 25.50
N LEU C 401 15.67 -10.98 25.44
CA LEU C 401 16.92 -11.25 26.13
C LEU C 401 16.69 -11.37 27.64
N GLU C 402 15.92 -10.47 28.24
CA GLU C 402 15.68 -10.54 29.68
C GLU C 402 14.96 -11.83 30.05
N GLU C 403 14.07 -12.33 29.20
CA GLU C 403 13.47 -13.65 29.43
C GLU C 403 14.50 -14.79 29.36
N ILE C 404 15.38 -14.74 28.37
CA ILE C 404 16.42 -15.76 28.20
C ILE C 404 17.38 -15.81 29.42
N LEU C 405 17.82 -14.64 29.88
CA LEU C 405 18.77 -14.54 30.99
C LEU C 405 18.15 -14.95 32.33
N GLU C 406 16.88 -14.63 32.50
CA GLU C 406 16.13 -15.04 33.67
C GLU C 406 16.10 -16.56 33.72
N ALA C 407 15.73 -17.18 32.60
CA ALA C 407 15.59 -18.62 32.54
C ALA C 407 16.93 -19.33 32.72
N ASN C 408 18.00 -18.68 32.27
CA ASN C 408 19.32 -19.29 32.33
C ASN C 408 20.19 -18.79 33.50
N ARG C 409 19.55 -18.20 34.50
CA ARG C 409 20.21 -17.57 35.65
C ARG C 409 21.32 -18.42 36.27
N GLU C 410 21.06 -19.72 36.40
CA GLU C 410 21.99 -20.66 37.02
C GLU C 410 23.19 -21.04 36.14
N TYR C 411 23.18 -20.62 34.87
CA TYR C 411 24.24 -21.06 33.96
C TYR C 411 25.08 -19.93 33.46
N VAL C 412 24.51 -18.75 33.41
CA VAL C 412 25.19 -17.63 32.80
C VAL C 412 24.70 -16.32 33.39
N LYS C 413 25.65 -15.44 33.69
CA LYS C 413 25.32 -14.12 34.21
C LYS C 413 25.96 -13.03 33.36
N LEU C 414 25.11 -12.17 32.81
CA LEU C 414 25.56 -11.10 31.94
C LEU C 414 25.25 -9.75 32.58
N GLY C 415 26.27 -8.91 32.66
CA GLY C 415 26.12 -7.58 33.25
C GLY C 415 26.00 -6.60 32.11
N ARG D 2 32.89 19.06 -21.96
CA ARG D 2 31.43 18.87 -21.99
C ARG D 2 30.88 17.83 -20.98
N ILE D 3 29.82 18.18 -20.25
CA ILE D 3 29.10 17.20 -19.41
C ILE D 3 27.79 16.75 -20.08
N ALA D 4 27.57 15.44 -20.13
CA ALA D 4 26.29 14.89 -20.59
C ALA D 4 25.41 14.55 -19.38
N VAL D 5 24.10 14.82 -19.50
CA VAL D 5 23.15 14.55 -18.42
C VAL D 5 22.10 13.66 -19.01
N ILE D 6 22.05 12.39 -18.58
CA ILE D 6 21.11 11.43 -19.13
C ILE D 6 19.91 11.34 -18.23
N GLY D 7 18.75 11.72 -18.76
CA GLY D 7 17.53 11.84 -17.96
C GLY D 7 17.31 13.32 -17.64
N GLY D 8 17.45 14.17 -18.67
CA GLY D 8 17.30 15.60 -18.53
C GLY D 8 15.97 16.03 -17.93
N GLY D 9 14.90 15.33 -18.27
CA GLY D 9 13.58 15.61 -17.71
C GLY D 9 13.36 15.34 -16.22
N SER D 10 14.41 14.91 -15.52
CA SER D 10 14.28 14.62 -14.10
C SER D 10 13.95 15.93 -13.37
N SER D 11 13.03 15.88 -12.43
CA SER D 11 12.63 17.06 -11.68
C SER D 11 13.78 17.59 -10.81
N TYR D 12 14.86 16.81 -10.72
CA TYR D 12 16.07 17.18 -9.98
C TYR D 12 17.03 18.06 -10.81
N THR D 13 16.89 17.97 -12.14
CA THR D 13 17.80 18.70 -13.04
C THR D 13 18.14 20.13 -12.62
N PRO D 14 17.13 20.97 -12.31
CA PRO D 14 17.39 22.32 -11.83
C PRO D 14 18.48 22.35 -10.81
N GLU D 15 18.36 21.54 -9.76
CA GLU D 15 19.35 21.59 -8.68
C GLU D 15 20.73 21.16 -9.18
N LEU D 16 20.77 20.11 -10.02
CA LEU D 16 22.02 19.67 -10.60
C LEU D 16 22.69 20.88 -11.24
N VAL D 17 21.91 21.59 -12.07
CA VAL D 17 22.44 22.72 -12.83
C VAL D 17 22.93 23.84 -11.89
N LYS D 18 22.21 24.07 -10.80
CA LYS D 18 22.66 25.08 -9.86
C LYS D 18 24.04 24.65 -9.41
N GLY D 19 24.18 23.34 -9.10
CA GLY D 19 25.46 22.79 -8.66
C GLY D 19 26.56 23.04 -9.68
N LEU D 20 26.32 22.67 -10.95
CA LEU D 20 27.33 22.89 -11.99
C LEU D 20 27.62 24.40 -12.18
N LEU D 21 26.63 25.27 -11.94
CA LEU D 21 26.90 26.71 -11.96
C LEU D 21 27.87 27.09 -10.84
N ASP D 22 27.64 26.58 -9.61
CA ASP D 22 28.51 26.94 -8.48
C ASP D 22 29.96 26.57 -8.74
N ILE D 23 30.19 25.41 -9.35
CA ILE D 23 31.57 24.95 -9.56
C ILE D 23 32.20 25.46 -10.86
N SER D 24 31.38 26.06 -11.73
CA SER D 24 31.88 26.61 -13.00
C SER D 24 32.77 27.83 -12.81
N GLU D 25 32.99 28.22 -11.55
CA GLU D 25 33.94 29.27 -11.24
C GLU D 25 35.36 28.74 -10.93
N ASP D 26 35.45 27.51 -10.42
CA ASP D 26 36.75 26.86 -10.11
C ASP D 26 37.22 25.96 -11.25
N VAL D 27 36.28 25.55 -12.10
CA VAL D 27 36.58 24.65 -13.20
C VAL D 27 35.83 25.07 -14.46
N ARG D 28 36.43 24.80 -15.61
CA ARG D 28 35.89 25.24 -16.88
C ARG D 28 34.84 24.24 -17.40
N ILE D 29 33.65 24.76 -17.71
CA ILE D 29 32.57 23.99 -18.32
C ILE D 29 32.12 24.73 -19.59
N ASP D 30 32.27 24.10 -20.76
CA ASP D 30 31.89 24.71 -22.03
C ASP D 30 30.42 24.52 -22.31
N GLU D 31 29.95 23.30 -22.08
CA GLU D 31 28.59 22.92 -22.46
C GLU D 31 28.08 21.75 -21.65
N VAL D 32 26.78 21.82 -21.34
CA VAL D 32 26.05 20.72 -20.71
C VAL D 32 24.99 20.28 -21.70
N ILE D 33 25.02 19.01 -22.08
CA ILE D 33 24.07 18.48 -23.05
C ILE D 33 23.13 17.48 -22.38
N PHE D 34 21.84 17.60 -22.68
CA PHE D 34 20.83 16.78 -22.02
C PHE D 34 20.22 15.76 -22.97
N TYR D 35 19.82 14.62 -22.41
CA TYR D 35 19.10 13.62 -23.16
C TYR D 35 18.02 12.98 -22.30
N ASP D 36 16.89 12.67 -22.91
CA ASP D 36 15.78 12.04 -22.22
C ASP D 36 14.91 11.30 -23.23
N ILE D 37 14.36 10.16 -22.85
CA ILE D 37 13.41 9.46 -23.72
C ILE D 37 12.07 10.18 -23.82
N ASP D 38 11.85 11.15 -22.91
CA ASP D 38 10.64 11.96 -22.89
C ASP D 38 10.96 13.37 -23.33
N GLU D 39 10.99 13.59 -24.64
CA GLU D 39 11.38 14.88 -25.21
C GLU D 39 10.58 16.07 -24.64
N GLU D 40 9.27 15.87 -24.49
CA GLU D 40 8.37 16.93 -24.01
C GLU D 40 8.63 17.31 -22.55
N LYS D 41 8.82 16.30 -21.70
CA LYS D 41 9.18 16.53 -20.30
C LYS D 41 10.45 17.40 -20.24
N GLN D 42 11.48 16.97 -20.96
CA GLN D 42 12.79 17.64 -20.93
C GLN D 42 12.75 19.09 -21.44
N LYS D 43 12.00 19.33 -22.51
CA LYS D 43 11.89 20.67 -23.06
C LYS D 43 11.49 21.69 -21.99
N ILE D 44 10.55 21.32 -21.11
CA ILE D 44 10.08 22.23 -20.07
C ILE D 44 11.18 22.47 -19.04
N VAL D 45 11.84 21.40 -18.61
CA VAL D 45 12.91 21.52 -17.63
C VAL D 45 14.11 22.27 -18.19
N VAL D 46 14.55 21.91 -19.39
CA VAL D 46 15.72 22.56 -19.98
C VAL D 46 15.46 24.02 -20.34
N ASP D 47 14.22 24.37 -20.69
CA ASP D 47 13.88 25.78 -20.86
C ASP D 47 14.05 26.56 -19.56
N PHE D 48 13.77 25.89 -18.44
CA PHE D 48 13.94 26.48 -17.11
C PHE D 48 15.41 26.66 -16.84
N VAL D 49 16.18 25.62 -17.15
CA VAL D 49 17.62 25.61 -16.96
C VAL D 49 18.30 26.78 -17.69
N LYS D 50 17.90 27.01 -18.94
CA LYS D 50 18.42 28.11 -19.75
C LYS D 50 18.28 29.46 -19.07
N ARG D 51 17.18 29.62 -18.33
CA ARG D 51 16.90 30.86 -17.60
C ARG D 51 17.81 31.01 -16.39
N LEU D 52 18.14 29.89 -15.75
CA LEU D 52 19.05 29.91 -14.61
C LEU D 52 20.51 30.06 -15.04
N VAL D 53 20.87 29.40 -16.13
CA VAL D 53 22.23 29.39 -16.63
C VAL D 53 22.70 30.80 -17.08
N LYS D 54 21.82 31.49 -17.81
CA LYS D 54 22.10 32.81 -18.37
C LYS D 54 23.42 32.85 -19.14
N ASP D 55 23.59 31.87 -20.04
CA ASP D 55 24.70 31.84 -20.99
C ASP D 55 26.10 31.69 -20.36
N ARG D 56 26.15 31.20 -19.12
CA ARG D 56 27.44 31.00 -18.47
C ARG D 56 28.15 29.77 -19.00
N PHE D 57 27.36 28.83 -19.50
CA PHE D 57 27.85 27.79 -20.42
C PHE D 57 26.73 27.45 -21.41
N LYS D 58 27.03 26.66 -22.44
CA LYS D 58 26.03 26.31 -23.44
C LYS D 58 25.15 25.14 -22.98
N VAL D 59 23.84 25.31 -23.13
CA VAL D 59 22.85 24.30 -22.77
C VAL D 59 22.35 23.68 -24.06
N LEU D 60 22.59 22.39 -24.25
CA LEU D 60 22.21 21.73 -25.49
C LEU D 60 21.35 20.46 -25.25
N ILE D 61 20.55 20.13 -26.25
CA ILE D 61 19.75 18.92 -26.24
C ILE D 61 20.21 18.00 -27.35
N SER D 62 20.36 16.71 -27.04
CA SER D 62 20.64 15.71 -28.05
C SER D 62 19.42 14.83 -28.27
N ASP D 63 19.18 14.49 -29.53
CA ASP D 63 18.09 13.57 -29.90
C ASP D 63 18.39 12.13 -29.54
N THR D 64 19.68 11.76 -29.51
CA THR D 64 20.12 10.39 -29.26
C THR D 64 21.02 10.29 -28.03
N PHE D 65 21.10 9.10 -27.44
CA PHE D 65 22.03 8.89 -26.33
C PHE D 65 23.47 9.09 -26.80
N GLU D 66 23.81 8.47 -27.93
CA GLU D 66 25.16 8.58 -28.48
C GLU D 66 25.57 10.04 -28.69
N GLY D 67 24.68 10.84 -29.28
CA GLY D 67 24.92 12.25 -29.51
C GLY D 67 25.26 13.03 -28.25
N ALA D 68 24.69 12.63 -27.13
CA ALA D 68 24.95 13.29 -25.85
C ALA D 68 26.35 12.97 -25.32
N VAL D 69 26.71 11.68 -25.32
CA VAL D 69 27.93 11.23 -24.63
C VAL D 69 29.20 11.24 -25.51
N VAL D 70 29.02 11.36 -26.82
CA VAL D 70 30.11 11.28 -27.79
C VAL D 70 31.33 12.15 -27.46
N ASP D 71 31.10 13.39 -27.05
CA ASP D 71 32.20 14.31 -26.76
C ASP D 71 32.34 14.66 -25.29
N ALA D 72 31.72 13.85 -24.43
CA ALA D 72 31.59 14.18 -23.01
C ALA D 72 32.77 13.69 -22.22
N LYS D 73 33.18 14.48 -21.24
CA LYS D 73 34.18 14.05 -20.28
C LYS D 73 33.53 13.37 -19.07
N TYR D 74 32.31 13.81 -18.76
CA TYR D 74 31.49 13.30 -17.67
C TYR D 74 30.09 13.03 -18.17
N VAL D 75 29.54 11.89 -17.77
CA VAL D 75 28.18 11.52 -18.11
C VAL D 75 27.46 11.24 -16.81
N ILE D 76 26.37 11.95 -16.56
CA ILE D 76 25.56 11.71 -15.36
C ILE D 76 24.33 10.88 -15.69
N PHE D 77 24.23 9.70 -15.07
CA PHE D 77 23.06 8.84 -15.17
C PHE D 77 22.09 9.26 -14.09
N GLN D 78 20.93 9.77 -14.49
CA GLN D 78 19.91 10.21 -13.54
C GLN D 78 18.48 9.93 -14.06
N PHE D 79 18.39 8.86 -14.86
CA PHE D 79 17.12 8.36 -15.38
C PHE D 79 16.48 7.33 -14.46
N ARG D 80 15.19 7.11 -14.63
CA ARG D 80 14.42 6.17 -13.82
C ARG D 80 13.75 5.18 -14.78
N PRO D 81 14.40 4.06 -15.06
CA PRO D 81 13.82 3.02 -15.93
C PRO D 81 12.43 2.56 -15.47
N GLY D 82 11.45 2.71 -16.36
CA GLY D 82 10.09 2.33 -16.05
C GLY D 82 9.30 3.45 -15.41
N GLY D 83 9.98 4.55 -15.12
CA GLY D 83 9.38 5.73 -14.49
C GLY D 83 8.78 5.48 -13.11
N LEU D 84 7.90 6.39 -12.71
CA LEU D 84 7.26 6.24 -11.42
C LEU D 84 6.22 5.12 -11.40
N LYS D 85 5.59 4.82 -12.54
CA LYS D 85 4.72 3.64 -12.57
C LYS D 85 5.52 2.36 -12.24
N GLY D 86 6.79 2.33 -12.61
CA GLY D 86 7.65 1.21 -12.25
C GLY D 86 7.91 1.15 -10.76
N ARG D 87 8.21 2.29 -10.17
CA ARG D 87 8.45 2.38 -8.74
C ARG D 87 7.18 2.00 -7.98
N GLU D 88 6.02 2.42 -8.50
CA GLU D 88 4.75 2.02 -7.93
C GLU D 88 4.58 0.49 -7.84
N ASN D 89 4.87 -0.20 -8.94
CA ASN D 89 4.90 -1.66 -8.92
C ASN D 89 5.90 -2.22 -7.90
N ASP D 90 7.11 -1.66 -7.88
CA ASP D 90 8.12 -2.05 -6.91
C ASP D 90 7.64 -1.98 -5.47
N GLU D 91 6.96 -0.88 -5.14
CA GLU D 91 6.50 -0.64 -3.79
C GLU D 91 5.26 -1.47 -3.50
N GLY D 92 4.40 -1.61 -4.51
CA GLY D 92 3.08 -2.20 -4.33
C GLY D 92 3.02 -3.71 -4.31
N ILE D 93 3.71 -4.35 -5.24
CA ILE D 93 3.60 -5.79 -5.43
C ILE D 93 4.02 -6.63 -4.21
N PRO D 94 5.21 -6.40 -3.64
CA PRO D 94 5.66 -7.23 -2.52
C PRO D 94 4.75 -7.17 -1.29
N LEU D 95 3.96 -6.10 -1.19
CA LEU D 95 3.08 -5.89 -0.06
C LEU D 95 2.10 -7.04 0.14
N LYS D 96 1.61 -7.58 -0.96
CA LYS D 96 0.68 -8.71 -1.02
C LYS D 96 1.19 -9.97 -0.36
N TYR D 97 2.50 -10.09 -0.23
CA TYR D 97 3.11 -11.28 0.35
C TYR D 97 3.60 -11.08 1.76
N GLY D 98 3.34 -9.92 2.33
CA GLY D 98 3.81 -9.60 3.66
C GLY D 98 5.26 -9.17 3.61
N LEU D 99 5.68 -8.72 2.43
CA LEU D 99 7.08 -8.33 2.21
C LEU D 99 7.21 -6.81 2.09
N ILE D 100 8.35 -6.27 2.49
CA ILE D 100 8.60 -4.83 2.44
C ILE D 100 8.58 -4.40 0.98
N GLY D 101 7.77 -3.39 0.67
CA GLY D 101 7.76 -2.81 -0.64
C GLY D 101 8.43 -1.46 -0.60
N GLN D 102 9.58 -1.35 -1.24
CA GLN D 102 10.39 -0.15 -1.15
C GLN D 102 11.20 0.09 -2.44
N GLU D 103 11.25 1.34 -2.87
CA GLU D 103 11.98 1.74 -4.07
C GLU D 103 13.37 1.07 -4.28
N THR D 104 14.22 0.99 -3.26
CA THR D 104 15.58 0.47 -3.45
C THR D 104 15.99 -0.68 -2.53
N THR D 105 15.10 -1.06 -1.61
CA THR D 105 15.41 -2.05 -0.58
C THR D 105 14.52 -3.27 -0.72
N GLY D 106 15.13 -4.44 -0.71
CA GLY D 106 14.39 -5.67 -0.76
C GLY D 106 13.86 -5.94 -2.15
N VAL D 107 12.75 -6.68 -2.23
CA VAL D 107 12.22 -7.13 -3.49
C VAL D 107 11.99 -5.97 -4.45
N GLY D 108 11.62 -4.80 -3.90
CA GLY D 108 11.43 -3.62 -4.72
C GLY D 108 12.66 -3.25 -5.52
N GLY D 109 13.82 -3.31 -4.87
CA GLY D 109 15.08 -3.00 -5.48
C GLY D 109 15.50 -4.04 -6.50
N PHE D 110 15.06 -5.27 -6.29
CA PHE D 110 15.32 -6.38 -7.21
C PHE D 110 14.69 -6.12 -8.57
N SER D 111 13.40 -5.78 -8.60
CA SER D 111 12.74 -5.44 -9.86
C SER D 111 13.31 -4.18 -10.46
N ALA D 112 13.60 -3.18 -9.64
CA ALA D 112 14.22 -1.94 -10.13
C ALA D 112 15.53 -2.27 -10.85
N ALA D 113 16.32 -3.18 -10.26
CA ALA D 113 17.59 -3.56 -10.84
C ALA D 113 17.44 -4.28 -12.19
N LEU D 114 16.51 -5.24 -12.25
CA LEU D 114 16.28 -5.98 -13.48
C LEU D 114 15.82 -5.04 -14.60
N ARG D 115 15.10 -3.98 -14.23
CA ARG D 115 14.68 -2.95 -15.17
C ARG D 115 15.87 -2.12 -15.68
N ALA D 116 16.88 -1.95 -14.84
CA ALA D 116 17.98 -1.05 -15.11
C ALA D 116 19.02 -1.71 -15.98
N PHE D 117 19.35 -2.96 -15.65
CA PHE D 117 20.50 -3.65 -16.24
C PHE D 117 20.58 -3.55 -17.77
N PRO D 118 19.50 -3.86 -18.49
CA PRO D 118 19.51 -3.80 -19.96
C PRO D 118 19.90 -2.43 -20.46
N ILE D 119 19.32 -1.40 -19.85
CA ILE D 119 19.57 -0.03 -20.24
C ILE D 119 21.01 0.39 -19.93
N VAL D 120 21.50 0.07 -18.72
CA VAL D 120 22.85 0.50 -18.41
C VAL D 120 23.89 -0.27 -19.22
N GLU D 121 23.60 -1.54 -19.53
CA GLU D 121 24.45 -2.33 -20.44
C GLU D 121 24.62 -1.62 -21.78
N GLU D 122 23.50 -1.27 -22.41
CA GLU D 122 23.47 -0.51 -23.67
C GLU D 122 24.23 0.82 -23.56
N TYR D 123 23.93 1.60 -22.53
CA TYR D 123 24.49 2.95 -22.38
C TYR D 123 25.99 2.90 -22.07
N VAL D 124 26.40 2.00 -21.18
CA VAL D 124 27.82 1.85 -20.84
C VAL D 124 28.60 1.42 -22.07
N ASP D 125 28.05 0.50 -22.84
CA ASP D 125 28.69 0.04 -24.07
C ASP D 125 28.94 1.18 -25.06
N THR D 126 27.96 2.05 -25.25
CA THR D 126 28.09 3.17 -26.17
C THR D 126 29.09 4.21 -25.66
N VAL D 127 29.11 4.45 -24.35
CA VAL D 127 30.09 5.39 -23.77
C VAL D 127 31.49 4.84 -24.03
N ARG D 128 31.64 3.56 -23.78
CA ARG D 128 32.93 2.89 -23.89
C ARG D 128 33.44 2.87 -25.34
N LYS D 129 32.52 2.81 -26.30
CA LYS D 129 32.88 2.78 -27.71
C LYS D 129 33.11 4.18 -28.28
N THR D 130 32.86 5.21 -27.49
CA THR D 130 33.02 6.59 -27.98
C THR D 130 33.93 7.42 -27.07
N SER D 131 33.37 8.11 -26.09
CA SER D 131 34.12 9.11 -25.33
C SER D 131 34.98 8.54 -24.21
N ASN D 132 34.65 7.35 -23.75
CA ASN D 132 35.25 6.81 -22.54
C ASN D 132 35.19 7.75 -21.33
N ALA D 133 34.06 8.44 -21.21
CA ALA D 133 33.85 9.40 -20.16
C ALA D 133 33.71 8.73 -18.81
N THR D 134 33.94 9.50 -17.76
CA THR D 134 33.62 9.05 -16.41
C THR D 134 32.10 9.11 -16.26
N ILE D 135 31.49 8.00 -15.83
CA ILE D 135 30.04 8.02 -15.55
C ILE D 135 29.77 8.17 -14.05
N VAL D 136 29.06 9.25 -13.71
CA VAL D 136 28.57 9.48 -12.35
C VAL D 136 27.11 9.04 -12.25
N ASN D 137 26.82 8.10 -11.37
CA ASN D 137 25.51 7.44 -11.39
C ASN D 137 24.55 7.72 -10.21
N PHE D 138 23.35 8.19 -10.50
CA PHE D 138 22.28 8.29 -9.50
C PHE D 138 21.20 7.25 -9.65
N THR D 139 21.03 6.77 -10.89
CA THR D 139 20.00 5.78 -11.21
C THR D 139 19.96 4.68 -10.15
N ASN D 140 18.78 4.46 -9.56
CA ASN D 140 18.62 3.41 -8.56
C ASN D 140 18.37 2.02 -9.16
N PRO D 141 18.82 0.96 -8.49
CA PRO D 141 19.63 1.03 -7.27
C PRO D 141 21.11 1.30 -7.56
N SER D 142 21.58 2.45 -7.08
CA SER D 142 22.89 2.97 -7.42
C SER D 142 24.05 2.01 -7.15
N GLY D 143 24.14 1.52 -5.91
CA GLY D 143 25.22 0.62 -5.54
C GLY D 143 25.21 -0.70 -6.29
N HIS D 144 24.03 -1.29 -6.45
CA HIS D 144 23.87 -2.58 -7.14
C HIS D 144 24.28 -2.37 -8.61
N ILE D 145 23.89 -1.24 -9.19
CA ILE D 145 24.22 -0.96 -10.56
C ILE D 145 25.76 -0.81 -10.64
N THR D 146 26.37 -0.16 -9.67
CA THR D 146 27.82 -0.03 -9.65
C THR D 146 28.53 -1.38 -9.56
N GLU D 147 28.03 -2.27 -8.69
CA GLU D 147 28.57 -3.62 -8.60
C GLU D 147 28.51 -4.27 -9.99
N PHE D 148 27.39 -4.10 -10.68
CA PHE D 148 27.20 -4.63 -12.03
C PHE D 148 28.21 -4.07 -13.04
N VAL D 149 28.33 -2.75 -13.12
CA VAL D 149 29.24 -2.16 -14.11
C VAL D 149 30.72 -2.46 -13.78
N ARG D 150 31.10 -2.34 -12.51
CA ARG D 150 32.49 -2.51 -12.16
C ARG D 150 32.98 -3.95 -12.28
N ASN D 151 32.15 -4.91 -11.91
CA ASN D 151 32.60 -6.28 -11.77
C ASN D 151 32.09 -7.25 -12.84
N TYR D 152 31.10 -6.81 -13.61
CA TYR D 152 30.59 -7.65 -14.67
C TYR D 152 30.76 -7.03 -16.08
N LEU D 153 30.43 -5.75 -16.24
CA LEU D 153 30.65 -5.08 -17.52
C LEU D 153 32.10 -4.66 -17.59
N GLU D 154 32.70 -4.55 -16.42
CA GLU D 154 34.11 -4.22 -16.28
C GLU D 154 34.49 -2.87 -16.89
N TYR D 155 33.70 -1.85 -16.57
CA TYR D 155 33.99 -0.50 -16.98
C TYR D 155 34.46 0.26 -15.77
N GLU D 156 35.73 0.66 -15.77
CA GLU D 156 36.36 1.14 -14.57
C GLU D 156 35.85 2.50 -14.09
N LYS D 157 35.59 3.38 -15.03
CA LYS D 157 35.27 4.75 -14.71
C LYS D 157 33.77 4.94 -14.50
N PHE D 158 33.23 4.21 -13.53
CA PHE D 158 31.80 4.29 -13.21
C PHE D 158 31.69 4.46 -11.72
N ILE D 159 31.15 5.60 -11.31
CA ILE D 159 31.19 5.98 -9.90
C ILE D 159 29.77 6.13 -9.41
N GLY D 160 29.35 5.24 -8.52
CA GLY D 160 28.02 5.27 -7.92
C GLY D 160 27.94 6.35 -6.85
N LEU D 161 26.89 7.16 -6.95
CA LEU D 161 26.63 8.20 -5.96
C LEU D 161 25.30 7.98 -5.24
N CYS D 162 25.22 8.59 -4.06
CA CYS D 162 24.02 8.55 -3.25
C CYS D 162 23.92 9.83 -2.41
N ASN D 163 22.70 10.16 -2.00
CA ASN D 163 22.52 11.43 -1.31
C ASN D 163 22.64 11.37 0.21
N VAL D 164 22.78 10.15 0.76
CA VAL D 164 22.81 10.00 2.23
C VAL D 164 24.13 10.39 2.91
N PRO D 165 25.27 10.06 2.29
CA PRO D 165 26.55 10.44 2.89
C PRO D 165 26.63 11.96 3.00
N ILE D 166 26.31 12.69 1.93
CA ILE D 166 26.38 14.17 1.96
C ILE D 166 25.33 14.78 2.92
N ASN D 167 24.17 14.14 3.05
CA ASN D 167 23.14 14.57 4.00
C ASN D 167 23.65 14.50 5.42
N PHE D 168 24.34 13.39 5.71
CA PHE D 168 24.91 13.19 7.03
C PHE D 168 26.02 14.18 7.37
N ILE D 169 26.99 14.32 6.46
CA ILE D 169 28.08 15.27 6.67
C ILE D 169 27.50 16.66 6.96
N ARG D 170 26.56 17.12 6.13
CA ARG D 170 25.96 18.46 6.29
C ARG D 170 25.35 18.65 7.67
N GLU D 171 24.69 17.60 8.15
CA GLU D 171 24.10 17.62 9.47
C GLU D 171 25.16 17.80 10.56
N ILE D 172 26.25 17.05 10.46
CA ILE D 172 27.35 17.11 11.42
C ILE D 172 28.03 18.49 11.36
N ALA D 173 28.24 18.95 10.12
CA ALA D 173 28.83 20.26 9.87
C ALA D 173 28.08 21.39 10.60
N GLU D 174 26.75 21.44 10.50
CA GLU D 174 26.04 22.52 11.18
C GLU D 174 25.86 22.33 12.70
N PHE D 176 28.27 21.41 14.49
CA PHE D 176 29.58 21.75 15.02
C PHE D 176 30.14 23.04 14.43
N SER D 177 29.31 23.73 13.65
CA SER D 177 29.65 25.01 13.01
C SER D 177 30.95 24.93 12.21
N ALA D 178 30.99 23.96 11.30
CA ALA D 178 32.18 23.64 10.53
C ALA D 178 31.83 23.50 9.05
N ARG D 179 32.83 23.60 8.17
CA ARG D 179 32.59 23.40 6.76
C ARG D 179 32.48 21.90 6.45
N LEU D 180 31.95 21.55 5.28
CA LEU D 180 31.72 20.16 4.93
C LEU D 180 33.02 19.34 4.95
N GLU D 181 34.11 19.93 4.44
CA GLU D 181 35.40 19.23 4.39
C GLU D 181 36.08 19.11 5.75
N ASP D 182 35.59 19.84 6.75
CA ASP D 182 36.06 19.70 8.14
C ASP D 182 35.61 18.38 8.77
N VAL D 183 34.70 17.67 8.09
CA VAL D 183 34.12 16.44 8.63
C VAL D 183 34.74 15.25 7.97
N PHE D 184 35.29 14.35 8.79
CA PHE D 184 35.86 13.09 8.31
C PHE D 184 35.28 11.89 9.04
N LEU D 185 34.83 10.89 8.26
CA LEU D 185 34.09 9.74 8.78
C LEU D 185 34.81 8.41 8.60
N LYS D 186 34.65 7.49 9.55
CA LYS D 186 34.82 6.08 9.23
C LYS D 186 33.45 5.56 8.80
N TYR D 187 33.33 5.22 7.52
CA TYR D 187 32.06 5.04 6.88
C TYR D 187 32.22 3.87 5.93
N TYR D 188 31.29 2.92 5.97
CA TYR D 188 31.32 1.78 5.07
C TYR D 188 29.99 1.07 5.04
N GLY D 189 29.80 0.28 4.00
CA GLY D 189 28.61 -0.51 3.82
C GLY D 189 28.27 -0.49 2.35
N LEU D 190 27.04 -0.88 2.05
CA LEU D 190 26.55 -0.80 0.68
C LEU D 190 25.65 0.41 0.59
N ASN D 191 25.31 0.79 -0.64
CA ASN D 191 24.38 1.87 -0.86
C ASN D 191 23.06 1.59 -0.12
N HIS D 192 22.59 2.53 0.70
CA HIS D 192 21.39 2.34 1.52
C HIS D 192 21.53 1.24 2.59
N LEU D 193 22.76 0.93 2.96
CA LEU D 193 23.05 -0.18 3.83
C LEU D 193 24.39 0.12 4.45
N SER D 194 24.53 1.33 5.01
CA SER D 194 25.84 1.80 5.44
C SER D 194 25.89 2.13 6.92
N PHE D 195 27.11 2.22 7.46
CA PHE D 195 27.33 2.43 8.88
C PHE D 195 28.45 3.42 9.09
N ILE D 196 28.33 4.22 10.13
CA ILE D 196 29.38 5.13 10.52
C ILE D 196 29.86 4.66 11.87
N GLU D 197 31.17 4.49 11.98
CA GLU D 197 31.80 3.99 13.19
C GLU D 197 32.47 5.10 13.98
N LYS D 198 32.95 6.12 13.28
CA LYS D 198 33.74 7.16 13.89
C LYS D 198 33.45 8.46 13.17
N VAL D 199 33.42 9.54 13.94
CA VAL D 199 33.15 10.87 13.41
C VAL D 199 34.25 11.81 13.90
N PHE D 200 34.86 12.51 12.94
CA PHE D 200 35.87 13.52 13.25
C PHE D 200 35.47 14.88 12.70
N VAL D 201 35.60 15.90 13.53
CA VAL D 201 35.36 17.26 13.09
C VAL D 201 36.61 18.09 13.41
N LYS D 202 37.18 18.69 12.36
CA LYS D 202 38.44 19.44 12.45
C LYS D 202 39.50 18.63 13.18
N GLY D 203 39.52 17.31 12.96
CA GLY D 203 40.51 16.46 13.57
C GLY D 203 40.15 15.89 14.92
N GLU D 204 39.15 16.47 15.58
CA GLU D 204 38.71 15.98 16.89
C GLU D 204 37.75 14.80 16.77
N ASP D 205 37.93 13.80 17.63
CA ASP D 205 37.02 12.67 17.70
C ASP D 205 35.77 13.10 18.46
N VAL D 206 34.66 13.21 17.75
CA VAL D 206 33.42 13.65 18.36
C VAL D 206 32.32 12.60 18.30
N THR D 207 32.70 11.34 18.04
CA THR D 207 31.75 10.20 18.00
C THR D 207 30.86 10.18 19.23
N GLU D 208 31.46 10.28 20.41
CA GLU D 208 30.69 10.30 21.65
C GLU D 208 29.63 11.39 21.66
N LYS D 209 30.01 12.59 21.25
CA LYS D 209 29.09 13.74 21.25
C LYS D 209 28.00 13.55 20.22
N VAL D 210 28.30 12.89 19.12
CA VAL D 210 27.29 12.62 18.09
C VAL D 210 26.24 11.65 18.62
N PHE D 211 26.68 10.63 19.35
CA PHE D 211 25.79 9.61 19.91
C PHE D 211 24.86 10.23 20.94
N GLU D 212 25.43 11.06 21.82
CA GLU D 212 24.65 11.72 22.85
C GLU D 212 23.61 12.68 22.25
N ASN D 213 23.95 13.29 21.12
CA ASN D 213 23.06 14.24 20.46
C ASN D 213 21.98 13.55 19.65
N LEU D 214 22.27 12.33 19.19
CA LEU D 214 21.29 11.54 18.45
C LEU D 214 20.12 11.09 19.34
N LYS D 215 20.35 11.07 20.65
CA LYS D 215 19.28 10.65 21.55
C LYS D 215 18.36 11.81 21.97
N LEU D 216 18.46 12.94 21.27
CA LEU D 216 17.66 14.14 21.60
C LEU D 216 16.80 14.60 20.43
N GLU D 224 9.24 5.17 15.25
CA GLU D 224 9.82 4.92 13.92
C GLU D 224 11.33 5.23 13.76
N ASP D 225 12.02 5.56 14.86
CA ASP D 225 13.51 5.53 14.87
C ASP D 225 14.04 4.73 16.08
N PHE D 226 15.31 4.33 15.98
CA PHE D 226 15.91 3.40 16.93
C PHE D 226 15.96 3.98 18.33
N PRO D 227 15.73 3.15 19.34
CA PRO D 227 15.75 3.61 20.73
C PRO D 227 17.17 3.86 21.22
N THR D 228 17.29 4.48 22.37
CA THR D 228 18.57 4.80 22.98
C THR D 228 19.47 3.58 23.10
N TRP D 229 18.93 2.51 23.68
CA TRP D 229 19.71 1.31 23.97
C TRP D 229 20.36 0.72 22.72
N PHE D 230 19.69 0.87 21.57
CA PHE D 230 20.20 0.39 20.31
C PHE D 230 21.59 0.98 19.99
N TYR D 231 21.74 2.28 20.20
CA TYR D 231 23.00 2.94 19.94
C TYR D 231 24.06 2.60 20.99
N ASP D 232 23.63 2.41 22.23
CA ASP D 232 24.52 1.91 23.29
C ASP D 232 25.05 0.51 23.02
N SER D 233 24.24 -0.33 22.39
CA SER D 233 24.58 -1.74 22.13
C SER D 233 25.40 -1.92 20.85
N VAL D 234 24.82 -1.51 19.73
CA VAL D 234 25.41 -1.69 18.41
C VAL D 234 26.64 -0.79 18.22
N ARG D 235 26.59 0.41 18.79
CA ARG D 235 27.67 1.40 18.72
C ARG D 235 28.04 1.73 17.31
N LEU D 236 27.02 1.88 16.48
CA LEU D 236 27.19 2.23 15.09
C LEU D 236 26.10 3.24 14.77
N ILE D 237 26.43 4.29 14.03
CA ILE D 237 25.37 5.14 13.49
C ILE D 237 24.98 4.42 12.22
N VAL D 238 23.70 4.18 12.09
CA VAL D 238 23.19 3.27 11.11
C VAL D 238 22.33 4.06 10.11
N ASN D 239 22.47 3.74 8.83
CA ASN D 239 21.67 4.32 7.75
C ASN D 239 20.21 4.13 8.04
N PRO D 240 19.36 5.13 7.79
CA PRO D 240 17.93 5.00 8.17
C PRO D 240 17.22 3.87 7.42
N TYR D 241 17.74 3.46 6.27
CA TYR D 241 17.20 2.32 5.52
C TYR D 241 17.29 0.98 6.25
N LEU D 242 18.25 0.86 7.17
CA LEU D 242 18.37 -0.32 8.00
C LEU D 242 17.11 -0.58 8.83
N ARG D 243 16.27 0.44 8.99
CA ARG D 243 14.98 0.28 9.63
C ARG D 243 14.19 -0.84 9.00
N TYR D 244 14.33 -1.02 7.70
CA TYR D 244 13.52 -2.01 7.00
C TYR D 244 13.96 -3.42 7.31
N TYR D 245 15.23 -3.59 7.70
CA TYR D 245 15.74 -4.89 8.14
C TYR D 245 15.52 -5.10 9.63
N LEU D 246 15.80 -4.08 10.44
CA LEU D 246 15.83 -4.22 11.88
C LEU D 246 14.46 -4.01 12.52
N GLU D 248 11.37 -4.52 10.65
CA GLU D 248 10.53 -4.96 9.55
C GLU D 248 9.04 -4.92 9.87
N LYS D 249 8.66 -5.47 11.03
CA LYS D 249 7.25 -5.51 11.41
C LYS D 249 6.66 -4.12 11.42
N LYS D 250 7.34 -3.19 12.09
CA LYS D 250 6.92 -1.78 12.17
C LYS D 250 6.91 -1.08 10.82
N PHE D 252 6.59 -2.58 7.85
CA PHE D 252 5.56 -3.17 7.02
C PHE D 252 4.19 -2.61 7.33
N LYS D 253 3.90 -2.49 8.62
CA LYS D 253 2.67 -1.89 9.13
C LYS D 253 2.50 -0.43 8.63
N LYS D 254 3.60 0.30 8.53
CA LYS D 254 3.57 1.67 8.05
C LYS D 254 3.31 1.73 6.55
N ILE D 255 4.13 1.01 5.78
CA ILE D 255 4.02 1.06 4.30
C ILE D 255 2.64 0.62 3.82
N SER D 256 2.12 -0.42 4.45
CA SER D 256 0.91 -1.07 4.00
C SER D 256 -0.38 -0.38 4.42
N THR D 257 -0.29 0.64 5.28
CA THR D 257 -1.50 1.37 5.71
C THR D 257 -1.57 2.82 5.26
N HIS D 258 -0.75 3.17 4.28
CA HIS D 258 -0.73 4.52 3.75
C HIS D 258 -0.57 4.42 2.26
N GLU D 259 -0.89 5.52 1.59
CA GLU D 259 -0.60 5.72 0.19
C GLU D 259 0.83 5.27 -0.14
N LEU D 260 1.01 4.54 -1.24
CA LEU D 260 2.35 4.23 -1.71
C LEU D 260 3.15 5.52 -1.95
N ARG D 261 4.44 5.49 -1.63
CA ARG D 261 5.30 6.68 -1.75
C ARG D 261 5.39 7.23 -3.18
N ALA D 262 5.51 6.35 -4.17
CA ALA D 262 5.62 6.76 -5.56
C ALA D 262 4.45 7.63 -6.01
N ARG D 263 3.30 7.35 -5.43
CA ARG D 263 2.08 8.06 -5.70
C ARG D 263 2.18 9.48 -5.21
N GLU D 264 2.86 9.64 -4.07
CA GLU D 264 3.10 10.94 -3.46
C GLU D 264 4.05 11.78 -4.30
N VAL D 265 5.12 11.12 -4.74
CA VAL D 265 6.13 11.72 -5.59
C VAL D 265 5.57 12.16 -6.94
N LYS D 267 2.63 13.32 -7.49
CA LYS D 267 1.92 14.55 -7.20
C LYS D 267 2.89 15.71 -7.00
N ILE D 268 4.02 15.40 -6.36
CA ILE D 268 5.06 16.41 -6.12
C ILE D 268 5.70 16.87 -7.42
N GLU D 269 6.03 15.91 -8.29
CA GLU D 269 6.62 16.20 -9.58
C GLU D 269 5.69 16.93 -10.55
N LYS D 270 4.40 16.57 -10.55
CA LYS D 270 3.44 17.23 -11.40
C LYS D 270 3.34 18.70 -10.98
N GLU D 271 3.55 18.94 -9.68
CA GLU D 271 3.48 20.26 -9.05
C GLU D 271 4.67 21.12 -9.46
N LEU D 272 5.85 20.51 -9.38
CA LEU D 272 7.12 21.15 -9.72
C LEU D 272 7.19 21.48 -11.21
N PHE D 273 6.70 20.58 -12.04
CA PHE D 273 6.65 20.77 -13.47
C PHE D 273 5.79 21.97 -13.90
N GLU D 274 4.63 22.16 -13.27
CA GLU D 274 3.83 23.33 -13.55
C GLU D 274 4.58 24.59 -13.12
N LYS D 275 5.29 24.50 -12.01
CA LYS D 275 6.12 25.61 -11.52
C LYS D 275 7.27 26.00 -12.47
N TYR D 276 7.98 25.00 -13.01
CA TYR D 276 9.14 25.23 -13.90
C TYR D 276 8.83 25.93 -15.23
N ARG D 277 7.54 25.99 -15.59
CA ARG D 277 7.12 26.63 -16.83
C ARG D 277 7.48 28.10 -16.87
N THR D 278 7.30 28.79 -15.74
CA THR D 278 7.49 30.24 -15.67
C THR D 278 8.58 30.68 -14.67
N ALA D 279 9.06 29.75 -13.86
CA ALA D 279 9.86 30.11 -12.67
C ALA D 279 11.20 30.71 -13.01
N VAL D 280 11.44 31.90 -12.46
CA VAL D 280 12.71 32.60 -12.65
C VAL D 280 13.79 32.10 -11.68
N GLU D 281 13.37 31.58 -10.52
CA GLU D 281 14.29 31.01 -9.53
C GLU D 281 13.87 29.61 -9.07
N ILE D 282 14.83 28.84 -8.55
CA ILE D 282 14.55 27.47 -8.04
C ILE D 282 13.51 27.51 -6.93
N PRO D 283 12.41 26.77 -7.08
CA PRO D 283 11.33 26.73 -6.08
C PRO D 283 11.73 26.01 -4.76
N GLU D 284 11.07 26.34 -3.65
CA GLU D 284 11.35 25.68 -2.35
C GLU D 284 11.28 24.14 -2.39
N TYR D 294 21.53 15.69 -3.74
CA TYR D 294 22.28 14.83 -4.67
C TYR D 294 23.11 15.71 -5.65
N SER D 295 22.58 16.91 -5.91
CA SER D 295 23.16 17.84 -6.86
C SER D 295 24.56 18.26 -6.45
N THR D 296 24.68 18.69 -5.19
CA THR D 296 25.95 19.11 -4.60
C THR D 296 26.98 17.98 -4.68
N ALA D 297 26.52 16.74 -4.43
CA ALA D 297 27.42 15.60 -4.49
C ALA D 297 27.98 15.42 -5.89
N ALA D 298 27.12 15.46 -6.90
CA ALA D 298 27.55 15.26 -8.27
C ALA D 298 28.55 16.34 -8.67
N ALA D 299 28.16 17.60 -8.46
CA ALA D 299 28.99 18.73 -8.91
C ALA D 299 30.32 18.74 -8.18
N HIS D 300 30.30 18.50 -6.88
CA HIS D 300 31.51 18.54 -6.08
C HIS D 300 32.46 17.43 -6.49
N LEU D 301 31.90 16.27 -6.84
CA LEU D 301 32.70 15.13 -7.27
C LEU D 301 33.36 15.48 -8.61
N ILE D 302 32.59 16.06 -9.54
CA ILE D 302 33.12 16.40 -10.86
C ILE D 302 34.21 17.48 -10.71
N ARG D 303 33.97 18.42 -9.81
CA ARG D 303 34.92 19.48 -9.51
C ARG D 303 36.25 18.89 -9.12
N ASP D 304 36.20 17.87 -8.29
CA ASP D 304 37.40 17.37 -7.63
C ASP D 304 38.11 16.34 -8.47
N LEU D 305 37.37 15.69 -9.36
CA LEU D 305 37.91 14.89 -10.45
C LEU D 305 38.70 15.81 -11.43
N GLU D 306 38.24 17.05 -11.58
CA GLU D 306 38.86 17.99 -12.52
C GLU D 306 40.13 18.65 -11.98
N THR D 307 40.12 19.11 -10.74
CA THR D 307 41.31 19.73 -10.17
C THR D 307 42.28 18.69 -9.66
N ASP D 308 43.48 19.15 -9.33
CA ASP D 308 44.52 18.33 -8.75
C ASP D 308 44.67 18.57 -7.23
N GLU D 309 43.67 19.20 -6.64
CA GLU D 309 43.64 19.50 -5.20
C GLU D 309 43.70 18.25 -4.32
N GLY D 310 42.81 17.28 -4.57
CA GLY D 310 42.74 16.10 -3.74
C GLY D 310 41.79 16.29 -2.58
N LYS D 311 40.61 15.68 -2.68
CA LYS D 311 39.55 15.85 -1.70
C LYS D 311 38.83 14.55 -1.42
N ILE D 312 38.21 14.45 -0.24
CA ILE D 312 37.54 13.21 0.17
C ILE D 312 36.07 13.19 -0.27
N HIS D 313 35.65 12.13 -0.95
CA HIS D 313 34.22 11.93 -1.23
C HIS D 313 33.80 10.51 -0.93
N ILE D 314 32.67 10.37 -0.27
CA ILE D 314 32.10 9.06 -0.07
C ILE D 314 31.39 8.64 -1.35
N VAL D 315 31.88 7.60 -2.01
CA VAL D 315 31.30 7.16 -3.27
C VAL D 315 31.24 5.65 -3.30
N ASN D 316 30.51 5.10 -4.26
CA ASN D 316 30.46 3.65 -4.43
C ASN D 316 31.49 3.18 -5.40
N THR D 317 32.32 2.23 -4.95
CA THR D 317 33.49 1.80 -5.70
C THR D 317 34.01 0.51 -5.09
N ARG D 318 34.96 -0.14 -5.76
CA ARG D 318 35.58 -1.36 -5.23
C ARG D 318 36.30 -1.07 -3.92
N ASN D 319 36.14 -2.00 -2.98
CA ASN D 319 36.68 -1.88 -1.65
C ASN D 319 38.18 -1.61 -1.65
N ASN D 320 38.95 -2.42 -2.39
CA ASN D 320 40.41 -2.33 -2.48
C ASN D 320 41.09 -1.97 -1.18
N GLY D 321 40.79 -2.73 -0.15
CA GLY D 321 41.50 -2.54 1.10
C GLY D 321 41.02 -1.45 2.03
N SER D 322 39.95 -0.74 1.66
CA SER D 322 39.34 0.23 2.56
C SER D 322 38.94 -0.47 3.85
N ILE D 323 38.24 -1.58 3.72
CA ILE D 323 37.89 -2.38 4.87
C ILE D 323 38.60 -3.73 4.75
N GLU D 324 39.60 -3.97 5.60
CA GLU D 324 40.45 -5.16 5.41
C GLU D 324 39.71 -6.44 5.67
N ASN D 325 38.57 -6.32 6.33
CA ASN D 325 37.74 -7.41 6.75
C ASN D 325 36.86 -7.92 5.60
N LEU D 326 36.95 -7.27 4.41
CA LEU D 326 36.00 -7.53 3.32
C LEU D 326 36.75 -7.80 2.02
N PRO D 327 36.22 -8.59 1.10
CA PRO D 327 36.96 -8.87 -0.15
C PRO D 327 37.27 -7.58 -0.94
N ASP D 328 38.41 -7.52 -1.60
CA ASP D 328 38.77 -6.33 -2.37
C ASP D 328 37.77 -5.91 -3.44
N ASP D 329 37.06 -6.85 -4.04
CA ASP D 329 36.19 -6.48 -5.14
C ASP D 329 34.77 -6.15 -4.78
N TYR D 330 34.36 -6.28 -3.51
CA TYR D 330 33.02 -5.82 -3.11
C TYR D 330 32.89 -4.33 -3.43
N VAL D 331 31.86 -3.94 -4.18
CA VAL D 331 31.63 -2.51 -4.30
C VAL D 331 31.01 -2.05 -3.00
N LEU D 332 31.67 -1.09 -2.36
CA LEU D 332 31.14 -0.53 -1.13
C LEU D 332 30.96 0.97 -1.29
N GLU D 333 30.20 1.58 -0.38
CA GLU D 333 30.11 3.02 -0.31
C GLU D 333 31.06 3.44 0.78
N ILE D 334 32.14 4.13 0.39
CA ILE D 334 33.27 4.42 1.28
C ILE D 334 33.93 5.74 0.89
N PRO D 335 34.65 6.35 1.81
CA PRO D 335 35.37 7.60 1.54
C PRO D 335 36.60 7.35 0.68
N CYS D 336 36.79 8.17 -0.36
CA CYS D 336 37.92 8.06 -1.27
C CYS D 336 38.64 9.36 -1.44
N TYR D 337 39.93 9.29 -1.79
CA TYR D 337 40.73 10.46 -2.13
C TYR D 337 40.55 10.67 -3.62
N VAL D 338 40.10 11.85 -3.99
CA VAL D 338 39.67 12.09 -5.36
C VAL D 338 40.53 13.19 -5.92
N ARG D 339 41.09 12.98 -7.09
CA ARG D 339 42.06 13.92 -7.65
C ARG D 339 42.45 13.58 -9.07
N SER D 340 42.42 14.58 -9.94
CA SER D 340 42.81 14.43 -11.35
C SER D 340 42.33 13.14 -12.02
N GLY D 341 41.02 12.92 -12.02
CA GLY D 341 40.43 11.87 -12.80
C GLY D 341 40.54 10.53 -12.15
N ARG D 342 41.11 10.48 -10.95
CA ARG D 342 41.38 9.23 -10.24
C ARG D 342 40.67 9.18 -8.90
N VAL D 343 40.19 8.00 -8.52
CA VAL D 343 39.55 7.81 -7.22
C VAL D 343 40.35 6.78 -6.42
N HIS D 344 40.99 7.18 -5.34
CA HIS D 344 41.73 6.24 -4.51
C HIS D 344 41.05 5.91 -3.19
N THR D 345 40.95 4.64 -2.84
CA THR D 345 40.39 4.30 -1.53
C THR D 345 41.41 4.47 -0.41
N LEU D 346 40.87 4.75 0.76
CA LEU D 346 41.65 5.00 1.97
C LEU D 346 41.54 3.84 2.94
N SER D 347 42.63 3.57 3.63
CA SER D 347 42.63 2.70 4.79
C SER D 347 41.54 3.06 5.77
N GLN D 348 40.79 2.08 6.27
CA GLN D 348 39.90 2.34 7.37
C GLN D 348 40.06 1.35 8.51
N GLY D 349 40.72 0.23 8.25
CA GLY D 349 40.79 -0.84 9.24
C GLY D 349 39.66 -1.85 9.10
N LYS D 350 39.20 -2.38 10.22
CA LYS D 350 38.24 -3.48 10.20
C LYS D 350 36.80 -3.00 10.27
N GLY D 351 35.90 -3.69 9.57
CA GLY D 351 34.48 -3.44 9.69
C GLY D 351 33.91 -4.24 10.84
N ASP D 352 32.86 -3.74 11.46
CA ASP D 352 32.18 -4.38 12.60
C ASP D 352 31.44 -5.63 12.15
N HIS D 353 31.47 -6.68 12.97
CA HIS D 353 30.80 -7.93 12.59
C HIS D 353 29.35 -7.73 12.26
N PHE D 354 28.69 -6.85 13.03
CA PHE D 354 27.28 -6.58 12.87
C PHE D 354 27.02 -5.99 11.49
N ALA D 355 27.81 -5.00 11.10
CA ALA D 355 27.67 -4.40 9.79
C ALA D 355 27.92 -5.41 8.69
N LEU D 356 28.96 -6.23 8.88
CA LEU D 356 29.38 -7.21 7.89
C LEU D 356 28.27 -8.22 7.61
N SER D 357 27.48 -8.60 8.62
CA SER D 357 26.46 -9.59 8.36
C SER D 357 25.46 -9.06 7.35
N PHE D 358 25.10 -7.78 7.43
CA PHE D 358 24.25 -7.19 6.39
C PHE D 358 25.00 -7.03 5.06
N ILE D 359 26.23 -6.55 5.10
CA ILE D 359 27.00 -6.34 3.85
C ILE D 359 27.21 -7.63 3.06
N HIS D 360 27.63 -8.69 3.72
CA HIS D 360 27.81 -9.96 3.07
C HIS D 360 26.50 -10.50 2.47
N ALA D 361 25.44 -10.53 3.28
CA ALA D 361 24.20 -11.14 2.82
C ALA D 361 23.66 -10.45 1.57
N VAL D 362 23.65 -9.12 1.56
CA VAL D 362 23.05 -8.46 0.41
C VAL D 362 23.98 -8.40 -0.79
N LYS D 363 25.28 -8.38 -0.53
CA LYS D 363 26.22 -8.53 -1.63
C LYS D 363 26.03 -9.86 -2.38
N TYR D 365 23.27 -11.54 -2.52
CA TYR D 365 22.01 -11.27 -3.23
C TYR D 365 22.26 -10.49 -4.51
N GLU D 366 23.10 -9.46 -4.41
CA GLU D 366 23.34 -8.56 -5.53
C GLU D 366 23.93 -9.34 -6.70
N ARG D 367 24.97 -10.14 -6.43
CA ARG D 367 25.60 -10.91 -7.50
C ARG D 367 24.67 -12.03 -8.02
N LEU D 368 23.90 -12.66 -7.14
CA LEU D 368 22.95 -13.66 -7.61
C LEU D 368 21.97 -13.03 -8.59
N THR D 369 21.56 -11.79 -8.32
CA THR D 369 20.60 -11.10 -9.19
C THR D 369 21.22 -10.81 -10.55
N ILE D 370 22.46 -10.35 -10.55
CA ILE D 370 23.18 -10.03 -11.78
C ILE D 370 23.40 -11.30 -12.61
N GLU D 371 23.82 -12.37 -11.95
CA GLU D 371 23.97 -13.67 -12.60
C GLU D 371 22.68 -14.09 -13.28
N ALA D 372 21.56 -13.95 -12.58
CA ALA D 372 20.25 -14.22 -13.14
C ALA D 372 19.94 -13.38 -14.41
N TYR D 373 20.25 -12.09 -14.36
CA TYR D 373 20.06 -11.24 -15.52
C TYR D 373 20.96 -11.66 -16.69
N LEU D 374 22.26 -11.84 -16.42
CA LEU D 374 23.18 -12.17 -17.51
C LEU D 374 22.83 -13.47 -18.24
N LYS D 375 22.27 -14.42 -17.50
CA LYS D 375 21.89 -15.70 -18.08
C LYS D 375 20.43 -15.69 -18.49
N ARG D 376 19.77 -14.57 -18.21
CA ARG D 376 18.36 -14.38 -18.53
C ARG D 376 17.50 -15.55 -18.02
N SER D 377 17.74 -15.94 -16.77
CA SER D 377 17.19 -17.18 -16.21
C SER D 377 16.18 -16.94 -15.10
N LYS D 378 14.95 -17.43 -15.32
CA LYS D 378 13.91 -17.44 -14.30
C LYS D 378 14.35 -18.25 -13.06
N LYS D 379 14.91 -19.44 -13.28
CA LYS D 379 15.41 -20.27 -12.20
C LYS D 379 16.38 -19.52 -11.32
N LEU D 380 17.35 -18.86 -11.93
CA LEU D 380 18.36 -18.15 -11.17
C LEU D 380 17.80 -16.93 -10.45
N ALA D 381 16.78 -16.30 -11.06
CA ALA D 381 16.06 -15.19 -10.42
C ALA D 381 15.37 -15.61 -9.11
N LEU D 382 14.75 -16.79 -9.08
CA LEU D 382 14.17 -17.35 -7.85
C LEU D 382 15.23 -17.51 -6.78
N LYS D 383 16.36 -18.07 -7.18
CA LYS D 383 17.50 -18.25 -6.30
C LYS D 383 17.87 -16.89 -5.69
N ALA D 384 17.93 -15.87 -6.54
CA ALA D 384 18.32 -14.54 -6.12
C ALA D 384 17.33 -13.99 -5.13
N LEU D 385 16.05 -14.10 -5.49
CA LEU D 385 14.93 -13.67 -4.66
C LEU D 385 14.97 -14.31 -3.28
N LEU D 386 15.16 -15.62 -3.22
CA LEU D 386 15.24 -16.33 -1.93
C LEU D 386 16.40 -15.88 -1.06
N SER D 387 17.47 -15.38 -1.67
CA SER D 387 18.65 -15.09 -0.91
C SER D 387 18.57 -13.78 -0.18
N HIS D 388 17.63 -12.90 -0.53
CA HIS D 388 17.55 -11.59 0.09
C HIS D 388 16.99 -11.69 1.49
N PRO D 389 17.62 -11.04 2.48
CA PRO D 389 17.13 -11.07 3.86
C PRO D 389 15.70 -10.60 3.97
N LEU D 390 15.23 -9.80 3.02
CA LEU D 390 13.86 -9.32 3.04
C LEU D 390 13.00 -9.98 1.97
N GLY D 391 13.48 -11.11 1.44
CA GLY D 391 12.84 -11.77 0.32
C GLY D 391 11.72 -12.69 0.71
N PRO D 392 11.16 -13.40 -0.27
CA PRO D 392 10.05 -14.34 -0.01
C PRO D 392 10.50 -15.64 0.64
N ASP D 393 9.60 -16.22 1.42
CA ASP D 393 9.63 -17.62 1.80
C ASP D 393 9.40 -18.47 0.56
N VAL D 394 9.91 -19.68 0.58
CA VAL D 394 9.73 -20.63 -0.52
C VAL D 394 8.28 -20.69 -1.05
N GLU D 395 7.30 -20.69 -0.16
CA GLU D 395 5.90 -20.79 -0.57
C GLU D 395 5.39 -19.63 -1.41
N ASP D 396 6.07 -18.49 -1.36
CA ASP D 396 5.60 -17.28 -2.04
C ASP D 396 6.49 -16.88 -3.21
N ALA D 397 7.70 -17.43 -3.26
CA ALA D 397 8.70 -17.01 -4.24
C ALA D 397 8.19 -17.07 -5.69
N LYS D 398 7.60 -18.19 -6.09
CA LYS D 398 7.25 -18.44 -7.47
C LYS D 398 6.16 -17.50 -7.96
N ASP D 399 5.12 -17.35 -7.16
CA ASP D 399 4.07 -16.37 -7.44
C ASP D 399 4.59 -14.94 -7.47
N LEU D 400 5.43 -14.58 -6.52
CA LEU D 400 6.00 -13.25 -6.48
C LEU D 400 6.78 -12.95 -7.75
N LEU D 401 7.67 -13.86 -8.14
CA LEU D 401 8.48 -13.62 -9.33
C LEU D 401 7.63 -13.45 -10.57
N GLU D 402 6.63 -14.31 -10.70
CA GLU D 402 5.75 -14.29 -11.86
C GLU D 402 4.97 -12.97 -11.93
N GLU D 403 4.64 -12.40 -10.77
CA GLU D 403 4.02 -11.08 -10.72
C GLU D 403 5.00 -9.95 -11.11
N ILE D 404 6.24 -10.04 -10.66
CA ILE D 404 7.27 -9.07 -11.04
C ILE D 404 7.54 -9.06 -12.55
N LEU D 405 7.71 -10.26 -13.13
CA LEU D 405 8.04 -10.38 -14.55
C LEU D 405 6.90 -9.91 -15.46
N GLU D 406 5.66 -10.19 -15.03
CA GLU D 406 4.46 -9.73 -15.72
C GLU D 406 4.43 -8.22 -15.80
N ALA D 407 4.61 -7.56 -14.65
CA ALA D 407 4.55 -6.10 -14.58
C ALA D 407 5.70 -5.46 -15.30
N ASN D 408 6.83 -6.14 -15.40
CA ASN D 408 8.00 -5.56 -16.05
C ASN D 408 8.29 -6.09 -17.45
N ARG D 409 7.26 -6.68 -18.04
CA ARG D 409 7.26 -7.27 -19.38
C ARG D 409 8.05 -6.48 -20.43
N GLU D 410 7.78 -5.18 -20.48
CA GLU D 410 8.37 -4.31 -21.47
C GLU D 410 9.84 -4.00 -21.24
N TYR D 411 10.39 -4.41 -20.09
CA TYR D 411 11.72 -3.98 -19.70
C TYR D 411 12.69 -5.13 -19.60
N VAL D 412 12.18 -6.30 -19.25
CA VAL D 412 13.01 -7.48 -18.99
C VAL D 412 12.28 -8.73 -19.43
N LYS D 413 12.97 -9.63 -20.13
CA LYS D 413 12.40 -10.95 -20.41
C LYS D 413 13.34 -12.04 -19.84
N LEU D 414 12.78 -12.87 -18.96
CA LEU D 414 13.53 -13.98 -18.37
C LEU D 414 12.97 -15.30 -18.88
N GLY D 415 13.86 -16.20 -19.29
CA GLY D 415 13.49 -17.45 -19.91
C GLY D 415 13.40 -18.69 -19.02
N ARG E 2 -37.24 45.77 22.49
CA ARG E 2 -36.00 45.40 23.19
C ARG E 2 -35.30 44.19 22.54
N ILE E 3 -33.97 44.25 22.44
CA ILE E 3 -33.18 43.16 21.89
C ILE E 3 -32.28 42.62 23.00
N ALA E 4 -32.33 41.30 23.23
CA ALA E 4 -31.48 40.67 24.23
C ALA E 4 -30.31 40.04 23.50
N VAL E 5 -29.08 40.19 24.04
CA VAL E 5 -27.85 39.58 23.49
C VAL E 5 -27.28 38.56 24.50
N ILE E 6 -27.29 37.27 24.18
CA ILE E 6 -26.85 36.24 25.14
C ILE E 6 -25.42 35.84 24.80
N GLY E 7 -24.50 36.09 25.74
CA GLY E 7 -23.06 35.96 25.54
C GLY E 7 -22.43 37.34 25.30
N GLY E 8 -22.85 38.32 26.10
CA GLY E 8 -22.42 39.71 25.93
C GLY E 8 -20.91 39.88 25.83
N GLY E 9 -20.17 39.03 26.55
CA GLY E 9 -18.73 39.12 26.58
C GLY E 9 -18.01 38.61 25.33
N SER E 10 -18.76 38.30 24.27
CA SER E 10 -18.07 37.83 23.08
C SER E 10 -17.26 38.99 22.55
N SER E 11 -16.07 38.67 22.06
CA SER E 11 -15.22 39.67 21.41
C SER E 11 -15.87 40.26 20.13
N TYR E 12 -17.00 39.68 19.74
CA TYR E 12 -17.68 40.10 18.53
C TYR E 12 -18.71 41.17 18.86
N THR E 13 -19.07 41.26 20.15
CA THR E 13 -20.14 42.19 20.57
C THR E 13 -20.05 43.64 19.99
N PRO E 14 -18.87 44.26 20.02
CA PRO E 14 -18.67 45.58 19.39
C PRO E 14 -19.30 45.66 17.99
N GLU E 15 -18.89 44.73 17.12
CA GLU E 15 -19.42 44.80 15.76
C GLU E 15 -20.92 44.53 15.66
N LEU E 16 -21.41 43.63 16.51
CA LEU E 16 -22.84 43.43 16.64
C LEU E 16 -23.49 44.78 16.84
N VAL E 17 -22.97 45.52 17.82
CA VAL E 17 -23.57 46.80 18.20
C VAL E 17 -23.48 47.84 17.10
N LYS E 18 -22.34 47.86 16.41
CA LYS E 18 -22.22 48.76 15.26
C LYS E 18 -23.43 48.49 14.38
N GLY E 19 -23.60 47.20 14.03
CA GLY E 19 -24.69 46.75 13.17
C GLY E 19 -26.02 47.31 13.66
N LEU E 20 -26.29 47.12 14.94
CA LEU E 20 -27.57 47.54 15.49
C LEU E 20 -27.70 49.06 15.41
N LEU E 21 -26.56 49.76 15.56
CA LEU E 21 -26.56 51.22 15.42
C LEU E 21 -26.94 51.61 13.99
N ASP E 22 -26.33 50.94 13.01
CA ASP E 22 -26.60 51.24 11.61
C ASP E 22 -28.08 51.10 11.25
N ILE E 23 -28.73 50.08 11.80
CA ILE E 23 -30.14 49.83 11.50
C ILE E 23 -31.13 50.60 12.38
N SER E 24 -30.62 51.24 13.45
CA SER E 24 -31.46 51.99 14.38
C SER E 24 -32.03 53.28 13.80
N GLU E 25 -31.68 53.55 12.54
CA GLU E 25 -32.27 54.67 11.82
C GLU E 25 -33.48 54.26 10.97
N ASP E 26 -33.54 53.02 10.54
CA ASP E 26 -34.71 52.53 9.80
C ASP E 26 -35.72 51.83 10.70
N VAL E 27 -35.29 51.37 11.88
CA VAL E 27 -36.18 50.71 12.83
C VAL E 27 -35.90 51.17 14.24
N ARG E 28 -36.94 51.17 15.07
CA ARG E 28 -36.86 51.66 16.44
C ARG E 28 -36.29 50.59 17.39
N ILE E 29 -35.23 50.95 18.10
CA ILE E 29 -34.64 50.12 19.13
C ILE E 29 -34.57 50.95 20.41
N ASP E 30 -35.26 50.49 21.44
CA ASP E 30 -35.34 51.21 22.71
C ASP E 30 -34.16 50.84 23.61
N GLU E 31 -33.87 49.54 23.68
CA GLU E 31 -32.85 49.04 24.58
C GLU E 31 -32.27 47.71 24.12
N VAL E 32 -30.97 47.58 24.32
CA VAL E 32 -30.26 46.32 24.11
C VAL E 32 -29.76 45.85 25.46
N ILE E 33 -30.13 44.64 25.84
CA ILE E 33 -29.76 44.14 27.14
C ILE E 33 -28.85 42.90 27.01
N PHE E 34 -27.78 42.88 27.81
CA PHE E 34 -26.74 41.87 27.65
C PHE E 34 -26.72 40.89 28.81
N TYR E 35 -26.34 39.65 28.50
CA TYR E 35 -26.17 38.63 29.51
C TYR E 35 -24.99 37.72 29.18
N ASP E 36 -24.20 37.39 30.20
CA ASP E 36 -23.07 36.48 30.07
C ASP E 36 -22.86 35.76 31.40
N ILE E 37 -22.40 34.52 31.34
CA ILE E 37 -22.04 33.80 32.57
C ILE E 37 -20.70 34.27 33.15
N ASP E 38 -20.01 35.11 32.38
CA ASP E 38 -18.74 35.71 32.77
C ASP E 38 -18.95 37.22 32.99
N GLU E 39 -19.44 37.60 34.16
CA GLU E 39 -19.80 39.00 34.40
C GLU E 39 -18.64 39.96 34.16
N GLU E 40 -17.43 39.54 34.53
CA GLU E 40 -16.25 40.41 34.45
C GLU E 40 -15.82 40.67 33.01
N LYS E 41 -15.85 39.62 32.17
CA LYS E 41 -15.54 39.76 30.76
C LYS E 41 -16.54 40.74 30.11
N GLN E 42 -17.82 40.56 30.42
CA GLN E 42 -18.93 41.35 29.88
C GLN E 42 -18.82 42.83 30.22
N LYS E 43 -18.48 43.12 31.47
CA LYS E 43 -18.34 44.50 31.95
C LYS E 43 -17.39 45.32 31.07
N ILE E 44 -16.27 44.72 30.69
CA ILE E 44 -15.28 45.39 29.85
C ILE E 44 -15.83 45.68 28.45
N VAL E 45 -16.49 44.68 27.85
CA VAL E 45 -17.08 44.79 26.52
C VAL E 45 -18.24 45.78 26.51
N VAL E 46 -19.15 45.65 27.47
CA VAL E 46 -20.33 46.50 27.55
C VAL E 46 -19.97 47.97 27.86
N ASP E 47 -18.90 48.17 28.63
CA ASP E 47 -18.38 49.51 28.86
C ASP E 47 -17.93 50.15 27.55
N PHE E 48 -17.31 49.34 26.69
CA PHE E 48 -16.86 49.75 25.36
C PHE E 48 -18.07 50.11 24.52
N VAL E 49 -19.06 49.22 24.54
CA VAL E 49 -20.32 49.39 23.82
C VAL E 49 -20.97 50.75 24.14
N LYS E 50 -21.06 51.07 25.43
CA LYS E 50 -21.71 52.32 25.86
C LYS E 50 -21.05 53.55 25.25
N ARG E 51 -19.73 53.48 25.04
CA ARG E 51 -18.95 54.55 24.43
C ARG E 51 -19.26 54.70 22.93
N LEU E 52 -19.57 53.58 22.29
CA LEU E 52 -19.91 53.56 20.88
C LEU E 52 -21.35 54.01 20.66
N VAL E 53 -22.25 53.55 21.53
CA VAL E 53 -23.68 53.80 21.36
C VAL E 53 -24.04 55.28 21.58
N LYS E 54 -23.40 55.90 22.58
CA LYS E 54 -23.61 57.32 22.88
C LYS E 54 -25.11 57.65 23.07
N ASP E 55 -25.78 56.84 23.87
CA ASP E 55 -27.19 57.07 24.26
C ASP E 55 -28.21 57.02 23.11
N ARG E 56 -27.85 56.42 21.99
CA ARG E 56 -28.77 56.25 20.86
C ARG E 56 -29.85 55.20 21.17
N PHE E 57 -29.49 54.21 21.98
CA PHE E 57 -30.45 53.37 22.68
C PHE E 57 -29.91 53.04 24.08
N LYS E 58 -30.75 52.45 24.95
CA LYS E 58 -30.31 52.09 26.30
C LYS E 58 -29.51 50.78 26.29
N VAL E 59 -28.36 50.79 26.95
CA VAL E 59 -27.54 49.59 27.07
C VAL E 59 -27.69 49.08 28.50
N LEU E 60 -28.21 47.85 28.64
CA LEU E 60 -28.48 47.29 29.96
C LEU E 60 -27.83 45.93 30.16
N ILE E 61 -27.57 45.60 31.41
CA ILE E 61 -27.02 44.30 31.78
C ILE E 61 -28.02 43.59 32.68
N SER E 62 -28.25 42.31 32.41
CA SER E 62 -29.13 41.49 33.23
C SER E 62 -28.28 40.46 33.98
N ASP E 63 -28.58 40.26 35.27
CA ASP E 63 -27.90 39.28 36.11
C ASP E 63 -28.28 37.83 35.78
N THR E 64 -29.48 37.64 35.22
CA THR E 64 -30.03 36.31 34.88
C THR E 64 -30.42 36.22 33.41
N PHE E 65 -30.49 34.99 32.88
CA PHE E 65 -30.95 34.78 31.52
C PHE E 65 -32.38 35.24 31.35
N GLU E 66 -33.24 34.84 32.29
CA GLU E 66 -34.66 35.20 32.22
C GLU E 66 -34.84 36.70 32.18
N GLY E 67 -34.15 37.44 33.04
CA GLY E 67 -34.19 38.89 33.07
C GLY E 67 -33.86 39.56 31.75
N ALA E 68 -32.99 38.94 30.96
CA ALA E 68 -32.61 39.47 29.66
C ALA E 68 -33.70 39.27 28.62
N VAL E 69 -34.26 38.06 28.54
CA VAL E 69 -35.19 37.70 27.45
C VAL E 69 -36.67 38.00 27.73
N VAL E 70 -36.99 38.23 29.01
CA VAL E 70 -38.38 38.44 29.46
C VAL E 70 -39.22 39.44 28.64
N ASP E 71 -38.65 40.60 28.32
CA ASP E 71 -39.40 41.56 27.52
C ASP E 71 -38.80 41.81 26.13
N ALA E 72 -38.09 40.81 25.61
CA ALA E 72 -37.36 40.97 24.37
C ALA E 72 -38.21 40.55 23.18
N LYS E 73 -38.06 41.26 22.06
CA LYS E 73 -38.66 40.85 20.79
C LYS E 73 -37.70 39.97 20.00
N TYR E 74 -36.41 40.22 20.15
CA TYR E 74 -35.36 39.41 19.53
C TYR E 74 -34.31 39.01 20.56
N VAL E 75 -33.86 37.78 20.46
CA VAL E 75 -32.84 37.23 21.37
C VAL E 75 -31.72 36.70 20.50
N ILE E 76 -30.50 37.20 20.71
CA ILE E 76 -29.37 36.72 19.94
C ILE E 76 -28.52 35.76 20.78
N PHE E 77 -28.42 34.51 20.29
CA PHE E 77 -27.52 33.51 20.90
C PHE E 77 -26.16 33.65 20.27
N GLN E 78 -25.16 33.91 21.10
CA GLN E 78 -23.85 34.28 20.62
C GLN E 78 -22.77 33.77 21.60
N PHE E 79 -23.16 32.83 22.44
CA PHE E 79 -22.28 32.29 23.46
C PHE E 79 -21.55 31.07 22.95
N ARG E 80 -20.51 30.66 23.66
CA ARG E 80 -19.71 29.49 23.32
C ARG E 80 -19.64 28.54 24.51
N PRO E 81 -20.48 27.49 24.51
CA PRO E 81 -20.52 26.54 25.62
C PRO E 81 -19.18 25.85 25.78
N GLY E 82 -18.59 25.96 26.97
CA GLY E 82 -17.31 25.35 27.24
C GLY E 82 -16.15 26.27 26.93
N GLY E 83 -16.46 27.41 26.30
CA GLY E 83 -15.46 28.42 25.98
C GLY E 83 -14.42 27.95 24.98
N LEU E 84 -13.27 28.61 24.99
CA LEU E 84 -12.20 28.28 24.05
C LEU E 84 -11.45 27.01 24.42
N LYS E 85 -11.38 26.73 25.72
CA LYS E 85 -10.88 25.42 26.17
C LYS E 85 -11.72 24.26 25.57
N GLY E 86 -13.02 24.46 25.46
CA GLY E 86 -13.86 23.46 24.82
C GLY E 86 -13.54 23.28 23.35
N ARG E 87 -13.41 24.41 22.65
CA ARG E 87 -12.97 24.43 21.24
C ARG E 87 -11.61 23.71 21.06
N GLU E 88 -10.70 23.94 22.00
CA GLU E 88 -9.38 23.31 21.98
C GLU E 88 -9.47 21.79 22.07
N ASN E 89 -10.30 21.29 22.97
CA ASN E 89 -10.58 19.85 23.06
C ASN E 89 -11.18 19.30 21.77
N ASP E 90 -12.17 20.01 21.23
CA ASP E 90 -12.81 19.66 19.98
C ASP E 90 -11.81 19.49 18.84
N GLU E 91 -10.85 20.42 18.75
CA GLU E 91 -9.87 20.41 17.69
C GLU E 91 -8.78 19.40 17.97
N GLY E 92 -8.42 19.26 19.24
CA GLY E 92 -7.26 18.49 19.62
C GLY E 92 -7.47 17.00 19.74
N ILE E 93 -8.59 16.58 20.32
CA ILE E 93 -8.79 15.15 20.62
C ILE E 93 -8.85 14.24 19.37
N PRO E 94 -9.67 14.55 18.36
CA PRO E 94 -9.77 13.68 17.17
C PRO E 94 -8.44 13.47 16.46
N LEU E 95 -7.51 14.41 16.64
CA LEU E 95 -6.24 14.37 15.96
C LEU E 95 -5.44 13.09 16.21
N LYS E 96 -5.48 12.60 17.44
CA LYS E 96 -4.73 11.37 17.79
C LYS E 96 -5.24 10.11 17.09
N TYR E 97 -6.46 10.17 16.55
CA TYR E 97 -7.03 9.02 15.87
C TYR E 97 -6.92 9.11 14.35
N GLY E 98 -6.24 10.15 13.86
CA GLY E 98 -6.11 10.40 12.43
C GLY E 98 -7.39 10.99 11.85
N LEU E 99 -8.12 11.67 12.72
CA LEU E 99 -9.40 12.26 12.39
C LEU E 99 -9.28 13.79 12.34
N ILE E 100 -10.06 14.44 11.47
CA ILE E 100 -10.09 15.89 11.35
C ILE E 100 -10.59 16.48 12.66
N GLY E 101 -9.79 17.37 13.24
CA GLY E 101 -10.19 18.10 14.44
C GLY E 101 -10.52 19.52 14.08
N GLN E 102 -11.79 19.87 14.13
CA GLN E 102 -12.24 21.17 13.65
C GLN E 102 -13.44 21.65 14.45
N GLU E 103 -13.43 22.93 14.82
CA GLU E 103 -14.48 23.54 15.62
C GLU E 103 -15.93 23.16 15.28
N THR E 104 -16.33 23.10 14.00
CA THR E 104 -17.74 22.77 13.68
C THR E 104 -17.97 21.62 12.69
N THR E 105 -16.90 20.96 12.28
CA THR E 105 -16.97 19.98 11.22
C THR E 105 -16.39 18.67 11.71
N GLY E 106 -17.14 17.59 11.51
CA GLY E 106 -16.70 16.29 11.95
C GLY E 106 -16.82 16.11 13.46
N VAL E 107 -15.96 15.25 14.01
CA VAL E 107 -16.08 14.87 15.41
C VAL E 107 -16.04 16.09 16.33
N GLY E 108 -15.27 17.11 15.96
CA GLY E 108 -15.21 18.34 16.73
C GLY E 108 -16.57 19.00 16.93
N GLY E 109 -17.36 19.04 15.87
CA GLY E 109 -18.70 19.60 15.94
C GLY E 109 -19.69 18.73 16.71
N PHE E 110 -19.43 17.42 16.73
CA PHE E 110 -20.21 16.47 17.51
C PHE E 110 -20.12 16.79 19.00
N SER E 111 -18.90 16.94 19.52
CA SER E 111 -18.72 17.32 20.91
C SER E 111 -19.24 18.71 21.21
N ALA E 112 -19.03 19.66 20.30
CA ALA E 112 -19.56 21.01 20.49
C ALA E 112 -21.10 20.99 20.59
N ALA E 113 -21.75 20.15 19.79
CA ALA E 113 -23.20 19.97 19.80
C ALA E 113 -23.68 19.45 21.15
N LEU E 114 -23.04 18.40 21.64
CA LEU E 114 -23.39 17.79 22.90
C LEU E 114 -23.25 18.77 24.05
N ARG E 115 -22.29 19.67 23.96
CA ARG E 115 -22.14 20.72 24.97
C ARG E 115 -23.25 21.77 24.87
N ALA E 116 -23.77 21.99 23.66
CA ALA E 116 -24.70 23.07 23.41
C ALA E 116 -26.12 22.69 23.82
N PHE E 117 -26.52 21.47 23.46
CA PHE E 117 -27.91 21.03 23.59
C PHE E 117 -28.55 21.32 24.93
N PRO E 118 -27.90 20.96 26.04
CA PRO E 118 -28.49 21.17 27.35
C PRO E 118 -28.78 22.64 27.64
N ILE E 119 -27.81 23.50 27.30
CA ILE E 119 -27.92 24.95 27.43
C ILE E 119 -29.07 25.52 26.56
N VAL E 120 -29.10 25.19 25.26
CA VAL E 120 -30.14 25.74 24.40
C VAL E 120 -31.52 25.22 24.77
N GLU E 121 -31.59 23.96 25.23
CA GLU E 121 -32.83 23.39 25.74
C GLU E 121 -33.39 24.33 26.83
N GLU E 122 -32.57 24.58 27.85
CA GLU E 122 -32.92 25.45 28.97
C GLU E 122 -33.32 26.86 28.53
N TYR E 123 -32.49 27.43 27.66
CA TYR E 123 -32.66 28.79 27.16
C TYR E 123 -33.92 28.94 26.32
N VAL E 124 -34.12 28.01 25.39
CA VAL E 124 -35.31 27.99 24.53
C VAL E 124 -36.57 27.87 25.39
N ASP E 125 -36.52 26.98 26.37
CA ASP E 125 -37.66 26.77 27.24
C ASP E 125 -38.08 28.03 28.02
N THR E 126 -37.09 28.77 28.53
CA THR E 126 -37.36 30.02 29.24
C THR E 126 -37.92 31.07 28.31
N VAL E 127 -37.38 31.15 27.09
CA VAL E 127 -37.84 32.16 26.14
C VAL E 127 -39.30 31.87 25.80
N ARG E 128 -39.57 30.59 25.57
CA ARG E 128 -40.89 30.04 25.29
C ARG E 128 -41.92 30.33 26.39
N LYS E 129 -41.48 30.28 27.63
CA LYS E 129 -42.40 30.50 28.74
C LYS E 129 -42.57 31.99 29.11
N THR E 130 -41.85 32.87 28.41
CA THR E 130 -41.92 34.28 28.73
C THR E 130 -42.24 35.12 27.49
N SER E 131 -41.23 35.60 26.77
CA SER E 131 -41.41 36.59 25.73
C SER E 131 -41.86 36.04 24.38
N ASN E 132 -41.67 34.75 24.18
CA ASN E 132 -41.83 34.16 22.85
C ASN E 132 -41.13 34.93 21.73
N ALA E 133 -39.92 35.40 22.02
CA ALA E 133 -39.14 36.21 21.10
C ALA E 133 -38.62 35.37 19.95
N THR E 134 -38.27 36.02 18.86
CA THR E 134 -37.54 35.36 17.80
C THR E 134 -36.10 35.18 18.28
N ILE E 135 -35.57 33.97 18.18
CA ILE E 135 -34.17 33.73 18.49
C ILE E 135 -33.33 33.69 17.23
N VAL E 136 -32.33 34.56 17.18
CA VAL E 136 -31.35 34.53 16.11
C VAL E 136 -30.05 33.89 16.62
N ASN E 137 -29.63 32.79 15.99
CA ASN E 137 -28.55 31.99 16.54
C ASN E 137 -27.21 31.98 15.79
N PHE E 138 -26.14 32.29 16.54
CA PHE E 138 -24.76 32.20 16.05
C PHE E 138 -24.03 31.05 16.70
N THR E 139 -24.45 30.69 17.90
CA THR E 139 -23.82 29.62 18.67
C THR E 139 -23.58 28.38 17.80
N ASN E 140 -22.33 27.90 17.79
CA ASN E 140 -21.93 26.77 16.95
C ASN E 140 -22.14 25.42 17.64
N PRO E 141 -22.51 24.36 16.90
CA PRO E 141 -22.75 24.41 15.45
C PRO E 141 -24.17 24.87 15.10
N SER E 142 -24.23 26.01 14.41
CA SER E 142 -25.48 26.75 14.18
C SER E 142 -26.56 25.92 13.52
N GLY E 143 -26.23 25.30 12.40
CA GLY E 143 -27.24 24.58 11.65
C GLY E 143 -27.79 23.39 12.43
N HIS E 144 -26.88 22.64 13.04
CA HIS E 144 -27.19 21.47 13.85
C HIS E 144 -28.09 21.88 15.02
N ILE E 145 -27.78 23.02 15.65
CA ILE E 145 -28.61 23.50 16.74
C ILE E 145 -30.01 23.87 16.20
N THR E 146 -30.06 24.50 15.03
CA THR E 146 -31.35 24.86 14.42
C THR E 146 -32.18 23.62 14.16
N GLU E 147 -31.54 22.56 13.65
CA GLU E 147 -32.20 21.28 13.41
C GLU E 147 -32.84 20.79 14.71
N PHE E 148 -32.08 20.90 15.77
CA PHE E 148 -32.50 20.48 17.09
C PHE E 148 -33.71 21.30 17.58
N VAL E 149 -33.61 22.62 17.56
CA VAL E 149 -34.69 23.48 18.07
C VAL E 149 -35.95 23.37 17.19
N ARG E 150 -35.78 23.35 15.87
CA ARG E 150 -36.92 23.35 14.97
C ARG E 150 -37.68 22.01 14.96
N ASN E 151 -36.98 20.91 14.99
CA ASN E 151 -37.59 19.60 14.77
C ASN E 151 -37.74 18.72 15.98
N TYR E 152 -37.09 19.10 17.08
CA TYR E 152 -37.22 18.36 18.33
C TYR E 152 -37.78 19.16 19.51
N LEU E 153 -37.29 20.37 19.74
CA LEU E 153 -37.90 21.23 20.77
C LEU E 153 -39.15 21.89 20.21
N GLU E 154 -39.23 21.92 18.88
CA GLU E 154 -40.39 22.43 18.19
C GLU E 154 -40.70 23.88 18.58
N TYR E 155 -39.66 24.72 18.59
CA TYR E 155 -39.82 26.15 18.73
C TYR E 155 -39.65 26.78 17.35
N GLU E 156 -40.74 27.30 16.80
CA GLU E 156 -40.73 27.72 15.41
C GLU E 156 -39.87 28.98 15.12
N LYS E 157 -39.87 29.95 16.03
CA LYS E 157 -39.15 31.21 15.83
C LYS E 157 -37.66 31.12 16.23
N PHE E 158 -36.94 30.22 15.58
CA PHE E 158 -35.52 30.05 15.83
C PHE E 158 -34.80 30.01 14.51
N ILE E 159 -34.02 31.06 14.23
CA ILE E 159 -33.39 31.19 12.93
C ILE E 159 -31.89 31.09 13.07
N GLY E 160 -31.32 30.06 12.48
CA GLY E 160 -29.89 29.87 12.51
C GLY E 160 -29.19 30.75 11.48
N LEU E 161 -28.08 31.34 11.93
CA LEU E 161 -27.33 32.26 11.11
C LEU E 161 -25.88 31.82 11.00
N CYS E 162 -25.23 32.24 9.92
CA CYS E 162 -23.83 31.93 9.66
C CYS E 162 -23.21 33.07 8.88
N ASN E 163 -21.88 33.17 8.92
CA ASN E 163 -21.21 34.28 8.27
C ASN E 163 -20.75 34.02 6.82
N VAL E 164 -20.85 32.78 6.35
CA VAL E 164 -20.36 32.49 4.98
C VAL E 164 -21.26 33.02 3.85
N PRO E 165 -22.59 32.86 3.95
CA PRO E 165 -23.49 33.42 2.94
C PRO E 165 -23.19 34.90 2.65
N ILE E 166 -23.18 35.73 3.69
CA ILE E 166 -22.96 37.16 3.57
C ILE E 166 -21.54 37.52 3.11
N ASN E 167 -20.55 36.69 3.47
CA ASN E 167 -19.18 36.91 3.00
C ASN E 167 -19.05 36.65 1.51
N PHE E 168 -19.78 35.64 1.04
CA PHE E 168 -19.83 35.36 -0.39
C PHE E 168 -20.54 36.49 -1.19
N ILE E 169 -21.72 36.86 -0.72
CA ILE E 169 -22.51 37.90 -1.35
C ILE E 169 -21.66 39.16 -1.51
N ARG E 170 -21.02 39.59 -0.41
CA ARG E 170 -20.17 40.80 -0.43
C ARG E 170 -19.04 40.72 -1.45
N GLU E 171 -18.43 39.54 -1.54
CA GLU E 171 -17.40 39.26 -2.52
C GLU E 171 -17.89 39.48 -3.95
N ILE E 172 -19.04 38.89 -4.29
CA ILE E 172 -19.70 39.03 -5.59
C ILE E 172 -20.05 40.51 -5.89
N ALA E 173 -20.64 41.16 -4.89
CA ALA E 173 -21.01 42.57 -4.98
C ALA E 173 -19.85 43.46 -5.39
N GLU E 174 -18.69 43.28 -4.74
CA GLU E 174 -17.47 44.01 -5.04
C GLU E 174 -16.93 43.75 -6.45
N PHE E 176 -18.53 43.02 -8.96
CA PHE E 176 -19.48 43.45 -9.99
C PHE E 176 -19.99 44.87 -9.76
N SER E 177 -19.43 45.55 -8.75
CA SER E 177 -19.76 46.94 -8.44
C SER E 177 -21.27 47.14 -8.21
N ALA E 178 -21.83 46.31 -7.33
CA ALA E 178 -23.25 46.30 -7.08
C ALA E 178 -23.49 46.30 -5.58
N ARG E 179 -24.72 46.62 -5.17
CA ARG E 179 -25.07 46.53 -3.76
C ARG E 179 -25.39 45.07 -3.37
N LEU E 180 -25.42 44.80 -2.06
CA LEU E 180 -25.62 43.42 -1.58
C LEU E 180 -26.92 42.81 -2.07
N GLU E 181 -27.98 43.60 -2.08
CA GLU E 181 -29.29 43.12 -2.50
C GLU E 181 -29.41 42.90 -4.00
N ASP E 182 -28.47 43.46 -4.76
CA ASP E 182 -28.34 43.22 -6.21
C ASP E 182 -27.91 41.77 -6.56
N VAL E 183 -27.55 41.02 -5.53
CA VAL E 183 -27.00 39.68 -5.69
C VAL E 183 -28.02 38.67 -5.26
N PHE E 184 -28.36 37.76 -6.17
CA PHE E 184 -29.30 36.68 -5.89
C PHE E 184 -28.68 35.34 -6.26
N LEU E 185 -28.77 34.39 -5.35
CA LEU E 185 -28.11 33.09 -5.45
C LEU E 185 -29.09 31.92 -5.48
N LYS E 186 -28.75 30.85 -6.22
CA LYS E 186 -29.32 29.54 -5.93
C LYS E 186 -28.30 28.90 -5.00
N TYR E 187 -28.73 28.71 -3.77
CA TYR E 187 -27.85 28.41 -2.65
C TYR E 187 -28.57 27.41 -1.76
N TYR E 188 -27.91 26.33 -1.41
CA TYR E 188 -28.51 25.33 -0.51
C TYR E 188 -27.47 24.42 0.09
N GLY E 189 -27.85 23.79 1.18
CA GLY E 189 -26.95 22.89 1.85
C GLY E 189 -27.20 23.01 3.31
N LEU E 190 -26.28 22.44 4.08
CA LEU E 190 -26.34 22.57 5.52
C LEU E 190 -25.37 23.68 5.90
N ASN E 191 -25.41 24.12 7.15
CA ASN E 191 -24.48 25.13 7.62
C ASN E 191 -23.05 24.58 7.53
N HIS E 192 -22.14 25.33 6.90
CA HIS E 192 -20.76 24.88 6.65
C HIS E 192 -20.72 23.68 5.71
N LEU E 193 -21.78 23.49 4.95
CA LEU E 193 -21.92 22.35 4.06
C LEU E 193 -22.79 22.78 2.91
N SER E 194 -22.43 23.90 2.30
CA SER E 194 -23.34 24.58 1.39
C SER E 194 -22.80 24.67 -0.04
N PHE E 195 -23.71 24.87 -0.99
CA PHE E 195 -23.35 24.87 -2.40
C PHE E 195 -24.04 26.02 -3.11
N ILE E 196 -23.36 26.60 -4.09
CA ILE E 196 -23.93 27.64 -4.90
C ILE E 196 -23.99 27.10 -6.32
N GLU E 197 -25.18 27.14 -6.91
CA GLU E 197 -25.40 26.59 -8.24
C GLU E 197 -25.56 27.68 -9.30
N LYS E 198 -26.13 28.83 -8.91
CA LYS E 198 -26.33 29.92 -9.85
C LYS E 198 -26.08 31.22 -9.13
N VAL E 199 -25.49 32.17 -9.85
CA VAL E 199 -25.26 33.52 -9.32
C VAL E 199 -25.86 34.54 -10.26
N PHE E 200 -26.68 35.42 -9.68
CA PHE E 200 -27.34 36.50 -10.41
C PHE E 200 -26.94 37.85 -9.83
N VAL E 201 -26.57 38.77 -10.72
CA VAL E 201 -26.28 40.14 -10.30
C VAL E 201 -27.11 41.08 -11.16
N LYS E 202 -27.92 41.91 -10.48
CA LYS E 202 -28.89 42.79 -11.13
C LYS E 202 -29.71 42.08 -12.19
N GLY E 203 -30.04 40.81 -11.93
CA GLY E 203 -30.86 40.03 -12.83
C GLY E 203 -30.12 39.22 -13.86
N GLU E 204 -28.87 39.57 -14.12
CA GLU E 204 -28.05 38.86 -15.10
C GLU E 204 -27.47 37.59 -14.50
N ASP E 205 -27.51 36.52 -15.28
CA ASP E 205 -26.83 35.27 -14.92
C ASP E 205 -25.34 35.44 -15.17
N VAL E 206 -24.57 35.48 -14.08
CA VAL E 206 -23.11 35.69 -14.19
C VAL E 206 -22.32 34.49 -13.65
N THR E 207 -23.00 33.34 -13.50
CA THR E 207 -22.37 32.12 -12.99
C THR E 207 -21.08 31.80 -13.75
N GLU E 208 -21.13 31.81 -15.07
CA GLU E 208 -19.95 31.52 -15.89
C GLU E 208 -18.80 32.47 -15.57
N LYS E 209 -19.12 33.75 -15.38
CA LYS E 209 -18.13 34.79 -15.08
C LYS E 209 -17.53 34.58 -13.70
N VAL E 210 -18.34 34.10 -12.76
CA VAL E 210 -17.87 33.83 -11.41
C VAL E 210 -16.90 32.65 -11.40
N PHE E 211 -17.20 31.62 -12.19
CA PHE E 211 -16.35 30.43 -12.28
C PHE E 211 -15.00 30.77 -12.90
N GLU E 212 -15.01 31.59 -13.96
CA GLU E 212 -13.80 32.04 -14.66
C GLU E 212 -12.90 32.89 -13.74
N ASN E 213 -13.52 33.68 -12.89
CA ASN E 213 -12.81 34.54 -11.95
C ASN E 213 -12.24 33.78 -10.79
N LEU E 214 -12.93 32.70 -10.40
CA LEU E 214 -12.47 31.84 -9.29
C LEU E 214 -11.16 31.11 -9.59
N LYS E 215 -10.82 30.96 -10.88
CA LYS E 215 -9.57 30.30 -11.25
C LYS E 215 -8.42 31.30 -11.40
N LEU E 216 -8.69 32.60 -11.22
CA LEU E 216 -7.64 33.62 -11.26
C LEU E 216 -7.18 34.03 -9.85
N LYS E 217 -8.04 33.76 -8.85
CA LYS E 217 -7.77 34.06 -7.44
C LYS E 217 -6.43 33.55 -6.93
N ASP E 225 -6.57 25.10 -1.95
CA ASP E 225 -7.86 25.34 -2.59
C ASP E 225 -8.05 24.43 -3.82
N PHE E 226 -9.30 24.18 -4.18
CA PHE E 226 -9.68 23.27 -5.26
C PHE E 226 -9.06 23.67 -6.60
N PRO E 227 -8.61 22.70 -7.37
CA PRO E 227 -8.03 22.97 -8.70
C PRO E 227 -9.08 23.38 -9.74
N THR E 228 -8.63 23.91 -10.87
CA THR E 228 -9.49 24.34 -11.97
C THR E 228 -10.48 23.26 -12.42
N TRP E 229 -9.97 22.03 -12.65
CA TRP E 229 -10.79 20.92 -13.14
C TRP E 229 -11.97 20.60 -12.20
N PHE E 230 -11.77 20.80 -10.90
CA PHE E 230 -12.81 20.53 -9.91
C PHE E 230 -14.08 21.33 -10.20
N TYR E 231 -13.90 22.60 -10.51
CA TYR E 231 -14.98 23.49 -10.85
C TYR E 231 -15.58 23.18 -12.23
N ASP E 232 -14.75 22.80 -13.19
CA ASP E 232 -15.24 22.29 -14.49
C ASP E 232 -16.10 21.03 -14.37
N SER E 233 -15.76 20.15 -13.43
CA SER E 233 -16.43 18.86 -13.23
C SER E 233 -17.69 18.96 -12.39
N VAL E 234 -17.52 19.47 -11.18
CA VAL E 234 -18.59 19.49 -10.20
C VAL E 234 -19.64 20.57 -10.55
N ARG E 235 -19.16 21.67 -11.12
CA ARG E 235 -20.00 22.79 -11.52
C ARG E 235 -20.83 23.37 -10.39
N LEU E 236 -20.23 23.42 -9.22
CA LEU E 236 -20.85 24.09 -8.10
C LEU E 236 -19.78 24.91 -7.42
N ILE E 237 -20.18 26.07 -6.90
CA ILE E 237 -19.32 26.80 -6.01
C ILE E 237 -19.58 26.23 -4.65
N VAL E 238 -18.52 25.85 -3.99
CA VAL E 238 -18.58 24.97 -2.82
C VAL E 238 -18.05 25.73 -1.61
N ASN E 239 -18.71 25.57 -0.48
CA ASN E 239 -18.27 26.12 0.78
C ASN E 239 -16.85 25.67 1.11
N PRO E 240 -16.00 26.57 1.61
CA PRO E 240 -14.59 26.19 1.89
C PRO E 240 -14.44 25.06 2.91
N TYR E 241 -15.42 24.85 3.78
CA TYR E 241 -15.38 23.74 4.74
C TYR E 241 -15.46 22.36 4.08
N LEU E 242 -15.97 22.29 2.85
CA LEU E 242 -15.99 21.01 2.14
C LEU E 242 -14.58 20.48 1.86
N ARG E 243 -13.57 21.34 2.06
CA ARG E 243 -12.17 20.94 1.97
C ARG E 243 -11.89 19.80 2.90
N TYR E 244 -12.54 19.83 4.05
CA TYR E 244 -12.30 18.82 5.08
C TYR E 244 -12.86 17.46 4.67
N TYR E 245 -13.85 17.44 3.79
CA TYR E 245 -14.39 16.20 3.28
C TYR E 245 -13.64 15.77 2.02
N LEU E 246 -13.44 16.70 1.10
CA LEU E 246 -12.94 16.37 -0.21
C LEU E 246 -11.41 16.32 -0.28
N GLU E 248 -9.46 15.61 2.73
CA GLU E 248 -9.16 15.18 4.09
C GLU E 248 -7.68 14.99 4.38
N LYS E 249 -6.99 14.21 3.54
CA LYS E 249 -5.57 13.93 3.76
C LYS E 249 -4.78 15.24 3.89
N LYS E 250 -5.00 16.16 2.95
CA LYS E 250 -4.34 17.46 2.95
C LYS E 250 -4.69 18.27 4.18
N PHE E 252 -5.89 17.18 7.13
CA PHE E 252 -5.36 16.55 8.34
C PHE E 252 -3.88 16.86 8.53
N LYS E 253 -3.10 16.79 7.45
CA LYS E 253 -1.67 17.10 7.52
C LYS E 253 -1.44 18.56 7.95
N LYS E 254 -2.32 19.46 7.50
CA LYS E 254 -2.19 20.85 7.84
C LYS E 254 -2.56 21.13 9.31
N ILE E 255 -3.75 20.66 9.74
CA ILE E 255 -4.22 20.82 11.12
C ILE E 255 -3.26 20.21 12.15
N SER E 256 -2.74 19.03 11.86
CA SER E 256 -1.91 18.28 12.80
C SER E 256 -0.46 18.74 12.91
N THR E 257 -0.01 19.63 12.03
CA THR E 257 1.39 20.10 12.10
C THR E 257 1.51 21.59 12.40
N HIS E 258 0.42 22.18 12.89
CA HIS E 258 0.38 23.58 13.28
C HIS E 258 -0.32 23.72 14.62
N GLU E 259 -0.04 24.80 15.33
CA GLU E 259 -0.78 25.13 16.55
C GLU E 259 -2.28 25.01 16.29
N LEU E 260 -3.00 24.47 17.26
CA LEU E 260 -4.45 24.39 17.19
C LEU E 260 -5.04 25.79 17.03
N ARG E 261 -6.08 25.91 16.19
CA ARG E 261 -6.69 27.20 15.89
C ARG E 261 -7.15 27.93 17.14
N ALA E 262 -7.83 27.22 18.04
CA ALA E 262 -8.40 27.82 19.24
C ALA E 262 -7.35 28.56 20.04
N ARG E 263 -6.14 28.02 20.06
CA ARG E 263 -5.05 28.61 20.79
C ARG E 263 -4.67 29.95 20.20
N GLU E 264 -4.77 30.07 18.87
CA GLU E 264 -4.46 31.34 18.25
C GLU E 264 -5.57 32.38 18.46
N VAL E 265 -6.84 31.94 18.48
CA VAL E 265 -7.93 32.87 18.79
C VAL E 265 -7.89 33.34 20.25
N LYS E 267 -5.19 34.05 21.92
CA LYS E 267 -4.26 35.18 21.88
C LYS E 267 -4.85 36.40 21.17
N ILE E 268 -5.68 36.17 20.14
CA ILE E 268 -6.35 37.28 19.46
C ILE E 268 -7.32 37.98 20.42
N GLU E 269 -8.15 37.17 21.09
CA GLU E 269 -9.15 37.68 22.02
C GLU E 269 -8.54 38.40 23.21
N LYS E 270 -7.44 37.87 23.75
CA LYS E 270 -6.79 38.51 24.89
C LYS E 270 -6.28 39.89 24.48
N GLU E 271 -5.90 40.02 23.20
CA GLU E 271 -5.37 41.27 22.66
C GLU E 271 -6.49 42.28 22.41
N LEU E 272 -7.61 41.79 21.90
CA LEU E 272 -8.77 42.65 21.67
C LEU E 272 -9.34 43.15 23.00
N PHE E 273 -9.34 42.29 24.01
CA PHE E 273 -9.86 42.65 25.34
C PHE E 273 -9.07 43.77 25.99
N GLU E 274 -7.75 43.72 25.87
CA GLU E 274 -6.88 44.79 26.36
C GLU E 274 -7.17 46.10 25.62
N LYS E 275 -7.44 45.99 24.31
CA LYS E 275 -7.75 47.14 23.47
C LYS E 275 -9.11 47.75 23.83
N ILE E 282 -13.85 51.17 17.19
CA ILE E 282 -13.72 49.78 16.79
C ILE E 282 -12.31 49.54 16.22
N PRO E 283 -11.52 48.64 16.81
CA PRO E 283 -10.16 48.38 16.32
C PRO E 283 -10.07 47.41 15.12
N GLU E 284 -8.84 47.17 14.64
CA GLU E 284 -8.56 46.14 13.64
C GLU E 284 -8.28 44.82 14.36
N GLY E 291 -14.55 35.85 11.52
CA GLY E 291 -15.58 36.34 10.64
C GLY E 291 -16.42 37.42 11.29
N SER E 292 -15.86 38.64 11.33
CA SER E 292 -16.50 39.80 11.99
C SER E 292 -17.81 40.30 11.30
N TYR E 294 -20.54 38.55 10.67
CA TYR E 294 -21.74 37.96 11.26
C TYR E 294 -22.68 39.05 11.81
N SER E 295 -22.08 40.18 12.18
CA SER E 295 -22.78 41.31 12.78
C SER E 295 -23.81 41.87 11.84
N THR E 296 -23.36 42.16 10.63
CA THR E 296 -24.21 42.68 9.57
C THR E 296 -25.38 41.75 9.27
N ALA E 297 -25.10 40.46 9.22
CA ALA E 297 -26.15 39.46 9.02
C ALA E 297 -27.24 39.55 10.09
N ALA E 298 -26.84 39.64 11.35
CA ALA E 298 -27.79 39.67 12.47
C ALA E 298 -28.65 40.89 12.35
N ALA E 299 -27.99 42.04 12.23
CA ALA E 299 -28.67 43.32 12.26
C ALA E 299 -29.62 43.46 11.08
N HIS E 300 -29.15 43.06 9.90
CA HIS E 300 -29.95 43.16 8.68
C HIS E 300 -31.16 42.25 8.73
N LEU E 301 -31.00 41.07 9.33
CA LEU E 301 -32.11 40.13 9.48
C LEU E 301 -33.18 40.73 10.41
N ILE E 302 -32.75 41.27 11.55
CA ILE E 302 -33.66 41.89 12.52
C ILE E 302 -34.37 43.09 11.89
N ARG E 303 -33.63 43.89 11.15
CA ARG E 303 -34.18 45.03 10.44
C ARG E 303 -35.32 44.60 9.53
N ASP E 304 -35.12 43.49 8.84
CA ASP E 304 -36.05 43.06 7.80
C ASP E 304 -37.24 42.27 8.34
N LEU E 305 -37.04 41.61 9.49
CA LEU E 305 -38.11 41.04 10.29
C LEU E 305 -39.04 42.16 10.82
N GLU E 306 -38.47 43.34 11.06
CA GLU E 306 -39.22 44.43 11.65
C GLU E 306 -40.04 45.21 10.64
N THR E 307 -39.47 45.50 9.47
CA THR E 307 -40.20 46.25 8.45
C THR E 307 -41.05 45.32 7.62
N ASP E 308 -41.92 45.90 6.81
CA ASP E 308 -42.80 45.16 5.92
C ASP E 308 -42.28 45.21 4.47
N GLU E 309 -41.03 45.60 4.31
CA GLU E 309 -40.41 45.74 3.00
C GLU E 309 -40.38 44.42 2.22
N GLY E 310 -39.80 43.37 2.82
CA GLY E 310 -39.63 42.11 2.15
C GLY E 310 -38.28 42.00 1.46
N LYS E 311 -37.36 41.27 2.09
CA LYS E 311 -35.96 41.16 1.63
C LYS E 311 -35.46 39.72 1.70
N ILE E 312 -34.47 39.40 0.88
CA ILE E 312 -33.94 38.04 0.85
C ILE E 312 -32.79 37.91 1.82
N HIS E 313 -32.83 36.87 2.65
CA HIS E 313 -31.73 36.52 3.52
C HIS E 313 -31.47 35.03 3.45
N ILE E 314 -30.21 34.64 3.37
CA ILE E 314 -29.84 33.22 3.47
C ILE E 314 -29.74 32.85 4.94
N VAL E 315 -30.52 31.90 5.37
CA VAL E 315 -30.74 31.65 6.78
C VAL E 315 -30.94 30.14 6.97
N ASN E 316 -30.72 29.65 8.18
CA ASN E 316 -30.98 28.24 8.46
C ASN E 316 -32.39 28.00 8.92
N THR E 317 -33.13 27.17 8.20
CA THR E 317 -34.55 26.95 8.49
C THR E 317 -35.03 25.69 7.78
N ARG E 318 -36.28 25.30 8.03
CA ARG E 318 -36.85 24.17 7.34
C ARG E 318 -36.92 24.37 5.82
N ASN E 319 -36.51 23.34 5.07
CA ASN E 319 -36.59 23.29 3.62
C ASN E 319 -37.92 23.80 3.03
N ASN E 320 -39.02 23.13 3.41
CA ASN E 320 -40.38 23.47 2.95
C ASN E 320 -40.46 23.75 1.47
N GLY E 321 -39.89 22.89 0.68
CA GLY E 321 -40.05 23.09 -0.74
C GLY E 321 -39.03 23.98 -1.44
N SER E 322 -38.12 24.58 -0.68
CA SER E 322 -36.98 25.27 -1.28
C SER E 322 -36.21 24.37 -2.27
N ILE E 323 -35.81 23.18 -1.81
CA ILE E 323 -35.21 22.17 -2.67
C ILE E 323 -36.16 20.98 -2.81
N GLU E 324 -36.76 20.81 -3.99
CA GLU E 324 -37.81 19.82 -4.14
C GLU E 324 -37.25 18.42 -4.01
N ASN E 325 -35.95 18.31 -4.18
CA ASN E 325 -35.16 17.10 -4.14
C ASN E 325 -35.06 16.56 -2.72
N LEU E 326 -35.48 17.35 -1.72
CA LEU E 326 -35.11 17.08 -0.34
C LEU E 326 -36.34 17.10 0.58
N PRO E 327 -36.37 16.31 1.65
CA PRO E 327 -37.55 16.30 2.54
C PRO E 327 -37.89 17.67 3.13
N ASP E 328 -39.18 17.97 3.28
CA ASP E 328 -39.60 19.30 3.72
C ASP E 328 -39.01 19.71 5.08
N ASP E 329 -38.73 18.75 5.93
CA ASP E 329 -38.32 19.08 7.28
C ASP E 329 -36.81 19.15 7.56
N TYR E 330 -35.95 18.83 6.58
CA TYR E 330 -34.52 19.07 6.73
C TYR E 330 -34.29 20.56 6.98
N VAL E 331 -33.60 20.88 8.05
CA VAL E 331 -33.18 22.25 8.21
C VAL E 331 -32.04 22.49 7.22
N LEU E 332 -32.18 23.51 6.38
CA LEU E 332 -31.17 23.84 5.35
C LEU E 332 -30.73 25.30 5.48
N GLU E 333 -29.59 25.63 4.88
CA GLU E 333 -29.17 27.00 4.80
C GLU E 333 -29.57 27.44 3.41
N ILE E 334 -30.58 28.31 3.33
CA ILE E 334 -31.26 28.67 2.06
C ILE E 334 -31.75 30.14 2.04
N PRO E 335 -31.91 30.72 0.85
CA PRO E 335 -32.47 32.07 0.73
C PRO E 335 -33.96 32.11 1.10
N CYS E 336 -34.36 33.03 1.97
CA CYS E 336 -35.76 33.22 2.35
C CYS E 336 -36.28 34.63 2.10
N TYR E 337 -37.60 34.76 1.97
CA TYR E 337 -38.23 36.07 1.86
C TYR E 337 -38.59 36.43 3.29
N VAL E 338 -38.04 37.54 3.77
CA VAL E 338 -38.21 37.90 5.17
C VAL E 338 -39.01 39.19 5.26
N ARG E 339 -40.05 39.17 6.09
CA ARG E 339 -40.99 40.28 6.12
C ARG E 339 -41.93 40.20 7.33
N SER E 340 -42.02 41.29 8.08
CA SER E 340 -42.89 41.38 9.24
C SER E 340 -42.95 40.13 10.09
N GLY E 341 -41.81 39.75 10.66
CA GLY E 341 -41.77 38.67 11.62
C GLY E 341 -41.86 37.29 11.04
N ARG E 342 -42.03 37.18 9.73
CA ARG E 342 -42.18 35.88 9.06
C ARG E 342 -40.98 35.60 8.15
N VAL E 343 -40.68 34.31 7.98
CA VAL E 343 -39.61 33.87 7.10
C VAL E 343 -40.23 32.89 6.09
N HIS E 344 -40.30 33.29 4.82
CA HIS E 344 -40.81 32.39 3.80
C HIS E 344 -39.73 31.83 2.91
N THR E 345 -39.80 30.53 2.71
CA THR E 345 -38.93 29.78 1.83
C THR E 345 -39.28 30.04 0.37
N LEU E 346 -38.27 30.09 -0.51
CA LEU E 346 -38.46 30.32 -1.95
C LEU E 346 -38.18 29.06 -2.74
N SER E 347 -38.90 28.89 -3.84
CA SER E 347 -38.65 27.83 -4.80
C SER E 347 -37.25 27.98 -5.34
N GLN E 348 -36.53 26.86 -5.43
CA GLN E 348 -35.24 26.85 -6.08
C GLN E 348 -35.11 25.74 -7.13
N GLY E 349 -36.03 24.79 -7.12
CA GLY E 349 -35.96 23.62 -7.99
C GLY E 349 -35.18 22.50 -7.35
N LYS E 350 -34.41 21.77 -8.15
CA LYS E 350 -33.77 20.54 -7.68
C LYS E 350 -32.36 20.83 -7.19
N GLY E 351 -31.91 20.08 -6.19
CA GLY E 351 -30.52 20.09 -5.77
C GLY E 351 -29.66 19.08 -6.54
N ASP E 352 -28.39 19.38 -6.68
CA ASP E 352 -27.46 18.52 -7.38
C ASP E 352 -27.20 17.23 -6.61
N HIS E 353 -27.13 16.10 -7.32
CA HIS E 353 -26.84 14.81 -6.69
C HIS E 353 -25.59 14.83 -5.83
N PHE E 354 -24.57 15.53 -6.29
CA PHE E 354 -23.30 15.63 -5.60
C PHE E 354 -23.53 16.27 -4.25
N ALA E 355 -24.24 17.40 -4.29
CA ALA E 355 -24.59 18.16 -3.10
C ALA E 355 -25.39 17.33 -2.13
N LEU E 356 -26.38 16.62 -2.68
CA LEU E 356 -27.29 15.84 -1.87
C LEU E 356 -26.58 14.72 -1.11
N SER E 357 -25.56 14.11 -1.70
CA SER E 357 -24.90 13.04 -0.97
C SER E 357 -24.32 13.56 0.34
N PHE E 358 -23.73 14.74 0.35
CA PHE E 358 -23.24 15.30 1.60
C PHE E 358 -24.41 15.68 2.49
N ILE E 359 -25.37 16.43 1.94
CA ILE E 359 -26.49 16.90 2.74
C ILE E 359 -27.21 15.77 3.50
N HIS E 360 -27.63 14.73 2.77
CA HIS E 360 -28.22 13.53 3.36
C HIS E 360 -27.33 12.87 4.44
N ALA E 361 -26.04 12.66 4.15
CA ALA E 361 -25.19 11.94 5.07
C ALA E 361 -25.08 12.64 6.42
N VAL E 362 -24.76 13.93 6.38
CA VAL E 362 -24.60 14.71 7.59
C VAL E 362 -25.92 14.97 8.30
N LYS E 363 -27.03 15.08 7.54
CA LYS E 363 -28.36 15.21 8.14
C LYS E 363 -28.69 14.02 9.02
N TYR E 365 -26.50 11.93 10.39
CA TYR E 365 -25.61 12.13 11.52
C TYR E 365 -26.16 13.16 12.53
N GLU E 366 -26.66 14.30 12.02
CA GLU E 366 -27.23 15.30 12.90
C GLU E 366 -28.36 14.77 13.79
N ARG E 367 -29.31 14.04 13.19
CA ARG E 367 -30.46 13.52 13.93
C ARG E 367 -30.03 12.38 14.86
N LEU E 368 -29.09 11.55 14.39
CA LEU E 368 -28.59 10.48 15.24
C LEU E 368 -27.94 11.06 16.50
N THR E 369 -27.20 12.16 16.34
CA THR E 369 -26.61 12.84 17.49
C THR E 369 -27.65 13.43 18.46
N ILE E 370 -28.69 14.06 17.90
CA ILE E 370 -29.78 14.60 18.73
C ILE E 370 -30.47 13.47 19.50
N GLU E 371 -30.76 12.36 18.82
CA GLU E 371 -31.42 11.24 19.46
C GLU E 371 -30.57 10.68 20.58
N ALA E 372 -29.26 10.63 20.40
CA ALA E 372 -28.37 10.17 21.46
C ALA E 372 -28.44 11.10 22.65
N TYR E 373 -28.46 12.41 22.39
CA TYR E 373 -28.57 13.37 23.48
C TYR E 373 -29.90 13.21 24.24
N LEU E 374 -31.01 13.21 23.51
CA LEU E 374 -32.34 13.16 24.10
C LEU E 374 -32.58 11.92 24.96
N LYS E 375 -31.93 10.84 24.59
CA LYS E 375 -32.04 9.60 25.34
C LYS E 375 -30.85 9.45 26.30
N ARG E 376 -29.95 10.42 26.28
CA ARG E 376 -28.75 10.42 27.12
C ARG E 376 -28.00 9.10 27.05
N SER E 377 -27.83 8.61 25.82
CA SER E 377 -27.37 7.24 25.57
C SER E 377 -25.97 7.18 24.96
N LYS E 378 -25.07 6.53 25.69
CA LYS E 378 -23.71 6.27 25.18
C LYS E 378 -23.76 5.39 23.92
N LYS E 379 -24.57 4.34 23.96
CA LYS E 379 -24.76 3.46 22.81
C LYS E 379 -25.18 4.25 21.56
N LEU E 380 -26.20 5.08 21.69
CA LEU E 380 -26.65 5.85 20.54
C LEU E 380 -25.62 6.89 20.07
N ALA E 381 -24.79 7.39 21.00
CA ALA E 381 -23.71 8.33 20.63
C ALA E 381 -22.64 7.66 19.76
N LEU E 382 -22.30 6.41 20.07
CA LEU E 382 -21.42 5.60 19.24
C LEU E 382 -21.99 5.48 17.83
N LYS E 383 -23.27 5.15 17.75
CA LYS E 383 -23.96 5.03 16.49
C LYS E 383 -23.85 6.35 15.71
N ALA E 384 -24.04 7.48 16.40
CA ALA E 384 -23.99 8.78 15.75
C ALA E 384 -22.58 9.02 15.24
N LEU E 385 -21.60 8.78 16.10
CA LEU E 385 -20.22 9.01 15.76
C LEU E 385 -19.79 8.21 14.54
N LEU E 386 -20.18 6.92 14.48
CA LEU E 386 -19.89 6.07 13.32
C LEU E 386 -20.55 6.54 12.02
N SER E 387 -21.63 7.32 12.11
CA SER E 387 -22.34 7.68 10.90
C SER E 387 -21.75 8.91 10.19
N HIS E 388 -20.91 9.68 10.90
CA HIS E 388 -20.33 10.88 10.28
C HIS E 388 -19.28 10.53 9.23
N PRO E 389 -19.39 11.11 8.04
CA PRO E 389 -18.41 10.86 6.98
C PRO E 389 -16.97 11.06 7.44
N LEU E 390 -16.78 11.91 8.42
CA LEU E 390 -15.44 12.20 8.94
C LEU E 390 -15.20 11.56 10.32
N GLY E 391 -16.04 10.60 10.69
CA GLY E 391 -16.00 10.00 12.01
C GLY E 391 -15.02 8.85 12.11
N PRO E 392 -14.95 8.22 13.28
CA PRO E 392 -14.06 7.08 13.50
C PRO E 392 -14.45 5.79 12.76
N ASP E 393 -13.46 4.97 12.45
CA ASP E 393 -13.64 3.55 12.18
C ASP E 393 -14.06 2.87 13.48
N VAL E 394 -14.72 1.73 13.35
CA VAL E 394 -15.16 0.92 14.49
C VAL E 394 -14.05 0.70 15.54
N GLU E 395 -12.82 0.47 15.09
CA GLU E 395 -11.74 0.18 16.06
C GLU E 395 -11.36 1.36 16.95
N ASP E 396 -11.72 2.59 16.56
CA ASP E 396 -11.36 3.76 17.35
C ASP E 396 -12.56 4.42 18.05
N ALA E 397 -13.76 4.04 17.64
CA ALA E 397 -14.97 4.71 18.09
C ALA E 397 -15.10 4.77 19.61
N LYS E 398 -14.92 3.63 20.28
CA LYS E 398 -15.18 3.52 21.72
C LYS E 398 -14.22 4.40 22.52
N ASP E 399 -12.94 4.28 22.18
CA ASP E 399 -11.89 5.08 22.76
C ASP E 399 -12.12 6.58 22.55
N LEU E 400 -12.50 6.95 21.34
CA LEU E 400 -12.75 8.35 21.03
C LEU E 400 -13.90 8.89 21.86
N LEU E 401 -15.01 8.16 21.91
CA LEU E 401 -16.16 8.64 22.65
C LEU E 401 -15.83 8.84 24.11
N GLU E 402 -15.14 7.86 24.70
CA GLU E 402 -14.77 7.96 26.11
C GLU E 402 -13.89 9.19 26.39
N GLU E 403 -13.01 9.53 25.44
CA GLU E 403 -12.20 10.74 25.55
C GLU E 403 -13.04 12.02 25.47
N ILE E 404 -13.99 12.04 24.55
CA ILE E 404 -14.88 13.18 24.41
C ILE E 404 -15.73 13.41 25.67
N LEU E 405 -16.31 12.32 26.22
CA LEU E 405 -17.22 12.44 27.35
C LEU E 405 -16.48 12.78 28.65
N GLU E 406 -15.24 12.30 28.80
CA GLU E 406 -14.42 12.69 29.94
C GLU E 406 -14.08 14.19 29.87
N ALA E 407 -13.67 14.66 28.69
CA ALA E 407 -13.31 16.06 28.49
C ALA E 407 -14.51 16.97 28.76
N ASN E 408 -15.69 16.50 28.39
CA ASN E 408 -16.90 17.30 28.47
C ASN E 408 -17.74 17.01 29.71
N ARG E 409 -17.14 16.40 30.74
CA ARG E 409 -17.95 15.90 31.84
C ARG E 409 -18.80 16.92 32.58
N GLU E 410 -18.35 18.17 32.63
CA GLU E 410 -19.12 19.23 33.29
C GLU E 410 -20.27 19.77 32.46
N TYR E 411 -20.41 19.31 31.22
CA TYR E 411 -21.40 19.88 30.32
C TYR E 411 -22.46 18.89 29.89
N VAL E 412 -22.09 17.62 29.82
CA VAL E 412 -23.03 16.58 29.40
C VAL E 412 -22.68 15.24 30.01
N LYS E 413 -23.72 14.53 30.42
CA LYS E 413 -23.55 13.20 31.01
C LYS E 413 -24.36 12.20 30.20
N LEU E 414 -23.68 11.20 29.65
CA LEU E 414 -24.33 10.14 28.89
C LEU E 414 -24.19 8.80 29.62
N GLY E 415 -25.31 8.12 29.78
CA GLY E 415 -25.34 6.81 30.42
C GLY E 415 -25.46 5.76 29.34
N ARG F 2 -39.16 -21.06 -22.88
CA ARG F 2 -37.71 -21.14 -23.03
C ARG F 2 -36.92 -20.13 -22.16
N ILE F 3 -35.82 -20.60 -21.56
CA ILE F 3 -34.94 -19.76 -20.72
C ILE F 3 -33.62 -19.48 -21.42
N ALA F 4 -33.24 -18.21 -21.57
CA ALA F 4 -31.91 -17.91 -22.13
C ALA F 4 -30.90 -17.59 -20.99
N VAL F 5 -29.67 -18.11 -21.12
CA VAL F 5 -28.65 -17.86 -20.13
C VAL F 5 -27.49 -17.15 -20.84
N ILE F 6 -27.26 -15.87 -20.49
CA ILE F 6 -26.24 -15.04 -21.13
C ILE F 6 -24.97 -15.10 -20.29
N GLY F 7 -23.90 -15.64 -20.88
CA GLY F 7 -22.68 -15.94 -20.13
C GLY F 7 -22.60 -17.41 -19.76
N GLY F 8 -22.92 -18.28 -20.73
CA GLY F 8 -23.01 -19.74 -20.53
C GLY F 8 -21.73 -20.33 -19.97
N GLY F 9 -20.60 -19.74 -20.31
CA GLY F 9 -19.33 -20.24 -19.87
C GLY F 9 -18.98 -19.93 -18.44
N SER F 10 -19.92 -19.38 -17.67
CA SER F 10 -19.59 -19.05 -16.27
C SER F 10 -19.40 -20.35 -15.54
N SER F 11 -18.44 -20.38 -14.63
CA SER F 11 -18.19 -21.60 -13.85
C SER F 11 -19.29 -21.86 -12.83
N TYR F 12 -20.26 -20.96 -12.74
CA TYR F 12 -21.44 -21.19 -11.92
C TYR F 12 -22.59 -21.89 -12.69
N THR F 13 -22.49 -21.89 -14.01
CA THR F 13 -23.54 -22.48 -14.85
C THR F 13 -24.10 -23.86 -14.39
N PRO F 14 -23.23 -24.82 -14.03
CA PRO F 14 -23.70 -26.12 -13.55
C PRO F 14 -24.73 -25.99 -12.40
N GLU F 15 -24.39 -25.20 -11.36
CA GLU F 15 -25.36 -24.94 -10.27
C GLU F 15 -26.67 -24.33 -10.78
N LEU F 16 -26.58 -23.32 -11.64
CA LEU F 16 -27.78 -22.71 -12.15
C LEU F 16 -28.65 -23.82 -12.70
N VAL F 17 -28.04 -24.71 -13.47
CA VAL F 17 -28.77 -25.77 -14.16
C VAL F 17 -29.38 -26.75 -13.17
N LYS F 18 -28.61 -27.09 -12.13
CA LYS F 18 -29.10 -27.94 -11.09
C LYS F 18 -30.38 -27.30 -10.56
N GLY F 19 -30.33 -25.99 -10.32
CA GLY F 19 -31.49 -25.24 -9.86
C GLY F 19 -32.69 -25.36 -10.79
N LEU F 20 -32.45 -25.14 -12.09
CA LEU F 20 -33.54 -25.23 -13.06
C LEU F 20 -34.10 -26.65 -13.16
N LEU F 21 -33.24 -27.64 -12.95
CA LEU F 21 -33.71 -29.03 -12.86
C LEU F 21 -34.62 -29.25 -11.65
N ASP F 22 -34.25 -28.71 -10.49
CA ASP F 22 -35.09 -28.88 -9.31
C ASP F 22 -36.51 -28.31 -9.48
N ILE F 23 -36.60 -27.15 -10.13
CA ILE F 23 -37.91 -26.50 -10.36
C ILE F 23 -38.68 -27.06 -11.56
N SER F 24 -38.00 -27.84 -12.40
CA SER F 24 -38.61 -28.34 -13.64
C SER F 24 -39.70 -29.38 -13.36
N GLU F 25 -39.91 -29.65 -12.07
CA GLU F 25 -40.98 -30.55 -11.63
C GLU F 25 -42.27 -29.79 -11.27
N ASP F 26 -42.13 -28.53 -10.87
CA ASP F 26 -43.26 -27.67 -10.53
C ASP F 26 -43.69 -26.80 -11.69
N VAL F 27 -42.77 -26.62 -12.64
CA VAL F 27 -42.93 -25.65 -13.70
C VAL F 27 -42.37 -26.23 -14.98
N ARG F 28 -43.03 -25.95 -16.10
CA ARG F 28 -42.63 -26.50 -17.39
C ARG F 28 -41.47 -25.69 -18.01
N ILE F 29 -40.39 -26.39 -18.36
CA ILE F 29 -39.24 -25.80 -19.06
C ILE F 29 -38.95 -26.66 -20.26
N ASP F 30 -39.04 -26.09 -21.45
CA ASP F 30 -38.89 -26.85 -22.68
C ASP F 30 -37.45 -26.85 -23.11
N GLU F 31 -36.81 -25.70 -22.96
CA GLU F 31 -35.45 -25.52 -23.44
C GLU F 31 -34.72 -24.41 -22.70
N VAL F 32 -33.43 -24.65 -22.47
CA VAL F 32 -32.53 -23.65 -21.96
C VAL F 32 -31.47 -23.41 -23.02
N ILE F 33 -31.34 -22.15 -23.45
CA ILE F 33 -30.41 -21.80 -24.52
C ILE F 33 -29.28 -20.92 -23.97
N PHE F 34 -28.05 -21.24 -24.34
CA PHE F 34 -26.87 -20.56 -23.79
C PHE F 34 -26.15 -19.67 -24.81
N TYR F 35 -25.59 -18.58 -24.30
CA TYR F 35 -24.79 -17.68 -25.12
C TYR F 35 -23.57 -17.19 -24.36
N ASP F 36 -22.44 -17.12 -25.03
CA ASP F 36 -21.20 -16.58 -24.47
C ASP F 36 -20.32 -16.02 -25.58
N ILE F 37 -19.60 -14.95 -25.29
CA ILE F 37 -18.60 -14.41 -26.23
C ILE F 37 -17.37 -15.31 -26.34
N ASP F 38 -17.25 -16.26 -25.42
CA ASP F 38 -16.15 -17.24 -25.42
C ASP F 38 -16.72 -18.63 -25.77
N GLU F 39 -16.87 -18.92 -27.05
CA GLU F 39 -17.55 -20.15 -27.46
C GLU F 39 -16.84 -21.41 -26.92
N GLU F 40 -15.52 -21.37 -26.81
CA GLU F 40 -14.74 -22.54 -26.38
C GLU F 40 -14.90 -22.84 -24.89
N LYS F 41 -14.90 -21.79 -24.07
CA LYS F 41 -15.20 -21.94 -22.65
C LYS F 41 -16.58 -22.57 -22.47
N GLN F 42 -17.57 -22.03 -23.15
CA GLN F 42 -18.97 -22.46 -23.04
C GLN F 42 -19.17 -23.92 -23.50
N LYS F 43 -18.48 -24.33 -24.56
CA LYS F 43 -18.58 -25.70 -25.05
C LYS F 43 -18.31 -26.72 -23.94
N ILE F 44 -17.29 -26.46 -23.13
CA ILE F 44 -16.90 -27.37 -22.06
C ILE F 44 -17.97 -27.43 -20.95
N VAL F 45 -18.45 -26.27 -20.54
CA VAL F 45 -19.48 -26.15 -19.51
C VAL F 45 -20.79 -26.79 -19.99
N VAL F 46 -21.22 -26.44 -21.19
CA VAL F 46 -22.50 -26.91 -21.73
C VAL F 46 -22.48 -28.41 -22.01
N ASP F 47 -21.32 -28.93 -22.38
CA ASP F 47 -21.13 -30.39 -22.50
C ASP F 47 -21.41 -31.08 -21.16
N PHE F 48 -20.93 -30.46 -20.08
CA PHE F 48 -21.13 -30.96 -18.73
C PHE F 48 -22.59 -30.88 -18.34
N VAL F 49 -23.20 -29.74 -18.63
CA VAL F 49 -24.62 -29.50 -18.42
C VAL F 49 -25.50 -30.60 -19.04
N LYS F 50 -25.21 -30.97 -20.29
CA LYS F 50 -25.97 -31.97 -21.02
C LYS F 50 -25.97 -33.32 -20.30
N ARG F 51 -24.85 -33.63 -19.64
CA ARG F 51 -24.69 -34.85 -18.84
C ARG F 51 -25.54 -34.81 -17.58
N LEU F 52 -25.71 -33.63 -17.01
CA LEU F 52 -26.53 -33.45 -15.82
C LEU F 52 -28.01 -33.45 -16.15
N VAL F 53 -28.38 -32.78 -17.24
CA VAL F 53 -29.78 -32.63 -17.61
C VAL F 53 -30.43 -33.94 -17.99
N LYS F 54 -29.70 -34.76 -18.75
CA LYS F 54 -30.19 -36.06 -19.21
C LYS F 54 -31.53 -35.96 -19.91
N ASP F 55 -31.61 -35.04 -20.88
CA ASP F 55 -32.79 -34.89 -21.74
C ASP F 55 -34.08 -34.49 -21.04
N ARG F 56 -33.97 -33.95 -19.82
CA ARG F 56 -35.13 -33.50 -19.07
C ARG F 56 -35.70 -32.21 -19.66
N PHE F 57 -34.83 -31.38 -20.22
CA PHE F 57 -35.20 -30.33 -21.16
C PHE F 57 -34.13 -30.21 -22.25
N LYS F 58 -34.40 -29.47 -23.33
CA LYS F 58 -33.42 -29.30 -24.41
C LYS F 58 -32.36 -28.27 -24.02
N VAL F 59 -31.10 -28.63 -24.21
CA VAL F 59 -29.98 -27.71 -24.00
C VAL F 59 -29.45 -27.22 -25.35
N LEU F 60 -29.50 -25.92 -25.56
CA LEU F 60 -29.16 -25.34 -26.85
C LEU F 60 -28.11 -24.26 -26.74
N ILE F 61 -27.33 -24.07 -27.79
CA ILE F 61 -26.35 -22.98 -27.87
C ILE F 61 -26.73 -22.06 -29.01
N SER F 62 -26.69 -20.75 -28.74
CA SER F 62 -26.93 -19.76 -29.77
C SER F 62 -25.62 -19.07 -30.12
N ASP F 63 -25.40 -18.84 -31.41
CA ASP F 63 -24.22 -18.13 -31.93
C ASP F 63 -24.26 -16.62 -31.63
N THR F 64 -25.46 -16.05 -31.53
CA THR F 64 -25.67 -14.62 -31.30
C THR F 64 -26.49 -14.37 -30.05
N PHE F 65 -26.40 -13.17 -29.48
CA PHE F 65 -27.25 -12.79 -28.36
C PHE F 65 -28.71 -12.84 -28.78
N GLU F 66 -29.03 -12.27 -29.95
CA GLU F 66 -30.42 -12.15 -30.39
C GLU F 66 -31.03 -13.53 -30.50
N GLY F 67 -30.27 -14.45 -31.09
CA GLY F 67 -30.70 -15.83 -31.26
C GLY F 67 -31.10 -16.50 -29.96
N ALA F 68 -30.42 -16.11 -28.88
CA ALA F 68 -30.70 -16.68 -27.57
C ALA F 68 -31.97 -16.11 -26.96
N VAL F 69 -32.14 -14.80 -27.02
CA VAL F 69 -33.24 -14.14 -26.31
C VAL F 69 -34.55 -14.05 -27.09
N VAL F 70 -34.49 -14.29 -28.40
CA VAL F 70 -35.60 -14.03 -29.31
C VAL F 70 -36.90 -14.69 -28.91
N ASP F 71 -36.84 -15.94 -28.45
CA ASP F 71 -38.07 -16.62 -28.06
C ASP F 71 -38.12 -16.98 -26.56
N ALA F 72 -37.40 -16.22 -25.76
CA ALA F 72 -37.23 -16.53 -24.34
C ALA F 72 -38.28 -15.83 -23.51
N LYS F 73 -38.72 -16.50 -22.45
CA LYS F 73 -39.59 -15.92 -21.43
C LYS F 73 -38.75 -15.25 -20.34
N TYR F 74 -37.62 -15.86 -20.03
CA TYR F 74 -36.68 -15.37 -19.03
C TYR F 74 -35.28 -15.36 -19.62
N VAL F 75 -34.55 -14.29 -19.31
CA VAL F 75 -33.18 -14.09 -19.75
C VAL F 75 -32.31 -13.88 -18.49
N ILE F 76 -31.31 -14.71 -18.29
CA ILE F 76 -30.44 -14.56 -17.13
C ILE F 76 -29.12 -13.91 -17.52
N PHE F 77 -28.84 -12.74 -16.97
CA PHE F 77 -27.56 -12.06 -17.16
C PHE F 77 -26.59 -12.59 -16.13
N GLN F 78 -25.55 -13.30 -16.59
CA GLN F 78 -24.56 -13.86 -15.67
C GLN F 78 -23.13 -13.76 -16.24
N PHE F 79 -22.91 -12.75 -17.07
CA PHE F 79 -21.63 -12.54 -17.73
C PHE F 79 -20.82 -11.55 -16.93
N ARG F 80 -19.53 -11.47 -17.23
CA ARG F 80 -18.60 -10.61 -16.49
C ARG F 80 -17.84 -9.78 -17.50
N PRO F 81 -18.28 -8.54 -17.73
CA PRO F 81 -17.66 -7.66 -18.72
C PRO F 81 -16.22 -7.37 -18.37
N GLY F 82 -15.30 -7.67 -19.30
CA GLY F 82 -13.87 -7.50 -19.06
C GLY F 82 -13.23 -8.71 -18.39
N GLY F 83 -14.05 -9.67 -17.99
CA GLY F 83 -13.56 -10.90 -17.42
C GLY F 83 -12.86 -10.69 -16.10
N LEU F 84 -12.05 -11.65 -15.73
CA LEU F 84 -11.32 -11.62 -14.48
C LEU F 84 -10.15 -10.65 -14.53
N LYS F 85 -9.56 -10.45 -15.71
CA LYS F 85 -8.57 -9.41 -15.91
C LYS F 85 -9.15 -8.02 -15.55
N GLY F 86 -10.42 -7.81 -15.89
CA GLY F 86 -11.14 -6.60 -15.52
C GLY F 86 -11.35 -6.48 -14.01
N ARG F 87 -11.77 -7.57 -13.38
CA ARG F 87 -11.86 -7.63 -11.93
C ARG F 87 -10.52 -7.34 -11.25
N GLU F 88 -9.45 -7.88 -11.82
CA GLU F 88 -8.10 -7.65 -11.30
C GLU F 88 -7.71 -6.17 -11.31
N ASN F 89 -8.01 -5.48 -12.40
CA ASN F 89 -7.78 -4.03 -12.48
C ASN F 89 -8.58 -3.30 -11.42
N ASP F 90 -9.84 -3.69 -11.30
CA ASP F 90 -10.77 -3.15 -10.33
C ASP F 90 -10.22 -3.20 -8.93
N GLU F 91 -9.68 -4.36 -8.56
CA GLU F 91 -9.18 -4.54 -7.22
C GLU F 91 -7.79 -3.92 -7.06
N GLY F 92 -7.00 -3.96 -8.11
CA GLY F 92 -5.62 -3.56 -8.03
C GLY F 92 -5.37 -2.07 -8.11
N ILE F 93 -6.07 -1.39 -9.01
CA ILE F 93 -5.74 0.00 -9.32
C ILE F 93 -5.91 0.98 -8.14
N PRO F 94 -7.03 0.93 -7.42
CA PRO F 94 -7.28 1.88 -6.34
C PRO F 94 -6.29 1.75 -5.20
N LEU F 95 -5.70 0.58 -5.07
CA LEU F 95 -4.78 0.27 -3.98
C LEU F 95 -3.62 1.26 -3.82
N LYS F 96 -2.97 1.63 -4.94
CA LYS F 96 -1.83 2.53 -4.85
C LYS F 96 -2.20 3.92 -4.32
N TYR F 97 -3.50 4.23 -4.35
CA TYR F 97 -3.96 5.53 -3.86
C TYR F 97 -4.38 5.47 -2.39
N GLY F 98 -4.33 4.26 -1.81
CA GLY F 98 -4.76 4.09 -0.42
C GLY F 98 -6.28 4.00 -0.31
N LEU F 99 -6.84 3.55 -1.43
CA LEU F 99 -8.28 3.36 -1.62
C LEU F 99 -8.65 1.86 -1.61
N ILE F 100 -9.87 1.55 -1.17
CA ILE F 100 -10.35 0.17 -1.13
C ILE F 100 -10.46 -0.36 -2.54
N GLY F 101 -9.81 -1.46 -2.84
CA GLY F 101 -9.90 -2.11 -4.14
C GLY F 101 -10.74 -3.36 -4.03
N GLN F 102 -11.96 -3.31 -4.54
CA GLN F 102 -12.91 -4.41 -4.34
C GLN F 102 -13.86 -4.58 -5.55
N GLU F 103 -14.15 -5.82 -5.91
CA GLU F 103 -14.95 -6.14 -7.09
C GLU F 103 -16.25 -5.30 -7.26
N THR F 104 -17.01 -5.07 -6.19
CA THR F 104 -18.32 -4.39 -6.32
C THR F 104 -18.51 -3.14 -5.48
N THR F 105 -17.53 -2.82 -4.66
CA THR F 105 -17.66 -1.77 -3.65
C THR F 105 -16.61 -0.69 -3.86
N GLY F 106 -17.04 0.56 -3.88
CA GLY F 106 -16.12 1.66 -4.04
C GLY F 106 -15.62 1.77 -5.46
N VAL F 107 -14.42 2.31 -5.62
CA VAL F 107 -13.88 2.65 -6.95
C VAL F 107 -13.92 1.44 -7.86
N GLY F 108 -13.71 0.25 -7.28
CA GLY F 108 -13.71 -0.98 -8.03
C GLY F 108 -15.01 -1.21 -8.75
N GLY F 109 -16.11 -0.98 -8.05
CA GLY F 109 -17.45 -1.10 -8.62
C GLY F 109 -17.78 -0.03 -9.65
N PHE F 110 -17.14 1.14 -9.50
CA PHE F 110 -17.30 2.24 -10.44
C PHE F 110 -16.80 1.80 -11.82
N SER F 111 -15.58 1.28 -11.87
CA SER F 111 -15.05 0.84 -13.15
C SER F 111 -15.82 -0.38 -13.67
N ALA F 112 -16.25 -1.25 -12.76
CA ALA F 112 -17.06 -2.40 -13.17
C ALA F 112 -18.35 -1.92 -13.87
N ALA F 113 -18.99 -0.92 -13.28
CA ALA F 113 -20.22 -0.41 -13.83
C ALA F 113 -20.01 0.25 -15.21
N LEU F 114 -18.93 1.02 -15.37
CA LEU F 114 -18.67 1.67 -16.64
C LEU F 114 -18.45 0.63 -17.72
N ARG F 115 -17.87 -0.50 -17.35
CA ARG F 115 -17.66 -1.63 -18.25
C ARG F 115 -18.97 -2.30 -18.65
N ALA F 116 -19.90 -2.36 -17.71
CA ALA F 116 -21.18 -3.04 -17.88
C ALA F 116 -22.19 -2.30 -18.73
N PHE F 117 -22.39 -1.03 -18.43
CA PHE F 117 -23.40 -0.19 -19.05
C PHE F 117 -23.56 -0.34 -20.57
N PRO F 118 -22.50 -0.21 -21.37
CA PRO F 118 -22.67 -0.29 -22.82
C PRO F 118 -23.20 -1.63 -23.24
N ILE F 119 -22.70 -2.69 -22.62
CA ILE F 119 -23.17 -4.04 -22.91
C ILE F 119 -24.63 -4.23 -22.52
N VAL F 120 -25.01 -3.80 -21.32
CA VAL F 120 -26.39 -4.05 -20.91
C VAL F 120 -27.35 -3.18 -21.71
N GLU F 121 -26.94 -1.96 -22.04
CA GLU F 121 -27.77 -1.11 -22.89
C GLU F 121 -28.07 -1.85 -24.20
N GLU F 122 -27.04 -2.38 -24.86
CA GLU F 122 -27.25 -3.14 -26.10
C GLU F 122 -28.15 -4.36 -25.89
N TYR F 123 -27.87 -5.11 -24.83
CA TYR F 123 -28.58 -6.36 -24.55
C TYR F 123 -30.05 -6.10 -24.20
N VAL F 124 -30.28 -5.11 -23.36
CA VAL F 124 -31.62 -4.72 -22.96
C VAL F 124 -32.43 -4.28 -24.19
N ASP F 125 -31.79 -3.47 -25.04
CA ASP F 125 -32.43 -2.98 -26.23
C ASP F 125 -32.93 -4.12 -27.13
N THR F 126 -32.08 -5.12 -27.31
CA THR F 126 -32.39 -6.27 -28.17
C THR F 126 -33.53 -7.07 -27.58
N VAL F 127 -33.50 -7.25 -26.26
CA VAL F 127 -34.52 -8.02 -25.58
C VAL F 127 -35.85 -7.31 -25.77
N ARG F 128 -35.83 -6.00 -25.56
CA ARG F 128 -37.02 -5.17 -25.67
C ARG F 128 -37.58 -5.12 -27.11
N LYS F 129 -36.71 -5.25 -28.12
CA LYS F 129 -37.16 -5.25 -29.51
C LYS F 129 -37.61 -6.64 -29.99
N THR F 130 -37.47 -7.65 -29.12
CA THR F 130 -37.80 -9.01 -29.53
C THR F 130 -38.79 -9.67 -28.58
N SER F 131 -38.31 -10.38 -27.59
CA SER F 131 -39.17 -11.23 -26.77
C SER F 131 -39.83 -10.52 -25.59
N ASN F 132 -39.33 -9.34 -25.25
CA ASN F 132 -39.79 -8.64 -24.06
C ASN F 132 -39.77 -9.48 -22.79
N ALA F 133 -38.73 -10.33 -22.68
CA ALA F 133 -38.58 -11.28 -21.62
C ALA F 133 -38.30 -10.58 -20.31
N THR F 134 -38.58 -11.26 -19.20
CA THR F 134 -38.09 -10.85 -17.91
C THR F 134 -36.57 -11.12 -17.80
N ILE F 135 -35.81 -10.08 -17.49
CA ILE F 135 -34.37 -10.24 -17.28
C ILE F 135 -34.03 -10.41 -15.80
N VAL F 136 -33.39 -11.52 -15.48
CA VAL F 136 -32.91 -11.80 -14.13
C VAL F 136 -31.40 -11.55 -14.11
N ASN F 137 -30.95 -10.59 -13.33
CA ASN F 137 -29.56 -10.16 -13.37
C ASN F 137 -28.63 -10.55 -12.21
N PHE F 138 -27.50 -11.18 -12.55
CA PHE F 138 -26.39 -11.43 -11.62
C PHE F 138 -25.18 -10.55 -11.90
N THR F 139 -25.03 -10.14 -13.15
CA THR F 139 -23.91 -9.32 -13.56
C THR F 139 -23.65 -8.16 -12.59
N ASN F 140 -22.42 -8.06 -12.08
CA ASN F 140 -22.13 -7.03 -11.11
C ASN F 140 -21.64 -5.75 -11.79
N PRO F 141 -21.92 -4.59 -11.20
CA PRO F 141 -22.63 -4.45 -9.92
C PRO F 141 -24.13 -4.51 -10.09
N SER F 142 -24.74 -5.56 -9.50
CA SER F 142 -26.11 -5.92 -9.83
C SER F 142 -27.09 -4.81 -9.51
N GLY F 143 -27.02 -4.27 -8.29
CA GLY F 143 -27.94 -3.23 -7.89
C GLY F 143 -27.82 -1.96 -8.73
N HIS F 144 -26.57 -1.55 -8.98
CA HIS F 144 -26.28 -0.36 -9.75
C HIS F 144 -26.79 -0.51 -11.19
N ILE F 145 -26.58 -1.69 -11.79
CA ILE F 145 -27.11 -2.00 -13.12
C ILE F 145 -28.63 -1.96 -13.08
N THR F 146 -29.26 -2.49 -12.03
CA THR F 146 -30.72 -2.44 -11.89
C THR F 146 -31.24 -1.01 -11.85
N GLU F 147 -30.55 -0.16 -11.11
CA GLU F 147 -30.88 1.26 -11.05
C GLU F 147 -30.83 1.86 -12.47
N PHE F 148 -29.78 1.53 -13.20
CA PHE F 148 -29.60 1.97 -14.55
C PHE F 148 -30.76 1.52 -15.47
N VAL F 149 -31.05 0.23 -15.48
CA VAL F 149 -32.04 -0.31 -16.40
C VAL F 149 -33.45 0.20 -16.02
N ARG F 150 -33.75 0.21 -14.72
CA ARG F 150 -35.08 0.60 -14.25
C ARG F 150 -35.39 2.07 -14.42
N ASN F 151 -34.42 2.94 -14.15
CA ASN F 151 -34.69 4.37 -14.08
C ASN F 151 -34.16 5.18 -15.23
N TYR F 152 -33.28 4.59 -16.05
CA TYR F 152 -32.74 5.31 -17.19
C TYR F 152 -33.07 4.66 -18.55
N LEU F 153 -32.91 3.34 -18.64
CA LEU F 153 -33.30 2.61 -19.86
C LEU F 153 -34.80 2.38 -19.84
N GLU F 154 -35.36 2.52 -18.64
CA GLU F 154 -36.79 2.37 -18.38
C GLU F 154 -37.34 1.07 -18.96
N TYR F 155 -36.68 -0.04 -18.64
CA TYR F 155 -37.20 -1.36 -18.97
C TYR F 155 -37.70 -1.98 -17.68
N GLU F 156 -39.01 -2.20 -17.59
CA GLU F 156 -39.64 -2.53 -16.31
C GLU F 156 -39.29 -3.92 -15.80
N LYS F 157 -39.24 -4.88 -16.72
CA LYS F 157 -39.04 -6.29 -16.40
C LYS F 157 -37.55 -6.67 -16.18
N PHE F 158 -36.86 -5.95 -15.31
CA PHE F 158 -35.44 -6.25 -15.04
C PHE F 158 -35.27 -6.37 -13.54
N ILE F 159 -34.93 -7.57 -13.07
CA ILE F 159 -34.89 -7.80 -11.64
C ILE F 159 -33.50 -8.18 -11.23
N GLY F 160 -32.90 -7.32 -10.40
CA GLY F 160 -31.54 -7.55 -9.93
C GLY F 160 -31.52 -8.54 -8.78
N LEU F 161 -30.58 -9.48 -8.86
CA LEU F 161 -30.44 -10.48 -7.85
C LEU F 161 -29.07 -10.44 -7.20
N CYS F 162 -28.98 -11.07 -6.05
CA CYS F 162 -27.73 -11.15 -5.32
C CYS F 162 -27.77 -12.38 -4.47
N ASN F 163 -26.60 -12.89 -4.06
CA ASN F 163 -26.55 -14.13 -3.27
C ASN F 163 -26.61 -13.97 -1.73
N VAL F 164 -26.52 -12.74 -1.24
CA VAL F 164 -26.45 -12.54 0.21
C VAL F 164 -27.81 -12.70 0.93
N PRO F 165 -28.89 -12.18 0.36
CA PRO F 165 -30.22 -12.37 0.97
C PRO F 165 -30.48 -13.85 1.25
N ILE F 166 -30.38 -14.70 0.23
CA ILE F 166 -30.64 -16.14 0.37
C ILE F 166 -29.61 -16.85 1.29
N ASN F 167 -28.37 -16.34 1.30
CA ASN F 167 -27.33 -16.85 2.21
C ASN F 167 -27.74 -16.67 3.65
N PHE F 168 -28.24 -15.47 3.92
CA PHE F 168 -28.72 -15.13 5.25
C PHE F 168 -29.92 -15.98 5.69
N ILE F 169 -30.92 -16.04 4.81
CA ILE F 169 -32.16 -16.80 5.07
C ILE F 169 -31.80 -18.25 5.41
N ARG F 170 -30.96 -18.88 4.58
CA ARG F 170 -30.48 -20.25 4.78
C ARG F 170 -29.83 -20.46 6.15
N GLU F 171 -29.02 -19.48 6.55
CA GLU F 171 -28.37 -19.44 7.87
C GLU F 171 -29.39 -19.52 9.02
N ILE F 172 -30.36 -18.59 8.98
CA ILE F 172 -31.43 -18.52 9.99
C ILE F 172 -32.26 -19.78 10.00
N ALA F 173 -32.63 -20.24 8.79
CA ALA F 173 -33.37 -21.49 8.63
C ALA F 173 -32.72 -22.65 9.39
N GLU F 174 -31.42 -22.89 9.21
CA GLU F 174 -30.78 -24.00 9.93
C GLU F 174 -30.55 -23.78 11.43
N PHE F 176 -32.72 -22.44 13.27
CA PHE F 176 -34.05 -22.59 13.89
C PHE F 176 -34.84 -23.80 13.39
N SER F 177 -34.17 -24.65 12.60
CA SER F 177 -34.75 -25.89 12.07
C SER F 177 -36.07 -25.64 11.32
N ALA F 178 -36.02 -24.71 10.37
CA ALA F 178 -37.19 -24.26 9.64
C ALA F 178 -36.90 -24.26 8.15
N ARG F 179 -37.94 -24.23 7.33
CA ARG F 179 -37.76 -24.14 5.87
C ARG F 179 -37.41 -22.70 5.49
N LEU F 180 -36.90 -22.52 4.28
CA LEU F 180 -36.54 -21.19 3.82
C LEU F 180 -37.71 -20.21 3.97
N GLU F 181 -38.89 -20.63 3.51
CA GLU F 181 -40.06 -19.74 3.44
C GLU F 181 -40.66 -19.41 4.82
N ASP F 182 -40.23 -20.15 5.86
CA ASP F 182 -40.61 -19.88 7.25
C ASP F 182 -39.88 -18.65 7.81
N VAL F 183 -38.94 -18.12 7.04
CA VAL F 183 -38.13 -16.97 7.47
C VAL F 183 -38.60 -15.73 6.77
N PHE F 184 -38.98 -14.72 7.57
CA PHE F 184 -39.43 -13.44 7.05
C PHE F 184 -38.64 -12.32 7.71
N LEU F 185 -38.09 -11.43 6.88
CA LEU F 185 -37.19 -10.35 7.32
C LEU F 185 -37.73 -8.95 7.07
N LYS F 186 -37.40 -8.00 7.95
CA LYS F 186 -37.41 -6.59 7.53
C LYS F 186 -36.01 -6.31 7.04
N TYR F 187 -35.89 -6.09 5.75
CA TYR F 187 -34.61 -6.06 5.07
C TYR F 187 -34.68 -4.93 4.06
N TYR F 188 -33.63 -4.13 3.98
CA TYR F 188 -33.59 -3.03 3.04
C TYR F 188 -32.18 -2.49 2.89
N GLY F 189 -31.95 -1.76 1.81
CA GLY F 189 -30.65 -1.20 1.52
C GLY F 189 -30.40 -1.34 0.06
N LEU F 190 -29.14 -1.13 -0.33
CA LEU F 190 -28.71 -1.36 -1.71
C LEU F 190 -28.02 -2.72 -1.80
N ASN F 191 -27.81 -3.19 -3.03
CA ASN F 191 -27.04 -4.40 -3.25
C ASN F 191 -25.69 -4.25 -2.58
N HIS F 192 -25.34 -5.19 -1.70
CA HIS F 192 -24.05 -5.15 -0.98
C HIS F 192 -23.97 -3.95 -0.03
N LEU F 193 -25.12 -3.49 0.44
CA LEU F 193 -25.17 -2.33 1.31
C LEU F 193 -26.49 -2.42 2.04
N SER F 194 -26.75 -3.57 2.63
CA SER F 194 -28.10 -3.88 3.11
C SER F 194 -28.12 -4.10 4.62
N PHE F 195 -29.31 -4.03 5.19
CA PHE F 195 -29.51 -3.99 6.63
C PHE F 195 -30.72 -4.84 6.97
N ILE F 196 -30.65 -5.57 8.08
CA ILE F 196 -31.75 -6.37 8.56
C ILE F 196 -32.11 -5.79 9.91
N GLU F 197 -33.37 -5.44 10.06
CA GLU F 197 -33.84 -4.79 11.28
C GLU F 197 -34.68 -5.73 12.14
N LYS F 198 -35.33 -6.71 11.50
CA LYS F 198 -36.19 -7.63 12.21
C LYS F 198 -36.14 -9.01 11.56
N VAL F 199 -36.16 -10.04 12.39
CA VAL F 199 -36.09 -11.42 11.93
C VAL F 199 -37.27 -12.19 12.49
N PHE F 200 -38.03 -12.81 11.60
CA PHE F 200 -39.19 -13.62 11.98
C PHE F 200 -39.02 -15.07 11.52
N VAL F 201 -39.30 -16.02 12.40
CA VAL F 201 -39.25 -17.42 12.03
C VAL F 201 -40.57 -18.07 12.47
N LYS F 202 -41.30 -18.61 11.49
CA LYS F 202 -42.63 -19.19 11.72
C LYS F 202 -43.56 -18.21 12.46
N GLY F 203 -43.42 -16.92 12.18
CA GLY F 203 -44.25 -15.91 12.80
C GLY F 203 -43.68 -15.29 14.03
N GLU F 204 -42.76 -15.98 14.70
CA GLU F 204 -42.16 -15.49 15.94
C GLU F 204 -41.04 -14.47 15.66
N ASP F 205 -41.04 -13.41 16.47
CA ASP F 205 -39.99 -12.41 16.47
C ASP F 205 -38.77 -12.99 17.17
N VAL F 206 -37.74 -13.31 16.40
CA VAL F 206 -36.53 -13.93 16.96
C VAL F 206 -35.28 -13.04 16.79
N THR F 207 -35.50 -11.76 16.49
CA THR F 207 -34.42 -10.75 16.37
C THR F 207 -33.46 -10.79 17.56
N GLU F 208 -33.97 -10.74 18.78
CA GLU F 208 -33.11 -10.79 19.96
C GLU F 208 -32.22 -12.03 19.96
N LYS F 209 -32.81 -13.19 19.66
CA LYS F 209 -32.09 -14.47 19.66
C LYS F 209 -31.02 -14.48 18.58
N VAL F 210 -31.28 -13.82 17.46
CA VAL F 210 -30.33 -13.78 16.35
C VAL F 210 -29.13 -12.88 16.70
N PHE F 211 -29.38 -11.78 17.42
CA PHE F 211 -28.32 -10.92 17.95
C PHE F 211 -27.42 -11.67 18.93
N GLU F 212 -28.04 -12.38 19.87
CA GLU F 212 -27.30 -13.08 20.91
C GLU F 212 -26.44 -14.20 20.31
N ASN F 213 -26.93 -14.82 19.24
CA ASN F 213 -26.18 -15.91 18.62
C ASN F 213 -25.10 -15.39 17.68
N LEU F 214 -25.26 -14.15 17.20
CA LEU F 214 -24.22 -13.53 16.38
C LEU F 214 -22.94 -13.26 17.20
N LYS F 215 -23.09 -13.15 18.51
CA LYS F 215 -21.95 -12.86 19.38
C LYS F 215 -21.16 -14.13 19.73
N ASP F 223 -11.59 -11.10 14.54
CA ASP F 223 -11.07 -9.73 14.50
C ASP F 223 -11.57 -8.94 13.27
N GLU F 224 -11.76 -9.65 12.16
CA GLU F 224 -12.26 -9.04 10.92
C GLU F 224 -13.79 -8.80 10.94
N ASP F 225 -14.50 -9.26 11.97
CA ASP F 225 -15.91 -8.82 12.07
C ASP F 225 -16.24 -7.95 13.28
N PHE F 226 -17.43 -7.37 13.23
CA PHE F 226 -17.85 -6.35 14.17
C PHE F 226 -17.87 -6.84 15.59
N PRO F 227 -17.48 -5.98 16.54
CA PRO F 227 -17.47 -6.36 17.95
C PRO F 227 -18.90 -6.39 18.51
N THR F 228 -19.04 -6.97 19.69
CA THR F 228 -20.32 -7.08 20.35
C THR F 228 -21.02 -5.74 20.49
N TRP F 229 -20.30 -4.71 20.97
CA TRP F 229 -20.90 -3.40 21.23
C TRP F 229 -21.52 -2.78 19.99
N PHE F 230 -20.96 -3.08 18.81
CA PHE F 230 -21.53 -2.57 17.58
C PHE F 230 -22.98 -3.00 17.39
N TYR F 231 -23.27 -4.27 17.62
CA TYR F 231 -24.63 -4.76 17.50
C TYR F 231 -25.54 -4.22 18.61
N ASP F 232 -24.98 -4.03 19.80
CA ASP F 232 -25.69 -3.37 20.89
C ASP F 232 -26.09 -1.93 20.54
N SER F 233 -25.21 -1.22 19.83
CA SER F 233 -25.37 0.19 19.50
C SER F 233 -26.22 0.48 18.27
N VAL F 234 -25.82 -0.11 17.16
CA VAL F 234 -26.43 0.11 15.88
C VAL F 234 -27.79 -0.60 15.78
N ARG F 235 -27.91 -1.74 16.47
CA ARG F 235 -29.10 -2.60 16.44
C ARG F 235 -29.60 -2.92 15.02
N LEU F 236 -28.66 -3.20 14.14
CA LEU F 236 -28.98 -3.71 12.82
C LEU F 236 -28.08 -4.88 12.53
N ILE F 237 -28.60 -5.88 11.84
CA ILE F 237 -27.73 -6.89 11.26
C ILE F 237 -27.29 -6.32 9.93
N VAL F 238 -25.99 -6.27 9.75
CA VAL F 238 -25.39 -5.46 8.73
C VAL F 238 -24.71 -6.39 7.73
N ASN F 239 -24.89 -6.10 6.45
CA ASN F 239 -24.25 -6.82 5.35
C ASN F 239 -22.72 -6.79 5.53
N PRO F 240 -22.03 -7.91 5.31
CA PRO F 240 -20.58 -7.98 5.57
C PRO F 240 -19.76 -6.99 4.74
N TYR F 241 -20.26 -6.59 3.57
CA TYR F 241 -19.58 -5.59 2.74
C TYR F 241 -19.46 -4.25 3.45
N LEU F 242 -20.35 -3.97 4.42
CA LEU F 242 -20.30 -2.75 5.24
C LEU F 242 -18.98 -2.61 5.96
N ARG F 243 -18.26 -3.71 6.12
CA ARG F 243 -16.92 -3.70 6.69
C ARG F 243 -16.01 -2.75 5.93
N TYR F 244 -16.20 -2.63 4.62
CA TYR F 244 -15.37 -1.75 3.81
C TYR F 244 -15.57 -0.29 4.11
N TYR F 245 -16.78 0.07 4.52
CA TYR F 245 -17.09 1.45 4.93
C TYR F 245 -16.75 1.73 6.40
N LEU F 246 -17.08 0.79 7.29
CA LEU F 246 -17.00 1.00 8.72
C LEU F 246 -15.64 0.61 9.31
N GLU F 248 -12.61 0.58 7.26
CA GLU F 248 -11.80 0.85 6.08
C GLU F 248 -10.31 0.63 6.31
N LYS F 249 -9.77 1.19 7.40
CA LYS F 249 -8.36 1.01 7.70
C LYS F 249 -7.98 -0.46 7.73
N LYS F 250 -8.76 -1.24 8.48
CA LYS F 250 -8.54 -2.68 8.63
C LYS F 250 -8.66 -3.41 7.31
N PHE F 252 -8.42 -2.12 4.23
CA PHE F 252 -7.35 -1.74 3.31
C PHE F 252 -6.05 -2.49 3.59
N LYS F 253 -5.68 -2.62 4.87
CA LYS F 253 -4.45 -3.33 5.26
C LYS F 253 -4.54 -4.80 4.89
N LYS F 254 -5.77 -5.33 4.90
CA LYS F 254 -6.01 -6.73 4.54
C LYS F 254 -5.83 -6.95 3.04
N ILE F 255 -6.61 -6.19 2.26
CA ILE F 255 -6.59 -6.25 0.79
C ILE F 255 -5.18 -6.06 0.20
N SER F 256 -4.48 -5.06 0.73
CA SER F 256 -3.21 -4.62 0.19
C SER F 256 -2.01 -5.50 0.54
N THR F 257 -2.18 -6.41 1.50
CA THR F 257 -1.10 -7.29 1.95
C THR F 257 -1.31 -8.76 1.63
N HIS F 258 -2.22 -9.04 0.71
CA HIS F 258 -2.51 -10.39 0.25
C HIS F 258 -2.70 -10.37 -1.27
N GLU F 259 -2.57 -11.54 -1.89
CA GLU F 259 -2.87 -11.69 -3.30
C GLU F 259 -4.24 -11.10 -3.60
N LEU F 260 -4.36 -10.42 -4.73
CA LEU F 260 -5.64 -9.90 -5.19
C LEU F 260 -6.62 -11.03 -5.36
N ARG F 261 -7.85 -10.84 -4.89
CA ARG F 261 -8.80 -11.93 -4.88
C ARG F 261 -9.07 -12.51 -6.28
N ALA F 262 -9.14 -11.66 -7.31
CA ALA F 262 -9.40 -12.11 -8.68
C ALA F 262 -8.38 -13.15 -9.16
N ARG F 263 -7.14 -12.99 -8.71
CA ARG F 263 -6.11 -13.96 -9.02
C ARG F 263 -6.40 -15.31 -8.41
N GLU F 264 -7.00 -15.32 -7.22
CA GLU F 264 -7.33 -16.57 -6.55
C GLU F 264 -8.47 -17.27 -7.30
N VAL F 265 -9.49 -16.49 -7.70
CA VAL F 265 -10.63 -16.99 -8.48
C VAL F 265 -10.16 -17.60 -9.80
N LYS F 267 -7.41 -19.11 -10.49
CA LYS F 267 -6.90 -20.45 -10.23
C LYS F 267 -8.01 -21.42 -9.80
N ILE F 268 -9.05 -20.94 -9.12
CA ILE F 268 -10.18 -21.80 -8.77
C ILE F 268 -10.91 -22.18 -10.05
N GLU F 269 -11.17 -21.21 -10.92
CA GLU F 269 -11.94 -21.43 -12.15
C GLU F 269 -11.19 -22.36 -13.09
N LYS F 270 -9.88 -22.18 -13.19
CA LYS F 270 -9.10 -23.03 -14.07
C LYS F 270 -9.19 -24.48 -13.60
N GLU F 271 -9.34 -24.66 -12.29
CA GLU F 271 -9.38 -25.99 -11.68
C GLU F 271 -10.74 -26.62 -11.91
N LEU F 272 -11.77 -25.81 -11.79
CA LEU F 272 -13.13 -26.27 -12.01
C LEU F 272 -13.33 -26.67 -13.47
N PHE F 273 -12.72 -25.92 -14.38
CA PHE F 273 -12.86 -26.18 -15.81
C PHE F 273 -12.22 -27.49 -16.23
N GLU F 274 -11.08 -27.81 -15.65
CA GLU F 274 -10.45 -29.09 -15.90
C GLU F 274 -11.32 -30.20 -15.36
N LYS F 275 -11.97 -29.97 -14.22
CA LYS F 275 -12.84 -30.98 -13.63
C LYS F 275 -14.12 -31.21 -14.44
N TYR F 276 -14.67 -30.11 -14.96
CA TYR F 276 -15.92 -30.15 -15.72
C TYR F 276 -15.84 -30.99 -16.99
N ARG F 277 -14.63 -31.19 -17.49
CA ARG F 277 -14.40 -31.93 -18.73
C ARG F 277 -14.88 -33.37 -18.66
N THR F 278 -14.78 -33.99 -17.49
CA THR F 278 -15.16 -35.40 -17.35
C THR F 278 -16.17 -35.75 -16.24
N ALA F 279 -16.42 -34.81 -15.31
CA ALA F 279 -17.25 -35.11 -14.13
C ALA F 279 -18.74 -35.31 -14.43
N VAL F 280 -19.30 -36.40 -13.89
CA VAL F 280 -20.70 -36.76 -14.09
C VAL F 280 -21.61 -36.13 -13.05
N GLU F 281 -21.01 -35.45 -12.07
CA GLU F 281 -21.74 -34.91 -10.93
C GLU F 281 -21.03 -33.65 -10.48
N ILE F 282 -21.81 -32.67 -10.02
CA ILE F 282 -21.25 -31.37 -9.61
C ILE F 282 -20.17 -31.57 -8.55
N PRO F 283 -18.96 -31.05 -8.80
CA PRO F 283 -17.87 -31.12 -7.81
C PRO F 283 -18.08 -30.31 -6.53
N TYR F 294 -26.34 -18.51 -5.55
CA TYR F 294 -27.02 -17.60 -6.45
C TYR F 294 -28.01 -18.39 -7.35
N SER F 295 -27.65 -19.64 -7.62
CA SER F 295 -28.41 -20.50 -8.50
C SER F 295 -29.80 -20.76 -7.97
N THR F 296 -29.91 -21.13 -6.69
CA THR F 296 -31.20 -21.37 -6.09
C THR F 296 -32.05 -20.11 -6.16
N ALA F 297 -31.44 -18.94 -5.92
CA ALA F 297 -32.20 -17.69 -5.98
C ALA F 297 -32.81 -17.47 -7.35
N ALA F 298 -32.02 -17.70 -8.41
CA ALA F 298 -32.50 -17.49 -9.77
C ALA F 298 -33.66 -18.44 -10.05
N ALA F 299 -33.48 -19.72 -9.71
CA ALA F 299 -34.44 -20.73 -10.12
C ALA F 299 -35.73 -20.54 -9.34
N HIS F 300 -35.60 -20.26 -8.06
CA HIS F 300 -36.78 -20.09 -7.23
C HIS F 300 -37.58 -18.86 -7.61
N LEU F 301 -36.89 -17.83 -8.06
CA LEU F 301 -37.54 -16.62 -8.49
C LEU F 301 -38.31 -16.91 -9.79
N ILE F 302 -37.66 -17.59 -10.74
CA ILE F 302 -38.31 -17.93 -12.00
C ILE F 302 -39.52 -18.83 -11.74
N ARG F 303 -39.36 -19.82 -10.85
CA ARG F 303 -40.45 -20.69 -10.42
C ARG F 303 -41.67 -19.86 -10.00
N ASP F 304 -41.41 -18.81 -9.23
CA ASP F 304 -42.48 -18.13 -8.54
C ASP F 304 -43.12 -17.02 -9.35
N LEU F 305 -42.37 -16.49 -10.32
CA LEU F 305 -42.91 -15.72 -11.43
C LEU F 305 -43.87 -16.57 -12.31
N GLU F 306 -43.58 -17.86 -12.40
CA GLU F 306 -44.36 -18.75 -13.27
C GLU F 306 -45.67 -19.20 -12.63
N THR F 307 -45.63 -19.63 -11.38
CA THR F 307 -46.85 -20.06 -10.72
C THR F 307 -47.66 -18.88 -10.16
N ASP F 308 -48.91 -19.16 -9.78
CA ASP F 308 -49.78 -18.16 -9.20
C ASP F 308 -49.85 -18.30 -7.68
N GLU F 309 -48.91 -19.03 -7.11
CA GLU F 309 -48.81 -19.25 -5.66
C GLU F 309 -48.66 -17.98 -4.82
N GLY F 310 -47.68 -17.14 -5.13
CA GLY F 310 -47.40 -15.94 -4.36
C GLY F 310 -46.38 -16.22 -3.27
N LYS F 311 -45.13 -15.82 -3.50
CA LYS F 311 -44.03 -16.10 -2.58
C LYS F 311 -43.15 -14.87 -2.40
N ILE F 312 -42.46 -14.81 -1.27
CA ILE F 312 -41.61 -13.66 -0.97
C ILE F 312 -40.19 -13.91 -1.46
N HIS F 313 -39.67 -12.97 -2.22
CA HIS F 313 -38.24 -12.96 -2.60
C HIS F 313 -37.61 -11.61 -2.38
N ILE F 314 -36.41 -11.61 -1.81
CA ILE F 314 -35.66 -10.36 -1.67
C ILE F 314 -34.92 -10.11 -2.97
N VAL F 315 -35.28 -9.02 -3.63
CA VAL F 315 -34.75 -8.70 -4.96
C VAL F 315 -34.52 -7.20 -5.09
N ASN F 316 -33.80 -6.82 -6.14
CA ASN F 316 -33.49 -5.43 -6.39
C ASN F 316 -34.51 -4.85 -7.33
N THR F 317 -35.20 -3.81 -6.87
CA THR F 317 -36.33 -3.26 -7.59
C THR F 317 -36.62 -1.88 -7.03
N ARG F 318 -37.53 -1.11 -7.67
CA ARG F 318 -37.89 0.22 -7.13
C ARG F 318 -38.59 0.06 -5.80
N ASN F 319 -38.20 0.93 -4.88
CA ASN F 319 -38.76 1.05 -3.52
C ASN F 319 -40.27 0.99 -3.48
N ASN F 320 -40.91 1.87 -4.23
CA ASN F 320 -42.37 2.01 -4.23
C ASN F 320 -43.03 1.81 -2.87
N GLY F 321 -42.56 2.57 -1.89
CA GLY F 321 -43.20 2.55 -0.59
C GLY F 321 -42.81 1.45 0.35
N SER F 322 -41.94 0.54 -0.07
CA SER F 322 -41.42 -0.47 0.83
C SER F 322 -40.84 0.18 2.08
N ILE F 323 -39.96 1.18 1.88
CA ILE F 323 -39.43 2.00 2.96
C ILE F 323 -39.97 3.41 2.80
N GLU F 324 -40.86 3.83 3.70
CA GLU F 324 -41.56 5.12 3.54
C GLU F 324 -40.63 6.29 3.69
N ASN F 325 -39.45 6.00 4.24
CA ASN F 325 -38.42 6.97 4.55
C ASN F 325 -37.61 7.37 3.30
N LEU F 326 -37.82 6.63 2.20
CA LEU F 326 -36.93 6.77 1.03
C LEU F 326 -37.77 7.08 -0.20
N PRO F 327 -37.21 7.78 -1.19
CA PRO F 327 -37.98 8.12 -2.38
C PRO F 327 -38.49 6.86 -3.11
N ASP F 328 -39.65 6.96 -3.74
CA ASP F 328 -40.25 5.77 -4.39
C ASP F 328 -39.36 5.10 -5.46
N ASP F 329 -38.51 5.89 -6.12
CA ASP F 329 -37.80 5.38 -7.29
C ASP F 329 -36.41 4.89 -7.04
N TYR F 330 -35.90 5.01 -5.79
CA TYR F 330 -34.64 4.33 -5.42
C TYR F 330 -34.79 2.85 -5.70
N VAL F 331 -33.84 2.28 -6.44
CA VAL F 331 -33.80 0.83 -6.55
C VAL F 331 -33.21 0.32 -5.24
N LEU F 332 -33.94 -0.52 -4.55
CA LEU F 332 -33.46 -1.10 -3.30
C LEU F 332 -33.47 -2.62 -3.41
N GLU F 333 -32.73 -3.25 -2.51
CA GLU F 333 -32.82 -4.69 -2.33
C GLU F 333 -33.79 -4.89 -1.17
N ILE F 334 -34.97 -5.42 -1.47
CA ILE F 334 -36.09 -5.52 -0.53
C ILE F 334 -36.96 -6.77 -0.80
N PRO F 335 -37.68 -7.26 0.23
CA PRO F 335 -38.59 -8.40 0.05
C PRO F 335 -39.83 -8.04 -0.76
N CYS F 336 -40.17 -8.86 -1.75
CA CYS F 336 -41.33 -8.64 -2.61
C CYS F 336 -42.27 -9.82 -2.69
N TYR F 337 -43.55 -9.56 -2.98
CA TYR F 337 -44.54 -10.61 -3.24
C TYR F 337 -44.45 -10.91 -4.72
N VAL F 338 -44.14 -12.15 -5.04
CA VAL F 338 -43.85 -12.50 -6.42
C VAL F 338 -44.90 -13.52 -6.85
N ARG F 339 -45.50 -13.26 -8.00
CA ARG F 339 -46.66 -14.02 -8.46
C ARG F 339 -47.03 -13.70 -9.88
N SER F 340 -47.19 -14.73 -10.69
CA SER F 340 -47.68 -14.60 -12.06
C SER F 340 -47.05 -13.43 -12.80
N GLY F 341 -45.73 -13.42 -12.89
CA GLY F 341 -45.03 -12.49 -13.75
C GLY F 341 -44.90 -11.11 -13.15
N ARG F 342 -45.52 -10.88 -11.99
CA ARG F 342 -45.42 -9.57 -11.34
C ARG F 342 -44.66 -9.62 -10.04
N VAL F 343 -44.05 -8.50 -9.69
CA VAL F 343 -43.30 -8.35 -8.47
C VAL F 343 -43.88 -7.19 -7.68
N HIS F 344 -44.50 -7.46 -6.54
CA HIS F 344 -45.10 -6.40 -5.75
C HIS F 344 -44.26 -6.08 -4.52
N THR F 345 -43.98 -4.80 -4.24
CA THR F 345 -43.28 -4.50 -3.00
C THR F 345 -44.23 -4.49 -1.80
N LEU F 346 -43.68 -4.76 -0.61
CA LEU F 346 -44.39 -4.88 0.68
C LEU F 346 -44.08 -3.71 1.56
N SER F 347 -45.07 -3.25 2.31
CA SER F 347 -44.84 -2.30 3.40
C SER F 347 -43.78 -2.80 4.34
N GLN F 348 -42.85 -1.94 4.73
CA GLN F 348 -41.93 -2.27 5.81
C GLN F 348 -41.88 -1.21 6.89
N GLY F 349 -42.42 -0.04 6.61
CA GLY F 349 -42.31 1.08 7.55
C GLY F 349 -41.09 1.91 7.27
N LYS F 350 -40.49 2.43 8.33
CA LYS F 350 -39.39 3.36 8.21
C LYS F 350 -38.02 2.69 8.27
N GLY F 351 -37.08 3.22 7.50
CA GLY F 351 -35.70 2.77 7.58
C GLY F 351 -34.93 3.55 8.62
N ASP F 352 -33.93 2.91 9.21
CA ASP F 352 -33.11 3.49 10.28
C ASP F 352 -32.22 4.62 9.74
N HIS F 353 -32.10 5.72 10.49
CA HIS F 353 -31.23 6.84 10.07
C HIS F 353 -29.81 6.42 9.67
N PHE F 354 -29.27 5.46 10.41
CA PHE F 354 -27.91 5.00 10.17
C PHE F 354 -27.85 4.35 8.81
N ALA F 355 -28.81 3.47 8.50
CA ALA F 355 -28.86 2.79 7.22
C ALA F 355 -29.01 3.78 6.09
N LEU F 356 -29.91 4.73 6.30
CA LEU F 356 -30.24 5.74 5.31
C LEU F 356 -29.01 6.58 4.92
N SER F 357 -28.15 6.92 5.87
CA SER F 357 -26.98 7.69 5.50
C SER F 357 -26.19 6.96 4.44
N PHE F 358 -25.98 5.66 4.59
CA PHE F 358 -25.29 4.88 3.55
C PHE F 358 -26.12 4.83 2.25
N ILE F 359 -27.39 4.48 2.38
CA ILE F 359 -28.25 4.30 1.20
C ILE F 359 -28.28 5.56 0.32
N HIS F 360 -28.53 6.70 0.96
CA HIS F 360 -28.56 8.01 0.31
C HIS F 360 -27.22 8.36 -0.36
N ALA F 361 -26.13 8.21 0.37
CA ALA F 361 -24.81 8.54 -0.16
C ALA F 361 -24.49 7.79 -1.44
N VAL F 362 -24.65 6.46 -1.43
CA VAL F 362 -24.24 5.74 -2.61
C VAL F 362 -25.29 5.78 -3.71
N LYS F 363 -26.54 6.01 -3.36
CA LYS F 363 -27.51 6.23 -4.42
C LYS F 363 -27.15 7.45 -5.24
N TYR F 365 -24.13 8.67 -5.66
CA TYR F 365 -22.99 8.15 -6.41
C TYR F 365 -23.46 7.35 -7.62
N GLU F 366 -24.43 6.47 -7.41
CA GLU F 366 -24.90 5.57 -8.46
C GLU F 366 -25.40 6.38 -9.62
N ARG F 367 -26.28 7.37 -9.35
CA ARG F 367 -26.89 8.15 -10.44
C ARG F 367 -25.89 9.10 -11.08
N LEU F 368 -25.00 9.66 -10.27
CA LEU F 368 -23.88 10.43 -10.77
C LEU F 368 -23.06 9.66 -11.81
N THR F 369 -22.77 8.40 -11.50
CA THR F 369 -22.03 7.52 -12.41
C THR F 369 -22.78 7.31 -13.70
N ILE F 370 -24.09 7.04 -13.59
CA ILE F 370 -24.95 6.77 -14.75
C ILE F 370 -24.94 7.98 -15.67
N GLU F 371 -25.19 9.14 -15.07
CA GLU F 371 -25.19 10.40 -15.77
C GLU F 371 -23.87 10.62 -16.56
N ALA F 372 -22.74 10.34 -15.92
CA ALA F 372 -21.44 10.42 -16.54
C ALA F 372 -21.33 9.52 -17.75
N TYR F 373 -21.76 8.26 -17.61
CA TYR F 373 -21.74 7.34 -18.73
C TYR F 373 -22.65 7.83 -19.88
N LEU F 374 -23.89 8.20 -19.53
CA LEU F 374 -24.87 8.59 -20.55
C LEU F 374 -24.44 9.77 -21.40
N LYS F 375 -23.69 10.69 -20.80
CA LYS F 375 -23.21 11.88 -21.49
C LYS F 375 -21.78 11.67 -21.94
N ARG F 376 -21.26 10.48 -21.62
CA ARG F 376 -19.92 10.08 -22.02
C ARG F 376 -18.87 11.09 -21.61
N SER F 377 -18.97 11.54 -20.36
CA SER F 377 -18.29 12.73 -19.89
C SER F 377 -17.25 12.43 -18.83
N LYS F 378 -16.00 12.77 -19.15
CA LYS F 378 -14.88 12.61 -18.21
C LYS F 378 -15.06 13.54 -16.98
N LYS F 379 -15.45 14.79 -17.22
CA LYS F 379 -15.78 15.75 -16.17
C LYS F 379 -16.80 15.18 -15.19
N LEU F 380 -17.91 14.65 -15.71
CA LEU F 380 -18.94 14.11 -14.84
C LEU F 380 -18.48 12.86 -14.11
N ALA F 381 -17.58 12.08 -14.72
CA ALA F 381 -17.06 10.88 -14.07
C ALA F 381 -16.21 11.21 -12.85
N LEU F 382 -15.43 12.29 -12.94
CA LEU F 382 -14.68 12.86 -11.83
C LEU F 382 -15.63 13.22 -10.68
N LYS F 383 -16.71 13.90 -11.03
CA LYS F 383 -17.73 14.29 -10.08
C LYS F 383 -18.27 13.04 -9.37
N ALA F 384 -18.55 11.99 -10.16
CA ALA F 384 -19.14 10.80 -9.59
C ALA F 384 -18.12 10.09 -8.67
N LEU F 385 -16.88 9.98 -9.14
CA LEU F 385 -15.76 9.43 -8.35
C LEU F 385 -15.56 10.15 -7.04
N LEU F 386 -15.61 11.49 -7.04
CA LEU F 386 -15.53 12.26 -5.79
C LEU F 386 -16.70 12.06 -4.84
N SER F 387 -17.84 11.63 -5.33
CA SER F 387 -19.00 11.53 -4.45
C SER F 387 -19.06 10.21 -3.66
N HIS F 388 -18.31 9.20 -4.08
CA HIS F 388 -18.39 7.92 -3.37
C HIS F 388 -17.75 8.04 -2.02
N PRO F 389 -18.42 7.55 -0.99
CA PRO F 389 -17.85 7.53 0.37
C PRO F 389 -16.47 6.87 0.44
N LEU F 390 -16.16 5.97 -0.48
CA LEU F 390 -14.85 5.34 -0.48
C LEU F 390 -14.01 5.82 -1.65
N GLY F 391 -14.35 6.97 -2.20
CA GLY F 391 -13.67 7.50 -3.38
C GLY F 391 -12.40 8.28 -3.09
N PRO F 392 -11.78 8.81 -4.14
CA PRO F 392 -10.54 9.60 -4.00
C PRO F 392 -10.77 10.98 -3.39
N ASP F 393 -9.77 11.49 -2.68
CA ASP F 393 -9.60 12.91 -2.38
C ASP F 393 -9.31 13.65 -3.69
N VAL F 394 -9.63 14.94 -3.71
CA VAL F 394 -9.39 15.79 -4.87
C VAL F 394 -7.98 15.61 -5.47
N GLU F 395 -6.98 15.48 -4.61
CA GLU F 395 -5.60 15.36 -5.08
C GLU F 395 -5.28 14.09 -5.88
N ASP F 396 -6.14 13.07 -5.74
CA ASP F 396 -5.92 11.76 -6.36
C ASP F 396 -6.90 11.46 -7.49
N ALA F 397 -7.99 12.22 -7.52
CA ALA F 397 -9.11 11.90 -8.39
C ALA F 397 -8.76 11.86 -9.87
N LYS F 398 -8.01 12.86 -10.34
CA LYS F 398 -7.70 13.00 -11.76
C LYS F 398 -6.82 11.85 -12.26
N ASP F 399 -5.76 11.57 -11.51
CA ASP F 399 -4.85 10.46 -11.82
C ASP F 399 -5.52 9.12 -11.74
N LEU F 400 -6.37 8.92 -10.73
CA LEU F 400 -7.10 7.67 -10.62
C LEU F 400 -8.00 7.44 -11.82
N LEU F 401 -8.78 8.45 -12.20
CA LEU F 401 -9.70 8.30 -13.32
C LEU F 401 -8.95 7.98 -14.61
N GLU F 402 -7.84 8.69 -14.84
CA GLU F 402 -6.99 8.47 -15.99
C GLU F 402 -6.51 7.02 -16.08
N GLU F 403 -6.14 6.46 -14.94
CA GLU F 403 -5.69 5.08 -14.85
C GLU F 403 -6.84 4.11 -15.16
N ILE F 404 -8.01 4.37 -14.58
CA ILE F 404 -9.19 3.56 -14.86
C ILE F 404 -9.59 3.52 -16.34
N LEU F 405 -9.64 4.69 -16.97
CA LEU F 405 -10.05 4.81 -18.37
C LEU F 405 -9.02 4.17 -19.30
N GLU F 406 -7.74 4.25 -18.96
CA GLU F 406 -6.74 3.57 -19.76
C GLU F 406 -6.91 2.06 -19.68
N ALA F 407 -7.04 1.55 -18.47
CA ALA F 407 -7.26 0.12 -18.26
C ALA F 407 -8.48 -0.39 -19.00
N ASN F 408 -9.52 0.43 -19.05
CA ASN F 408 -10.79 0.01 -19.64
C ASN F 408 -11.06 0.53 -21.07
N ARG F 409 -9.98 0.92 -21.74
CA ARG F 409 -10.01 1.47 -23.10
C ARG F 409 -10.94 0.71 -24.06
N GLU F 410 -10.88 -0.62 -24.00
CA GLU F 410 -11.64 -1.52 -24.87
C GLU F 410 -13.12 -1.58 -24.55
N TYR F 411 -13.54 -1.03 -23.42
CA TYR F 411 -14.93 -1.21 -23.00
C TYR F 411 -15.70 0.08 -22.91
N VAL F 412 -14.99 1.18 -22.69
CA VAL F 412 -15.62 2.46 -22.35
C VAL F 412 -14.75 3.59 -22.86
N LYS F 413 -15.39 4.58 -23.48
CA LYS F 413 -14.69 5.73 -24.02
C LYS F 413 -15.39 6.97 -23.49
N LEU F 414 -14.67 7.76 -22.69
CA LEU F 414 -15.20 9.01 -22.14
C LEU F 414 -14.47 10.21 -22.72
N GLY F 415 -15.25 11.22 -23.10
CA GLY F 415 -14.77 12.39 -23.82
C GLY F 415 -14.41 13.54 -22.89
N ARG G 2 -58.48 -16.79 22.60
CA ARG G 2 -59.88 -16.35 22.78
C ARG G 2 -60.29 -15.19 21.83
N ILE G 3 -61.46 -15.34 21.21
CA ILE G 3 -62.07 -14.27 20.39
C ILE G 3 -63.24 -13.61 21.12
N ALA G 4 -63.20 -12.30 21.25
CA ALA G 4 -64.35 -11.53 21.75
C ALA G 4 -65.19 -11.05 20.59
N VAL G 5 -66.50 -11.09 20.75
CA VAL G 5 -67.45 -10.60 19.76
C VAL G 5 -68.30 -9.50 20.42
N ILE G 6 -68.11 -8.26 19.98
CA ILE G 6 -68.81 -7.11 20.57
C ILE G 6 -70.06 -6.77 19.78
N GLY G 7 -71.21 -7.01 20.38
CA GLY G 7 -72.51 -6.90 19.71
C GLY G 7 -73.02 -8.29 19.40
N GLY G 8 -72.99 -9.17 20.41
CA GLY G 8 -73.38 -10.57 20.26
C GLY G 8 -74.80 -10.81 19.79
N GLY G 9 -75.70 -9.89 20.11
CA GLY G 9 -77.08 -9.94 19.64
C GLY G 9 -77.35 -9.65 18.18
N SER G 10 -76.31 -9.33 17.41
CA SER G 10 -76.50 -9.03 16.01
C SER G 10 -77.04 -10.27 15.27
N SER G 11 -77.96 -10.05 14.33
CA SER G 11 -78.62 -11.14 13.62
C SER G 11 -77.64 -11.79 12.67
N TYR G 12 -76.46 -11.21 12.57
CA TYR G 12 -75.40 -11.81 11.76
C TYR G 12 -74.52 -12.79 12.53
N THR G 13 -74.64 -12.80 13.86
CA THR G 13 -73.79 -13.62 14.72
C THR G 13 -73.73 -15.11 14.32
N PRO G 14 -74.87 -15.75 14.03
CA PRO G 14 -74.86 -17.15 13.60
C PRO G 14 -73.85 -17.40 12.47
N GLU G 15 -73.87 -16.55 11.44
CA GLU G 15 -73.00 -16.77 10.29
C GLU G 15 -71.54 -16.57 10.69
N LEU G 16 -71.31 -15.56 11.52
CA LEU G 16 -69.96 -15.33 12.02
C LEU G 16 -69.45 -16.62 12.66
N VAL G 17 -70.26 -17.18 13.55
CA VAL G 17 -69.89 -18.39 14.26
C VAL G 17 -69.69 -19.57 13.30
N LYS G 18 -70.50 -19.67 12.25
CA LYS G 18 -70.30 -20.74 11.28
C LYS G 18 -68.90 -20.58 10.69
N GLY G 19 -68.55 -19.34 10.35
CA GLY G 19 -67.24 -19.06 9.80
C GLY G 19 -66.15 -19.48 10.78
N LEU G 20 -66.33 -19.16 12.06
CA LEU G 20 -65.32 -19.49 13.06
C LEU G 20 -65.20 -21.02 13.21
N LEU G 21 -66.31 -21.72 13.08
CA LEU G 21 -66.32 -23.17 13.07
C LEU G 21 -65.53 -23.71 11.88
N ASP G 22 -65.74 -23.15 10.69
CA ASP G 22 -65.02 -23.62 9.51
C ASP G 22 -63.50 -23.48 9.63
N ILE G 23 -63.02 -22.39 10.22
CA ILE G 23 -61.57 -22.19 10.39
C ILE G 23 -60.99 -22.86 11.63
N SER G 24 -61.85 -23.35 12.53
CA SER G 24 -61.37 -23.96 13.79
C SER G 24 -60.69 -25.30 13.56
N GLU G 25 -60.63 -25.68 12.29
CA GLU G 25 -59.91 -26.87 11.84
C GLU G 25 -58.46 -26.58 11.48
N ASP G 26 -58.17 -25.38 10.98
CA ASP G 26 -56.78 -25.00 10.65
C ASP G 26 -56.13 -24.18 11.75
N VAL G 27 -56.91 -23.53 12.60
CA VAL G 27 -56.38 -22.76 13.72
C VAL G 27 -57.11 -23.08 15.02
N ARG G 28 -56.41 -22.93 16.13
CA ARG G 28 -56.95 -23.30 17.43
C ARG G 28 -57.76 -22.15 18.01
N ILE G 29 -59.01 -22.43 18.38
CA ILE G 29 -59.87 -21.48 19.08
C ILE G 29 -60.38 -22.17 20.34
N ASP G 30 -60.10 -21.59 21.50
CA ASP G 30 -60.51 -22.21 22.76
C ASP G 30 -61.87 -21.71 23.23
N GLU G 31 -62.08 -20.40 23.07
CA GLU G 31 -63.33 -19.78 23.50
C GLU G 31 -63.70 -18.54 22.66
N VAL G 32 -65.01 -18.43 22.41
CA VAL G 32 -65.57 -17.22 21.86
C VAL G 32 -66.46 -16.59 22.94
N ILE G 33 -66.18 -15.35 23.30
CA ILE G 33 -66.94 -14.64 24.33
C ILE G 33 -67.76 -13.51 23.73
N PHE G 34 -69.03 -13.40 24.12
CA PHE G 34 -69.93 -12.42 23.54
C PHE G 34 -70.28 -11.32 24.51
N TYR G 35 -70.46 -10.12 23.98
CA TYR G 35 -70.95 -9.00 24.75
C TYR G 35 -71.97 -8.20 23.95
N ASP G 36 -73.01 -7.73 24.64
CA ASP G 36 -74.04 -6.87 24.06
C ASP G 36 -74.66 -5.99 25.13
N ILE G 37 -75.00 -4.75 24.79
CA ILE G 37 -75.79 -3.90 25.70
C ILE G 37 -77.24 -4.38 25.84
N ASP G 38 -77.68 -5.30 25.00
CA ASP G 38 -79.03 -5.85 25.05
C ASP G 38 -78.94 -7.31 25.46
N GLU G 39 -78.87 -7.58 26.77
CA GLU G 39 -78.58 -8.93 27.21
C GLU G 39 -79.64 -9.93 26.77
N GLU G 40 -80.89 -9.49 26.68
CA GLU G 40 -82.00 -10.39 26.29
C GLU G 40 -81.96 -10.75 24.80
N LYS G 41 -81.64 -9.79 23.94
CA LYS G 41 -81.47 -10.10 22.54
C LYS G 41 -80.34 -11.14 22.34
N GLN G 42 -79.20 -10.89 22.98
CA GLN G 42 -78.05 -11.78 22.90
C GLN G 42 -78.30 -13.21 23.42
N LYS G 43 -78.98 -13.34 24.57
CA LYS G 43 -79.31 -14.66 25.10
C LYS G 43 -79.94 -15.57 24.05
N ILE G 44 -80.86 -15.04 23.23
CA ILE G 44 -81.53 -15.85 22.21
C ILE G 44 -80.54 -16.28 21.16
N VAL G 45 -79.73 -15.33 20.67
CA VAL G 45 -78.77 -15.61 19.61
C VAL G 45 -77.68 -16.57 20.08
N VAL G 46 -77.15 -16.30 21.27
CA VAL G 46 -76.09 -17.14 21.82
C VAL G 46 -76.57 -18.54 22.16
N ASP G 47 -77.81 -18.68 22.59
CA ASP G 47 -78.39 -20.00 22.82
C ASP G 47 -78.46 -20.78 21.51
N PHE G 48 -78.68 -20.08 20.41
CA PHE G 48 -78.71 -20.70 19.09
C PHE G 48 -77.29 -21.08 18.68
N VAL G 49 -76.35 -20.19 18.92
CA VAL G 49 -74.95 -20.43 18.64
C VAL G 49 -74.43 -21.71 19.32
N LYS G 50 -74.81 -21.92 20.58
CA LYS G 50 -74.38 -23.09 21.34
C LYS G 50 -74.85 -24.40 20.69
N ARG G 51 -76.02 -24.36 20.06
CA ARG G 51 -76.56 -25.51 19.35
C ARG G 51 -75.79 -25.80 18.07
N LEU G 52 -75.30 -24.76 17.42
CA LEU G 52 -74.46 -24.93 16.23
C LEU G 52 -73.05 -25.36 16.58
N VAL G 53 -72.47 -24.75 17.62
CA VAL G 53 -71.09 -25.00 18.00
C VAL G 53 -70.85 -26.43 18.48
N LYS G 54 -71.79 -26.97 19.24
CA LYS G 54 -71.73 -28.35 19.76
C LYS G 54 -70.41 -28.65 20.47
N ASP G 55 -69.98 -27.75 21.36
CA ASP G 55 -68.83 -28.00 22.24
C ASP G 55 -67.46 -28.00 21.50
N ARG G 56 -67.42 -27.53 20.26
CA ARG G 56 -66.16 -27.51 19.51
C ARG G 56 -65.21 -26.43 20.01
N PHE G 57 -65.77 -25.32 20.50
CA PHE G 57 -65.08 -24.40 21.40
C PHE G 57 -66.06 -23.91 22.47
N LYS G 58 -65.57 -23.18 23.48
CA LYS G 58 -66.43 -22.71 24.56
C LYS G 58 -67.10 -21.41 24.16
N VAL G 59 -68.42 -21.34 24.38
CA VAL G 59 -69.17 -20.12 24.11
C VAL G 59 -69.53 -19.47 25.45
N LEU G 60 -69.08 -18.23 25.61
CA LEU G 60 -69.23 -17.52 26.88
C LEU G 60 -69.86 -16.17 26.69
N ILE G 61 -70.53 -15.70 27.74
CA ILE G 61 -71.11 -14.36 27.77
C ILE G 61 -70.44 -13.55 28.87
N SER G 62 -70.06 -12.32 28.52
CA SER G 62 -69.50 -11.39 29.49
C SER G 62 -70.53 -10.33 29.80
N ASP G 63 -70.67 -9.97 31.07
CA ASP G 63 -71.57 -8.89 31.46
C ASP G 63 -71.04 -7.49 31.14
N THR G 64 -69.73 -7.35 30.96
CA THR G 64 -69.05 -6.06 30.76
C THR G 64 -68.24 -6.13 29.49
N PHE G 65 -67.96 -4.98 28.90
CA PHE G 65 -67.08 -4.95 27.73
C PHE G 65 -65.68 -5.42 28.10
N GLU G 66 -65.17 -4.93 29.22
CA GLU G 66 -63.85 -5.25 29.67
C GLU G 66 -63.68 -6.75 29.84
N GLY G 67 -64.63 -7.36 30.54
CA GLY G 67 -64.65 -8.80 30.73
C GLY G 67 -64.51 -9.61 29.43
N ALA G 68 -65.03 -9.07 28.33
CA ALA G 68 -64.99 -9.77 27.07
C ALA G 68 -63.61 -9.67 26.41
N VAL G 69 -63.03 -8.48 26.42
CA VAL G 69 -61.79 -8.17 25.70
C VAL G 69 -60.47 -8.48 26.48
N VAL G 70 -60.58 -8.59 27.80
CA VAL G 70 -59.41 -8.71 28.66
C VAL G 70 -58.40 -9.75 28.20
N ASP G 71 -58.88 -10.96 27.89
CA ASP G 71 -57.95 -12.04 27.54
C ASP G 71 -57.95 -12.36 26.03
N ALA G 72 -58.50 -11.45 25.23
CA ALA G 72 -58.80 -11.73 23.83
C ALA G 72 -57.59 -11.49 22.96
N LYS G 73 -57.43 -12.32 21.93
CA LYS G 73 -56.42 -12.06 20.91
C LYS G 73 -57.00 -11.28 19.73
N TYR G 74 -58.29 -11.52 19.47
CA TYR G 74 -59.06 -10.83 18.43
C TYR G 74 -60.35 -10.31 19.04
N VAL G 75 -60.69 -9.07 18.70
CA VAL G 75 -61.96 -8.48 19.13
C VAL G 75 -62.72 -8.05 17.89
N ILE G 76 -63.96 -8.54 17.75
CA ILE G 76 -64.76 -8.14 16.60
C ILE G 76 -65.82 -7.11 16.97
N PHE G 77 -65.74 -5.93 16.37
CA PHE G 77 -66.74 -4.88 16.54
C PHE G 77 -67.82 -5.11 15.51
N GLN G 78 -69.05 -5.25 15.98
CA GLN G 78 -70.18 -5.80 15.21
C GLN G 78 -71.47 -5.16 15.72
N PHE G 79 -71.33 -4.10 16.51
CA PHE G 79 -72.44 -3.43 17.17
C PHE G 79 -72.95 -2.30 16.32
N ARG G 80 -74.17 -1.83 16.60
CA ARG G 80 -74.82 -0.78 15.81
C ARG G 80 -75.28 0.34 16.77
N PRO G 81 -74.44 1.35 16.98
CA PRO G 81 -74.75 2.44 17.90
C PRO G 81 -76.03 3.15 17.54
N GLY G 82 -76.97 3.16 18.46
CA GLY G 82 -78.25 3.79 18.20
C GLY G 82 -79.24 2.84 17.59
N GLY G 83 -78.78 1.65 17.22
CA GLY G 83 -79.65 0.62 16.70
C GLY G 83 -80.30 0.99 15.39
N LEU G 84 -81.39 0.29 15.06
CA LEU G 84 -82.04 0.54 13.79
C LEU G 84 -82.84 1.82 13.84
N LYS G 85 -83.30 2.22 15.03
CA LYS G 85 -83.94 3.54 15.13
C LYS G 85 -82.95 4.64 14.77
N GLY G 86 -81.66 4.45 15.07
CA GLY G 86 -80.63 5.37 14.61
C GLY G 86 -80.48 5.39 13.10
N ARG G 87 -80.34 4.22 12.51
CA ARG G 87 -80.32 4.08 11.08
C ARG G 87 -81.55 4.72 10.41
N GLU G 88 -82.72 4.58 11.02
CA GLU G 88 -83.94 5.20 10.50
C GLU G 88 -83.82 6.70 10.39
N ASN G 89 -83.36 7.36 11.47
CA ASN G 89 -83.12 8.80 11.43
C ASN G 89 -82.06 9.18 10.37
N ASP G 90 -80.98 8.40 10.30
CA ASP G 90 -79.97 8.61 9.28
C ASP G 90 -80.54 8.64 7.89
N GLU G 91 -81.43 7.71 7.59
CA GLU G 91 -82.00 7.57 6.28
C GLU G 91 -83.08 8.61 6.05
N GLY G 92 -83.88 8.84 7.10
CA GLY G 92 -85.06 9.65 6.96
C GLY G 92 -84.85 11.15 6.99
N ILE G 93 -83.95 11.63 7.83
CA ILE G 93 -83.81 13.08 8.07
C ILE G 93 -83.31 13.87 6.84
N PRO G 94 -82.25 13.41 6.19
CA PRO G 94 -81.72 14.13 5.03
C PRO G 94 -82.74 14.27 3.89
N LEU G 95 -83.69 13.34 3.82
CA LEU G 95 -84.68 13.30 2.77
C LEU G 95 -85.44 14.63 2.61
N LYS G 96 -85.78 15.22 3.75
CA LYS G 96 -86.48 16.49 3.85
C LYS G 96 -85.76 17.66 3.19
N TYR G 97 -84.47 17.52 2.99
CA TYR G 97 -83.70 18.60 2.38
C TYR G 97 -83.35 18.34 0.93
N GLY G 98 -83.85 17.25 0.36
CA GLY G 98 -83.54 16.87 -1.01
C GLY G 98 -82.20 16.19 -1.09
N LEU G 99 -81.76 15.65 0.04
CA LEU G 99 -80.45 15.03 0.17
C LEU G 99 -80.58 13.51 0.28
N ILE G 100 -79.59 12.78 -0.23
CA ILE G 100 -79.56 11.33 -0.14
C ILE G 100 -79.56 10.91 1.32
N GLY G 101 -80.50 10.05 1.69
CA GLY G 101 -80.54 9.46 3.01
C GLY G 101 -80.17 7.99 2.94
N GLN G 102 -79.01 7.65 3.46
CA GLN G 102 -78.49 6.30 3.35
C GLN G 102 -77.62 5.95 4.57
N GLU G 103 -77.71 4.71 5.02
CA GLU G 103 -76.99 4.23 6.18
C GLU G 103 -75.53 4.68 6.30
N THR G 104 -74.74 4.56 5.24
CA THR G 104 -73.30 4.80 5.33
C THR G 104 -72.77 5.85 4.36
N THR G 105 -73.63 6.44 3.53
CA THR G 105 -73.18 7.31 2.46
C THR G 105 -73.86 8.67 2.57
N GLY G 106 -73.04 9.73 2.54
CA GLY G 106 -73.59 11.07 2.66
C GLY G 106 -73.93 11.42 4.12
N VAL G 107 -74.89 12.34 4.27
CA VAL G 107 -75.23 12.85 5.60
C VAL G 107 -75.64 11.73 6.57
N GLY G 108 -76.22 10.66 6.06
CA GLY G 108 -76.60 9.55 6.92
C GLY G 108 -75.38 8.94 7.60
N GLY G 109 -74.28 8.86 6.87
CA GLY G 109 -73.06 8.30 7.41
C GLY G 109 -72.41 9.24 8.39
N PHE G 110 -72.61 10.54 8.18
CA PHE G 110 -72.08 11.56 9.07
C PHE G 110 -72.68 11.37 10.48
N SER G 111 -74.00 11.27 10.55
CA SER G 111 -74.64 11.06 11.84
C SER G 111 -74.30 9.71 12.44
N ALA G 112 -74.27 8.65 11.63
CA ALA G 112 -73.80 7.36 12.13
C ALA G 112 -72.38 7.49 12.74
N ALA G 113 -71.48 8.20 12.06
CA ALA G 113 -70.12 8.31 12.57
C ALA G 113 -70.07 9.05 13.90
N LEU G 114 -70.81 10.16 14.00
CA LEU G 114 -70.88 10.92 15.25
C LEU G 114 -71.42 10.07 16.40
N ARG G 115 -72.35 9.16 16.10
CA ARG G 115 -72.86 8.20 17.07
C ARG G 115 -71.81 7.15 17.48
N ALA G 116 -70.92 6.77 16.56
CA ALA G 116 -69.97 5.70 16.84
C ALA G 116 -68.73 6.18 17.59
N PHE G 117 -68.19 7.33 17.21
CA PHE G 117 -66.91 7.80 17.76
C PHE G 117 -66.74 7.66 19.29
N PRO G 118 -67.70 8.14 20.10
CA PRO G 118 -67.56 8.07 21.57
C PRO G 118 -67.46 6.65 22.07
N ILE G 119 -68.28 5.77 21.52
CA ILE G 119 -68.25 4.37 21.88
C ILE G 119 -66.92 3.72 21.43
N VAL G 120 -66.48 3.96 20.21
CA VAL G 120 -65.25 3.31 19.78
C VAL G 120 -64.05 3.84 20.55
N GLU G 121 -64.06 5.14 20.89
CA GLU G 121 -63.03 5.75 21.75
C GLU G 121 -62.89 4.98 23.03
N GLU G 122 -64.00 4.84 23.73
CA GLU G 122 -64.08 4.09 24.98
C GLU G 122 -63.59 2.65 24.80
N TYR G 123 -64.14 1.96 23.80
CA TYR G 123 -63.82 0.55 23.59
C TYR G 123 -62.36 0.33 23.19
N VAL G 124 -61.84 1.13 22.25
CA VAL G 124 -60.42 1.04 21.89
C VAL G 124 -59.53 1.30 23.09
N ASP G 125 -59.83 2.34 23.86
CA ASP G 125 -59.05 2.66 25.05
C ASP G 125 -58.95 1.46 26.01
N THR G 126 -60.06 0.81 26.28
CA THR G 126 -60.08 -0.36 27.16
C THR G 126 -59.30 -1.54 26.58
N VAL G 127 -59.41 -1.75 25.27
CA VAL G 127 -58.70 -2.85 24.63
C VAL G 127 -57.21 -2.64 24.77
N ARG G 128 -56.80 -1.40 24.54
CA ARG G 128 -55.42 -1.02 24.56
C ARG G 128 -54.83 -1.07 25.98
N LYS G 129 -55.65 -0.84 26.99
CA LYS G 129 -55.16 -0.90 28.35
C LYS G 129 -55.17 -2.31 28.91
N THR G 130 -55.69 -3.27 28.14
CA THR G 130 -55.80 -4.66 28.62
C THR G 130 -55.10 -5.64 27.71
N SER G 131 -55.84 -6.20 26.77
CA SER G 131 -55.33 -7.26 25.91
C SER G 131 -54.41 -6.82 24.77
N ASN G 132 -54.47 -5.56 24.39
CA ASN G 132 -53.83 -5.18 23.14
C ASN G 132 -54.19 -6.12 21.94
N ALA G 133 -55.47 -6.50 21.83
CA ALA G 133 -55.90 -7.44 20.79
C ALA G 133 -56.01 -6.75 19.44
N THR G 134 -56.01 -7.54 18.37
CA THR G 134 -56.31 -6.99 17.06
C THR G 134 -57.81 -6.79 17.02
N ILE G 135 -58.25 -5.60 16.64
CA ILE G 135 -59.68 -5.32 16.44
C ILE G 135 -60.09 -5.43 14.97
N VAL G 136 -61.02 -6.33 14.69
CA VAL G 136 -61.59 -6.46 13.36
C VAL G 136 -62.98 -5.76 13.33
N ASN G 137 -63.14 -4.73 12.52
CA ASN G 137 -64.33 -3.88 12.60
C ASN G 137 -65.37 -4.02 11.48
N PHE G 138 -66.61 -4.27 11.84
CA PHE G 138 -67.76 -4.15 10.91
C PHE G 138 -68.61 -2.94 11.17
N THR G 139 -68.60 -2.45 12.39
CA THR G 139 -69.42 -1.31 12.75
C THR G 139 -69.34 -0.19 11.71
N ASN G 140 -70.49 0.26 11.22
CA ASN G 140 -70.49 1.30 10.23
C ASN G 140 -70.51 2.71 10.83
N PRO G 141 -69.89 3.68 10.16
CA PRO G 141 -69.20 3.49 8.87
C PRO G 141 -67.77 2.99 9.02
N SER G 142 -67.53 1.77 8.54
CA SER G 142 -66.32 1.03 8.86
C SER G 142 -65.02 1.76 8.49
N GLY G 143 -64.94 2.22 7.24
CA GLY G 143 -63.75 2.91 6.78
C GLY G 143 -63.48 4.16 7.57
N HIS G 144 -64.49 5.01 7.73
CA HIS G 144 -64.40 6.26 8.46
C HIS G 144 -63.99 6.00 9.91
N ILE G 145 -64.52 4.94 10.53
CA ILE G 145 -64.09 4.58 11.87
C ILE G 145 -62.61 4.18 11.83
N THR G 146 -62.21 3.44 10.81
CA THR G 146 -60.83 3.01 10.68
C THR G 146 -59.90 4.21 10.54
N GLU G 147 -60.29 5.19 9.70
CA GLU G 147 -59.53 6.44 9.62
C GLU G 147 -59.33 7.08 11.03
N PHE G 148 -60.42 7.15 11.80
CA PHE G 148 -60.44 7.67 13.15
C PHE G 148 -59.47 6.92 14.08
N VAL G 149 -59.59 5.61 14.14
CA VAL G 149 -58.80 4.86 15.07
C VAL G 149 -57.32 4.84 14.64
N ARG G 150 -57.05 4.74 13.33
CA ARG G 150 -55.66 4.65 12.89
C ARG G 150 -54.90 5.98 12.95
N ASN G 151 -55.56 7.07 12.64
CA ASN G 151 -54.86 8.31 12.54
C ASN G 151 -55.09 9.30 13.66
N TYR G 152 -56.07 9.05 14.51
CA TYR G 152 -56.39 9.96 15.61
C TYR G 152 -56.25 9.30 16.99
N LEU G 153 -56.81 8.11 17.17
CA LEU G 153 -56.61 7.39 18.43
C LEU G 153 -55.26 6.69 18.39
N GLU G 154 -54.76 6.54 17.16
CA GLU G 154 -53.46 5.95 16.92
C GLU G 154 -53.31 4.59 17.54
N TYR G 155 -54.28 3.71 17.30
CA TYR G 155 -54.21 2.30 17.68
C TYR G 155 -53.93 1.48 16.43
N GLU G 156 -52.74 0.93 16.32
CA GLU G 156 -52.32 0.34 15.06
C GLU G 156 -53.10 -0.92 14.64
N LYS G 157 -53.40 -1.80 15.57
CA LYS G 157 -54.02 -3.07 15.20
C LYS G 157 -55.53 -2.98 15.09
N PHE G 158 -55.99 -2.17 14.17
CA PHE G 158 -57.42 -1.98 13.97
C PHE G 158 -57.68 -2.09 12.49
N ILE G 159 -58.40 -3.13 12.09
CA ILE G 159 -58.56 -3.42 10.69
C ILE G 159 -60.02 -3.29 10.35
N GLY G 160 -60.32 -2.36 9.45
CA GLY G 160 -61.67 -2.16 8.97
C GLY G 160 -62.03 -3.18 7.92
N LEU G 161 -63.19 -3.78 8.08
CA LEU G 161 -63.68 -4.79 7.16
C LEU G 161 -64.97 -4.37 6.52
N CYS G 162 -65.25 -4.99 5.41
CA CYS G 162 -66.48 -4.71 4.68
C CYS G 162 -66.84 -5.92 3.81
N ASN G 163 -68.09 -5.97 3.39
CA ASN G 163 -68.55 -7.18 2.72
C ASN G 163 -68.51 -7.11 1.18
N VAL G 164 -68.20 -5.92 0.63
CA VAL G 164 -68.23 -5.78 -0.83
C VAL G 164 -67.03 -6.42 -1.56
N PRO G 165 -65.82 -6.28 -1.04
CA PRO G 165 -64.65 -6.93 -1.65
C PRO G 165 -64.86 -8.42 -1.84
N ILE G 166 -65.27 -9.12 -0.75
CA ILE G 166 -65.47 -10.56 -0.80
C ILE G 166 -66.68 -10.97 -1.67
N ASN G 167 -67.67 -10.09 -1.77
CA ASN G 167 -68.84 -10.38 -2.62
C ASN G 167 -68.41 -10.33 -4.06
N PHE G 168 -67.53 -9.38 -4.38
CA PHE G 168 -67.03 -9.28 -5.74
C PHE G 168 -66.15 -10.48 -6.15
N ILE G 169 -65.18 -10.79 -5.29
CA ILE G 169 -64.28 -11.90 -5.53
C ILE G 169 -65.08 -13.19 -5.80
N ARG G 170 -66.05 -13.49 -4.92
CA ARG G 170 -66.88 -14.69 -5.07
C ARG G 170 -67.60 -14.73 -6.42
N GLU G 171 -68.09 -13.57 -6.85
CA GLU G 171 -68.76 -13.44 -8.14
C GLU G 171 -67.83 -13.80 -9.30
N ILE G 172 -66.61 -13.24 -9.27
CA ILE G 172 -65.61 -13.54 -10.30
C ILE G 172 -65.20 -15.01 -10.27
N ALA G 173 -64.99 -15.53 -9.06
CA ALA G 173 -64.64 -16.93 -8.87
C ALA G 173 -65.64 -17.87 -9.53
N GLU G 174 -66.95 -17.63 -9.31
CA GLU G 174 -68.03 -18.44 -9.91
C GLU G 174 -68.05 -18.34 -11.44
N PHE G 176 -65.67 -17.86 -13.34
CA PHE G 176 -64.44 -18.41 -13.93
C PHE G 176 -64.09 -19.80 -13.42
N SER G 177 -64.96 -20.35 -12.57
CA SER G 177 -64.81 -21.70 -12.02
C SER G 177 -63.47 -21.84 -11.31
N ALA G 178 -63.20 -20.91 -10.40
CA ALA G 178 -61.93 -20.88 -9.69
C ALA G 178 -62.17 -20.67 -8.20
N ARG G 179 -61.14 -20.93 -7.39
CA ARG G 179 -61.23 -20.68 -5.95
C ARG G 179 -61.12 -19.17 -5.66
N LEU G 180 -61.51 -18.77 -4.45
CA LEU G 180 -61.46 -17.35 -4.05
C LEU G 180 -60.05 -16.78 -4.22
N GLU G 181 -59.05 -17.53 -3.74
CA GLU G 181 -57.67 -17.06 -3.75
C GLU G 181 -57.05 -17.03 -5.14
N ASP G 182 -57.70 -17.66 -6.11
CA ASP G 182 -57.22 -17.58 -7.49
C ASP G 182 -57.55 -16.25 -8.14
N VAL G 183 -58.28 -15.40 -7.41
CA VAL G 183 -58.68 -14.08 -7.91
C VAL G 183 -57.80 -13.01 -7.27
N PHE G 184 -57.15 -12.22 -8.11
CA PHE G 184 -56.31 -11.11 -7.67
C PHE G 184 -56.72 -9.81 -8.37
N LEU G 185 -56.95 -8.78 -7.57
CA LEU G 185 -57.50 -7.51 -8.05
C LEU G 185 -56.53 -6.33 -7.95
N LYS G 186 -56.61 -5.37 -8.88
CA LYS G 186 -56.17 -4.01 -8.57
C LYS G 186 -57.38 -3.26 -8.03
N TYR G 187 -57.37 -2.96 -6.73
CA TYR G 187 -58.55 -2.50 -6.03
C TYR G 187 -58.12 -1.39 -5.09
N TYR G 188 -58.87 -0.31 -5.03
CA TYR G 188 -58.59 0.80 -4.11
C TYR G 188 -59.76 1.76 -4.03
N GLY G 189 -59.74 2.55 -2.96
CA GLY G 189 -60.74 3.55 -2.72
C GLY G 189 -61.01 3.55 -1.24
N LEU G 190 -62.12 4.18 -0.87
CA LEU G 190 -62.55 4.20 0.50
C LEU G 190 -63.61 3.13 0.64
N ASN G 191 -63.99 2.80 1.87
CA ASN G 191 -65.07 1.87 2.09
C ASN G 191 -66.36 2.41 1.49
N HIS G 192 -67.04 1.58 0.70
CA HIS G 192 -68.24 1.98 -0.03
C HIS G 192 -67.95 3.09 -1.07
N LEU G 193 -66.71 3.17 -1.51
CA LEU G 193 -66.29 4.19 -2.45
C LEU G 193 -65.06 3.65 -3.16
N SER G 194 -65.19 2.46 -3.71
CA SER G 194 -64.05 1.72 -4.20
C SER G 194 -64.13 1.43 -5.69
N PHE G 195 -62.98 1.12 -6.29
CA PHE G 195 -62.88 0.96 -7.73
C PHE G 195 -61.97 -0.22 -7.98
N ILE G 196 -62.32 -1.00 -9.00
CA ILE G 196 -61.46 -2.06 -9.50
C ILE G 196 -60.98 -1.68 -10.90
N GLU G 197 -59.66 -1.75 -11.09
CA GLU G 197 -59.00 -1.38 -12.32
C GLU G 197 -58.57 -2.57 -13.13
N LYS G 198 -58.20 -3.65 -12.47
CA LYS G 198 -57.69 -4.85 -13.13
C LYS G 198 -58.19 -6.07 -12.41
N VAL G 199 -58.50 -7.11 -13.17
CA VAL G 199 -58.93 -8.38 -12.61
C VAL G 199 -58.07 -9.50 -13.16
N PHE G 200 -57.47 -10.28 -12.25
CA PHE G 200 -56.71 -11.47 -12.63
C PHE G 200 -57.32 -12.73 -12.04
N VAL G 201 -57.42 -13.77 -12.87
CA VAL G 201 -57.86 -15.08 -12.40
C VAL G 201 -56.82 -16.09 -12.82
N LYS G 202 -56.28 -16.79 -11.82
CA LYS G 202 -55.20 -17.75 -12.02
C LYS G 202 -54.05 -17.14 -12.81
N GLY G 203 -53.77 -15.86 -12.56
CA GLY G 203 -52.69 -15.16 -13.23
C GLY G 203 -53.04 -14.49 -14.55
N GLU G 204 -54.13 -14.92 -15.19
CA GLU G 204 -54.58 -14.34 -16.45
C GLU G 204 -55.28 -12.98 -16.23
N ASP G 205 -54.98 -12.03 -17.11
CA ASP G 205 -55.66 -10.75 -17.15
C ASP G 205 -57.03 -10.91 -17.83
N VAL G 206 -58.10 -10.86 -17.04
CA VAL G 206 -59.45 -11.12 -17.54
C VAL G 206 -60.34 -9.87 -17.43
N THR G 207 -59.70 -8.72 -17.21
CA THR G 207 -60.41 -7.44 -17.08
C THR G 207 -61.38 -7.21 -18.25
N GLU G 208 -60.93 -7.42 -19.48
CA GLU G 208 -61.79 -7.19 -20.63
C GLU G 208 -62.99 -8.14 -20.65
N LYS G 209 -62.76 -9.40 -20.28
CA LYS G 209 -63.83 -10.41 -20.18
C LYS G 209 -64.84 -10.05 -19.09
N VAL G 210 -64.39 -9.41 -18.04
CA VAL G 210 -65.29 -9.06 -16.95
C VAL G 210 -66.15 -7.86 -17.37
N PHE G 211 -65.61 -6.96 -18.18
CA PHE G 211 -66.36 -5.79 -18.63
C PHE G 211 -67.45 -6.22 -19.59
N GLU G 212 -67.08 -7.11 -20.50
CA GLU G 212 -68.00 -7.70 -21.47
C GLU G 212 -69.17 -8.38 -20.78
N ASN G 213 -68.86 -9.06 -19.70
CA ASN G 213 -69.87 -9.85 -19.00
C ASN G 213 -70.77 -8.97 -18.14
N LEU G 214 -70.22 -7.85 -17.67
CA LEU G 214 -71.00 -6.90 -16.87
C LEU G 214 -72.12 -6.24 -17.68
N LYS G 215 -72.01 -6.24 -19.01
CA LYS G 215 -73.02 -5.58 -19.79
C LYS G 215 -74.16 -6.54 -20.21
N LEU G 216 -74.22 -7.72 -19.57
CA LEU G 216 -75.18 -8.77 -19.94
C LEU G 216 -75.93 -9.38 -18.74
N ASP G 223 -82.36 -0.49 -15.11
CA ASP G 223 -82.29 0.96 -15.23
C ASP G 223 -81.47 1.62 -14.11
N GLU G 224 -81.54 0.99 -12.94
CA GLU G 224 -80.86 1.44 -11.72
C GLU G 224 -79.36 1.16 -11.73
N ASP G 225 -78.85 0.54 -12.79
CA ASP G 225 -77.42 0.27 -12.92
C ASP G 225 -76.81 1.05 -14.10
N PHE G 226 -75.48 1.23 -14.08
CA PHE G 226 -74.77 2.03 -15.06
C PHE G 226 -74.92 1.48 -16.47
N PRO G 227 -75.09 2.37 -17.45
CA PRO G 227 -75.19 1.97 -18.85
C PRO G 227 -73.88 1.45 -19.40
N THR G 228 -73.96 0.81 -20.56
CA THR G 228 -72.79 0.24 -21.21
C THR G 228 -71.69 1.28 -21.42
N TRP G 229 -72.09 2.45 -21.93
CA TRP G 229 -71.12 3.48 -22.28
C TRP G 229 -70.31 3.97 -21.09
N PHE G 230 -70.91 3.88 -19.91
CA PHE G 230 -70.22 4.25 -18.68
C PHE G 230 -68.94 3.46 -18.50
N TYR G 231 -69.03 2.16 -18.70
CA TYR G 231 -67.92 1.27 -18.51
C TYR G 231 -66.87 1.46 -19.59
N ASP G 232 -67.32 1.74 -20.81
CA ASP G 232 -66.39 2.07 -21.88
C ASP G 232 -65.59 3.34 -21.62
N SER G 233 -66.21 4.34 -21.00
CA SER G 233 -65.57 5.65 -20.79
C SER G 233 -64.70 5.65 -19.56
N VAL G 234 -65.28 5.26 -18.44
CA VAL G 234 -64.63 5.34 -17.15
C VAL G 234 -63.56 4.28 -17.02
N ARG G 235 -63.83 3.13 -17.62
CA ARG G 235 -62.95 1.96 -17.57
C ARG G 235 -62.55 1.55 -16.18
N LEU G 236 -63.49 1.62 -15.25
CA LEU G 236 -63.30 1.14 -13.90
C LEU G 236 -64.54 0.33 -13.53
N ILE G 237 -64.35 -0.74 -12.77
CA ILE G 237 -65.48 -1.41 -12.15
C ILE G 237 -65.73 -0.66 -10.87
N VAL G 238 -66.94 -0.17 -10.70
CA VAL G 238 -67.26 0.82 -9.70
C VAL G 238 -68.14 0.17 -8.64
N ASN G 239 -67.90 0.51 -7.38
CA ASN G 239 -68.68 0.02 -6.27
C ASN G 239 -70.11 0.52 -6.43
N PRO G 240 -71.13 -0.34 -6.24
CA PRO G 240 -72.53 0.07 -6.47
C PRO G 240 -72.99 1.30 -5.64
N TYR G 241 -72.33 1.57 -4.51
CA TYR G 241 -72.68 2.75 -3.72
C TYR G 241 -72.38 4.08 -4.45
N LEU G 242 -71.50 4.01 -5.46
CA LEU G 242 -71.21 5.21 -6.25
C LEU G 242 -72.41 5.67 -7.06
N ARG G 243 -73.43 4.84 -7.12
CA ARG G 243 -74.70 5.23 -7.70
C ARG G 243 -75.25 6.49 -7.02
N TYR G 244 -75.02 6.60 -5.72
CA TYR G 244 -75.55 7.71 -4.97
C TYR G 244 -74.90 9.01 -5.33
N TYR G 245 -73.65 8.95 -5.81
CA TYR G 245 -72.90 10.12 -6.24
C TYR G 245 -73.15 10.44 -7.69
N LEU G 246 -73.18 9.40 -8.53
CA LEU G 246 -73.17 9.55 -9.98
C LEU G 246 -74.58 9.57 -10.56
N GLU G 248 -77.41 10.58 -8.52
CA GLU G 248 -78.07 11.12 -7.34
C GLU G 248 -79.57 11.41 -7.56
N LYS G 249 -79.92 12.04 -8.68
CA LYS G 249 -81.32 12.31 -8.97
C LYS G 249 -82.15 11.03 -8.93
N LYS G 250 -81.66 10.02 -9.63
CA LYS G 250 -82.32 8.73 -9.72
C LYS G 250 -82.42 8.05 -8.37
N PHE G 252 -82.24 9.52 -5.38
CA PHE G 252 -83.09 10.30 -4.50
C PHE G 252 -84.56 9.99 -4.73
N LYS G 253 -84.97 9.90 -5.99
CA LYS G 253 -86.39 9.62 -6.20
C LYS G 253 -86.76 8.17 -5.88
N LYS G 254 -85.79 7.25 -5.86
CA LYS G 254 -86.08 5.89 -5.41
C LYS G 254 -86.24 5.85 -3.91
N ILE G 255 -85.26 6.38 -3.18
CA ILE G 255 -85.24 6.34 -1.71
C ILE G 255 -86.46 7.04 -1.10
N SER G 256 -86.82 8.19 -1.68
CA SER G 256 -87.89 9.03 -1.17
C SER G 256 -89.30 8.58 -1.50
N THR G 257 -89.46 7.55 -2.33
CA THR G 257 -90.80 7.07 -2.72
C THR G 257 -91.12 5.65 -2.27
N HIS G 258 -90.34 5.13 -1.34
CA HIS G 258 -90.56 3.80 -0.80
C HIS G 258 -90.27 3.87 0.67
N GLU G 259 -90.70 2.84 1.40
CA GLU G 259 -90.36 2.77 2.80
C GLU G 259 -88.86 2.76 2.99
N LEU G 260 -88.46 3.41 4.08
CA LEU G 260 -87.05 3.45 4.44
C LEU G 260 -86.48 2.05 4.65
N ARG G 261 -85.26 1.89 4.21
CA ARG G 261 -84.60 0.60 4.22
C ARG G 261 -84.51 -0.03 5.63
N ALA G 262 -84.23 0.79 6.62
CA ALA G 262 -84.10 0.38 8.00
C ALA G 262 -85.34 -0.32 8.50
N ARG G 263 -86.47 0.17 8.01
CA ARG G 263 -87.77 -0.31 8.43
C ARG G 263 -87.94 -1.72 7.92
N GLU G 264 -87.36 -1.98 6.76
CA GLU G 264 -87.43 -3.30 6.14
C GLU G 264 -86.57 -4.27 6.91
N VAL G 265 -85.38 -3.83 7.29
CA VAL G 265 -84.50 -4.70 8.03
C VAL G 265 -85.00 -4.97 9.46
N LYS G 267 -88.03 -5.60 10.14
CA LYS G 267 -88.98 -6.67 9.91
C LYS G 267 -88.26 -7.97 9.63
N ILE G 268 -87.12 -7.87 8.94
CA ILE G 268 -86.33 -9.04 8.60
C ILE G 268 -85.69 -9.64 9.86
N GLU G 269 -85.14 -8.77 10.70
CA GLU G 269 -84.53 -9.16 11.95
C GLU G 269 -85.53 -9.72 12.97
N LYS G 270 -86.73 -9.14 13.05
CA LYS G 270 -87.72 -9.65 13.96
C LYS G 270 -88.08 -11.06 13.55
N GLU G 271 -88.04 -11.33 12.24
CA GLU G 271 -88.41 -12.63 11.68
C GLU G 271 -87.32 -13.67 11.98
N LEU G 272 -86.07 -13.26 11.83
CA LEU G 272 -84.92 -14.10 12.12
C LEU G 272 -84.83 -14.47 13.60
N PHE G 273 -85.08 -13.49 14.46
CA PHE G 273 -85.06 -13.73 15.91
C PHE G 273 -86.08 -14.75 16.39
N GLU G 274 -87.29 -14.70 15.83
CA GLU G 274 -88.29 -15.70 16.13
C GLU G 274 -87.83 -17.08 15.64
N LYS G 275 -87.17 -17.12 14.49
CA LYS G 275 -86.59 -18.35 13.95
C LYS G 275 -85.49 -18.95 14.84
N TYR G 276 -84.59 -18.09 15.34
CA TYR G 276 -83.43 -18.48 16.15
C TYR G 276 -83.79 -19.19 17.43
N ARG G 277 -85.02 -19.03 17.89
CA ARG G 277 -85.46 -19.60 19.16
C ARG G 277 -85.45 -21.12 19.17
N THR G 278 -85.44 -21.75 18.00
CA THR G 278 -85.61 -23.20 17.89
C THR G 278 -84.73 -23.80 16.80
N ALA G 279 -84.14 -22.94 15.97
CA ALA G 279 -83.45 -23.40 14.77
C ALA G 279 -82.29 -24.31 15.11
N VAL G 280 -82.12 -25.37 14.32
CA VAL G 280 -80.98 -26.28 14.49
C VAL G 280 -79.91 -25.98 13.45
N GLU G 281 -80.29 -25.19 12.47
CA GLU G 281 -79.49 -24.96 11.29
C GLU G 281 -79.65 -23.49 11.05
N ILE G 282 -78.69 -22.91 10.36
CA ILE G 282 -78.80 -21.53 9.93
C ILE G 282 -79.93 -21.42 8.91
N PRO G 283 -80.88 -20.52 9.15
CA PRO G 283 -82.01 -20.30 8.22
C PRO G 283 -81.58 -19.76 6.85
N GLU G 284 -82.34 -20.11 5.82
CA GLU G 284 -82.11 -19.69 4.42
C GLU G 284 -82.26 -18.16 4.19
N GLU G 285 -82.93 -17.44 5.08
CA GLU G 285 -83.09 -15.99 4.91
C GLU G 285 -81.85 -15.15 5.33
N LEU G 286 -81.13 -15.59 6.36
CA LEU G 286 -79.88 -14.90 6.74
C LEU G 286 -78.94 -14.97 5.54
N THR G 287 -78.65 -16.24 5.17
CA THR G 287 -77.86 -16.66 3.99
C THR G 287 -77.89 -15.68 2.77
N LYS G 288 -79.10 -15.36 2.32
CA LYS G 288 -79.29 -14.47 1.17
C LYS G 288 -79.74 -13.03 1.52
N ARG G 289 -79.07 -12.36 2.45
CA ARG G 289 -79.46 -10.98 2.82
C ARG G 289 -78.38 -9.89 3.10
N GLY G 290 -78.86 -8.74 3.58
CA GLY G 290 -78.08 -7.57 3.98
C GLY G 290 -76.66 -7.52 3.46
N GLY G 291 -75.70 -7.87 4.33
CA GLY G 291 -74.31 -8.06 3.96
C GLY G 291 -73.77 -9.36 4.54
N SER G 292 -74.45 -10.47 4.24
CA SER G 292 -74.37 -11.75 4.97
C SER G 292 -73.02 -12.50 4.99
N TYR G 294 -70.14 -11.16 5.22
CA TYR G 294 -69.15 -10.49 6.06
C TYR G 294 -68.46 -11.50 7.00
N SER G 295 -69.18 -12.58 7.29
CA SER G 295 -68.74 -13.62 8.22
C SER G 295 -67.47 -14.27 7.72
N THR G 296 -67.50 -14.71 6.46
CA THR G 296 -66.35 -15.35 5.83
C THR G 296 -65.14 -14.42 5.84
N ALA G 297 -65.37 -13.13 5.55
CA ALA G 297 -64.31 -12.17 5.59
C ALA G 297 -63.64 -12.16 6.95
N ALA G 298 -64.42 -12.12 8.01
CA ALA G 298 -63.88 -11.99 9.35
C ALA G 298 -63.08 -13.23 9.70
N ALA G 299 -63.68 -14.38 9.49
CA ALA G 299 -63.07 -15.63 9.90
C ALA G 299 -61.80 -15.90 9.09
N HIS G 300 -61.84 -15.67 7.78
CA HIS G 300 -60.68 -15.89 6.94
C HIS G 300 -59.53 -14.94 7.26
N LEU G 301 -59.86 -13.70 7.64
CA LEU G 301 -58.85 -12.76 8.04
C LEU G 301 -58.18 -13.24 9.32
N ILE G 302 -58.98 -13.65 10.31
CA ILE G 302 -58.44 -14.10 11.58
C ILE G 302 -57.59 -15.35 11.38
N ARG G 303 -58.05 -16.26 10.53
CA ARG G 303 -57.30 -17.45 10.14
C ARG G 303 -55.90 -17.10 9.63
N ASP G 304 -55.83 -16.05 8.81
CA ASP G 304 -54.60 -15.74 8.10
C ASP G 304 -53.66 -14.86 8.89
N LEU G 305 -54.23 -14.14 9.85
CA LEU G 305 -53.48 -13.49 10.91
C LEU G 305 -52.82 -14.55 11.81
N GLU G 306 -53.48 -15.69 11.96
CA GLU G 306 -53.03 -16.76 12.86
C GLU G 306 -51.88 -17.56 12.26
N THR G 307 -52.05 -18.03 11.04
CA THR G 307 -51.00 -18.82 10.40
C THR G 307 -49.89 -17.95 9.80
N ASP G 308 -48.81 -18.61 9.44
CA ASP G 308 -47.70 -17.96 8.75
C ASP G 308 -47.70 -18.26 7.24
N GLU G 309 -48.82 -18.72 6.70
CA GLU G 309 -48.95 -18.97 5.26
C GLU G 309 -48.72 -17.73 4.40
N GLY G 310 -49.42 -16.63 4.70
CA GLY G 310 -49.36 -15.42 3.89
C GLY G 310 -50.41 -15.40 2.79
N LYS G 311 -51.51 -14.67 3.01
CA LYS G 311 -52.59 -14.59 2.03
C LYS G 311 -53.07 -13.16 1.79
N ILE G 312 -53.71 -12.94 0.66
CA ILE G 312 -54.22 -11.62 0.30
C ILE G 312 -55.63 -11.38 0.83
N HIS G 313 -55.83 -10.26 1.52
CA HIS G 313 -57.15 -9.83 1.93
C HIS G 313 -57.35 -8.34 1.63
N ILE G 314 -58.50 -7.99 1.05
CA ILE G 314 -58.82 -6.60 0.88
C ILE G 314 -59.41 -6.06 2.19
N VAL G 315 -58.76 -5.06 2.76
CA VAL G 315 -58.98 -4.65 4.12
C VAL G 315 -58.82 -3.13 4.21
N ASN G 316 -59.38 -2.48 5.22
CA ASN G 316 -59.23 -1.03 5.36
C ASN G 316 -58.08 -0.70 6.25
N THR G 317 -57.11 0.03 5.72
CA THR G 317 -55.86 0.31 6.42
C THR G 317 -55.14 1.50 5.80
N ARG G 318 -54.05 1.96 6.43
CA ARG G 318 -53.25 3.03 5.84
C ARG G 318 -52.67 2.64 4.49
N ASN G 319 -52.82 3.55 3.52
CA ASN G 319 -52.26 3.42 2.17
C ASN G 319 -50.84 2.86 2.14
N ASN G 320 -49.90 3.56 2.77
CA ASN G 320 -48.48 3.19 2.76
C ASN G 320 -47.93 2.71 1.43
N GLY G 321 -48.17 3.48 0.41
CA GLY G 321 -47.55 3.15 -0.85
C GLY G 321 -48.29 2.22 -1.79
N SER G 322 -49.41 1.69 -1.33
CA SER G 322 -50.29 0.89 -2.17
C SER G 322 -50.69 1.67 -3.44
N ILE G 323 -51.18 2.89 -3.27
CA ILE G 323 -51.46 3.78 -4.39
C ILE G 323 -50.48 4.93 -4.31
N GLU G 324 -49.52 5.00 -5.24
CA GLU G 324 -48.45 5.99 -5.16
C GLU G 324 -48.99 7.39 -5.34
N ASN G 325 -50.12 7.48 -6.00
CA ASN G 325 -50.87 8.68 -6.32
C ASN G 325 -51.48 9.34 -5.07
N LEU G 326 -51.41 8.67 -3.91
CA LEU G 326 -52.24 9.04 -2.77
C LEU G 326 -51.38 9.19 -1.51
N PRO G 327 -51.71 10.09 -0.57
CA PRO G 327 -50.89 10.21 0.65
C PRO G 327 -50.74 8.88 1.41
N ASP G 328 -49.59 8.58 2.01
CA ASP G 328 -49.42 7.32 2.72
C ASP G 328 -50.38 7.11 3.86
N ASP G 329 -50.87 8.17 4.47
CA ASP G 329 -51.67 8.03 5.66
C ASP G 329 -53.18 7.97 5.44
N TYR G 330 -53.65 8.10 4.19
CA TYR G 330 -55.07 7.90 3.91
C TYR G 330 -55.41 6.47 4.25
N VAL G 331 -56.48 6.28 5.02
CA VAL G 331 -56.95 4.91 5.19
C VAL G 331 -57.71 4.55 3.91
N LEU G 332 -57.29 3.47 3.27
CA LEU G 332 -57.93 3.02 2.04
C LEU G 332 -58.42 1.60 2.21
N GLU G 333 -59.32 1.17 1.32
CA GLU G 333 -59.67 -0.23 1.23
C GLU G 333 -58.86 -0.85 0.11
N ILE G 334 -57.90 -1.70 0.47
CA ILE G 334 -56.90 -2.18 -0.50
C ILE G 334 -56.44 -3.59 -0.18
N PRO G 335 -55.88 -4.29 -1.16
CA PRO G 335 -55.37 -5.66 -0.96
C PRO G 335 -54.12 -5.68 -0.12
N CYS G 336 -54.07 -6.53 0.89
CA CYS G 336 -52.88 -6.65 1.72
C CYS G 336 -52.38 -8.07 1.88
N TYR G 337 -51.09 -8.20 2.17
CA TYR G 337 -50.45 -9.49 2.45
C TYR G 337 -50.59 -9.67 3.93
N VAL G 338 -51.27 -10.74 4.33
CA VAL G 338 -51.61 -10.92 5.72
C VAL G 338 -50.93 -12.18 6.21
N ARG G 339 -50.19 -12.07 7.32
CA ARG G 339 -49.36 -13.16 7.79
C ARG G 339 -48.86 -12.94 9.22
N SER G 340 -49.05 -13.95 10.08
CA SER G 340 -48.57 -13.90 11.46
C SER G 340 -48.77 -12.57 12.17
N GLY G 341 -50.01 -12.10 12.25
CA GLY G 341 -50.32 -10.96 13.06
C GLY G 341 -50.05 -9.65 12.38
N ARG G 342 -49.45 -9.68 11.20
CA ARG G 342 -49.14 -8.45 10.47
C ARG G 342 -49.94 -8.29 9.18
N VAL G 343 -50.22 -7.03 8.83
CA VAL G 343 -50.88 -6.70 7.57
C VAL G 343 -49.96 -5.84 6.71
N HIS G 344 -49.45 -6.41 5.63
CA HIS G 344 -48.59 -5.64 4.72
C HIS G 344 -49.30 -5.14 3.45
N THR G 345 -49.13 -3.86 3.18
CA THR G 345 -49.64 -3.25 1.97
C THR G 345 -48.83 -3.67 0.73
N LEU G 346 -49.52 -3.83 -0.39
CA LEU G 346 -48.90 -4.19 -1.66
C LEU G 346 -48.84 -3.00 -2.64
N SER G 347 -47.73 -2.91 -3.37
CA SER G 347 -47.63 -2.08 -4.55
C SER G 347 -48.82 -2.25 -5.50
N GLN G 348 -49.41 -1.16 -5.96
CA GLN G 348 -50.41 -1.25 -7.02
C GLN G 348 -50.14 -0.25 -8.16
N GLY G 349 -49.27 0.71 -7.94
CA GLY G 349 -49.05 1.78 -8.89
C GLY G 349 -50.00 2.94 -8.66
N LYS G 350 -50.36 3.60 -9.75
CA LYS G 350 -51.17 4.81 -9.71
C LYS G 350 -52.67 4.54 -9.71
N GLY G 351 -53.40 5.40 -9.01
CA GLY G 351 -54.85 5.41 -9.06
C GLY G 351 -55.31 6.35 -10.16
N ASP G 352 -56.46 6.03 -10.72
CA ASP G 352 -57.16 6.77 -11.76
C ASP G 352 -57.61 8.13 -11.25
N HIS G 353 -57.47 9.17 -12.07
CA HIS G 353 -57.84 10.51 -11.64
C HIS G 353 -59.31 10.59 -11.27
N PHE G 354 -60.14 9.83 -11.96
CA PHE G 354 -61.57 9.79 -11.71
C PHE G 354 -61.84 9.29 -10.31
N ALA G 355 -61.21 8.17 -9.95
CA ALA G 355 -61.34 7.58 -8.63
C ALA G 355 -60.83 8.54 -7.57
N LEU G 356 -59.71 9.19 -7.87
CA LEU G 356 -59.06 10.07 -6.90
C LEU G 356 -59.93 11.26 -6.57
N SER G 357 -60.71 11.75 -7.52
CA SER G 357 -61.58 12.88 -7.19
C SER G 357 -62.56 12.53 -6.10
N PHE G 358 -63.18 11.36 -6.19
CA PHE G 358 -64.01 10.91 -5.06
C PHE G 358 -63.20 10.66 -3.78
N ILE G 359 -62.12 9.88 -3.86
CA ILE G 359 -61.35 9.53 -2.67
C ILE G 359 -60.89 10.77 -1.91
N HIS G 360 -60.24 11.71 -2.58
CA HIS G 360 -59.84 12.98 -1.96
C HIS G 360 -61.00 13.73 -1.28
N ALA G 361 -62.06 14.02 -2.03
CA ALA G 361 -63.17 14.79 -1.46
C ALA G 361 -63.78 14.16 -0.20
N VAL G 362 -63.98 12.85 -0.21
CA VAL G 362 -64.60 12.20 0.94
C VAL G 362 -63.61 12.06 2.12
N LYS G 363 -62.34 11.85 1.80
CA LYS G 363 -61.29 11.81 2.80
C LYS G 363 -61.24 13.14 3.60
N TYR G 365 -63.69 15.33 3.90
CA TYR G 365 -64.91 15.26 4.70
C TYR G 365 -64.72 14.41 5.95
N GLU G 366 -64.12 13.23 5.79
CA GLU G 366 -63.97 12.28 6.89
C GLU G 366 -63.15 12.91 8.01
N ARG G 367 -62.04 13.57 7.65
CA ARG G 367 -61.19 14.21 8.65
C ARG G 367 -61.83 15.45 9.26
N LEU G 368 -62.62 16.16 8.45
CA LEU G 368 -63.32 17.33 8.97
C LEU G 368 -64.31 16.88 10.03
N THR G 369 -64.97 15.74 9.78
CA THR G 369 -65.95 15.18 10.72
C THR G 369 -65.26 14.80 12.02
N ILE G 370 -64.14 14.12 11.92
CA ILE G 370 -63.41 13.67 13.09
C ILE G 370 -63.00 14.90 13.92
N GLU G 371 -62.44 15.90 13.24
CA GLU G 371 -62.01 17.14 13.88
C GLU G 371 -63.16 17.78 14.69
N ALA G 372 -64.34 17.80 14.08
CA ALA G 372 -65.56 18.32 14.70
C ALA G 372 -65.89 17.54 15.96
N TYR G 373 -65.81 16.22 15.87
CA TYR G 373 -66.09 15.41 17.04
C TYR G 373 -65.04 15.68 18.16
N LEU G 374 -63.74 15.66 17.81
CA LEU G 374 -62.70 15.74 18.85
C LEU G 374 -62.76 17.06 19.62
N LYS G 375 -63.20 18.10 18.91
CA LYS G 375 -63.30 19.42 19.50
C LYS G 375 -64.74 19.69 19.98
N ARG G 376 -65.62 18.69 19.80
CA ARG G 376 -67.04 18.80 20.20
C ARG G 376 -67.65 20.10 19.69
N SER G 377 -67.39 20.42 18.44
CA SER G 377 -67.74 21.72 17.90
C SER G 377 -68.87 21.70 16.85
N LYS G 378 -69.97 22.40 17.16
CA LYS G 378 -71.07 22.62 16.20
C LYS G 378 -70.56 23.34 14.96
N LYS G 379 -69.75 24.38 15.15
CA LYS G 379 -69.18 25.15 14.04
C LYS G 379 -68.39 24.25 13.09
N LEU G 380 -67.50 23.43 13.64
CA LEU G 380 -66.71 22.53 12.80
C LEU G 380 -67.55 21.45 12.14
N ALA G 381 -68.64 21.03 12.80
CA ALA G 381 -69.61 20.06 12.23
C ALA G 381 -70.27 20.61 10.97
N LEU G 382 -70.65 21.87 11.00
CA LEU G 382 -71.23 22.53 9.83
C LEU G 382 -70.23 22.52 8.68
N LYS G 383 -68.97 22.80 9.00
CA LYS G 383 -67.88 22.81 8.04
C LYS G 383 -67.76 21.44 7.42
N ALA G 384 -67.83 20.40 8.25
CA ALA G 384 -67.78 19.02 7.79
C ALA G 384 -68.94 18.75 6.85
N LEU G 385 -70.14 19.03 7.33
CA LEU G 385 -71.37 18.83 6.57
C LEU G 385 -71.30 19.47 5.19
N LEU G 386 -70.86 20.72 5.12
CA LEU G 386 -70.72 21.41 3.84
C LEU G 386 -69.70 20.76 2.92
N SER G 387 -68.74 20.03 3.44
CA SER G 387 -67.68 19.51 2.58
C SER G 387 -68.06 18.25 1.86
N HIS G 388 -69.12 17.58 2.29
CA HIS G 388 -69.47 16.32 1.67
C HIS G 388 -70.09 16.55 0.29
N PRO G 389 -69.60 15.81 -0.71
CA PRO G 389 -70.17 15.85 -2.06
C PRO G 389 -71.67 15.72 -2.09
N LEU G 390 -72.24 15.01 -1.11
CA LEU G 390 -73.66 14.81 -1.05
C LEU G 390 -74.32 15.63 0.06
N GLY G 391 -73.59 16.63 0.57
CA GLY G 391 -74.05 17.38 1.71
C GLY G 391 -75.02 18.51 1.39
N PRO G 392 -75.38 19.29 2.40
CA PRO G 392 -76.33 20.37 2.20
C PRO G 392 -75.71 21.58 1.50
N ASP G 393 -76.53 22.30 0.79
CA ASP G 393 -76.25 23.68 0.45
C ASP G 393 -76.20 24.52 1.73
N VAL G 394 -75.53 25.67 1.65
CA VAL G 394 -75.49 26.64 2.74
C VAL G 394 -76.86 26.98 3.35
N GLU G 395 -77.88 27.15 2.50
CA GLU G 395 -79.21 27.48 3.00
C GLU G 395 -79.84 26.42 3.90
N ASP G 396 -79.37 25.18 3.81
CA ASP G 396 -80.00 24.08 4.52
C ASP G 396 -79.15 23.52 5.64
N ALA G 397 -77.86 23.85 5.62
CA ALA G 397 -76.87 23.25 6.52
C ALA G 397 -77.25 23.38 8.00
N LYS G 398 -77.60 24.58 8.43
CA LYS G 398 -77.81 24.86 9.85
C LYS G 398 -79.03 24.11 10.40
N ASP G 399 -80.11 24.12 9.63
CA ASP G 399 -81.30 23.40 10.00
C ASP G 399 -81.07 21.89 10.01
N LEU G 400 -80.32 21.39 9.04
CA LEU G 400 -80.07 19.96 8.98
C LEU G 400 -79.26 19.51 10.19
N LEU G 401 -78.20 20.24 10.51
CA LEU G 401 -77.38 19.87 11.65
C LEU G 401 -78.19 19.84 12.94
N GLU G 402 -79.00 20.88 13.15
CA GLU G 402 -79.84 20.99 14.34
C GLU G 402 -80.73 19.75 14.45
N GLU G 403 -81.27 19.31 13.32
CA GLU G 403 -82.13 18.14 13.28
C GLU G 403 -81.37 16.85 13.63
N ILE G 404 -80.16 16.73 13.10
CA ILE G 404 -79.33 15.58 13.41
C ILE G 404 -78.96 15.52 14.91
N LEU G 405 -78.58 16.68 15.48
CA LEU G 405 -78.12 16.74 16.86
C LEU G 405 -79.25 16.44 17.85
N GLU G 406 -80.43 16.94 17.53
CA GLU G 406 -81.59 16.70 18.39
C GLU G 406 -81.97 15.21 18.37
N ALA G 407 -81.97 14.60 17.19
CA ALA G 407 -82.29 13.18 17.09
C ALA G 407 -81.23 12.33 17.80
N ASN G 408 -79.98 12.77 17.79
CA ASN G 408 -78.89 12.01 18.33
C ASN G 408 -78.43 12.46 19.71
N ARG G 409 -79.32 13.14 20.42
CA ARG G 409 -78.89 13.76 21.68
C ARG G 409 -78.36 12.81 22.74
N GLU G 410 -78.90 11.58 22.83
CA GLU G 410 -78.38 10.63 23.79
C GLU G 410 -77.04 9.98 23.40
N TYR G 411 -76.51 10.31 22.24
CA TYR G 411 -75.29 9.65 21.77
C TYR G 411 -74.12 10.60 21.61
N VAL G 412 -74.42 11.87 21.35
CA VAL G 412 -73.38 12.86 21.08
C VAL G 412 -73.86 14.24 21.40
N LYS G 413 -72.98 15.02 22.04
CA LYS G 413 -73.30 16.39 22.42
C LYS G 413 -72.24 17.34 21.82
N LEU G 414 -72.70 18.24 20.97
CA LEU G 414 -71.84 19.21 20.31
C LEU G 414 -72.10 20.63 20.81
N GLY G 415 -71.04 21.29 21.27
CA GLY G 415 -71.18 22.64 21.77
C GLY G 415 -70.76 23.57 20.65
N ARG H 2 -39.91 44.33 -26.68
CA ARG H 2 -41.22 44.33 -27.33
C ARG H 2 -42.25 43.43 -26.64
N ILE H 3 -43.49 43.91 -26.53
CA ILE H 3 -44.62 43.17 -25.95
C ILE H 3 -45.62 42.83 -27.03
N ALA H 4 -45.99 41.56 -27.16
CA ALA H 4 -47.07 41.18 -28.09
C ALA H 4 -48.38 41.03 -27.33
N VAL H 5 -49.46 41.48 -27.95
CA VAL H 5 -50.77 41.36 -27.34
C VAL H 5 -51.65 40.56 -28.29
N ILE H 6 -52.03 39.36 -27.88
CA ILE H 6 -52.79 38.45 -28.74
C ILE H 6 -54.27 38.55 -28.42
N GLY H 7 -55.06 38.99 -29.40
CA GLY H 7 -56.45 39.37 -29.17
C GLY H 7 -56.58 40.87 -29.01
N GLY H 8 -55.96 41.64 -29.90
CA GLY H 8 -55.89 43.09 -29.82
C GLY H 8 -57.23 43.78 -29.81
N GLY H 9 -58.20 43.20 -30.51
CA GLY H 9 -59.55 43.74 -30.52
C GLY H 9 -60.37 43.58 -29.23
N SER H 10 -59.80 43.02 -28.16
CA SER H 10 -60.63 42.86 -26.99
C SER H 10 -60.96 44.26 -26.50
N SER H 11 -62.17 44.44 -25.99
CA SER H 11 -62.60 45.74 -25.44
C SER H 11 -61.85 46.11 -24.18
N TYR H 12 -61.02 45.19 -23.71
CA TYR H 12 -60.20 45.45 -22.56
C TYR H 12 -58.87 46.13 -22.94
N THR H 13 -58.51 46.04 -24.23
CA THR H 13 -57.21 46.54 -24.69
C THR H 13 -56.80 47.95 -24.20
N PRO H 14 -57.68 48.93 -24.32
CA PRO H 14 -57.39 50.27 -23.81
C PRO H 14 -56.84 50.24 -22.40
N GLU H 15 -57.49 49.52 -21.49
CA GLU H 15 -57.02 49.45 -20.10
C GLU H 15 -55.66 48.83 -19.98
N LEU H 16 -55.44 47.75 -20.74
CA LEU H 16 -54.13 47.11 -20.76
C LEU H 16 -53.06 48.14 -21.11
N VAL H 17 -53.34 48.89 -22.17
CA VAL H 17 -52.43 49.89 -22.66
C VAL H 17 -52.19 51.02 -21.64
N LYS H 18 -53.26 51.44 -20.94
CA LYS H 18 -53.15 52.41 -19.85
C LYS H 18 -52.10 51.89 -18.88
N GLY H 19 -52.29 50.62 -18.48
CA GLY H 19 -51.36 49.94 -17.60
C GLY H 19 -49.92 49.93 -18.10
N LEU H 20 -49.74 49.57 -19.37
CA LEU H 20 -48.43 49.56 -20.01
C LEU H 20 -47.76 50.98 -20.01
N LEU H 21 -48.56 52.01 -20.26
CA LEU H 21 -48.05 53.39 -20.17
C LEU H 21 -47.63 53.72 -18.75
N ASP H 22 -48.43 53.37 -17.75
CA ASP H 22 -48.06 53.72 -16.39
C ASP H 22 -46.71 53.13 -15.96
N ILE H 23 -46.40 51.90 -16.39
CA ILE H 23 -45.14 51.23 -16.06
C ILE H 23 -43.98 51.60 -16.98
N SER H 24 -44.28 52.23 -18.11
CA SER H 24 -43.27 52.59 -19.11
C SER H 24 -42.31 53.66 -18.59
N GLU H 25 -42.57 54.14 -17.37
CA GLU H 25 -41.68 55.08 -16.69
C GLU H 25 -40.60 54.38 -15.87
N ASP H 26 -40.90 53.20 -15.33
CA ASP H 26 -39.92 52.45 -14.54
C ASP H 26 -39.22 51.38 -15.37
N VAL H 27 -39.82 51.03 -16.51
CA VAL H 27 -39.29 49.96 -17.35
C VAL H 27 -39.39 50.36 -18.81
N ARG H 28 -38.40 49.95 -19.62
CA ARG H 28 -38.31 50.39 -21.01
C ARG H 28 -39.18 49.52 -21.90
N ILE H 29 -40.02 50.17 -22.71
CA ILE H 29 -40.90 49.50 -23.65
C ILE H 29 -40.73 50.21 -25.00
N ASP H 30 -40.24 49.49 -26.00
CA ASP H 30 -39.98 50.12 -27.29
C ASP H 30 -41.20 50.00 -28.21
N GLU H 31 -41.90 48.89 -28.12
CA GLU H 31 -43.01 48.63 -29.03
C GLU H 31 -44.00 47.61 -28.46
N VAL H 32 -45.28 47.90 -28.64
CA VAL H 32 -46.33 46.92 -28.38
C VAL H 32 -46.98 46.54 -29.72
N ILE H 33 -47.00 45.25 -30.01
CA ILE H 33 -47.50 44.73 -31.27
C ILE H 33 -48.79 43.94 -31.03
N PHE H 34 -49.81 44.21 -31.84
CA PHE H 34 -51.14 43.61 -31.63
C PHE H 34 -51.48 42.58 -32.71
N TYR H 35 -52.22 41.54 -32.32
CA TYR H 35 -52.70 40.56 -33.27
C TYR H 35 -54.12 40.14 -32.92
N ASP H 36 -54.96 39.99 -33.94
CA ASP H 36 -56.33 39.53 -33.79
C ASP H 36 -56.81 38.81 -35.04
N ILE H 37 -57.63 37.78 -34.86
CA ILE H 37 -58.25 37.14 -36.03
C ILE H 37 -59.36 37.99 -36.63
N ASP H 38 -59.79 39.03 -35.92
CA ASP H 38 -60.76 39.99 -36.46
C ASP H 38 -60.09 41.33 -36.71
N GLU H 39 -59.50 41.47 -37.89
CA GLU H 39 -58.71 42.66 -38.22
C GLU H 39 -59.49 43.96 -38.12
N GLU H 40 -60.76 43.94 -38.50
CA GLU H 40 -61.63 45.13 -38.44
C GLU H 40 -61.93 45.56 -37.00
N LYS H 41 -62.22 44.61 -36.12
CA LYS H 41 -62.42 44.91 -34.72
C LYS H 41 -61.18 45.63 -34.18
N GLN H 42 -60.01 45.02 -34.42
CA GLN H 42 -58.72 45.48 -33.89
C GLN H 42 -58.37 46.89 -34.36
N LYS H 43 -58.56 47.13 -35.65
CA LYS H 43 -58.28 48.45 -36.24
C LYS H 43 -58.93 49.61 -35.45
N ILE H 44 -60.17 49.42 -35.02
CA ILE H 44 -60.89 50.43 -34.26
C ILE H 44 -60.26 50.63 -32.87
N VAL H 45 -59.97 49.52 -32.18
CA VAL H 45 -59.36 49.56 -30.86
C VAL H 45 -57.95 50.13 -30.91
N VAL H 46 -57.14 49.63 -31.85
CA VAL H 46 -55.75 50.06 -31.98
C VAL H 46 -55.64 51.53 -32.39
N ASP H 47 -56.60 52.01 -33.19
CA ASP H 47 -56.63 53.43 -33.53
C ASP H 47 -56.86 54.28 -32.29
N PHE H 48 -57.67 53.75 -31.36
CA PHE H 48 -57.96 54.42 -30.11
C PHE H 48 -56.71 54.43 -29.23
N VAL H 49 -56.06 53.27 -29.18
CA VAL H 49 -54.80 53.05 -28.46
C VAL H 49 -53.73 54.09 -28.84
N LYS H 50 -53.58 54.31 -30.14
CA LYS H 50 -52.60 55.23 -30.70
C LYS H 50 -52.81 56.64 -30.17
N ARG H 51 -54.08 57.04 -30.00
CA ARG H 51 -54.43 58.36 -29.44
C ARG H 51 -54.03 58.47 -27.97
N LEU H 52 -54.14 57.36 -27.24
CA LEU H 52 -53.79 57.33 -25.83
C LEU H 52 -52.27 57.30 -25.63
N VAL H 53 -51.59 56.48 -26.43
CA VAL H 53 -50.14 56.29 -26.33
C VAL H 53 -49.36 57.57 -26.62
N LYS H 54 -49.76 58.28 -27.67
CA LYS H 54 -49.11 59.53 -28.05
C LYS H 54 -47.60 59.33 -28.22
N ASP H 55 -47.22 58.30 -28.96
CA ASP H 55 -45.81 58.10 -29.36
C ASP H 55 -44.84 57.78 -28.21
N ARG H 56 -45.36 57.40 -27.05
CA ARG H 56 -44.50 57.03 -25.92
C ARG H 56 -43.83 55.68 -26.17
N PHE H 57 -44.52 54.79 -26.88
CA PHE H 57 -43.88 53.64 -27.50
C PHE H 57 -44.53 53.40 -28.86
N LYS H 58 -43.97 52.48 -29.65
CA LYS H 58 -44.51 52.22 -30.98
C LYS H 58 -45.66 51.22 -30.92
N VAL H 59 -46.76 51.54 -31.58
CA VAL H 59 -47.92 50.65 -31.64
C VAL H 59 -47.94 50.02 -33.03
N LEU H 60 -47.85 48.69 -33.06
CA LEU H 60 -47.75 47.94 -34.30
C LEU H 60 -48.82 46.88 -34.41
N ILE H 61 -49.24 46.60 -35.65
CA ILE H 61 -50.15 45.48 -35.93
C ILE H 61 -49.41 44.44 -36.75
N SER H 62 -49.59 43.18 -36.38
CA SER H 62 -49.08 42.08 -37.19
C SER H 62 -50.22 41.32 -37.84
N ASP H 63 -50.02 40.93 -39.08
CA ASP H 63 -51.01 40.15 -39.83
C ASP H 63 -51.08 38.69 -39.41
N THR H 64 -49.99 38.17 -38.86
CA THR H 64 -49.93 36.78 -38.41
C THR H 64 -49.55 36.67 -36.93
N PHE H 65 -49.88 35.54 -36.32
CA PHE H 65 -49.47 35.28 -34.96
C PHE H 65 -47.95 35.29 -34.82
N GLU H 66 -47.29 34.53 -35.68
CA GLU H 66 -45.83 34.44 -35.64
C GLU H 66 -45.15 35.83 -35.71
N GLY H 67 -45.60 36.68 -36.63
CA GLY H 67 -45.09 38.03 -36.72
C GLY H 67 -45.18 38.84 -35.44
N ALA H 68 -46.19 38.55 -34.63
CA ALA H 68 -46.41 39.27 -33.40
C ALA H 68 -45.42 38.81 -32.35
N VAL H 69 -45.26 37.50 -32.20
CA VAL H 69 -44.48 36.93 -31.09
C VAL H 69 -42.98 36.77 -31.37
N VAL H 70 -42.59 36.83 -32.65
CA VAL H 70 -41.25 36.45 -33.05
C VAL H 70 -40.14 37.23 -32.33
N ASP H 71 -40.32 38.53 -32.12
CA ASP H 71 -39.30 39.29 -31.41
C ASP H 71 -39.77 39.83 -30.06
N ALA H 72 -40.75 39.16 -29.46
CA ALA H 72 -41.35 39.61 -28.20
C ALA H 72 -40.67 39.00 -26.99
N LYS H 73 -40.54 39.80 -25.93
CA LYS H 73 -40.08 39.29 -24.63
C LYS H 73 -41.26 38.82 -23.78
N TYR H 74 -42.41 39.45 -23.98
CA TYR H 74 -43.66 39.10 -23.32
C TYR H 74 -44.77 38.96 -24.33
N VAL H 75 -45.60 37.94 -24.14
CA VAL H 75 -46.76 37.72 -24.97
C VAL H 75 -48.00 37.63 -24.07
N ILE H 76 -48.99 38.48 -24.30
CA ILE H 76 -50.22 38.42 -23.52
C ILE H 76 -51.33 37.72 -24.30
N PHE H 77 -51.83 36.62 -23.77
CA PHE H 77 -53.00 35.96 -24.37
C PHE H 77 -54.23 36.61 -23.74
N GLN H 78 -55.04 37.24 -24.58
CA GLN H 78 -56.25 37.88 -24.12
C GLN H 78 -57.38 37.69 -25.13
N PHE H 79 -57.36 36.55 -25.82
CA PHE H 79 -58.34 36.23 -26.84
C PHE H 79 -59.43 35.31 -26.27
N ARG H 80 -60.58 35.26 -26.94
CA ARG H 80 -61.74 34.49 -26.49
C ARG H 80 -62.11 33.51 -27.59
N PRO H 81 -61.60 32.29 -27.56
CA PRO H 81 -61.90 31.30 -28.60
C PRO H 81 -63.40 31.04 -28.73
N GLY H 82 -63.92 31.24 -29.94
CA GLY H 82 -65.34 31.07 -30.19
C GLY H 82 -66.15 32.33 -29.93
N GLY H 83 -65.48 33.36 -29.41
CA GLY H 83 -66.11 34.63 -29.13
C GLY H 83 -67.25 34.55 -28.13
N LEU H 84 -68.10 35.57 -28.17
CA LEU H 84 -69.17 35.67 -27.21
C LEU H 84 -70.29 34.68 -27.51
N LYS H 85 -70.49 34.32 -28.78
CA LYS H 85 -71.41 33.24 -29.13
C LYS H 85 -70.99 31.93 -28.44
N GLY H 86 -69.68 31.71 -28.34
CA GLY H 86 -69.16 30.55 -27.63
C GLY H 86 -69.52 30.58 -26.15
N ARG H 87 -69.26 31.73 -25.52
CA ARG H 87 -69.65 32.00 -24.15
C ARG H 87 -71.15 31.80 -23.94
N GLU H 88 -71.95 32.20 -24.91
CA GLU H 88 -73.41 32.02 -24.84
C GLU H 88 -73.84 30.55 -24.81
N ASN H 89 -73.21 29.73 -25.65
CA ASN H 89 -73.43 28.29 -25.63
C ASN H 89 -73.02 27.69 -24.30
N ASP H 90 -71.85 28.10 -23.82
CA ASP H 90 -71.33 27.66 -22.53
C ASP H 90 -72.32 27.90 -21.40
N GLU H 91 -72.91 29.10 -21.37
CA GLU H 91 -73.84 29.47 -20.33
C GLU H 91 -75.21 28.85 -20.56
N GLY H 92 -75.60 28.74 -21.82
CA GLY H 92 -76.96 28.33 -22.15
C GLY H 92 -77.23 26.85 -22.13
N ILE H 93 -76.32 26.06 -22.70
CA ILE H 93 -76.56 24.62 -22.90
C ILE H 93 -76.76 23.82 -21.60
N PRO H 94 -75.92 24.01 -20.59
CA PRO H 94 -76.07 23.23 -19.35
C PRO H 94 -77.38 23.47 -18.63
N LEU H 95 -77.97 24.63 -18.82
CA LEU H 95 -79.22 24.99 -18.16
C LEU H 95 -80.37 24.00 -18.36
N LYS H 96 -80.52 23.46 -19.56
CA LYS H 96 -81.60 22.52 -19.87
C LYS H 96 -81.51 21.23 -19.07
N TYR H 97 -80.34 20.96 -18.50
CA TYR H 97 -80.15 19.75 -17.72
C TYR H 97 -80.20 19.99 -16.22
N GLY H 98 -80.50 21.23 -15.82
CA GLY H 98 -80.51 21.60 -14.42
C GLY H 98 -79.10 21.76 -13.85
N LEU H 99 -78.17 22.06 -14.75
CA LEU H 99 -76.78 22.27 -14.39
C LEU H 99 -76.42 23.76 -14.48
N ILE H 100 -75.47 24.19 -13.65
CA ILE H 100 -75.03 25.56 -13.66
C ILE H 100 -74.39 25.86 -15.01
N GLY H 101 -74.89 26.92 -15.65
CA GLY H 101 -74.28 27.42 -16.88
C GLY H 101 -73.50 28.68 -16.58
N GLN H 102 -72.17 28.60 -16.66
CA GLN H 102 -71.31 29.74 -16.35
C GLN H 102 -70.04 29.75 -17.22
N GLU H 103 -69.61 30.95 -17.60
CA GLU H 103 -68.40 31.16 -18.42
C GLU H 103 -67.17 30.30 -18.04
N THR H 104 -66.86 30.16 -16.76
CA THR H 104 -65.59 29.54 -16.38
C THR H 104 -65.73 28.41 -15.35
N THR H 105 -66.95 28.17 -14.88
CA THR H 105 -67.18 27.25 -13.79
C THR H 105 -68.13 26.15 -14.21
N GLY H 106 -67.76 24.90 -13.97
CA GLY H 106 -68.59 23.77 -14.28
C GLY H 106 -68.58 23.48 -15.75
N VAL H 107 -69.66 22.89 -16.25
CA VAL H 107 -69.74 22.42 -17.62
C VAL H 107 -69.39 23.51 -18.61
N GLY H 108 -69.74 24.75 -18.28
CA GLY H 108 -69.42 25.87 -19.14
C GLY H 108 -67.93 26.04 -19.37
N GLY H 109 -67.14 25.90 -18.31
CA GLY H 109 -65.70 25.97 -18.38
C GLY H 109 -65.07 24.82 -19.16
N PHE H 110 -65.72 23.66 -19.07
CA PHE H 110 -65.33 22.45 -19.78
C PHE H 110 -65.33 22.72 -21.30
N SER H 111 -66.45 23.20 -21.83
CA SER H 111 -66.51 23.46 -23.25
C SER H 111 -65.61 24.60 -23.63
N ALA H 112 -65.49 25.61 -22.78
CA ALA H 112 -64.54 26.72 -23.00
C ALA H 112 -63.11 26.18 -23.12
N ALA H 113 -62.74 25.24 -22.25
CA ALA H 113 -61.42 24.65 -22.25
C ALA H 113 -61.15 23.89 -23.53
N LEU H 114 -62.10 23.06 -23.96
CA LEU H 114 -61.94 22.28 -25.20
C LEU H 114 -61.79 23.19 -26.41
N ARG H 115 -62.44 24.36 -26.38
CA ARG H 115 -62.28 25.33 -27.45
C ARG H 115 -60.89 25.96 -27.43
N ALA H 116 -60.29 26.06 -26.25
CA ALA H 116 -59.06 26.80 -26.08
C ALA H 116 -57.82 25.98 -26.45
N PHE H 117 -57.80 24.73 -25.99
CA PHE H 117 -56.61 23.87 -26.07
C PHE H 117 -55.96 23.82 -27.45
N PRO H 118 -56.71 23.61 -28.53
CA PRO H 118 -56.11 23.53 -29.86
C PRO H 118 -55.35 24.79 -30.19
N ILE H 119 -55.98 25.95 -29.92
CA ILE H 119 -55.39 27.25 -30.20
C ILE H 119 -54.18 27.51 -29.33
N VAL H 120 -54.27 27.25 -28.03
CA VAL H 120 -53.10 27.50 -27.20
C VAL H 120 -51.93 26.56 -27.51
N GLU H 121 -52.25 25.32 -27.91
CA GLU H 121 -51.23 24.37 -28.34
C GLU H 121 -50.43 24.93 -29.53
N GLU H 122 -51.15 25.41 -30.54
CA GLU H 122 -50.55 26.01 -31.72
C GLU H 122 -49.72 27.24 -31.34
N TYR H 123 -50.30 28.11 -30.53
CA TYR H 123 -49.68 29.37 -30.17
C TYR H 123 -48.44 29.16 -29.31
N VAL H 124 -48.53 28.25 -28.35
CA VAL H 124 -47.42 27.96 -27.46
C VAL H 124 -46.28 27.39 -28.27
N ASP H 125 -46.61 26.49 -29.19
CA ASP H 125 -45.63 25.84 -30.05
C ASP H 125 -44.84 26.87 -30.88
N THR H 126 -45.55 27.83 -31.47
CA THR H 126 -44.91 28.88 -32.25
C THR H 126 -44.04 29.77 -31.40
N VAL H 127 -44.50 30.13 -30.20
CA VAL H 127 -43.71 30.96 -29.30
C VAL H 127 -42.41 30.24 -28.94
N ARG H 128 -42.54 28.96 -28.66
CA ARG H 128 -41.43 28.13 -28.24
C ARG H 128 -40.40 27.94 -29.37
N LYS H 129 -40.85 27.95 -30.61
CA LYS H 129 -39.95 27.79 -31.75
C LYS H 129 -39.35 29.12 -32.24
N THR H 130 -39.74 30.23 -31.62
CA THR H 130 -39.22 31.54 -32.00
C THR H 130 -38.61 32.28 -30.82
N SER H 131 -39.41 33.13 -30.18
CA SER H 131 -38.92 34.10 -29.21
C SER H 131 -38.65 33.53 -27.82
N ASN H 132 -39.26 32.39 -27.54
CA ASN H 132 -39.28 31.86 -26.19
C ASN H 132 -39.69 32.89 -25.13
N ALA H 133 -40.69 33.69 -25.48
CA ALA H 133 -41.16 34.77 -24.61
C ALA H 133 -41.87 34.22 -23.38
N THR H 134 -41.98 35.04 -22.34
CA THR H 134 -42.90 34.72 -21.25
C THR H 134 -44.32 35.00 -21.70
N ILE H 135 -45.19 34.02 -21.53
CA ILE H 135 -46.59 34.20 -21.86
C ILE H 135 -47.41 34.50 -20.62
N VAL H 136 -48.07 35.65 -20.63
CA VAL H 136 -48.99 35.99 -19.54
C VAL H 136 -50.42 35.78 -20.03
N ASN H 137 -51.15 34.92 -19.34
CA ASN H 137 -52.44 34.49 -19.87
C ASN H 137 -53.67 35.04 -19.15
N PHE H 138 -54.61 35.59 -19.92
CA PHE H 138 -55.94 35.92 -19.41
C PHE H 138 -57.03 35.04 -19.97
N THR H 139 -56.78 34.48 -21.14
CA THR H 139 -57.74 33.62 -21.83
C THR H 139 -58.34 32.61 -20.86
N ASN H 140 -59.67 32.53 -20.80
CA ASN H 140 -60.32 31.61 -19.89
C ASN H 140 -60.58 30.27 -20.54
N PRO H 141 -60.59 29.17 -19.77
CA PRO H 141 -60.34 29.16 -18.31
C PRO H 141 -58.85 29.28 -17.97
N SER H 142 -58.44 30.38 -17.35
CA SER H 142 -57.03 30.70 -17.18
C SER H 142 -56.21 29.67 -16.44
N GLY H 143 -56.69 29.26 -15.28
CA GLY H 143 -55.97 28.28 -14.46
C GLY H 143 -55.88 26.93 -15.16
N HIS H 144 -57.02 26.48 -15.71
CA HIS H 144 -57.07 25.21 -16.42
C HIS H 144 -56.07 25.20 -17.60
N ILE H 145 -56.06 26.28 -18.37
CA ILE H 145 -55.10 26.39 -19.44
C ILE H 145 -53.67 26.36 -18.86
N THR H 146 -53.42 27.02 -17.75
CA THR H 146 -52.09 27.00 -17.17
C THR H 146 -51.67 25.59 -16.79
N GLU H 147 -52.58 24.83 -16.16
CA GLU H 147 -52.34 23.42 -15.89
C GLU H 147 -51.89 22.68 -17.15
N PHE H 148 -52.61 22.94 -18.23
CA PHE H 148 -52.36 22.32 -19.52
C PHE H 148 -50.96 22.67 -20.08
N VAL H 149 -50.65 23.96 -20.16
CA VAL H 149 -49.36 24.36 -20.70
C VAL H 149 -48.22 23.90 -19.79
N ARG H 150 -48.35 24.07 -18.47
CA ARG H 150 -47.26 23.76 -17.55
C ARG H 150 -46.95 22.27 -17.43
N ASN H 151 -48.01 21.46 -17.38
CA ASN H 151 -47.83 20.05 -17.09
C ASN H 151 -47.96 19.11 -18.26
N TYR H 152 -48.45 19.59 -19.39
CA TYR H 152 -48.61 18.74 -20.57
C TYR H 152 -47.85 19.23 -21.80
N LEU H 153 -47.91 20.53 -22.10
CA LEU H 153 -47.12 21.08 -23.18
C LEU H 153 -45.73 21.34 -22.68
N GLU H 154 -45.64 21.43 -21.36
CA GLU H 154 -44.39 21.52 -20.66
C GLU H 154 -43.59 22.75 -21.11
N TYR H 155 -44.27 23.90 -21.17
CA TYR H 155 -43.63 25.17 -21.46
C TYR H 155 -43.58 25.94 -20.16
N GLU H 156 -42.37 26.17 -19.67
CA GLU H 156 -42.19 26.68 -18.32
C GLU H 156 -42.65 28.12 -18.11
N LYS H 157 -42.40 28.98 -19.08
CA LYS H 157 -42.68 30.40 -18.89
C LYS H 157 -44.08 30.77 -19.32
N PHE H 158 -45.06 30.24 -18.60
CA PHE H 158 -46.45 30.50 -18.89
C PHE H 158 -47.13 30.80 -17.57
N ILE H 159 -47.56 32.03 -17.41
CA ILE H 159 -48.08 32.49 -16.12
C ILE H 159 -49.54 32.83 -16.28
N GLY H 160 -50.39 32.12 -15.56
CA GLY H 160 -51.82 32.36 -15.60
C GLY H 160 -52.20 33.48 -14.66
N LEU H 161 -53.07 34.34 -15.15
CA LEU H 161 -53.45 35.52 -14.42
C LEU H 161 -54.94 35.57 -14.29
N CYS H 162 -55.42 36.24 -13.25
CA CYS H 162 -56.84 36.42 -13.03
C CYS H 162 -57.07 37.76 -12.34
N ASN H 163 -58.31 38.25 -12.40
CA ASN H 163 -58.56 39.59 -11.86
C ASN H 163 -59.05 39.59 -10.40
N VAL H 164 -59.33 38.42 -9.84
CA VAL H 164 -59.87 38.40 -8.47
C VAL H 164 -58.84 38.69 -7.36
N PRO H 165 -57.65 38.10 -7.41
CA PRO H 165 -56.60 38.43 -6.43
C PRO H 165 -56.39 39.95 -6.27
N ILE H 166 -56.15 40.64 -7.40
CA ILE H 166 -55.91 42.09 -7.42
C ILE H 166 -57.13 42.92 -6.97
N ASN H 167 -58.33 42.42 -7.26
CA ASN H 167 -59.54 43.10 -6.80
C ASN H 167 -59.70 43.00 -5.29
N PHE H 168 -59.38 41.84 -4.75
CA PHE H 168 -59.39 41.67 -3.31
C PHE H 168 -58.36 42.55 -2.58
N ILE H 169 -57.13 42.49 -3.05
CA ILE H 169 -56.02 43.29 -2.53
C ILE H 169 -56.42 44.77 -2.45
N ARG H 170 -56.92 45.30 -3.58
CA ARG H 170 -57.36 46.70 -3.69
C ARG H 170 -58.45 47.08 -2.68
N GLU H 171 -59.38 46.15 -2.48
CA GLU H 171 -60.46 46.29 -1.49
C GLU H 171 -59.88 46.46 -0.07
N ILE H 172 -58.96 45.55 0.28
CA ILE H 172 -58.28 45.59 1.58
C ILE H 172 -57.49 46.89 1.78
N ALA H 173 -56.73 47.24 0.75
CA ALA H 173 -55.92 48.44 0.73
C ALA H 173 -56.73 49.69 1.09
N GLU H 174 -57.91 49.86 0.47
CA GLU H 174 -58.68 51.07 0.80
C GLU H 174 -59.46 51.00 2.11
N PHE H 176 -58.06 49.96 4.69
CA PHE H 176 -57.01 50.17 5.70
C PHE H 176 -56.07 51.32 5.36
N SER H 177 -56.41 52.02 4.28
CA SER H 177 -55.67 53.19 3.80
C SER H 177 -54.18 52.93 3.65
N ALA H 178 -53.91 51.89 2.86
CA ALA H 178 -52.56 51.42 2.63
C ALA H 178 -52.35 51.19 1.14
N ARG H 179 -51.09 51.10 0.72
CA ARG H 179 -50.78 50.78 -0.67
C ARG H 179 -51.03 49.28 -0.97
N LEU H 180 -51.08 48.93 -2.25
CA LEU H 180 -51.33 47.55 -2.65
C LEU H 180 -50.31 46.59 -2.07
N GLU H 181 -49.04 47.00 -2.10
CA GLU H 181 -47.93 46.17 -1.63
C GLU H 181 -47.85 46.07 -0.11
N ASP H 182 -48.60 46.91 0.60
CA ASP H 182 -48.74 46.79 2.06
C ASP H 182 -49.59 45.57 2.47
N VAL H 183 -50.26 44.96 1.49
CA VAL H 183 -51.20 43.87 1.75
C VAL H 183 -50.54 42.54 1.40
N PHE H 184 -50.50 41.65 2.39
CA PHE H 184 -49.94 40.33 2.21
C PHE H 184 -50.94 39.27 2.66
N LEU H 185 -51.20 38.30 1.78
CA LEU H 185 -52.22 37.26 2.00
C LEU H 185 -51.68 35.82 2.15
N LYS H 186 -52.38 35.01 2.95
CA LYS H 186 -52.26 33.57 2.76
C LYS H 186 -53.40 33.18 1.86
N TYR H 187 -53.06 32.85 0.62
CA TYR H 187 -54.02 32.70 -0.44
C TYR H 187 -53.63 31.48 -1.24
N TYR H 188 -54.62 30.63 -1.52
CA TYR H 188 -54.41 29.44 -2.32
C TYR H 188 -55.70 28.84 -2.87
N GLY H 189 -55.58 28.01 -3.87
CA GLY H 189 -56.74 27.40 -4.49
C GLY H 189 -56.48 27.38 -5.98
N LEU H 190 -57.55 27.14 -6.74
CA LEU H 190 -57.47 27.13 -8.18
C LEU H 190 -58.01 28.45 -8.64
N ASN H 191 -57.78 28.79 -9.91
CA ASN H 191 -58.41 29.96 -10.52
C ASN H 191 -59.94 29.95 -10.37
N HIS H 192 -60.51 30.99 -9.79
CA HIS H 192 -61.95 31.02 -9.49
C HIS H 192 -62.41 29.93 -8.48
N LEU H 193 -61.49 29.51 -7.62
CA LEU H 193 -61.74 28.45 -6.68
C LEU H 193 -60.71 28.62 -5.58
N SER H 194 -60.63 29.84 -5.06
CA SER H 194 -59.52 30.20 -4.19
C SER H 194 -60.02 30.57 -2.80
N PHE H 195 -59.10 30.53 -1.83
CA PHE H 195 -59.43 30.75 -0.44
C PHE H 195 -58.37 31.66 0.16
N ILE H 196 -58.80 32.56 1.06
CA ILE H 196 -57.90 33.39 1.83
C ILE H 196 -58.04 32.99 3.29
N GLU H 197 -56.91 32.70 3.91
CA GLU H 197 -56.86 32.20 5.28
C GLU H 197 -56.36 33.25 6.24
N LYS H 198 -55.48 34.11 5.75
CA LYS H 198 -54.82 35.10 6.59
C LYS H 198 -54.70 36.41 5.81
N VAL H 199 -54.91 37.53 6.49
CA VAL H 199 -54.77 38.86 5.88
C VAL H 199 -53.82 39.70 6.71
N PHE H 200 -52.77 40.21 6.09
CA PHE H 200 -51.82 41.08 6.75
C PHE H 200 -51.79 42.44 6.06
N VAL H 201 -51.83 43.50 6.86
CA VAL H 201 -51.64 44.84 6.31
C VAL H 201 -50.52 45.51 7.10
N LYS H 202 -49.51 45.96 6.35
CA LYS H 202 -48.28 46.55 6.90
C LYS H 202 -47.74 45.72 8.08
N GLY H 203 -47.79 44.40 7.92
CA GLY H 203 -47.26 43.49 8.91
C GLY H 203 -48.24 43.02 9.95
N GLU H 204 -49.30 43.81 10.16
CA GLU H 204 -50.32 43.51 11.17
C GLU H 204 -51.29 42.41 10.71
N ASP H 205 -51.61 41.48 11.60
CA ASP H 205 -52.62 40.45 11.31
C ASP H 205 -54.00 41.06 11.50
N VAL H 206 -54.69 41.28 10.38
CA VAL H 206 -56.00 41.94 10.38
C VAL H 206 -57.13 41.00 9.96
N THR H 207 -56.84 39.70 9.93
CA THR H 207 -57.84 38.68 9.55
C THR H 207 -59.16 38.85 10.30
N GLU H 208 -59.10 38.93 11.64
CA GLU H 208 -60.29 39.14 12.46
C GLU H 208 -61.10 40.38 12.01
N LYS H 209 -60.41 41.50 11.81
CA LYS H 209 -61.03 42.75 11.40
C LYS H 209 -61.68 42.61 10.03
N VAL H 210 -61.07 41.85 9.14
CA VAL H 210 -61.62 41.65 7.80
C VAL H 210 -62.92 40.83 7.85
N PHE H 211 -62.96 39.82 8.72
CA PHE H 211 -64.13 38.96 8.90
C PHE H 211 -65.29 39.78 9.45
N GLU H 212 -65.01 40.60 10.47
CA GLU H 212 -66.03 41.44 11.10
C GLU H 212 -66.59 42.47 10.14
N ASN H 213 -65.76 42.97 9.24
CA ASN H 213 -66.22 43.98 8.29
C ASN H 213 -66.93 43.38 7.09
N LEU H 214 -66.67 42.10 6.82
CA LEU H 214 -67.37 41.36 5.77
C LEU H 214 -68.84 41.13 6.11
N LYS H 215 -69.20 41.20 7.38
CA LYS H 215 -70.59 40.96 7.76
C LYS H 215 -71.43 42.25 7.84
N LEU H 216 -70.91 43.37 7.38
CA LEU H 216 -71.65 44.64 7.48
C LEU H 216 -71.83 45.28 6.10
N ASP H 223 -78.90 37.89 0.56
CA ASP H 223 -79.29 36.47 0.54
C ASP H 223 -78.59 35.74 -0.61
N GLU H 224 -77.93 36.51 -1.48
CA GLU H 224 -77.14 35.93 -2.56
C GLU H 224 -75.64 35.89 -2.25
N ASP H 225 -75.26 36.39 -1.08
CA ASP H 225 -73.91 36.09 -0.53
C ASP H 225 -74.01 35.36 0.83
N PHE H 226 -72.89 34.76 1.23
CA PHE H 226 -72.82 33.86 2.40
C PHE H 226 -73.26 34.54 3.67
N PRO H 227 -74.01 33.79 4.50
CA PRO H 227 -74.45 34.29 5.80
C PRO H 227 -73.30 34.43 6.79
N THR H 228 -73.57 35.13 7.88
CA THR H 228 -72.60 35.36 8.94
C THR H 228 -72.02 34.07 9.52
N TRP H 229 -72.88 33.10 9.84
CA TRP H 229 -72.42 31.83 10.42
C TRP H 229 -71.43 31.09 9.50
N PHE H 230 -71.55 31.28 8.19
CA PHE H 230 -70.66 30.63 7.27
C PHE H 230 -69.23 31.00 7.56
N TYR H 231 -68.97 32.29 7.77
CA TYR H 231 -67.60 32.76 8.01
C TYR H 231 -67.13 32.35 9.38
N ASP H 232 -68.04 32.31 10.35
CA ASP H 232 -67.75 31.78 11.69
C ASP H 232 -67.31 30.31 11.67
N SER H 233 -67.95 29.50 10.82
CA SER H 233 -67.71 28.07 10.74
C SER H 233 -66.53 27.69 9.87
N VAL H 234 -66.56 28.15 8.63
CA VAL H 234 -65.54 27.75 7.68
C VAL H 234 -64.23 28.47 7.95
N ARG H 235 -64.29 29.72 8.43
CA ARG H 235 -63.10 30.52 8.75
C ARG H 235 -62.18 30.67 7.55
N LEU H 236 -62.75 30.85 6.37
CA LEU H 236 -61.97 31.20 5.21
C LEU H 236 -62.70 32.30 4.47
N ILE H 237 -61.96 33.22 3.88
CA ILE H 237 -62.56 34.15 2.94
C ILE H 237 -62.53 33.45 1.60
N VAL H 238 -63.68 33.38 0.98
CA VAL H 238 -63.88 32.45 -0.11
C VAL H 238 -64.18 33.24 -1.35
N ASN H 239 -63.62 32.80 -2.47
CA ASN H 239 -63.87 33.43 -3.77
C ASN H 239 -65.35 33.38 -4.13
N PRO H 240 -65.88 34.47 -4.67
CA PRO H 240 -67.34 34.55 -4.92
C PRO H 240 -67.88 33.43 -5.82
N TYR H 241 -67.02 32.85 -6.66
CA TYR H 241 -67.43 31.76 -7.55
C TYR H 241 -67.77 30.48 -6.80
N LEU H 242 -67.29 30.34 -5.57
CA LEU H 242 -67.66 29.19 -4.73
C LEU H 242 -69.15 29.17 -4.46
N ARG H 243 -69.84 30.29 -4.70
CA ARG H 243 -71.30 30.31 -4.57
C ARG H 243 -71.91 29.26 -5.48
N TYR H 244 -71.30 29.02 -6.64
CA TYR H 244 -71.83 28.06 -7.59
C TYR H 244 -71.79 26.63 -7.07
N TYR H 245 -70.83 26.37 -6.18
CA TYR H 245 -70.64 25.07 -5.55
C TYR H 245 -71.48 24.94 -4.28
N LEU H 246 -71.41 25.95 -3.44
CA LEU H 246 -72.02 25.92 -2.12
C LEU H 246 -73.48 26.34 -2.11
N GLU H 248 -75.65 26.12 -5.02
CA GLU H 248 -76.03 25.71 -6.37
C GLU H 248 -77.50 25.95 -6.68
N LYS H 249 -78.38 25.52 -5.78
CA LYS H 249 -79.81 25.70 -6.00
C LYS H 249 -80.11 27.17 -6.27
N LYS H 250 -79.63 28.04 -5.37
CA LYS H 250 -79.83 29.48 -5.45
C LYS H 250 -79.22 30.08 -6.73
N PHE H 252 -78.56 28.41 -9.60
CA PHE H 252 -79.30 27.88 -10.74
C PHE H 252 -80.59 28.66 -11.00
N LYS H 253 -81.31 28.94 -9.93
CA LYS H 253 -82.54 29.71 -10.01
C LYS H 253 -82.29 31.11 -10.57
N LYS H 254 -81.12 31.67 -10.24
CA LYS H 254 -80.77 33.02 -10.65
C LYS H 254 -80.45 33.04 -12.14
N ILE H 255 -79.49 32.19 -12.52
CA ILE H 255 -79.01 32.12 -13.89
C ILE H 255 -80.15 31.81 -14.86
N SER H 256 -81.00 30.85 -14.50
CA SER H 256 -81.98 30.36 -15.44
C SER H 256 -83.22 31.23 -15.57
N THR H 257 -83.34 32.29 -14.77
CA THR H 257 -84.53 33.16 -14.84
C THR H 257 -84.18 34.60 -15.27
N HIS H 258 -82.98 34.79 -15.77
CA HIS H 258 -82.49 36.07 -16.26
C HIS H 258 -81.81 35.86 -17.60
N GLU H 259 -81.75 36.93 -18.41
CA GLU H 259 -80.93 36.97 -19.62
C GLU H 259 -79.56 36.33 -19.33
N LEU H 260 -79.06 35.51 -20.26
CA LEU H 260 -77.72 34.95 -20.14
C LEU H 260 -76.71 36.09 -20.11
N ARG H 261 -75.70 35.97 -19.26
CA ARG H 261 -74.78 37.10 -19.10
C ARG H 261 -74.04 37.49 -20.39
N ALA H 262 -73.66 36.51 -21.20
CA ALA H 262 -72.92 36.77 -22.44
C ALA H 262 -73.66 37.76 -23.32
N ARG H 263 -74.98 37.70 -23.24
CA ARG H 263 -75.83 38.53 -24.03
C ARG H 263 -75.79 39.97 -23.56
N GLU H 264 -75.65 40.15 -22.25
CA GLU H 264 -75.49 41.51 -21.72
C GLU H 264 -74.13 42.11 -22.10
N VAL H 265 -73.06 41.29 -22.03
CA VAL H 265 -71.72 41.72 -22.42
C VAL H 265 -71.67 42.12 -23.89
N LYS H 267 -73.99 43.55 -25.62
CA LYS H 267 -74.50 44.93 -25.70
C LYS H 267 -73.53 45.94 -25.07
N ILE H 268 -72.81 45.51 -24.02
CA ILE H 268 -71.85 46.38 -23.38
C ILE H 268 -70.69 46.66 -24.35
N GLU H 269 -70.20 45.60 -25.00
CA GLU H 269 -69.06 45.70 -25.92
C GLU H 269 -69.41 46.45 -27.20
N LYS H 270 -70.62 46.26 -27.70
CA LYS H 270 -71.07 47.01 -28.87
C LYS H 270 -71.08 48.49 -28.55
N GLU H 271 -71.45 48.84 -27.32
CA GLU H 271 -71.52 50.24 -26.89
C GLU H 271 -70.14 50.86 -26.71
N LEU H 272 -69.22 50.07 -26.17
CA LEU H 272 -67.83 50.51 -25.96
C LEU H 272 -67.13 50.72 -27.29
N PHE H 273 -67.45 49.86 -28.25
CA PHE H 273 -66.87 49.97 -29.57
C PHE H 273 -67.27 51.20 -30.33
N GLU H 274 -68.55 51.58 -30.21
CA GLU H 274 -69.02 52.82 -30.82
C GLU H 274 -68.32 54.00 -30.15
N LYS H 275 -68.09 53.91 -28.84
CA LYS H 275 -67.39 54.97 -28.12
C LYS H 275 -65.92 55.13 -28.56
N TYR H 276 -65.24 54.02 -28.88
CA TYR H 276 -63.83 54.00 -29.29
C TYR H 276 -63.51 54.74 -30.60
N ARG H 277 -64.48 54.77 -31.53
CA ARG H 277 -64.26 55.47 -32.80
C ARG H 277 -63.74 56.87 -32.57
N THR H 278 -64.22 57.50 -31.51
CA THR H 278 -63.96 58.92 -31.26
C THR H 278 -63.28 59.25 -29.92
N ALA H 279 -63.24 58.30 -28.99
CA ALA H 279 -62.77 58.61 -27.63
C ALA H 279 -61.33 59.09 -27.58
N VAL H 280 -61.09 60.15 -26.81
CA VAL H 280 -59.72 60.61 -26.54
C VAL H 280 -59.22 60.05 -25.21
N GLU H 281 -60.11 60.02 -24.22
CA GLU H 281 -59.81 59.39 -22.94
C GLU H 281 -60.55 58.06 -22.87
N ILE H 282 -60.16 57.21 -21.92
CA ILE H 282 -60.86 55.96 -21.63
C ILE H 282 -62.20 56.22 -20.97
N PRO H 283 -63.27 55.62 -21.50
CA PRO H 283 -64.63 55.85 -20.99
C PRO H 283 -64.95 55.18 -19.64
N GLU H 284 -66.02 55.70 -19.02
CA GLU H 284 -66.51 55.26 -17.71
C GLU H 284 -67.14 53.85 -17.66
N GLU H 285 -67.30 53.18 -18.80
CA GLU H 285 -68.06 51.93 -18.84
C GLU H 285 -67.28 50.69 -18.35
N SER H 292 -61.98 44.37 -15.30
CA SER H 292 -61.33 45.46 -16.05
C SER H 292 -60.02 45.98 -15.39
N TYR H 294 -57.85 43.70 -14.56
CA TYR H 294 -56.91 42.69 -15.08
C TYR H 294 -55.67 43.38 -15.70
N SER H 295 -55.88 44.61 -16.16
CA SER H 295 -54.87 45.40 -16.84
C SER H 295 -53.71 45.71 -15.92
N THR H 296 -54.02 46.19 -14.72
CA THR H 296 -53.01 46.49 -13.71
C THR H 296 -52.22 45.24 -13.32
N ALA H 297 -52.92 44.12 -13.22
CA ALA H 297 -52.28 42.85 -12.92
C ALA H 297 -51.22 42.50 -13.95
N ALA H 298 -51.55 42.58 -15.23
CA ALA H 298 -50.61 42.22 -16.28
C ALA H 298 -49.41 43.17 -16.33
N ALA H 299 -49.69 44.46 -16.27
CA ALA H 299 -48.67 45.47 -16.37
C ALA H 299 -47.70 45.39 -15.17
N HIS H 300 -48.26 45.23 -13.97
CA HIS H 300 -47.47 45.14 -12.76
C HIS H 300 -46.60 43.88 -12.76
N LEU H 301 -47.17 42.78 -13.24
CA LEU H 301 -46.41 41.56 -13.36
C LEU H 301 -45.22 41.73 -14.34
N ILE H 302 -45.48 42.26 -15.53
CA ILE H 302 -44.42 42.47 -16.50
C ILE H 302 -43.37 43.41 -15.91
N ARG H 303 -43.80 44.47 -15.24
CA ARG H 303 -42.91 45.41 -14.56
C ARG H 303 -41.92 44.69 -13.68
N ASP H 304 -42.42 43.71 -12.93
CA ASP H 304 -41.65 43.10 -11.88
C ASP H 304 -40.82 41.93 -12.39
N LEU H 305 -41.23 41.37 -13.51
CA LEU H 305 -40.41 40.42 -14.21
C LEU H 305 -39.22 41.15 -14.83
N GLU H 306 -39.37 42.44 -15.14
CA GLU H 306 -38.29 43.19 -15.78
C GLU H 306 -37.26 43.73 -14.79
N THR H 307 -37.71 44.31 -13.68
CA THR H 307 -36.78 44.85 -12.70
C THR H 307 -36.25 43.76 -11.78
N ASP H 308 -35.22 44.09 -11.00
CA ASP H 308 -34.62 43.18 -10.02
C ASP H 308 -35.04 43.52 -8.59
N GLU H 309 -36.12 44.27 -8.47
CA GLU H 309 -36.65 44.69 -7.16
C GLU H 309 -37.10 43.51 -6.30
N GLY H 310 -37.97 42.66 -6.83
CA GLY H 310 -38.52 41.56 -6.07
C GLY H 310 -39.82 41.93 -5.41
N LYS H 311 -40.94 41.46 -5.98
CA LYS H 311 -42.28 41.85 -5.55
C LYS H 311 -43.20 40.65 -5.54
N ILE H 312 -44.23 40.70 -4.70
CA ILE H 312 -45.18 39.61 -4.56
C ILE H 312 -46.36 39.75 -5.51
N HIS H 313 -46.65 38.70 -6.27
CA HIS H 313 -47.82 38.68 -7.14
C HIS H 313 -48.52 37.35 -7.01
N ILE H 314 -49.84 37.38 -6.86
CA ILE H 314 -50.60 36.16 -6.87
C ILE H 314 -50.85 35.77 -8.32
N VAL H 315 -50.32 34.61 -8.70
CA VAL H 315 -50.43 34.13 -10.07
C VAL H 315 -50.67 32.64 -10.09
N ASN H 316 -51.00 32.11 -11.26
CA ASN H 316 -51.24 30.69 -11.42
C ASN H 316 -49.97 30.01 -11.90
N THR H 317 -49.46 29.10 -11.09
CA THR H 317 -48.21 28.40 -11.38
C THR H 317 -48.18 27.12 -10.58
N ARG H 318 -47.15 26.28 -10.78
CA ARG H 318 -47.00 25.05 -10.01
C ARG H 318 -46.79 25.32 -8.51
N ASN H 319 -47.49 24.55 -7.69
CA ASN H 319 -47.40 24.60 -6.25
C ASN H 319 -45.98 24.72 -5.69
N ASN H 320 -45.12 23.77 -6.05
CA ASN H 320 -43.74 23.67 -5.55
C ASN H 320 -43.59 24.01 -4.06
N GLY H 321 -44.36 23.37 -3.21
CA GLY H 321 -44.15 23.62 -1.80
C GLY H 321 -44.84 24.84 -1.17
N SER H 322 -45.52 25.66 -1.97
CA SER H 322 -46.36 26.73 -1.46
C SER H 322 -47.34 26.20 -0.43
N ILE H 323 -48.09 25.16 -0.78
CA ILE H 323 -48.98 24.50 0.16
C ILE H 323 -48.44 23.09 0.38
N GLU H 324 -47.94 22.79 1.57
CA GLU H 324 -47.25 21.50 1.77
C GLU H 324 -48.23 20.33 1.72
N ASN H 325 -49.51 20.69 1.83
CA ASN H 325 -50.62 19.76 1.89
C ASN H 325 -50.99 19.20 0.50
N LEU H 326 -50.35 19.74 -0.54
CA LEU H 326 -50.80 19.50 -1.90
C LEU H 326 -49.64 19.04 -2.79
N PRO H 327 -49.87 18.23 -3.80
CA PRO H 327 -48.75 17.80 -4.64
C PRO H 327 -47.97 18.97 -5.29
N ASP H 328 -46.65 18.82 -5.43
CA ASP H 328 -45.83 19.90 -6.00
C ASP H 328 -46.33 20.38 -7.38
N ASP H 329 -46.92 19.47 -8.15
CA ASP H 329 -47.24 19.77 -9.55
C ASP H 329 -48.60 20.39 -9.85
N TYR H 330 -49.48 20.47 -8.86
CA TYR H 330 -50.78 21.15 -9.06
C TYR H 330 -50.48 22.58 -9.41
N VAL H 331 -51.08 23.06 -10.49
CA VAL H 331 -51.05 24.47 -10.74
C VAL H 331 -52.05 25.07 -9.79
N LEU H 332 -51.59 26.01 -8.96
CA LEU H 332 -52.42 26.74 -8.04
C LEU H 332 -52.34 28.22 -8.30
N GLU H 333 -53.30 28.96 -7.75
CA GLU H 333 -53.24 30.40 -7.76
C GLU H 333 -52.71 30.79 -6.37
N ILE H 334 -51.49 31.29 -6.35
CA ILE H 334 -50.74 31.52 -5.11
C ILE H 334 -49.83 32.75 -5.21
N PRO H 335 -49.47 33.34 -4.06
CA PRO H 335 -48.50 34.46 -4.04
C PRO H 335 -47.08 34.02 -4.34
N CYS H 336 -46.41 34.72 -5.27
CA CYS H 336 -45.03 34.40 -5.63
C CYS H 336 -44.12 35.59 -5.54
N TYR H 337 -42.82 35.35 -5.33
CA TYR H 337 -41.80 36.37 -5.36
C TYR H 337 -41.35 36.48 -6.79
N VAL H 338 -41.51 37.66 -7.35
CA VAL H 338 -41.30 37.85 -8.78
C VAL H 338 -40.12 38.79 -8.97
N ARG H 339 -39.14 38.36 -9.76
CA ARG H 339 -37.90 39.12 -9.89
C ARG H 339 -37.07 38.66 -11.08
N SER H 340 -36.66 39.62 -11.92
CA SER H 340 -35.79 39.36 -13.06
C SER H 340 -36.12 38.08 -13.84
N GLY H 341 -37.32 38.03 -14.39
CA GLY H 341 -37.71 36.98 -15.29
C GLY H 341 -38.04 35.68 -14.57
N ARG H 342 -37.98 35.68 -13.24
CA ARG H 342 -38.18 34.46 -12.47
C ARG H 342 -39.38 34.61 -11.55
N VAL H 343 -40.07 33.50 -11.33
CA VAL H 343 -41.22 33.48 -10.43
C VAL H 343 -40.99 32.43 -9.35
N HIS H 344 -40.75 32.87 -8.12
CA HIS H 344 -40.50 31.92 -7.02
C HIS H 344 -41.72 31.73 -6.10
N THR H 345 -42.12 30.48 -5.84
CA THR H 345 -43.20 30.31 -4.87
C THR H 345 -42.72 30.45 -3.43
N LEU H 346 -43.63 30.85 -2.53
CA LEU H 346 -43.39 31.12 -1.11
C LEU H 346 -44.01 30.04 -0.25
N SER H 347 -43.34 29.66 0.83
CA SER H 347 -43.95 28.86 1.87
C SER H 347 -45.24 29.47 2.38
N GLN H 348 -46.26 28.63 2.55
CA GLN H 348 -47.47 29.07 3.19
C GLN H 348 -47.90 28.15 4.30
N GLY H 349 -47.32 26.96 4.39
CA GLY H 349 -47.78 25.95 5.32
C GLY H 349 -48.90 25.10 4.74
N LYS H 350 -49.80 24.65 5.60
CA LYS H 350 -50.84 23.73 5.22
C LYS H 350 -52.12 24.41 4.73
N GLY H 351 -52.80 23.78 3.79
CA GLY H 351 -54.11 24.24 3.34
C GLY H 351 -55.20 23.60 4.17
N ASP H 352 -56.32 24.31 4.35
CA ASP H 352 -57.46 23.81 5.10
C ASP H 352 -58.12 22.62 4.40
N HIS H 353 -58.57 21.61 5.17
CA HIS H 353 -59.22 20.45 4.57
C HIS H 353 -60.44 20.80 3.71
N PHE H 354 -61.18 21.83 4.11
CA PHE H 354 -62.34 22.29 3.40
C PHE H 354 -61.96 22.73 1.98
N ALA H 355 -60.95 23.60 1.91
CA ALA H 355 -60.40 24.10 0.68
C ALA H 355 -59.93 22.96 -0.20
N LEU H 356 -59.20 22.04 0.41
CA LEU H 356 -58.58 20.92 -0.30
C LEU H 356 -59.61 20.03 -0.98
N SER H 357 -60.76 19.83 -0.36
CA SER H 357 -61.78 19.02 -1.01
C SER H 357 -62.17 19.61 -2.36
N PHE H 358 -62.33 20.92 -2.44
CA PHE H 358 -62.62 21.51 -3.74
C PHE H 358 -61.39 21.43 -4.64
N ILE H 359 -60.22 21.78 -4.14
CA ILE H 359 -59.05 21.84 -4.98
C ILE H 359 -58.72 20.49 -5.64
N HIS H 360 -58.66 19.44 -4.84
CA HIS H 360 -58.49 18.07 -5.35
C HIS H 360 -59.55 17.68 -6.39
N ALA H 361 -60.82 17.85 -6.05
CA ALA H 361 -61.88 17.44 -6.93
C ALA H 361 -61.75 18.06 -8.34
N VAL H 362 -61.56 19.37 -8.40
CA VAL H 362 -61.57 19.99 -9.71
C VAL H 362 -60.22 19.87 -10.43
N LYS H 363 -59.14 19.69 -9.68
CA LYS H 363 -57.89 19.37 -10.34
C LYS H 363 -57.98 18.02 -11.06
N TYR H 365 -60.70 16.73 -12.22
CA TYR H 365 -61.51 17.11 -13.39
C TYR H 365 -60.66 17.80 -14.50
N GLU H 366 -59.78 18.69 -14.09
CA GLU H 366 -59.01 19.46 -15.04
C GLU H 366 -58.13 18.52 -15.85
N ARG H 367 -57.44 17.58 -15.19
CA ARG H 367 -56.53 16.67 -15.89
C ARG H 367 -57.29 15.61 -16.71
N LEU H 368 -58.46 15.20 -16.23
CA LEU H 368 -59.28 14.29 -17.03
C LEU H 368 -59.69 14.96 -18.32
N THR H 369 -60.01 16.25 -18.25
CA THR H 369 -60.41 17.01 -19.43
C THR H 369 -59.27 17.12 -20.42
N ILE H 370 -58.09 17.45 -19.92
CA ILE H 370 -56.90 17.53 -20.76
C ILE H 370 -56.57 16.19 -21.43
N GLU H 371 -56.61 15.11 -20.64
CA GLU H 371 -56.41 13.77 -21.18
C GLU H 371 -57.39 13.46 -22.32
N ALA H 372 -58.65 13.80 -22.13
CA ALA H 372 -59.66 13.62 -23.17
C ALA H 372 -59.30 14.37 -24.45
N TYR H 373 -58.83 15.59 -24.29
CA TYR H 373 -58.45 16.40 -25.42
C TYR H 373 -57.24 15.82 -26.16
N LEU H 374 -56.20 15.45 -25.40
CA LEU H 374 -54.96 14.98 -26.00
C LEU H 374 -55.16 13.68 -26.78
N LYS H 375 -56.08 12.85 -26.31
CA LYS H 375 -56.39 11.59 -26.96
C LYS H 375 -57.57 11.76 -27.92
N ARG H 376 -58.11 12.97 -27.98
CA ARG H 376 -59.27 13.30 -28.82
C ARG H 376 -60.41 12.30 -28.67
N SER H 377 -60.75 12.00 -27.41
CA SER H 377 -61.62 10.90 -27.10
C SER H 377 -62.95 11.34 -26.48
N LYS H 378 -64.04 10.97 -27.14
CA LYS H 378 -65.39 11.13 -26.64
C LYS H 378 -65.58 10.40 -25.32
N LYS H 379 -65.17 9.13 -25.29
CA LYS H 379 -65.23 8.32 -24.07
C LYS H 379 -64.61 9.07 -22.91
N LEU H 380 -63.39 9.52 -23.08
CA LEU H 380 -62.68 10.15 -22.00
C LEU H 380 -63.33 11.47 -21.60
N ALA H 381 -63.93 12.14 -22.57
CA ALA H 381 -64.65 13.40 -22.33
C ALA H 381 -65.85 13.20 -21.38
N LEU H 382 -66.60 12.11 -21.57
CA LEU H 382 -67.70 11.73 -20.69
C LEU H 382 -67.18 11.50 -19.28
N LYS H 383 -66.09 10.75 -19.20
CA LYS H 383 -65.41 10.49 -17.96
C LYS H 383 -65.09 11.82 -17.27
N ALA H 384 -64.54 12.76 -18.02
CA ALA H 384 -64.17 14.04 -17.44
C ALA H 384 -65.41 14.82 -16.98
N LEU H 385 -66.40 14.91 -17.85
CA LEU H 385 -67.68 15.54 -17.55
C LEU H 385 -68.30 14.97 -16.27
N LEU H 386 -68.37 13.64 -16.12
CA LEU H 386 -68.87 13.02 -14.89
C LEU H 386 -68.09 13.39 -13.63
N SER H 387 -66.84 13.77 -13.76
CA SER H 387 -66.01 13.98 -12.57
C SER H 387 -66.15 15.34 -11.95
N HIS H 388 -66.75 16.28 -12.65
CA HIS H 388 -66.85 17.62 -12.12
C HIS H 388 -67.94 17.70 -11.07
N PRO H 389 -67.63 18.29 -9.92
CA PRO H 389 -68.62 18.48 -8.85
C PRO H 389 -69.93 19.12 -9.33
N LEU H 390 -69.89 19.89 -10.44
CA LEU H 390 -71.09 20.53 -10.97
C LEU H 390 -71.52 19.89 -12.28
N GLY H 391 -71.03 18.68 -12.56
CA GLY H 391 -71.32 18.01 -13.82
C GLY H 391 -72.64 17.28 -13.86
N PRO H 392 -72.90 16.59 -14.97
CA PRO H 392 -74.14 15.84 -15.13
C PRO H 392 -74.16 14.53 -14.35
N ASP H 393 -75.36 14.10 -13.98
CA ASP H 393 -75.61 12.71 -13.62
C ASP H 393 -75.44 11.83 -14.86
N VAL H 394 -75.14 10.56 -14.63
CA VAL H 394 -75.05 9.53 -15.68
C VAL H 394 -76.17 9.63 -16.71
N GLU H 395 -77.40 9.84 -16.25
CA GLU H 395 -78.55 9.91 -17.16
C GLU H 395 -78.52 11.06 -18.16
N ASP H 396 -77.77 12.11 -17.86
CA ASP H 396 -77.73 13.31 -18.69
C ASP H 396 -76.41 13.52 -19.44
N ALA H 397 -75.37 12.79 -19.04
CA ALA H 397 -74.02 13.00 -19.57
C ALA H 397 -73.90 12.89 -21.09
N LYS H 398 -74.39 11.79 -21.65
CA LYS H 398 -74.24 11.49 -23.08
C LYS H 398 -74.91 12.56 -23.95
N ASP H 399 -76.16 12.91 -23.64
CA ASP H 399 -76.88 13.95 -24.35
C ASP H 399 -76.20 15.32 -24.19
N LEU H 400 -75.75 15.65 -22.98
CA LEU H 400 -75.07 16.92 -22.77
C LEU H 400 -73.81 17.00 -23.61
N LEU H 401 -72.98 15.96 -23.58
CA LEU H 401 -71.74 16.00 -24.35
C LEU H 401 -72.03 16.18 -25.83
N GLU H 402 -72.99 15.42 -26.35
CA GLU H 402 -73.33 15.51 -27.78
C GLU H 402 -73.74 16.92 -28.17
N GLU H 403 -74.46 17.58 -27.27
CA GLU H 403 -74.89 18.96 -27.47
C GLU H 403 -73.69 19.92 -27.49
N ILE H 404 -72.74 19.72 -26.58
CA ILE H 404 -71.54 20.56 -26.52
C ILE H 404 -70.67 20.39 -27.77
N LEU H 405 -70.46 19.15 -28.18
CA LEU H 405 -69.64 18.84 -29.34
C LEU H 405 -70.25 19.38 -30.64
N GLU H 406 -71.56 19.28 -30.78
CA GLU H 406 -72.21 19.84 -31.96
C GLU H 406 -72.03 21.36 -31.98
N ALA H 407 -72.20 22.00 -30.82
CA ALA H 407 -72.10 23.46 -30.71
C ALA H 407 -70.71 23.94 -31.06
N ASN H 408 -69.72 23.12 -30.69
CA ASN H 408 -68.32 23.49 -30.85
C ASN H 408 -67.61 22.81 -32.03
N ARG H 409 -68.42 22.30 -32.97
CA ARG H 409 -67.96 21.62 -34.19
C ARG H 409 -66.73 22.28 -34.84
N GLU H 410 -66.74 23.60 -34.94
CA GLU H 410 -65.70 24.33 -35.66
C GLU H 410 -64.41 24.47 -34.87
N TYR H 411 -64.41 24.05 -33.62
CA TYR H 411 -63.28 24.35 -32.77
C TYR H 411 -62.62 23.10 -32.24
N VAL H 412 -63.39 22.03 -32.10
CA VAL H 412 -62.89 20.81 -31.51
C VAL H 412 -63.60 19.63 -32.17
N LYS H 413 -62.84 18.59 -32.50
CA LYS H 413 -63.41 17.35 -32.99
C LYS H 413 -62.95 16.17 -32.09
N LEU H 414 -63.92 15.48 -31.46
CA LEU H 414 -63.62 14.32 -30.62
C LEU H 414 -64.14 13.04 -31.28
N GLY H 415 -63.32 12.00 -31.23
CA GLY H 415 -63.58 10.77 -31.94
C GLY H 415 -64.25 9.65 -31.17
#